data_4CR7
#
_entry.id   4CR7
#
_cell.length_a   99.390
_cell.length_b   100.120
_cell.length_c   111.600
_cell.angle_alpha   67.43
_cell.angle_beta   89.75
_cell.angle_gamma   72.46
#
_symmetry.space_group_name_H-M   'P 1'
#
loop_
_entity.id
_entity.type
_entity.pdbx_description
1 polymer 'N-ACYLMANNOSAMINE 1-DEHYDROGENASE'
2 non-polymer 'TETRAETHYLENE GLYCOL'
3 non-polymer 2-acetamido-2-deoxy-alpha-D-mannopyranose
4 non-polymer alpha-D-mannopyranose
5 water water
#
_entity_poly.entity_id   1
_entity_poly.type   'polypeptide(L)'
_entity_poly.pdbx_seq_one_letter_code
;MTTAGVSRRPGRLAGKAAIVTGAAGGIGRATVEAYLREGASVVAMDLAPRLAATRYEEPGAIPIACDLADRAAIDAAMAD
AVARLGGLDILVAGGALKGGTGNFLDLSDADWDRYVDVNMTGTFLTCRAGARAMVAAGAGKDGRSARIITIGSVNSFMAE
PEAAAYVAAKGGVAMLTRAMAVDLARHGILVNMIAPGPVDVTGNNTGYSEPRLAEQVLDEVALGRPGLPEEVATAAVFLA
EDGSSFITGSTITIDGGLSAMIFGGMREGRR
;
_entity_poly.pdbx_strand_id   A,B,C,D,E,F,G,H,I,J,K,L,M,N,O,P
#
# COMPACT_ATOMS: atom_id res chain seq x y z
N GLY A 11 32.85 63.74 116.13
CA GLY A 11 33.39 62.84 115.05
C GLY A 11 32.30 62.11 114.29
N ARG A 12 32.57 61.78 113.03
CA ARG A 12 31.57 61.20 112.13
C ARG A 12 31.18 59.76 112.49
N LEU A 13 32.00 59.09 113.29
CA LEU A 13 31.72 57.74 113.76
C LEU A 13 31.55 57.70 115.28
N ALA A 14 31.12 58.82 115.87
CA ALA A 14 31.08 59.00 117.33
C ALA A 14 30.18 57.95 117.96
N GLY A 15 30.76 57.10 118.81
CA GLY A 15 30.02 56.09 119.57
C GLY A 15 29.78 54.76 118.88
N LYS A 16 30.33 54.60 117.66
CA LYS A 16 30.15 53.34 116.93
C LYS A 16 31.23 52.35 117.31
N ALA A 17 30.85 51.08 117.33
CA ALA A 17 31.74 49.97 117.62
C ALA A 17 32.20 49.34 116.31
N ALA A 18 33.51 49.26 116.11
CA ALA A 18 34.12 48.78 114.86
C ALA A 18 35.17 47.68 115.10
N ILE A 19 35.16 46.66 114.25
CA ILE A 19 36.29 45.72 114.13
C ILE A 19 36.97 45.97 112.77
N VAL A 20 38.29 46.14 112.78
CA VAL A 20 39.10 46.21 111.57
C VAL A 20 40.09 45.04 111.54
N THR A 21 39.96 44.13 110.56
CA THR A 21 40.92 43.05 110.40
C THR A 21 42.06 43.50 109.49
N GLY A 22 43.17 42.76 109.49
CA GLY A 22 44.42 43.18 108.85
C GLY A 22 44.93 44.49 109.39
N ALA A 23 44.71 44.73 110.69
CA ALA A 23 44.89 46.05 111.32
C ALA A 23 46.34 46.45 111.53
N ALA A 24 47.27 45.51 111.41
CA ALA A 24 48.68 45.86 111.44
C ALA A 24 49.13 46.42 110.08
N GLY A 25 48.67 45.81 108.98
CA GLY A 25 49.05 46.25 107.62
C GLY A 25 48.66 47.68 107.28
N GLY A 26 49.29 48.23 106.23
CA GLY A 26 49.06 49.60 105.75
C GLY A 26 47.64 50.14 105.73
N ILE A 27 46.79 49.57 104.87
CA ILE A 27 45.39 50.03 104.79
C ILE A 27 44.65 49.83 106.11
N GLY A 28 44.79 48.65 106.71
CA GLY A 28 44.10 48.36 107.97
C GLY A 28 44.53 49.31 109.09
N ARG A 29 45.82 49.56 109.16
CA ARG A 29 46.36 50.51 110.12
C ARG A 29 45.78 51.89 109.88
N ALA A 30 45.87 52.40 108.65
CA ALA A 30 45.34 53.72 108.37
C ALA A 30 43.83 53.81 108.70
N THR A 31 43.11 52.69 108.53
CA THR A 31 41.68 52.66 108.85
C THR A 31 41.42 52.72 110.37
N VAL A 32 42.13 51.92 111.16
CA VAL A 32 42.08 52.01 112.62
C VAL A 32 42.30 53.45 113.12
N GLU A 33 43.31 54.13 112.60
CA GLU A 33 43.61 55.51 112.99
C GLU A 33 42.51 56.48 112.60
N ALA A 34 41.97 56.35 111.37
CA ALA A 34 40.90 57.26 110.92
C ALA A 34 39.63 57.05 111.75
N TYR A 35 39.35 55.79 112.10
CA TYR A 35 38.18 55.44 112.89
C TYR A 35 38.27 55.98 114.34
N LEU A 36 39.44 55.82 114.97
CA LEU A 36 39.71 56.41 116.29
C LEU A 36 39.56 57.93 116.24
N ARG A 37 40.19 58.57 115.27
CA ARG A 37 40.06 60.01 115.05
C ARG A 37 38.62 60.51 114.84
N GLU A 38 37.73 59.64 114.37
CA GLU A 38 36.34 60.02 114.13
C GLU A 38 35.36 59.57 115.24
N GLY A 39 35.92 59.07 116.34
CA GLY A 39 35.15 58.86 117.57
C GLY A 39 34.63 57.45 117.77
N ALA A 40 35.15 56.48 117.02
CA ALA A 40 34.69 55.11 117.16
C ALA A 40 35.52 54.40 118.21
N SER A 41 34.96 53.33 118.79
CA SER A 41 35.75 52.35 119.55
C SER A 41 36.12 51.27 118.57
N VAL A 42 37.41 50.90 118.58
CA VAL A 42 37.97 50.07 117.54
C VAL A 42 38.75 48.91 118.10
N VAL A 43 38.39 47.69 117.70
CA VAL A 43 39.25 46.53 117.86
C VAL A 43 40.15 46.43 116.63
N ALA A 44 41.45 46.27 116.86
CA ALA A 44 42.43 46.02 115.80
C ALA A 44 42.80 44.53 115.80
N MET A 45 42.40 43.82 114.76
CA MET A 45 42.62 42.39 114.67
C MET A 45 43.68 42.09 113.63
N ASP A 46 44.66 41.26 113.99
CA ASP A 46 45.70 40.79 113.04
C ASP A 46 46.48 39.68 113.71
N LEU A 47 47.51 39.15 113.05
CA LEU A 47 48.38 38.13 113.65
C LEU A 47 49.06 38.68 114.91
N ALA A 48 49.26 37.80 115.90
CA ALA A 48 49.84 38.22 117.20
C ALA A 48 51.17 38.96 117.05
N PRO A 49 52.13 38.36 116.32
CA PRO A 49 53.40 39.04 116.10
C PRO A 49 53.25 40.44 115.53
N ARG A 50 52.42 40.56 114.50
CA ARG A 50 52.24 41.84 113.79
C ARG A 50 51.66 42.91 114.71
N LEU A 51 50.63 42.54 115.46
CA LEU A 51 50.06 43.46 116.46
C LEU A 51 51.14 43.91 117.45
N ALA A 52 51.98 42.96 117.88
CA ALA A 52 53.07 43.25 118.81
C ALA A 52 54.00 44.31 118.21
N ALA A 53 54.26 44.19 116.91
CA ALA A 53 55.21 45.07 116.23
C ALA A 53 54.64 46.41 115.73
N THR A 54 53.38 46.74 116.01
CA THR A 54 52.81 47.98 115.45
C THR A 54 52.47 49.02 116.50
N ARG A 55 52.54 50.30 116.11
CA ARG A 55 52.10 51.41 116.94
C ARG A 55 51.13 52.25 116.13
N TYR A 56 50.10 52.76 116.78
CA TYR A 56 49.13 53.61 116.12
C TYR A 56 49.37 55.05 116.52
N GLU A 57 49.21 55.98 115.59
CA GLU A 57 49.37 57.42 115.88
C GLU A 57 48.17 58.01 116.63
N GLU A 58 47.15 57.20 116.89
CA GLU A 58 45.99 57.60 117.69
C GLU A 58 45.78 56.60 118.83
N PRO A 59 45.34 57.07 120.00
CA PRO A 59 45.13 56.18 121.14
C PRO A 59 43.73 55.55 121.16
N GLY A 60 43.60 54.38 121.80
CA GLY A 60 42.28 53.77 122.03
C GLY A 60 42.08 52.39 121.40
N ALA A 61 42.98 51.96 120.52
CA ALA A 61 42.82 50.67 119.83
C ALA A 61 42.84 49.48 120.80
N ILE A 62 41.89 48.57 120.64
CA ILE A 62 41.86 47.35 121.42
C ILE A 62 42.43 46.22 120.57
N PRO A 63 43.68 45.82 120.83
CA PRO A 63 44.28 44.79 119.99
C PRO A 63 43.73 43.42 120.35
N ILE A 64 43.45 42.61 119.34
CA ILE A 64 43.02 41.23 119.52
C ILE A 64 43.63 40.35 118.43
N ALA A 65 44.42 39.37 118.86
CA ALA A 65 45.12 38.49 117.94
C ALA A 65 44.15 37.58 117.24
N CYS A 66 44.42 37.28 115.97
CA CYS A 66 43.63 36.33 115.21
C CYS A 66 44.43 35.67 114.10
N ASP A 67 43.82 34.69 113.45
CA ASP A 67 44.49 33.91 112.42
C ASP A 67 43.58 33.55 111.23
N LEU A 68 43.47 34.49 110.29
CA LEU A 68 42.62 34.35 109.10
C LEU A 68 43.12 33.19 108.22
N ASP A 70 42.39 29.27 110.06
CA ASP A 70 42.02 28.95 111.43
C ASP A 70 40.59 29.44 111.76
N ARG A 71 39.60 28.68 111.30
CA ARG A 71 38.18 29.01 111.46
C ARG A 71 37.74 29.11 112.93
N ALA A 72 38.22 28.17 113.74
CA ALA A 72 38.06 28.24 115.20
C ALA A 72 38.63 29.57 115.73
N ALA A 73 39.83 29.91 115.25
CA ALA A 73 40.48 31.15 115.65
C ALA A 73 39.63 32.36 115.33
N ILE A 74 39.08 32.40 114.12
CA ILE A 74 38.27 33.56 113.68
C ILE A 74 37.07 33.76 114.60
N ASP A 75 36.31 32.69 114.84
CA ASP A 75 35.12 32.78 115.73
C ASP A 75 35.49 33.25 117.14
N ALA A 76 36.55 32.67 117.69
CA ALA A 76 37.03 33.03 119.02
C ALA A 76 37.37 34.52 119.09
N ALA A 77 38.17 34.98 118.13
CA ALA A 77 38.59 36.38 118.10
C ALA A 77 37.44 37.34 117.93
N MET A 78 36.47 36.98 117.09
CA MET A 78 35.29 37.83 116.83
C MET A 78 34.38 37.87 118.07
N ALA A 79 34.19 36.73 118.73
CA ALA A 79 33.36 36.68 119.97
C ALA A 79 33.99 37.57 121.05
N ASP A 80 35.30 37.42 121.23
CA ASP A 80 36.05 38.24 122.18
C ASP A 80 35.90 39.73 121.84
N ALA A 81 36.08 40.08 120.57
CA ALA A 81 36.01 41.50 120.11
C ALA A 81 34.65 42.12 120.41
N VAL A 82 33.58 41.39 120.09
CA VAL A 82 32.21 41.88 120.31
C VAL A 82 31.88 42.01 121.80
N ALA A 83 32.35 41.05 122.60
CA ALA A 83 32.25 41.12 124.05
C ALA A 83 32.88 42.40 124.57
N ARG A 84 34.10 42.71 124.14
CA ARG A 84 34.80 43.91 124.64
C ARG A 84 34.20 45.23 124.15
N LEU A 85 33.54 45.21 123.00
CA LEU A 85 32.96 46.45 122.45
C LEU A 85 31.55 46.64 122.94
N GLY A 86 30.92 45.56 123.37
CA GLY A 86 29.54 45.61 123.83
C GLY A 86 28.56 45.66 122.66
N GLY A 87 28.98 45.12 121.51
CA GLY A 87 28.18 45.16 120.28
C GLY A 87 29.05 45.24 119.03
N LEU A 88 28.44 45.61 117.91
CA LEU A 88 29.16 45.74 116.63
C LEU A 88 28.33 46.51 115.61
N ASP A 89 28.84 47.67 115.21
CA ASP A 89 28.20 48.50 114.20
C ASP A 89 28.89 48.41 112.83
N ILE A 90 30.22 48.20 112.84
CA ILE A 90 31.07 48.32 111.64
C ILE A 90 32.10 47.21 111.61
N LEU A 91 32.16 46.47 110.50
CA LEU A 91 33.26 45.53 110.19
C LEU A 91 34.03 45.97 108.92
N VAL A 92 35.35 46.09 109.00
CA VAL A 92 36.22 46.28 107.83
C VAL A 92 37.04 45.00 107.69
N ALA A 93 36.75 44.19 106.69
CA ALA A 93 37.46 42.94 106.46
C ALA A 93 38.64 43.21 105.56
N GLY A 94 39.77 43.57 106.19
CA GLY A 94 41.01 43.95 105.49
C GLY A 94 42.11 42.89 105.46
N GLY A 95 41.88 41.75 106.13
CA GLY A 95 42.87 40.69 106.14
C GLY A 95 43.06 40.15 104.73
N ALA A 96 44.30 40.01 104.29
CA ALA A 96 44.60 39.57 102.94
C ALA A 96 46.07 39.18 102.71
N LEU A 97 46.27 38.05 102.05
CA LEU A 97 47.56 37.70 101.46
C LEU A 97 47.67 38.38 100.08
N LYS A 98 48.78 39.07 99.84
CA LYS A 98 49.01 39.70 98.54
C LYS A 98 50.15 38.99 97.84
N GLY A 99 50.42 39.35 96.59
CA GLY A 99 51.56 38.80 95.87
C GLY A 99 51.18 37.82 94.79
N GLY A 100 52.09 37.71 93.80
CA GLY A 100 51.95 36.78 92.70
C GLY A 100 52.79 35.52 92.92
N THR A 101 52.70 34.59 92.00
CA THR A 101 53.38 33.32 92.10
C THR A 101 54.22 32.99 90.86
N GLY A 102 53.77 33.39 89.69
CA GLY A 102 54.36 32.96 88.42
C GLY A 102 53.23 32.66 87.45
N ASN A 103 53.59 32.15 86.29
CA ASN A 103 52.60 31.89 85.24
C ASN A 103 51.56 30.91 85.75
N PHE A 104 50.35 31.05 85.22
CA PHE A 104 49.25 30.11 85.51
C PHE A 104 49.63 28.65 85.24
N LEU A 105 50.36 28.38 84.16
CA LEU A 105 50.79 27.01 83.82
C LEU A 105 51.48 26.27 84.97
N ASP A 106 52.22 27.01 85.81
CA ASP A 106 53.03 26.45 86.91
C ASP A 106 52.42 26.67 88.27
N LEU A 107 51.20 27.19 88.31
CA LEU A 107 50.57 27.51 89.59
C LEU A 107 50.26 26.24 90.35
N SER A 108 50.78 26.12 91.56
CA SER A 108 50.63 24.89 92.34
C SER A 108 49.32 24.87 93.14
N ASP A 109 48.90 23.65 93.49
CA ASP A 109 47.75 23.45 94.37
C ASP A 109 47.91 24.22 95.70
N ALA A 110 49.10 24.17 96.28
CA ALA A 110 49.37 24.83 97.58
C ALA A 110 49.22 26.37 97.52
N ASP A 111 49.73 26.98 96.45
CA ASP A 111 49.55 28.43 96.28
C ASP A 111 48.06 28.76 96.04
N TRP A 112 47.41 28.03 95.15
CA TRP A 112 45.95 28.19 94.91
C TRP A 112 45.18 28.17 96.21
N ASP A 113 45.33 27.08 96.97
CA ASP A 113 44.61 26.88 98.23
C ASP A 113 44.90 27.97 99.27
N ARG A 114 46.13 28.42 99.33
CA ARG A 114 46.51 29.45 100.31
C ARG A 114 45.82 30.80 100.04
N TYR A 115 45.75 31.18 98.76
CA TYR A 115 45.10 32.45 98.38
C TYR A 115 43.56 32.37 98.51
N VAL A 116 42.98 31.28 98.02
CA VAL A 116 41.54 31.09 98.12
C VAL A 116 41.13 30.95 99.58
N ASP A 117 41.78 30.07 100.34
CA ASP A 117 41.47 29.86 101.78
C ASP A 117 41.65 31.12 102.62
N VAL A 118 42.77 31.83 102.46
CA VAL A 118 43.01 33.00 103.30
C VAL A 118 42.19 34.21 102.87
N ASN A 119 42.22 34.53 101.59
CA ASN A 119 41.54 35.77 101.12
C ASN A 119 40.02 35.67 100.89
N MET A 120 39.56 34.59 100.26
CA MET A 120 38.13 34.39 100.00
C MET A 120 37.42 33.82 101.22
N THR A 121 37.82 32.63 101.66
CA THR A 121 37.16 31.94 102.78
C THR A 121 37.32 32.68 104.08
N GLY A 122 38.50 33.24 104.31
CA GLY A 122 38.73 34.02 105.53
C GLY A 122 37.85 35.26 105.63
N THR A 123 37.65 35.94 104.50
CA THR A 123 36.70 37.05 104.42
C THR A 123 35.24 36.58 104.66
N PHE A 124 34.88 35.45 104.08
CA PHE A 124 33.55 34.86 104.30
C PHE A 124 33.27 34.59 105.80
N LEU A 125 34.20 33.88 106.44
CA LEU A 125 34.04 33.49 107.84
C LEU A 125 33.97 34.71 108.76
N THR A 126 34.83 35.69 108.51
CA THR A 126 34.86 36.92 109.27
C THR A 126 33.53 37.67 109.07
N CYS A 127 33.05 37.79 107.83
CA CYS A 127 31.83 38.57 107.58
C CYS A 127 30.57 37.85 108.07
N ARG A 128 30.54 36.52 107.98
CA ARG A 128 29.41 35.77 108.54
C ARG A 128 29.34 35.97 110.05
N ALA A 129 30.49 35.86 110.72
CA ALA A 129 30.55 36.12 112.17
C ALA A 129 30.10 37.54 112.46
N GLY A 130 30.64 38.49 111.74
CA GLY A 130 30.30 39.91 111.98
C GLY A 130 28.82 40.17 111.79
N ALA A 131 28.26 39.62 110.73
CA ALA A 131 26.86 39.91 110.40
C ALA A 131 25.93 39.33 111.49
N ARG A 132 26.21 38.11 111.92
CA ARG A 132 25.45 37.49 113.02
C ARG A 132 25.55 38.30 114.30
N ALA A 133 26.72 38.81 114.63
CA ALA A 133 26.87 39.67 115.81
C ALA A 133 26.06 40.94 115.65
N MET A 134 26.09 41.54 114.46
CA MET A 134 25.36 42.78 114.22
C MET A 134 23.86 42.58 114.44
N VAL A 135 23.34 41.46 113.92
CA VAL A 135 21.93 41.13 114.10
C VAL A 135 21.61 40.87 115.59
N ALA A 136 22.42 40.04 116.24
CA ALA A 136 22.33 39.83 117.69
C ALA A 136 22.34 41.16 118.47
N ALA A 137 23.12 42.16 118.03
CA ALA A 137 23.21 43.44 118.74
C ALA A 137 22.13 44.44 118.35
N GLY A 138 21.21 44.03 117.48
CA GLY A 138 20.04 44.86 117.14
C GLY A 138 20.18 45.79 115.95
N ALA A 139 20.98 45.41 114.95
CA ALA A 139 21.14 46.21 113.73
C ALA A 139 19.80 46.64 113.11
N GLY A 140 19.63 47.93 112.89
CA GLY A 140 18.41 48.45 112.28
C GLY A 140 17.39 49.06 113.23
N LYS A 141 17.35 48.61 114.49
CA LYS A 141 16.28 48.93 115.44
C LYS A 141 15.95 50.43 115.50
N ASP A 142 16.98 51.25 115.56
CA ASP A 142 16.81 52.71 115.58
C ASP A 142 16.66 53.33 114.17
N GLY A 143 16.46 52.51 113.14
CA GLY A 143 16.34 52.98 111.77
C GLY A 143 17.68 53.17 111.05
N ARG A 144 18.79 53.08 111.79
CA ARG A 144 20.14 53.17 111.21
C ARG A 144 20.70 51.76 111.02
N SER A 145 21.60 51.61 110.05
CA SER A 145 22.05 50.31 109.64
C SER A 145 23.48 50.03 110.05
N ALA A 146 23.78 48.78 110.39
CA ALA A 146 25.16 48.35 110.53
C ALA A 146 25.87 48.33 109.14
N ARG A 147 27.19 48.16 109.13
CA ARG A 147 27.98 48.36 107.89
C ARG A 147 29.10 47.33 107.77
N ILE A 148 29.09 46.57 106.70
CA ILE A 148 30.22 45.70 106.36
C ILE A 148 30.95 46.28 105.13
N ILE A 149 32.27 46.42 105.28
CA ILE A 149 33.15 46.97 104.25
C ILE A 149 34.25 45.97 103.95
N THR A 150 34.30 45.47 102.71
CA THR A 150 35.35 44.53 102.28
C THR A 150 36.44 45.27 101.45
N ILE A 151 37.66 44.81 101.57
CA ILE A 151 38.77 45.40 100.81
C ILE A 151 39.10 44.44 99.68
N GLY A 152 38.74 44.84 98.46
CA GLY A 152 39.04 44.04 97.29
C GLY A 152 40.24 44.66 96.63
N SER A 153 40.13 44.96 95.34
CA SER A 153 41.26 45.42 94.51
C SER A 153 40.76 45.69 93.12
N VAL A 154 41.50 46.49 92.37
CA VAL A 154 41.24 46.57 90.92
C VAL A 154 41.31 45.16 90.32
N ASN A 155 42.07 44.26 90.95
CA ASN A 155 42.16 42.85 90.50
C ASN A 155 40.88 42.05 90.74
N SER A 156 39.89 42.66 91.42
CA SER A 156 38.55 42.12 91.45
C SER A 156 37.84 42.17 90.09
N PHE A 157 38.35 43.01 89.16
CA PHE A 157 37.72 43.28 87.86
C PHE A 157 38.65 43.05 86.65
N MET A 158 39.95 43.34 86.79
CA MET A 158 40.92 43.18 85.71
C MET A 158 42.17 42.49 86.25
N ALA A 159 42.78 41.62 85.44
CA ALA A 159 43.86 40.79 85.93
C ALA A 159 45.29 41.40 85.72
N GLU A 160 46.11 41.39 86.77
CA GLU A 160 47.57 41.56 86.63
C GLU A 160 48.15 40.25 86.15
N PRO A 161 49.33 40.29 85.53
CA PRO A 161 50.03 39.06 85.18
C PRO A 161 50.56 38.28 86.39
N GLU A 162 50.60 36.97 86.25
CA GLU A 162 51.33 36.07 87.16
C GLU A 162 50.83 36.08 88.59
N ALA A 163 49.51 36.16 88.73
CA ALA A 163 48.92 36.21 90.07
C ALA A 163 47.49 35.64 90.08
N ALA A 164 47.28 34.56 89.33
CA ALA A 164 45.97 34.03 89.06
C ALA A 164 45.21 33.66 90.30
N ALA A 165 45.91 33.17 91.32
CA ALA A 165 45.27 32.76 92.56
C ALA A 165 44.74 33.97 93.32
N TYR A 166 45.60 34.96 93.49
CA TYR A 166 45.21 36.23 94.12
C TYR A 166 44.05 36.94 93.36
N VAL A 167 44.10 36.95 92.03
CA VAL A 167 43.10 37.63 91.19
C VAL A 167 41.74 36.91 91.29
N ALA A 168 41.75 35.58 91.14
CA ALA A 168 40.54 34.76 91.32
C ALA A 168 39.85 34.99 92.66
N ALA A 169 40.65 34.94 93.74
CA ALA A 169 40.12 35.23 95.08
C ALA A 169 39.48 36.60 95.17
N LYS A 170 40.09 37.61 94.58
CA LYS A 170 39.52 38.98 94.56
C LYS A 170 38.19 39.10 93.80
N GLY A 171 38.02 38.35 92.72
CA GLY A 171 36.73 38.27 92.04
C GLY A 171 35.69 37.61 92.94
N GLY A 172 36.14 36.60 93.69
CA GLY A 172 35.33 35.93 94.67
C GLY A 172 34.82 36.86 95.72
N VAL A 173 35.71 37.67 96.28
CA VAL A 173 35.36 38.63 97.31
C VAL A 173 34.40 39.70 96.81
N ALA A 174 34.59 40.12 95.55
CA ALA A 174 33.68 41.10 94.93
C ALA A 174 32.24 40.56 94.86
N MET A 175 32.07 39.32 94.40
CA MET A 175 30.71 38.77 94.26
C MET A 175 30.13 38.36 95.59
N LEU A 176 30.99 37.91 96.52
CA LEU A 176 30.57 37.71 97.91
C LEU A 176 29.97 39.00 98.45
N THR A 177 30.65 40.11 98.18
CA THR A 177 30.19 41.39 98.71
C THR A 177 28.78 41.68 98.24
N ARG A 178 28.50 41.45 96.96
CA ARG A 178 27.18 41.71 96.42
C ARG A 178 26.11 40.77 96.97
N ALA A 179 26.45 39.48 97.07
CA ALA A 179 25.52 38.49 97.61
C ALA A 179 25.18 38.86 99.07
N MET A 180 26.17 39.34 99.81
CA MET A 180 25.96 39.78 101.19
C MET A 180 25.05 40.99 101.24
N ALA A 181 25.25 41.95 100.31
CA ALA A 181 24.43 43.13 100.27
C ALA A 181 22.96 42.76 100.08
N VAL A 182 22.71 41.87 99.13
CA VAL A 182 21.37 41.45 98.80
C VAL A 182 20.68 40.75 100.00
N ASP A 183 21.35 39.77 100.61
CA ASP A 183 20.78 38.94 101.67
C ASP A 183 20.69 39.69 103.01
N LEU A 184 21.55 40.67 103.25
CA LEU A 184 21.57 41.35 104.54
C LEU A 184 20.83 42.67 104.59
N ALA A 185 20.32 43.14 103.47
CA ALA A 185 19.52 44.36 103.44
C ALA A 185 18.30 44.30 104.40
N ARG A 186 17.61 43.16 104.41
CA ARG A 186 16.43 42.99 105.26
C ARG A 186 16.78 43.01 106.72
N HIS A 187 18.04 42.70 107.05
CA HIS A 187 18.54 42.70 108.44
C HIS A 187 19.21 43.97 108.85
N GLY A 188 18.99 45.06 108.12
CA GLY A 188 19.56 46.36 108.45
C GLY A 188 21.08 46.53 108.28
N ILE A 189 21.72 45.74 107.41
CA ILE A 189 23.19 45.86 107.21
C ILE A 189 23.52 46.22 105.76
N LEU A 190 24.33 47.26 105.57
CA LEU A 190 24.79 47.70 104.23
C LEU A 190 26.19 47.19 104.00
N VAL A 191 26.43 46.68 102.80
CA VAL A 191 27.67 45.97 102.50
C VAL A 191 28.24 46.53 101.20
N ASN A 192 29.48 46.99 101.26
CA ASN A 192 30.20 47.58 100.11
C ASN A 192 31.66 47.21 100.07
N MET A 193 32.27 47.27 98.88
CA MET A 193 33.70 46.98 98.70
C MET A 193 34.53 48.24 98.40
N ILE A 194 35.78 48.26 98.83
CA ILE A 194 36.71 49.27 98.41
C ILE A 194 37.73 48.60 97.52
N ALA A 195 37.98 49.16 96.33
CA ALA A 195 38.90 48.56 95.37
C ALA A 195 40.14 49.46 95.14
N PRO A 196 41.22 49.23 95.91
CA PRO A 196 42.45 50.03 95.70
C PRO A 196 43.25 49.61 94.48
N GLY A 197 43.81 50.60 93.81
CA GLY A 197 44.84 50.32 92.82
C GLY A 197 46.16 50.17 93.54
N PRO A 198 47.27 50.52 92.89
CA PRO A 198 48.57 50.41 93.57
C PRO A 198 48.67 51.35 94.77
N VAL A 199 49.08 50.80 95.92
CA VAL A 199 49.18 51.55 97.16
C VAL A 199 50.56 51.28 97.74
N ASP A 200 51.29 52.35 98.07
CA ASP A 200 52.65 52.20 98.63
C ASP A 200 52.52 52.05 100.14
N VAL A 201 52.90 50.89 100.62
CA VAL A 201 52.74 50.52 102.01
C VAL A 201 54.09 50.44 102.74
N THR A 202 55.14 51.00 102.13
CA THR A 202 56.48 50.96 102.72
C THR A 202 56.68 52.02 103.80
N GLY A 203 55.91 53.10 103.76
CA GLY A 203 56.17 54.27 104.60
C GLY A 203 57.42 55.00 104.15
N ASN A 204 57.98 54.54 103.04
CA ASN A 204 59.33 54.87 102.62
C ASN A 204 59.38 55.44 101.21
N ASN A 205 58.23 55.58 100.56
CA ASN A 205 58.17 55.84 99.13
C ASN A 205 59.06 54.95 98.29
N THR A 206 59.15 53.68 98.66
CA THR A 206 59.96 52.70 97.91
C THR A 206 59.17 51.50 97.38
N GLY A 207 57.85 51.45 97.59
CA GLY A 207 57.05 50.29 97.18
C GLY A 207 57.09 49.97 95.69
N TYR A 208 57.05 51.02 94.86
CA TYR A 208 56.96 50.87 93.40
C TYR A 208 58.18 51.51 92.72
N SER A 209 59.33 51.32 93.33
CA SER A 209 60.54 52.01 92.88
C SER A 209 61.37 51.21 91.91
N GLU A 210 61.15 49.90 91.81
CA GLU A 210 61.82 49.12 90.76
C GLU A 210 61.58 49.86 89.40
N PRO A 211 62.64 50.04 88.59
CA PRO A 211 62.52 50.98 87.45
C PRO A 211 61.45 50.61 86.39
N ARG A 212 61.36 49.35 85.98
CA ARG A 212 60.34 48.94 85.02
C ARG A 212 58.93 49.18 85.61
N LEU A 213 58.73 48.81 86.87
CA LEU A 213 57.47 49.01 87.57
C LEU A 213 57.11 50.48 87.67
N ALA A 214 58.08 51.32 88.03
CA ALA A 214 57.81 52.75 88.20
C ALA A 214 57.36 53.34 86.84
N GLU A 215 58.00 52.89 85.78
CA GLU A 215 57.65 53.32 84.43
C GLU A 215 56.19 52.94 84.10
N GLN A 216 55.78 51.74 84.49
CA GLN A 216 54.42 51.25 84.16
C GLN A 216 53.35 51.90 85.02
N VAL A 217 53.71 52.29 86.24
CA VAL A 217 52.82 53.08 87.07
C VAL A 217 52.57 54.45 86.43
N LEU A 218 53.63 55.08 85.89
CA LEU A 218 53.50 56.37 85.20
C LEU A 218 52.61 56.27 83.97
N ASP A 219 52.75 55.17 83.24
CA ASP A 219 51.97 54.94 82.05
C ASP A 219 50.47 54.62 82.41
N GLU A 220 50.25 53.71 83.36
CA GLU A 220 48.91 53.14 83.58
C GLU A 220 48.03 53.83 84.64
N VAL A 221 48.64 54.61 85.54
CA VAL A 221 47.89 55.36 86.53
C VAL A 221 47.80 56.83 86.08
N ALA A 222 46.61 57.37 85.98
CA ALA A 222 46.46 58.74 85.45
C ALA A 222 47.19 59.74 86.34
N LEU A 223 47.09 59.59 87.66
CA LEU A 223 47.79 60.47 88.59
C LEU A 223 49.31 60.19 88.65
N GLY A 224 49.77 59.11 88.00
CA GLY A 224 51.19 58.87 87.82
C GLY A 224 51.95 58.48 89.07
N ARG A 225 51.27 57.94 90.05
CA ARG A 225 51.91 57.48 91.28
C ARG A 225 51.06 56.41 91.97
N PRO A 226 51.64 55.71 92.94
CA PRO A 226 50.85 54.89 93.85
C PRO A 226 50.11 55.72 94.88
N GLY A 227 49.06 55.14 95.44
CA GLY A 227 48.33 55.80 96.51
C GLY A 227 49.00 55.61 97.88
N LEU A 228 48.54 56.37 98.85
CA LEU A 228 48.91 56.13 100.25
C LEU A 228 47.75 55.44 101.00
N PRO A 229 48.07 54.68 102.06
CA PRO A 229 47.03 54.00 102.85
C PRO A 229 45.91 54.92 103.35
N GLU A 230 46.27 56.13 103.71
CA GLU A 230 45.32 57.14 104.19
C GLU A 230 44.29 57.47 103.10
N GLU A 231 44.74 57.47 101.85
CA GLU A 231 43.86 57.76 100.73
C GLU A 231 42.80 56.67 100.50
N VAL A 232 43.02 55.47 101.04
CA VAL A 232 42.02 54.40 101.03
C VAL A 232 41.12 54.45 102.28
N ALA A 233 41.72 54.68 103.45
CA ALA A 233 40.99 54.73 104.73
C ALA A 233 39.85 55.73 104.72
N THR A 234 40.06 56.85 104.06
CA THR A 234 39.01 57.88 104.01
C THR A 234 37.65 57.30 103.51
N ALA A 235 37.70 56.40 102.53
CA ALA A 235 36.49 55.74 102.00
C ALA A 235 35.84 54.78 103.02
N ALA A 236 36.64 54.20 103.91
CA ALA A 236 36.14 53.34 104.96
C ALA A 236 35.32 54.14 105.97
N VAL A 237 35.70 55.40 106.19
CA VAL A 237 34.91 56.31 107.03
C VAL A 237 33.60 56.70 106.34
N PHE A 238 33.71 57.09 105.07
CA PHE A 238 32.53 57.44 104.29
C PHE A 238 31.49 56.32 104.30
N LEU A 239 31.94 55.08 104.07
CA LEU A 239 31.02 53.96 103.96
C LEU A 239 30.43 53.52 105.32
N ALA A 240 31.08 53.88 106.42
CA ALA A 240 30.63 53.52 107.78
C ALA A 240 29.71 54.57 108.41
N GLU A 241 29.68 55.79 107.88
CA GLU A 241 28.93 56.87 108.52
C GLU A 241 27.44 56.81 108.19
N ASP A 242 26.65 57.48 109.02
CA ASP A 242 25.18 57.47 108.93
C ASP A 242 24.65 57.96 107.60
N GLY A 243 25.35 58.92 106.99
CA GLY A 243 24.92 59.57 105.74
C GLY A 243 24.87 58.64 104.53
N SER A 244 25.62 57.53 104.59
CA SER A 244 25.73 56.59 103.48
C SER A 244 24.67 55.48 103.48
N SER A 245 23.44 55.87 103.85
CA SER A 245 22.39 54.96 104.19
C SER A 245 21.67 54.39 102.97
N PHE A 246 21.93 54.92 101.77
CA PHE A 246 21.36 54.33 100.55
C PHE A 246 22.40 53.65 99.66
N ILE A 247 23.58 53.39 100.22
CA ILE A 247 24.70 52.83 99.46
C ILE A 247 24.92 51.40 99.90
N THR A 248 24.61 50.45 99.02
CA THR A 248 24.89 49.06 99.32
C THR A 248 25.07 48.28 98.03
N GLY A 249 25.88 47.23 98.10
CA GLY A 249 26.19 46.36 96.96
C GLY A 249 27.16 47.00 95.95
N SER A 250 27.83 48.09 96.34
CA SER A 250 28.64 48.89 95.40
C SER A 250 30.12 48.79 95.69
N THR A 251 30.91 49.37 94.77
CA THR A 251 32.36 49.45 94.90
C THR A 251 32.81 50.91 94.83
N ILE A 252 33.73 51.29 95.71
CA ILE A 252 34.42 52.55 95.60
C ILE A 252 35.83 52.25 95.15
N THR A 253 36.18 52.71 93.95
CA THR A 253 37.46 52.36 93.35
C THR A 253 38.42 53.52 93.66
N ILE A 254 39.62 53.21 94.16
CA ILE A 254 40.60 54.19 94.59
C ILE A 254 41.95 53.84 93.95
N ASP A 255 42.13 54.26 92.71
CA ASP A 255 43.24 53.79 91.91
C ASP A 255 43.96 54.83 91.01
N GLY A 256 43.71 56.12 91.26
CA GLY A 256 44.34 57.19 90.49
C GLY A 256 44.03 57.13 88.99
N GLY A 257 42.90 56.52 88.64
CA GLY A 257 42.47 56.42 87.25
C GLY A 257 42.91 55.18 86.50
N LEU A 258 43.58 54.27 87.17
CA LEU A 258 44.06 53.06 86.51
C LEU A 258 42.98 52.35 85.68
N SER A 259 41.84 52.06 86.32
CA SER A 259 40.81 51.27 85.68
C SER A 259 39.95 52.04 84.69
N ALA A 260 40.05 53.37 84.68
CA ALA A 260 39.35 54.24 83.76
C ALA A 260 40.04 54.47 82.42
N MET A 261 41.32 54.12 82.32
CA MET A 261 42.18 54.59 81.20
C MET A 261 42.71 53.43 80.39
N ILE A 262 42.85 53.63 79.07
CA ILE A 262 43.64 52.71 78.25
C ILE A 262 44.69 53.53 77.46
N PHE A 263 45.81 52.92 77.08
CA PHE A 263 46.91 53.63 76.33
C PHE A 263 47.37 54.91 77.02
N GLY A 264 47.42 54.86 78.35
CA GLY A 264 47.91 55.98 79.14
C GLY A 264 49.35 56.36 78.82
N GLY A 265 50.15 55.41 78.37
CA GLY A 265 51.53 55.72 77.96
C GLY A 265 51.63 56.69 76.79
N MET A 266 50.51 56.88 76.06
CA MET A 266 50.44 57.75 74.89
C MET A 266 50.08 59.20 75.25
N ARG A 267 49.67 59.47 76.48
CA ARG A 267 49.19 60.79 76.82
C ARG A 267 50.28 61.86 76.85
N GLU A 268 49.87 63.10 76.58
CA GLU A 268 50.73 64.26 76.65
C GLU A 268 51.31 64.36 78.04
N GLY A 269 52.63 64.47 78.13
CA GLY A 269 53.28 64.48 79.43
C GLY A 269 53.96 63.17 79.73
N ARG A 270 53.60 62.10 79.02
CA ARG A 270 54.21 60.79 79.18
C ARG A 270 54.99 60.38 77.99
N ARG A 271 54.39 60.48 76.81
CA ARG A 271 55.13 60.09 75.65
C ARG A 271 56.35 61.02 75.49
N GLY B 11 -9.88 53.13 39.66
CA GLY B 11 -9.37 52.20 38.62
C GLY B 11 -10.49 51.42 37.93
N ARG B 12 -10.24 51.02 36.68
CA ARG B 12 -11.27 50.38 35.84
C ARG B 12 -11.65 48.96 36.29
N LEU B 13 -10.82 48.33 37.10
CA LEU B 13 -11.12 47.01 37.66
C LEU B 13 -11.29 47.07 39.19
N ALA B 14 -11.68 48.24 39.69
CA ALA B 14 -11.71 48.49 41.15
C ALA B 14 -12.57 47.47 41.86
N GLY B 15 -11.96 46.71 42.76
CA GLY B 15 -12.69 45.74 43.58
C GLY B 15 -12.94 44.38 42.95
N LYS B 16 -12.40 44.14 41.77
CA LYS B 16 -12.59 42.85 41.11
C LYS B 16 -11.52 41.86 41.52
N ALA B 17 -11.92 40.59 41.63
CA ALA B 17 -11.04 39.50 41.99
C ALA B 17 -10.58 38.75 40.71
N ALA B 18 -9.27 38.68 40.50
CA ALA B 18 -8.70 38.12 39.25
C ALA B 18 -7.66 37.05 39.53
N ILE B 19 -7.70 35.97 38.76
CA ILE B 19 -6.58 35.03 38.65
C ILE B 19 -5.90 35.19 37.28
N VAL B 20 -4.58 35.37 37.26
CA VAL B 20 -3.80 35.35 36.03
C VAL B 20 -2.83 34.17 36.06
N THR B 21 -2.97 33.22 35.14
CA THR B 21 -2.01 32.12 35.00
C THR B 21 -0.88 32.51 34.06
N GLY B 22 0.20 31.74 34.08
CA GLY B 22 1.44 32.10 33.40
C GLY B 22 1.98 33.43 33.88
N ALA B 23 1.76 33.75 35.16
CA ALA B 23 1.98 35.11 35.67
C ALA B 23 3.44 35.52 35.86
N ALA B 24 4.37 34.57 35.77
CA ALA B 24 5.79 34.94 35.75
C ALA B 24 6.24 35.40 34.34
N GLY B 25 5.74 34.74 33.29
CA GLY B 25 6.08 35.09 31.89
C GLY B 25 5.69 36.50 31.46
N GLY B 26 6.30 36.98 30.39
CA GLY B 26 6.05 38.31 29.82
C GLY B 26 4.62 38.84 29.82
N ILE B 27 3.76 38.25 29.00
CA ILE B 27 2.37 38.70 28.92
C ILE B 27 1.63 38.58 30.26
N GLY B 28 1.78 37.44 30.92
CA GLY B 28 1.15 37.22 32.24
C GLY B 28 1.59 38.23 33.29
N ARG B 29 2.89 38.51 33.30
CA ARG B 29 3.44 39.50 34.19
C ARG B 29 2.90 40.89 33.90
N ALA B 30 2.95 41.31 32.63
CA ALA B 30 2.41 42.63 32.31
C ALA B 30 0.93 42.72 32.68
N THR B 31 0.20 41.59 32.62
CA THR B 31 -1.22 41.59 32.92
C THR B 31 -1.49 41.77 34.45
N VAL B 32 -0.77 41.01 35.26
CA VAL B 32 -0.79 41.21 36.71
C VAL B 32 -0.53 42.68 37.09
N GLU B 33 0.48 43.29 36.49
CA GLU B 33 0.80 44.69 36.80
C GLU B 33 -0.31 45.66 36.37
N ALA B 34 -0.86 45.47 35.17
CA ALA B 34 -1.95 46.33 34.69
C ALA B 34 -3.21 46.16 35.55
N TYR B 35 -3.45 44.93 36.01
CA TYR B 35 -4.63 44.65 36.83
C TYR B 35 -4.53 45.32 38.22
N LEU B 36 -3.37 45.17 38.85
CA LEU B 36 -3.09 45.82 40.13
C LEU B 36 -3.22 47.33 39.98
N ARG B 37 -2.60 47.90 38.96
CA ARG B 37 -2.70 49.32 38.67
C ARG B 37 -4.16 49.79 38.47
N GLU B 38 -5.05 48.90 38.05
CA GLU B 38 -6.45 49.29 37.80
C GLU B 38 -7.40 48.92 38.95
N GLY B 39 -6.82 48.50 40.08
CA GLY B 39 -7.57 48.35 41.33
C GLY B 39 -8.10 46.97 41.65
N ALA B 40 -7.62 45.95 40.94
CA ALA B 40 -8.08 44.59 41.15
C ALA B 40 -7.23 43.94 42.22
N SER B 41 -7.78 42.93 42.88
CA SER B 41 -7.00 41.99 43.67
C SER B 41 -6.62 40.85 42.76
N VAL B 42 -5.35 40.48 42.76
CA VAL B 42 -4.81 39.57 41.77
C VAL B 42 -4.04 38.44 42.39
N VAL B 43 -4.41 37.20 42.05
CA VAL B 43 -3.53 36.05 42.26
C VAL B 43 -2.64 35.87 41.03
N ALA B 44 -1.34 35.69 41.25
CA ALA B 44 -0.39 35.40 40.19
C ALA B 44 -0.02 33.94 40.27
N MET B 45 -0.43 33.16 39.28
CA MET B 45 -0.23 31.72 39.26
C MET B 45 0.80 31.33 38.21
N ASP B 46 1.79 30.51 38.60
CA ASP B 46 2.79 29.98 37.67
C ASP B 46 3.60 28.89 38.39
N LEU B 47 4.59 28.31 37.74
CA LEU B 47 5.48 27.34 38.40
C LEU B 47 6.20 27.96 39.61
N ALA B 48 6.42 27.14 40.65
CA ALA B 48 6.99 27.62 41.93
C ALA B 48 8.33 28.34 41.72
N PRO B 49 9.26 27.69 41.00
CA PRO B 49 10.54 28.37 40.70
C PRO B 49 10.36 29.74 40.05
N ARG B 50 9.51 29.81 39.03
CA ARG B 50 9.34 31.04 38.26
C ARG B 50 8.78 32.18 39.11
N LEU B 51 7.79 31.87 39.92
CA LEU B 51 7.22 32.84 40.87
C LEU B 51 8.32 33.32 41.81
N ALA B 52 9.15 32.40 42.29
CA ALA B 52 10.27 32.73 43.18
C ALA B 52 11.20 33.74 42.52
N ALA B 53 11.44 33.56 41.22
CA ALA B 53 12.39 34.39 40.47
C ALA B 53 11.82 35.71 39.90
N THR B 54 10.57 36.06 40.17
CA THR B 54 9.99 37.26 39.55
C THR B 54 9.67 38.38 40.55
N ARG B 55 9.74 39.61 40.08
CA ARG B 55 9.33 40.78 40.86
C ARG B 55 8.35 41.58 40.01
N TYR B 56 7.34 42.14 40.65
CA TYR B 56 6.34 42.95 39.96
C TYR B 56 6.59 44.42 40.27
N GLU B 57 6.43 45.29 39.29
CA GLU B 57 6.59 46.73 39.49
C GLU B 57 5.40 47.37 40.23
N GLU B 58 4.37 46.57 40.53
CA GLU B 58 3.24 47.03 41.34
C GLU B 58 3.07 46.09 42.54
N PRO B 59 2.64 46.64 43.70
CA PRO B 59 2.45 45.82 44.89
C PRO B 59 1.05 45.22 44.99
N GLY B 60 0.93 44.09 45.69
CA GLY B 60 -0.37 43.48 45.99
C GLY B 60 -0.60 42.06 45.47
N ALA B 61 0.27 41.58 44.57
CA ALA B 61 0.09 40.27 43.94
C ALA B 61 0.12 39.15 44.95
N ILE B 62 -0.84 38.23 44.89
CA ILE B 62 -0.85 37.04 45.74
C ILE B 62 -0.31 35.86 44.95
N PRO B 63 0.96 35.48 45.18
CA PRO B 63 1.53 34.38 44.41
C PRO B 63 0.98 33.05 44.87
N ILE B 64 0.67 32.17 43.91
CA ILE B 64 0.22 30.82 44.20
C ILE B 64 0.80 29.88 43.16
N ALA B 65 1.62 28.94 43.62
CA ALA B 65 2.30 27.99 42.72
C ALA B 65 1.29 27.03 42.10
N CYS B 66 1.55 26.63 40.85
CA CYS B 66 0.74 25.65 40.17
C CYS B 66 1.52 24.93 39.08
N ASP B 67 0.89 23.92 38.50
CA ASP B 67 1.55 23.08 37.49
C ASP B 67 0.60 22.68 36.35
N LEU B 68 0.49 23.56 35.36
CA LEU B 68 -0.38 23.35 34.19
C LEU B 68 0.11 22.14 33.39
N ASP B 70 -0.06 18.76 36.87
CA ASP B 70 -1.06 17.79 37.29
C ASP B 70 -2.42 18.47 37.35
N ARG B 71 -3.42 17.78 36.81
CA ARG B 71 -4.82 18.17 36.93
C ARG B 71 -5.22 18.37 38.40
N ALA B 72 -4.73 17.48 39.26
CA ALA B 72 -4.86 17.63 40.70
C ALA B 72 -4.26 18.95 41.14
N ALA B 73 -3.08 19.27 40.60
CA ALA B 73 -2.40 20.52 40.93
C ALA B 73 -3.25 21.73 40.56
N ILE B 74 -3.86 21.70 39.37
CA ILE B 74 -4.67 22.83 38.88
C ILE B 74 -5.86 23.10 39.82
N ASP B 75 -6.61 22.06 40.13
CA ASP B 75 -7.78 22.21 41.03
C ASP B 75 -7.37 22.76 42.41
N ALA B 76 -6.31 22.21 42.96
CA ALA B 76 -5.80 22.65 44.25
C ALA B 76 -5.43 24.13 44.25
N ALA B 77 -4.68 24.53 43.22
CA ALA B 77 -4.23 25.92 43.11
C ALA B 77 -5.42 26.89 42.90
N MET B 78 -6.40 26.46 42.10
CA MET B 78 -7.57 27.31 41.84
C MET B 78 -8.47 27.43 43.10
N ALA B 79 -8.67 26.33 43.82
CA ALA B 79 -9.45 26.37 45.07
C ALA B 79 -8.77 27.33 46.07
N ASP B 80 -7.47 27.17 46.23
CA ASP B 80 -6.69 28.04 47.13
C ASP B 80 -6.80 29.52 46.71
N ALA B 81 -6.67 29.79 45.42
CA ALA B 81 -6.76 31.15 44.89
C ALA B 81 -8.12 31.79 45.20
N VAL B 82 -9.19 31.05 44.92
CA VAL B 82 -10.53 31.58 45.13
C VAL B 82 -10.82 31.81 46.62
N ALA B 83 -10.35 30.89 47.46
CA ALA B 83 -10.45 31.04 48.91
C ALA B 83 -9.82 32.37 49.32
N ARG B 84 -8.59 32.64 48.86
CA ARG B 84 -7.87 33.84 49.26
C ARG B 84 -8.46 35.13 48.72
N LEU B 85 -9.15 35.05 47.57
CA LEU B 85 -9.74 36.25 46.97
C LEU B 85 -11.14 36.47 47.48
N GLY B 86 -11.78 35.40 47.95
CA GLY B 86 -13.13 35.48 48.46
C GLY B 86 -14.14 35.48 47.33
N GLY B 87 -13.75 34.87 46.19
CA GLY B 87 -14.57 34.87 44.98
C GLY B 87 -13.73 34.87 43.70
N LEU B 88 -14.36 35.16 42.56
CA LEU B 88 -13.67 35.21 41.26
C LEU B 88 -14.49 35.95 40.22
N ASP B 89 -13.97 37.07 39.74
CA ASP B 89 -14.64 37.85 38.69
C ASP B 89 -13.97 37.68 37.31
N ILE B 90 -12.65 37.47 37.31
CA ILE B 90 -11.83 37.51 36.10
C ILE B 90 -10.81 36.39 36.12
N LEU B 91 -10.76 35.62 35.04
CA LEU B 91 -9.68 34.63 34.79
C LEU B 91 -8.94 34.99 33.47
N VAL B 92 -7.62 35.09 33.53
CA VAL B 92 -6.76 35.22 32.34
C VAL B 92 -5.95 33.93 32.26
N ALA B 93 -6.27 33.07 31.30
CA ALA B 93 -5.57 31.80 31.13
C ALA B 93 -4.40 32.01 30.19
N GLY B 94 -3.26 32.38 30.78
CA GLY B 94 -2.02 32.74 30.04
C GLY B 94 -0.94 31.67 30.03
N GLY B 95 -1.13 30.59 30.80
CA GLY B 95 -0.14 29.51 30.85
C GLY B 95 0.01 28.87 29.50
N ALA B 96 1.25 28.71 29.03
CA ALA B 96 1.50 28.17 27.70
C ALA B 96 2.96 27.77 27.45
N LEU B 97 3.16 26.58 26.88
CA LEU B 97 4.44 26.20 26.26
C LEU B 97 4.52 26.79 24.86
N LYS B 98 5.62 27.48 24.54
CA LYS B 98 5.83 28.03 23.21
C LYS B 98 6.97 27.28 22.54
N GLY B 99 7.21 27.56 21.27
CA GLY B 99 8.34 26.96 20.55
C GLY B 99 7.96 25.93 19.51
N GLY B 100 8.83 25.77 18.53
CA GLY B 100 8.69 24.77 17.49
C GLY B 100 9.52 23.53 17.76
N THR B 101 9.42 22.54 16.89
CA THR B 101 10.07 21.25 17.06
C THR B 101 10.88 20.82 15.84
N GLY B 102 10.42 21.19 14.66
CA GLY B 102 10.98 20.69 13.42
C GLY B 102 9.84 20.39 12.46
N ASN B 103 10.18 19.80 11.33
CA ASN B 103 9.18 19.47 10.35
C ASN B 103 8.13 18.52 10.91
N PHE B 104 6.90 18.66 10.44
CA PHE B 104 5.82 17.73 10.76
C PHE B 104 6.18 16.26 10.54
N LEU B 105 6.87 15.93 9.46
CA LEU B 105 7.30 14.53 9.21
C LEU B 105 8.02 13.85 10.39
N ASP B 106 8.77 14.60 11.17
CA ASP B 106 9.58 14.13 12.28
C ASP B 106 9.01 14.46 13.65
N LEU B 107 7.77 14.95 13.70
CA LEU B 107 7.19 15.34 14.97
C LEU B 107 6.89 14.09 15.81
N SER B 108 7.43 14.05 17.02
CA SER B 108 7.30 12.87 17.89
C SER B 108 6.02 12.93 18.74
N ASP B 109 5.57 11.75 19.15
CA ASP B 109 4.44 11.59 20.06
C ASP B 109 4.61 12.39 21.33
N ALA B 110 5.84 12.40 21.87
CA ALA B 110 6.12 13.13 23.11
C ALA B 110 5.94 14.64 22.92
N ASP B 111 6.43 15.19 21.82
CA ASP B 111 6.28 16.65 21.58
C ASP B 111 4.79 16.99 21.32
N TRP B 112 4.12 16.21 20.49
CA TRP B 112 2.65 16.37 20.30
C TRP B 112 1.92 16.41 21.62
N ASP B 113 2.12 15.37 22.44
CA ASP B 113 1.39 15.23 23.72
C ASP B 113 1.66 16.35 24.69
N ARG B 114 2.89 16.85 24.70
CA ARG B 114 3.27 17.90 25.64
C ARG B 114 2.59 19.24 25.27
N TYR B 115 2.52 19.56 23.97
CA TYR B 115 1.88 20.81 23.55
C TYR B 115 0.35 20.75 23.71
N VAL B 116 -0.23 19.63 23.30
CA VAL B 116 -1.67 19.45 23.42
C VAL B 116 -2.06 19.42 24.90
N ASP B 117 -1.38 18.57 25.70
CA ASP B 117 -1.67 18.46 27.15
C ASP B 117 -1.48 19.75 27.93
N VAL B 118 -0.36 20.43 27.72
CA VAL B 118 -0.11 21.65 28.48
C VAL B 118 -0.97 22.80 27.98
N ASN B 119 -0.97 23.07 26.68
CA ASN B 119 -1.62 24.28 26.16
C ASN B 119 -3.13 24.18 25.95
N MET B 120 -3.59 23.08 25.38
CA MET B 120 -5.01 22.89 25.18
C MET B 120 -5.71 22.38 26.44
N THR B 121 -5.33 21.19 26.93
CA THR B 121 -5.98 20.60 28.10
C THR B 121 -5.78 21.44 29.37
N GLY B 122 -4.58 21.99 29.54
CA GLY B 122 -4.33 22.83 30.70
C GLY B 122 -5.22 24.06 30.76
N THR B 123 -5.47 24.66 29.59
CA THR B 123 -6.38 25.80 29.44
C THR B 123 -7.81 25.37 29.72
N PHE B 124 -8.20 24.21 29.20
CA PHE B 124 -9.53 23.66 29.50
C PHE B 124 -9.76 23.46 31.01
N LEU B 125 -8.84 22.79 31.68
CA LEU B 125 -8.97 22.47 33.09
C LEU B 125 -9.03 23.73 33.95
N THR B 126 -8.17 24.69 33.61
CA THR B 126 -8.11 25.97 34.34
C THR B 126 -9.43 26.73 34.13
N CYS B 127 -9.93 26.76 32.89
CA CYS B 127 -11.14 27.52 32.59
C CYS B 127 -12.41 26.85 33.15
N ARG B 128 -12.46 25.52 33.17
CA ARG B 128 -13.59 24.82 33.78
C ARG B 128 -13.65 25.13 35.30
N ALA B 129 -12.49 25.04 35.96
CA ALA B 129 -12.39 25.38 37.38
C ALA B 129 -12.79 26.83 37.63
N GLY B 130 -12.29 27.73 36.79
CA GLY B 130 -12.62 29.14 36.93
C GLY B 130 -14.10 29.40 36.76
N ALA B 131 -14.70 28.78 35.75
CA ALA B 131 -16.09 29.05 35.44
C ALA B 131 -16.98 28.58 36.60
N ARG B 132 -16.70 27.38 37.11
CA ARG B 132 -17.46 26.83 38.24
C ARG B 132 -17.34 27.73 39.47
N ALA B 133 -16.14 28.21 39.75
CA ALA B 133 -15.97 29.14 40.85
C ALA B 133 -16.75 30.44 40.64
N MET B 134 -16.77 30.94 39.41
CA MET B 134 -17.49 32.17 39.09
C MET B 134 -18.99 32.00 39.33
N VAL B 135 -19.53 30.85 38.91
CA VAL B 135 -20.93 30.55 39.14
C VAL B 135 -21.21 30.42 40.66
N ALA B 136 -20.41 29.60 41.34
CA ALA B 136 -20.50 29.45 42.79
C ALA B 136 -20.46 30.81 43.49
N ALA B 137 -19.67 31.76 42.99
CA ALA B 137 -19.57 33.09 43.64
C ALA B 137 -20.65 34.06 43.18
N GLY B 138 -21.60 33.61 42.36
CA GLY B 138 -22.75 34.43 41.99
C GLY B 138 -22.61 35.30 40.74
N ALA B 139 -21.83 34.85 39.77
CA ALA B 139 -21.70 35.59 38.49
C ALA B 139 -23.06 35.94 37.89
N GLY B 140 -23.25 37.23 37.59
CA GLY B 140 -24.48 37.70 36.95
C GLY B 140 -25.57 38.32 37.81
N LYS B 141 -25.90 37.71 38.94
CA LYS B 141 -27.03 38.17 39.78
C LYS B 141 -26.97 39.70 40.01
N ASP B 142 -25.75 40.25 40.03
CA ASP B 142 -25.51 41.69 40.08
C ASP B 142 -25.74 42.41 38.74
N GLY B 143 -26.37 41.76 37.75
CA GLY B 143 -26.51 42.31 36.39
C GLY B 143 -25.22 42.37 35.55
N ARG B 144 -24.08 42.34 36.22
CA ARG B 144 -22.75 42.37 35.60
C ARG B 144 -22.22 40.95 35.45
N SER B 145 -21.31 40.75 34.50
CA SER B 145 -20.87 39.40 34.16
C SER B 145 -19.41 39.14 34.57
N ALA B 146 -19.11 37.89 34.94
CA ALA B 146 -17.74 37.46 35.08
C ALA B 146 -17.05 37.36 33.67
N ARG B 147 -15.74 37.21 33.66
CA ARG B 147 -14.99 37.33 32.41
C ARG B 147 -13.89 36.29 32.35
N ILE B 148 -13.90 35.46 31.32
CA ILE B 148 -12.78 34.57 31.00
C ILE B 148 -12.07 35.05 29.72
N ILE B 149 -10.75 35.19 29.81
CA ILE B 149 -9.89 35.70 28.75
C ILE B 149 -8.77 34.68 28.51
N THR B 150 -8.76 34.11 27.30
CA THR B 150 -7.72 33.14 26.90
C THR B 150 -6.64 33.85 26.03
N ILE B 151 -5.42 33.39 26.17
CA ILE B 151 -4.32 33.92 25.35
C ILE B 151 -3.99 32.91 24.26
N GLY B 152 -4.41 33.21 23.04
CA GLY B 152 -4.12 32.32 21.90
C GLY B 152 -2.94 32.89 21.16
N SER B 153 -3.08 33.13 19.86
CA SER B 153 -1.96 33.54 19.00
C SER B 153 -2.48 33.75 17.57
N VAL B 154 -1.74 34.49 16.76
CA VAL B 154 -2.03 34.50 15.32
C VAL B 154 -1.95 33.06 14.77
N ASN B 155 -1.17 32.20 15.42
CA ASN B 155 -1.12 30.76 15.09
C ASN B 155 -2.42 29.98 15.41
N SER B 156 -3.37 30.64 16.04
CA SER B 156 -4.74 30.09 16.14
C SER B 156 -5.45 30.07 14.78
N PHE B 157 -4.93 30.84 13.81
CA PHE B 157 -5.58 31.06 12.51
C PHE B 157 -4.69 30.79 11.29
N MET B 158 -3.40 31.08 11.41
CA MET B 158 -2.42 30.86 10.35
C MET B 158 -1.18 30.21 10.91
N ALA B 159 -0.58 29.29 10.16
CA ALA B 159 0.49 28.45 10.66
C ALA B 159 1.92 29.04 10.39
N GLU B 160 2.75 29.08 11.40
CA GLU B 160 4.20 29.22 11.22
C GLU B 160 4.77 27.88 10.81
N PRO B 161 5.95 27.87 10.19
CA PRO B 161 6.64 26.62 9.90
C PRO B 161 7.20 25.90 11.11
N GLU B 162 7.22 24.58 11.05
CA GLU B 162 7.95 23.71 11.98
C GLU B 162 7.47 23.78 13.44
N ALA B 163 6.16 23.94 13.63
CA ALA B 163 5.59 24.08 14.96
C ALA B 163 4.15 23.50 14.98
N ALA B 164 3.93 22.38 14.32
CA ALA B 164 2.59 21.85 14.10
C ALA B 164 1.85 21.52 15.39
N ALA B 165 2.57 21.09 16.43
CA ALA B 165 1.95 20.76 17.70
C ALA B 165 1.45 22.02 18.41
N TYR B 166 2.30 23.02 18.51
CA TYR B 166 1.91 24.34 19.05
C TYR B 166 0.74 24.98 18.26
N VAL B 167 0.80 24.92 16.93
CA VAL B 167 -0.20 25.56 16.05
C VAL B 167 -1.57 24.86 16.19
N ALA B 168 -1.58 23.53 16.12
CA ALA B 168 -2.78 22.72 16.43
C ALA B 168 -3.42 23.05 17.80
N ALA B 169 -2.64 23.03 18.85
CA ALA B 169 -3.13 23.41 20.19
C ALA B 169 -3.76 24.81 20.23
N LYS B 170 -3.16 25.76 19.54
CA LYS B 170 -3.74 27.12 19.43
C LYS B 170 -5.07 27.19 18.67
N GLY B 171 -5.27 26.35 17.66
CA GLY B 171 -6.56 26.29 17.01
C GLY B 171 -7.58 25.70 17.98
N GLY B 172 -7.14 24.71 18.75
CA GLY B 172 -7.95 24.12 19.76
C GLY B 172 -8.41 25.14 20.78
N VAL B 173 -7.49 25.93 21.26
CA VAL B 173 -7.82 26.97 22.25
C VAL B 173 -8.78 28.00 21.69
N ALA B 174 -8.61 28.34 20.40
CA ALA B 174 -9.53 29.30 19.77
C ALA B 174 -10.98 28.78 19.74
N MET B 175 -11.16 27.51 19.38
CA MET B 175 -12.52 26.97 19.32
C MET B 175 -13.08 26.65 20.70
N LEU B 176 -12.22 26.24 21.63
CA LEU B 176 -12.63 26.08 23.01
C LEU B 176 -13.21 27.40 23.52
N THR B 177 -12.55 28.49 23.15
CA THR B 177 -12.98 29.80 23.60
C THR B 177 -14.41 30.07 23.14
N ARG B 178 -14.69 29.79 21.87
CA ARG B 178 -16.01 30.05 21.34
C ARG B 178 -17.08 29.16 21.92
N ALA B 179 -16.75 27.89 22.14
CA ALA B 179 -17.69 26.94 22.77
C ALA B 179 -17.97 27.39 24.20
N MET B 180 -16.94 27.87 24.90
CA MET B 180 -17.14 28.39 26.25
C MET B 180 -18.05 29.60 26.24
N ALA B 181 -17.86 30.49 25.27
CA ALA B 181 -18.67 31.72 25.18
C ALA B 181 -20.14 31.35 25.02
N VAL B 182 -20.39 30.40 24.13
CA VAL B 182 -21.74 29.98 23.87
C VAL B 182 -22.42 29.38 25.13
N ASP B 183 -21.76 28.43 25.79
CA ASP B 183 -22.36 27.65 26.89
C ASP B 183 -22.43 28.45 28.17
N LEU B 184 -21.54 29.44 28.33
CA LEU B 184 -21.49 30.18 29.59
C LEU B 184 -22.25 31.50 29.59
N ALA B 185 -22.75 31.91 28.43
CA ALA B 185 -23.56 33.14 28.34
C ALA B 185 -24.77 33.12 29.29
N ARG B 186 -25.45 31.99 29.40
CA ARG B 186 -26.60 31.89 30.30
C ARG B 186 -26.21 32.02 31.77
N HIS B 187 -24.94 31.72 32.09
CA HIS B 187 -24.41 31.79 33.47
C HIS B 187 -23.73 33.07 33.80
N GLY B 188 -23.94 34.09 32.96
CA GLY B 188 -23.39 35.43 33.20
C GLY B 188 -21.88 35.55 33.03
N ILE B 189 -21.27 34.73 32.18
CA ILE B 189 -19.80 34.81 31.97
C ILE B 189 -19.50 35.10 30.49
N LEU B 190 -18.68 36.12 30.25
CA LEU B 190 -18.26 36.46 28.88
C LEU B 190 -16.85 35.88 28.64
N VAL B 191 -16.66 35.31 27.46
CA VAL B 191 -15.44 34.62 27.14
C VAL B 191 -14.85 35.10 25.81
N ASN B 192 -13.61 35.57 25.85
CA ASN B 192 -12.92 36.07 24.64
C ASN B 192 -11.46 35.65 24.61
N MET B 193 -10.85 35.67 23.42
CA MET B 193 -9.43 35.37 23.25
C MET B 193 -8.61 36.60 22.83
N ILE B 194 -7.35 36.66 23.26
CA ILE B 194 -6.42 37.66 22.75
C ILE B 194 -5.44 36.90 21.87
N ALA B 195 -5.23 37.39 20.64
CA ALA B 195 -4.32 36.71 19.71
C ALA B 195 -3.09 37.63 19.43
N PRO B 196 -2.01 37.49 20.23
CA PRO B 196 -0.75 38.22 19.90
C PRO B 196 0.01 37.69 18.70
N GLY B 197 0.61 38.62 17.96
CA GLY B 197 1.61 38.27 16.94
C GLY B 197 2.95 38.17 17.67
N PRO B 198 4.06 38.53 16.99
CA PRO B 198 5.35 38.45 17.66
C PRO B 198 5.47 39.44 18.83
N VAL B 199 5.91 38.94 19.97
CA VAL B 199 6.03 39.76 21.17
C VAL B 199 7.42 39.53 21.73
N ASP B 200 8.17 40.61 21.97
CA ASP B 200 9.52 40.50 22.54
C ASP B 200 9.40 40.44 24.05
N VAL B 201 9.83 39.31 24.62
CA VAL B 201 9.68 38.99 26.03
C VAL B 201 11.05 38.95 26.73
N THR B 202 12.09 39.46 26.06
CA THR B 202 13.45 39.46 26.61
C THR B 202 13.68 40.58 27.62
N GLY B 203 12.91 41.66 27.53
CA GLY B 203 13.18 42.88 28.31
C GLY B 203 14.43 43.58 27.78
N ASN B 204 14.97 43.05 26.71
CA ASN B 204 16.31 43.36 26.24
C ASN B 204 16.32 43.86 24.81
N ASN B 205 15.14 43.96 24.22
CA ASN B 205 15.00 44.11 22.79
C ASN B 205 15.96 43.22 22.01
N THR B 206 16.02 41.93 22.37
CA THR B 206 16.81 40.92 21.65
C THR B 206 16.03 39.68 21.21
N GLY B 207 14.70 39.65 21.45
CA GLY B 207 13.88 38.47 21.11
C GLY B 207 13.89 38.08 19.62
N TYR B 208 13.87 39.08 18.74
CA TYR B 208 13.76 38.86 17.30
C TYR B 208 14.95 39.44 16.57
N SER B 209 16.13 39.29 17.18
CA SER B 209 17.34 39.93 16.66
C SER B 209 18.16 39.06 15.71
N GLU B 210 17.92 37.75 15.67
CA GLU B 210 18.56 36.92 14.66
C GLU B 210 18.29 37.57 13.28
N PRO B 211 19.35 37.73 12.44
CA PRO B 211 19.21 38.57 11.24
C PRO B 211 18.13 38.17 10.20
N ARG B 212 18.00 36.89 9.90
CA ARG B 212 16.95 36.43 8.97
C ARG B 212 15.55 36.69 9.56
N LEU B 213 15.39 36.40 10.86
CA LEU B 213 14.16 36.64 11.57
C LEU B 213 13.80 38.12 11.58
N ALA B 214 14.77 38.98 11.89
CA ALA B 214 14.52 40.42 11.99
C ALA B 214 14.05 40.93 10.64
N GLU B 215 14.67 40.45 9.56
CA GLU B 215 14.30 40.80 8.19
C GLU B 215 12.83 40.38 7.88
N GLN B 216 12.43 39.18 8.31
CA GLN B 216 11.05 38.70 8.06
C GLN B 216 10.01 39.45 8.90
N VAL B 217 10.40 39.92 10.08
CA VAL B 217 9.52 40.72 10.90
C VAL B 217 9.26 42.05 10.20
N LEU B 218 10.31 42.65 9.64
CA LEU B 218 10.17 43.90 8.87
C LEU B 218 9.26 43.71 7.61
N ASP B 219 9.39 42.58 6.95
CA ASP B 219 8.56 42.26 5.82
C ASP B 219 7.09 41.95 6.22
N GLU B 220 6.89 41.13 7.24
CA GLU B 220 5.54 40.61 7.52
C GLU B 220 4.68 41.37 8.54
N VAL B 221 5.31 42.16 9.38
CA VAL B 221 4.58 42.98 10.35
C VAL B 221 4.50 44.41 9.81
N ALA B 222 3.29 44.96 9.67
CA ALA B 222 3.15 46.31 9.08
C ALA B 222 3.89 47.37 9.89
N LEU B 223 3.84 47.26 11.21
CA LEU B 223 4.55 48.21 12.09
C LEU B 223 6.06 47.90 12.19
N GLY B 224 6.51 46.80 11.59
CA GLY B 224 7.94 46.58 11.40
C GLY B 224 8.71 46.19 12.63
N ARG B 225 8.02 45.73 13.66
CA ARG B 225 8.68 45.36 14.91
C ARG B 225 7.83 44.35 15.67
N PRO B 226 8.44 43.65 16.65
CA PRO B 226 7.66 42.90 17.62
C PRO B 226 6.97 43.80 18.64
N GLY B 227 5.92 43.28 19.25
CA GLY B 227 5.19 43.97 20.30
C GLY B 227 5.87 43.82 21.65
N LEU B 228 5.43 44.63 22.60
CA LEU B 228 5.82 44.49 23.99
C LEU B 228 4.69 43.90 24.80
N PRO B 229 5.02 43.17 25.87
CA PRO B 229 3.99 42.53 26.72
C PRO B 229 2.89 43.48 27.19
N GLU B 230 3.27 44.72 27.49
CA GLU B 230 2.34 45.77 27.91
C GLU B 230 1.31 46.04 26.81
N GLU B 231 1.74 45.98 25.55
CA GLU B 231 0.82 46.19 24.44
C GLU B 231 -0.26 45.11 24.30
N VAL B 232 -0.05 43.94 24.89
CA VAL B 232 -1.06 42.89 24.95
C VAL B 232 -1.94 43.02 26.21
N ALA B 233 -1.31 43.29 27.35
CA ALA B 233 -2.01 43.42 28.64
C ALA B 233 -3.13 44.44 28.60
N THR B 234 -2.94 45.52 27.88
CA THR B 234 -3.98 46.53 27.78
C THR B 234 -5.34 45.91 27.37
N ALA B 235 -5.31 44.94 26.47
CA ALA B 235 -6.52 44.28 25.98
C ALA B 235 -7.16 43.39 27.05
N ALA B 236 -6.35 42.85 27.95
CA ALA B 236 -6.85 42.07 29.09
C ALA B 236 -7.65 42.94 30.05
N VAL B 237 -7.24 44.20 30.21
CA VAL B 237 -8.02 45.18 30.99
C VAL B 237 -9.34 45.50 30.29
N PHE B 238 -9.26 45.80 28.99
CA PHE B 238 -10.46 46.12 28.21
C PHE B 238 -11.52 45.02 28.30
N LEU B 239 -11.10 43.79 28.12
CA LEU B 239 -12.02 42.67 28.10
C LEU B 239 -12.55 42.30 29.52
N ALA B 240 -11.84 42.73 30.57
CA ALA B 240 -12.25 42.47 31.95
C ALA B 240 -13.19 43.55 32.55
N GLU B 241 -13.22 44.76 31.97
CA GLU B 241 -13.97 45.87 32.56
C GLU B 241 -15.46 45.79 32.24
N ASP B 242 -16.25 46.51 33.05
CA ASP B 242 -17.71 46.50 32.98
C ASP B 242 -18.23 46.92 31.61
N GLY B 243 -17.55 47.85 30.96
CA GLY B 243 -18.01 48.42 29.69
C GLY B 243 -18.09 47.43 28.54
N SER B 244 -17.34 46.32 28.62
CA SER B 244 -17.27 45.32 27.56
C SER B 244 -18.35 44.23 27.66
N SER B 245 -19.54 44.65 28.07
CA SER B 245 -20.58 43.74 28.47
C SER B 245 -21.34 43.11 27.28
N PHE B 246 -21.11 43.56 26.04
CA PHE B 246 -21.70 42.87 24.86
C PHE B 246 -20.67 42.13 24.00
N ILE B 247 -19.49 41.94 24.55
CA ILE B 247 -18.38 41.34 23.82
C ILE B 247 -18.16 39.93 24.33
N THR B 248 -18.49 38.93 23.51
CA THR B 248 -18.22 37.54 23.87
C THR B 248 -18.09 36.67 22.61
N GLY B 249 -17.26 35.63 22.74
CA GLY B 249 -16.97 34.72 21.64
C GLY B 249 -16.01 35.31 20.59
N SER B 250 -15.33 36.41 20.90
CA SER B 250 -14.55 37.13 19.91
C SER B 250 -13.06 37.03 20.17
N THR B 251 -12.29 37.55 19.22
CA THR B 251 -10.85 37.62 19.31
C THR B 251 -10.36 39.08 19.15
N ILE B 252 -9.44 39.51 20.00
CA ILE B 252 -8.75 40.75 19.80
C ILE B 252 -7.34 40.37 19.33
N THR B 253 -7.00 40.77 18.12
CA THR B 253 -5.72 40.44 17.54
C THR B 253 -4.75 41.59 17.71
N ILE B 254 -3.56 41.29 18.19
CA ILE B 254 -2.57 42.32 18.57
C ILE B 254 -1.25 41.94 17.96
N ASP B 255 -1.09 42.27 16.68
CA ASP B 255 0.00 41.75 15.89
C ASP B 255 0.71 42.75 14.93
N GLY B 256 0.49 44.06 15.12
CA GLY B 256 1.10 45.07 14.28
C GLY B 256 0.79 44.93 12.79
N GLY B 257 -0.36 44.31 12.47
CA GLY B 257 -0.81 44.15 11.12
C GLY B 257 -0.37 42.87 10.45
N LEU B 258 0.31 41.99 11.16
CA LEU B 258 0.74 40.74 10.55
C LEU B 258 -0.38 40.02 9.78
N SER B 259 -1.50 39.76 10.45
CA SER B 259 -2.54 38.91 9.86
C SER B 259 -3.42 39.64 8.88
N ALA B 260 -3.26 40.96 8.77
CA ALA B 260 -3.99 41.78 7.82
C ALA B 260 -3.29 41.94 6.44
N MET B 261 -2.03 41.57 6.32
CA MET B 261 -1.20 41.95 5.17
C MET B 261 -0.67 40.74 4.41
N ILE B 262 -0.60 40.83 3.09
CA ILE B 262 0.19 39.90 2.29
C ILE B 262 1.22 40.66 1.44
N PHE B 263 2.34 40.03 1.11
CA PHE B 263 3.40 40.69 0.30
C PHE B 263 3.89 42.02 0.90
N GLY B 264 3.97 42.07 2.22
CA GLY B 264 4.48 43.21 2.93
C GLY B 264 5.93 43.53 2.59
N GLY B 265 6.71 42.54 2.18
CA GLY B 265 8.08 42.82 1.73
C GLY B 265 8.15 43.71 0.48
N MET B 266 7.02 43.83 -0.25
CA MET B 266 6.96 44.64 -1.46
C MET B 266 6.56 46.09 -1.21
N ARG B 267 6.20 46.46 0.02
CA ARG B 267 5.72 47.81 0.30
C ARG B 267 6.80 48.84 0.26
N GLU B 268 6.40 50.09 -0.02
CA GLU B 268 7.30 51.24 -0.08
C GLU B 268 7.89 51.39 1.28
N GLY B 269 9.21 51.49 1.35
CA GLY B 269 9.90 51.59 2.62
C GLY B 269 10.62 50.31 2.94
N ARG B 270 10.21 49.20 2.32
CA ARG B 270 10.82 47.89 2.51
C ARG B 270 11.56 47.42 1.28
N ARG B 271 10.90 47.50 0.12
CA ARG B 271 11.56 47.11 -1.13
C ARG B 271 12.69 48.08 -1.47
N GLY C 11 46.21 29.85 50.13
CA GLY C 11 46.68 28.93 49.05
C GLY C 11 45.52 28.21 48.38
N ARG C 12 45.71 27.87 47.11
CA ARG C 12 44.64 27.31 46.28
C ARG C 12 44.21 25.91 46.68
N LEU C 13 45.03 25.22 47.46
CA LEU C 13 44.70 23.89 47.96
C LEU C 13 44.60 23.87 49.51
N ALA C 14 44.23 25.03 50.08
CA ALA C 14 44.28 25.23 51.54
C ALA C 14 43.41 24.21 52.23
N GLY C 15 44.01 23.38 53.08
CA GLY C 15 43.27 22.41 53.88
C GLY C 15 42.96 21.09 53.21
N LYS C 16 43.43 20.88 51.98
CA LYS C 16 43.17 19.62 51.29
C LYS C 16 44.22 18.57 51.65
N ALA C 17 43.79 17.32 51.70
CA ALA C 17 44.68 16.18 51.97
C ALA C 17 45.06 15.51 50.63
N ALA C 18 46.37 15.41 50.35
CA ALA C 18 46.85 14.88 49.07
C ALA C 18 47.87 13.77 49.25
N ILE C 19 47.76 12.71 48.44
CA ILE C 19 48.83 11.72 48.26
C ILE C 19 49.47 11.92 46.85
N VAL C 20 50.79 12.05 46.79
CA VAL C 20 51.54 12.06 45.56
C VAL C 20 52.46 10.83 45.51
N THR C 21 52.24 9.93 44.53
CA THR C 21 53.16 8.81 44.30
C THR C 21 54.29 9.20 43.34
N GLY C 22 55.37 8.41 43.32
CA GLY C 22 56.60 8.75 42.62
C GLY C 22 57.20 10.04 43.12
N ALA C 23 57.02 10.33 44.43
CA ALA C 23 57.30 11.66 44.97
C ALA C 23 58.77 12.00 45.11
N ALA C 24 59.67 11.02 44.99
CA ALA C 24 61.10 11.31 44.95
C ALA C 24 61.54 11.81 43.54
N GLY C 25 60.97 11.23 42.47
CA GLY C 25 61.27 11.64 41.09
C GLY C 25 60.90 13.08 40.72
N GLY C 26 61.49 13.59 39.64
CA GLY C 26 61.29 14.95 39.13
C GLY C 26 59.88 15.53 39.23
N ILE C 27 58.96 15.03 38.41
CA ILE C 27 57.60 15.53 38.38
C ILE C 27 56.88 15.37 39.76
N GLY C 28 57.02 14.20 40.36
CA GLY C 28 56.40 13.93 41.67
C GLY C 28 56.91 14.88 42.74
N ARG C 29 58.22 15.11 42.74
CA ARG C 29 58.85 16.04 43.65
C ARG C 29 58.34 17.46 43.43
N ALA C 30 58.33 17.92 42.18
CA ALA C 30 57.83 19.27 41.90
C ALA C 30 56.39 19.41 42.36
N THR C 31 55.62 18.32 42.26
CA THR C 31 54.21 18.37 42.63
C THR C 31 54.03 18.46 44.18
N VAL C 32 54.75 17.62 44.92
CA VAL C 32 54.79 17.75 46.39
C VAL C 32 55.08 19.20 46.82
N GLU C 33 56.09 19.81 46.22
CA GLU C 33 56.48 21.19 46.56
C GLU C 33 55.39 22.22 46.20
N ALA C 34 54.79 22.10 45.02
CA ALA C 34 53.72 23.02 44.61
C ALA C 34 52.49 22.84 45.51
N TYR C 35 52.20 21.60 45.90
CA TYR C 35 51.06 21.32 46.76
C TYR C 35 51.25 21.89 48.18
N LEU C 36 52.44 21.71 48.77
CA LEU C 36 52.78 22.29 50.07
C LEU C 36 52.72 23.83 50.01
N ARG C 37 53.32 24.41 48.99
CA ARG C 37 53.23 25.84 48.75
C ARG C 37 51.78 26.37 48.62
N GLU C 38 50.83 25.54 48.21
CA GLU C 38 49.45 25.98 48.03
C GLU C 38 48.53 25.56 49.18
N GLY C 39 49.15 25.11 50.28
CA GLY C 39 48.42 24.93 51.54
C GLY C 39 47.89 23.55 51.83
N ALA C 40 48.29 22.55 51.06
CA ALA C 40 47.79 21.20 51.24
C ALA C 40 48.65 20.46 52.26
N SER C 41 48.06 19.44 52.86
CA SER C 41 48.80 18.45 53.61
C SER C 41 49.14 17.35 52.61
N VAL C 42 50.40 16.93 52.58
CA VAL C 42 50.89 16.05 51.54
C VAL C 42 51.66 14.85 52.05
N VAL C 43 51.22 13.65 51.69
CA VAL C 43 52.05 12.48 51.81
C VAL C 43 52.90 12.35 50.53
N ALA C 44 54.20 12.13 50.70
CA ALA C 44 55.10 11.85 49.60
C ALA C 44 55.43 10.37 49.62
N MET C 45 54.97 9.66 48.61
CA MET C 45 55.13 8.23 48.54
C MET C 45 56.10 7.82 47.42
N ASP C 46 57.06 6.97 47.75
CA ASP C 46 58.01 6.44 46.77
C ASP C 46 58.82 5.29 47.43
N LEU C 47 59.76 4.70 46.69
CA LEU C 47 60.61 3.65 47.27
C LEU C 47 61.38 4.20 48.47
N ALA C 48 61.60 3.33 49.47
CA ALA C 48 62.24 3.74 50.73
C ALA C 48 63.58 4.41 50.49
N PRO C 49 64.47 3.76 49.71
CA PRO C 49 65.77 4.38 49.42
C PRO C 49 65.63 5.79 48.85
N ARG C 50 64.76 5.94 47.84
CA ARG C 50 64.61 7.20 47.13
C ARG C 50 64.12 8.31 48.07
N LEU C 51 63.12 8.01 48.89
CA LEU C 51 62.64 8.96 49.90
C LEU C 51 63.78 9.38 50.83
N ALA C 52 64.60 8.41 51.23
CA ALA C 52 65.75 8.67 52.10
C ALA C 52 66.69 9.68 51.44
N ALA C 53 66.89 9.54 50.12
CA ALA C 53 67.83 10.36 49.38
C ALA C 53 67.29 11.71 48.88
N THR C 54 66.06 12.09 49.21
CA THR C 54 65.50 13.35 48.66
C THR C 54 65.27 14.41 49.72
N ARG C 55 65.36 15.67 49.31
CA ARG C 55 65.02 16.81 50.14
C ARG C 55 64.02 17.66 49.37
N TYR C 56 63.05 18.24 50.07
CA TYR C 56 62.07 19.12 49.45
C TYR C 56 62.39 20.56 49.83
N GLU C 57 62.21 21.49 48.89
CA GLU C 57 62.45 22.91 49.15
C GLU C 57 61.32 23.55 49.96
N GLU C 58 60.28 22.79 50.27
CA GLU C 58 59.17 23.25 51.10
C GLU C 58 58.98 22.27 52.26
N PRO C 59 58.61 22.78 53.45
CA PRO C 59 58.45 21.91 54.62
C PRO C 59 57.06 21.34 54.78
N GLY C 60 56.94 20.18 55.42
CA GLY C 60 55.62 19.61 55.73
C GLY C 60 55.32 18.24 55.15
N ALA C 61 56.13 17.77 54.21
CA ALA C 61 55.87 16.49 53.54
C ALA C 61 55.89 15.32 54.52
N ILE C 62 54.90 14.44 54.42
CA ILE C 62 54.88 13.23 55.22
C ILE C 62 55.36 12.06 54.38
N PRO C 63 56.63 11.65 54.54
CA PRO C 63 57.13 10.55 53.71
C PRO C 63 56.54 9.20 54.12
N ILE C 64 56.17 8.38 53.14
CA ILE C 64 55.68 7.02 53.39
C ILE C 64 56.19 6.12 52.28
N ALA C 65 57.00 5.13 52.67
CA ALA C 65 57.61 4.20 51.72
C ALA C 65 56.55 3.29 51.11
N CYS C 66 56.74 2.97 49.83
CA CYS C 66 55.87 2.03 49.14
C CYS C 66 56.60 1.36 47.98
N ASP C 67 55.92 0.38 47.37
CA ASP C 67 56.52 -0.44 46.33
C ASP C 67 55.51 -0.77 45.20
N LEU C 68 55.38 0.17 44.26
CA LEU C 68 54.47 0.02 43.11
C LEU C 68 54.88 -1.17 42.25
N ASP C 70 53.93 -6.04 45.19
CA ASP C 70 53.50 -4.67 44.95
C ASP C 70 52.18 -4.44 45.67
N ARG C 71 51.28 -5.39 45.51
CA ARG C 71 49.88 -5.08 45.78
C ARG C 71 49.57 -4.95 47.28
N ALA C 72 50.07 -5.90 48.07
CA ALA C 72 49.97 -5.81 49.52
C ALA C 72 50.64 -4.51 49.98
N ALA C 73 51.83 -4.23 49.44
CA ALA C 73 52.56 -3.01 49.77
C ALA C 73 51.75 -1.75 49.48
N ILE C 74 51.11 -1.70 48.33
CA ILE C 74 50.33 -0.51 47.92
C ILE C 74 49.17 -0.25 48.89
N ASP C 75 48.39 -1.29 49.19
CA ASP C 75 47.29 -1.14 50.14
C ASP C 75 47.74 -0.67 51.52
N ALA C 76 48.82 -1.27 52.02
CA ALA C 76 49.37 -0.91 53.32
C ALA C 76 49.78 0.54 53.35
N ALA C 77 50.55 0.96 52.34
CA ALA C 77 51.04 2.34 52.27
C ALA C 77 49.88 3.34 52.14
N MET C 78 48.86 3.00 51.35
CA MET C 78 47.70 3.90 51.17
C MET C 78 46.86 4.01 52.46
N ALA C 79 46.64 2.88 53.14
CA ALA C 79 45.89 2.90 54.41
C ALA C 79 46.63 3.78 55.43
N ASP C 80 47.95 3.58 55.54
CA ASP C 80 48.78 4.37 56.44
C ASP C 80 48.69 5.87 56.10
N ALA C 81 48.81 6.18 54.81
CA ALA C 81 48.75 7.58 54.35
C ALA C 81 47.41 8.24 54.71
N VAL C 82 46.31 7.55 54.48
CA VAL C 82 45.00 8.12 54.75
C VAL C 82 44.77 8.31 56.25
N ALA C 83 45.25 7.33 57.03
CA ALA C 83 45.21 7.40 58.49
C ALA C 83 45.90 8.68 58.94
N ARG C 84 47.12 8.93 58.43
CA ARG C 84 47.88 10.11 58.88
C ARG C 84 47.34 11.45 58.41
N LEU C 85 46.61 11.46 57.29
CA LEU C 85 46.05 12.71 56.76
C LEU C 85 44.69 12.96 57.36
N GLY C 86 44.01 11.88 57.77
CA GLY C 86 42.66 11.99 58.31
C GLY C 86 41.63 12.08 57.22
N GLY C 87 41.95 11.49 56.06
CA GLY C 87 41.08 11.55 54.88
C GLY C 87 41.90 11.61 53.59
N LEU C 88 41.23 11.97 52.49
CA LEU C 88 41.87 12.04 51.17
C LEU C 88 41.04 12.83 50.17
N ASP C 89 41.56 13.97 49.73
CA ASP C 89 40.91 14.81 48.73
C ASP C 89 41.52 14.69 47.32
N ILE C 90 42.85 14.46 47.26
CA ILE C 90 43.61 14.49 46.02
C ILE C 90 44.60 13.33 45.96
N LEU C 91 44.56 12.56 44.86
CA LEU C 91 45.60 11.57 44.52
C LEU C 91 46.30 11.95 43.20
N VAL C 92 47.64 12.06 43.20
CA VAL C 92 48.44 12.19 41.98
C VAL C 92 49.22 10.89 41.81
N ALA C 93 48.85 10.08 40.84
CA ALA C 93 49.50 8.78 40.61
C ALA C 93 50.64 8.98 39.61
N GLY C 94 51.81 9.31 40.17
CA GLY C 94 53.01 9.65 39.41
C GLY C 94 54.08 8.57 39.35
N GLY C 95 53.86 7.45 40.05
CA GLY C 95 54.80 6.34 40.01
C GLY C 95 54.87 5.76 38.61
N ALA C 96 56.09 5.55 38.10
CA ALA C 96 56.30 5.06 36.73
C ALA C 96 57.75 4.61 36.42
N LEU C 97 57.87 3.46 35.78
CA LEU C 97 59.11 3.05 35.13
C LEU C 97 59.19 3.68 33.75
N LYS C 98 60.29 4.36 33.45
CA LYS C 98 60.48 4.97 32.13
C LYS C 98 61.56 4.19 31.36
N GLY C 99 61.77 4.55 30.11
CA GLY C 99 62.85 3.96 29.33
C GLY C 99 62.38 2.98 28.27
N GLY C 100 63.22 2.82 27.25
CA GLY C 100 62.99 1.85 26.17
C GLY C 100 63.79 0.57 26.35
N THR C 101 63.59 -0.36 25.44
CA THR C 101 64.22 -1.66 25.54
C THR C 101 64.99 -2.03 24.28
N GLY C 102 64.51 -1.62 23.12
CA GLY C 102 65.00 -2.11 21.85
C GLY C 102 63.82 -2.33 20.92
N ASN C 103 64.09 -2.87 19.74
CA ASN C 103 63.04 -3.14 18.77
C ASN C 103 61.99 -4.14 19.29
N PHE C 104 60.76 -3.96 18.84
CA PHE C 104 59.66 -4.82 19.23
C PHE C 104 59.93 -6.31 18.93
N LEU C 105 60.62 -6.60 17.84
CA LEU C 105 60.99 -7.98 17.53
C LEU C 105 61.73 -8.74 18.64
N ASP C 106 62.53 -8.01 19.43
CA ASP C 106 63.37 -8.57 20.48
C ASP C 106 62.85 -8.25 21.87
N LEU C 107 61.59 -7.76 21.98
CA LEU C 107 61.07 -7.40 23.28
C LEU C 107 60.78 -8.68 24.10
N SER C 108 61.37 -8.78 25.27
CA SER C 108 61.22 -9.98 26.08
C SER C 108 59.98 -9.93 26.96
N ASP C 109 59.51 -11.12 27.35
CA ASP C 109 58.39 -11.27 28.31
C ASP C 109 58.65 -10.51 29.61
N ALA C 110 59.88 -10.59 30.10
CA ALA C 110 60.24 -9.93 31.35
C ALA C 110 60.11 -8.39 31.26
N ASP C 111 60.57 -7.80 30.15
CA ASP C 111 60.43 -6.34 29.97
C ASP C 111 58.97 -5.91 29.78
N TRP C 112 58.24 -6.66 28.95
CA TRP C 112 56.78 -6.45 28.79
C TRP C 112 56.11 -6.44 30.14
N ASP C 113 56.26 -7.54 30.91
CA ASP C 113 55.58 -7.70 32.20
C ASP C 113 55.94 -6.62 33.19
N ARG C 114 57.19 -6.19 33.16
CA ARG C 114 57.62 -5.18 34.12
C ARG C 114 56.95 -3.83 33.87
N TYR C 115 56.88 -3.43 32.60
CA TYR C 115 56.28 -2.12 32.26
C TYR C 115 54.75 -2.16 32.47
N VAL C 116 54.11 -3.24 32.05
CA VAL C 116 52.66 -3.37 32.25
C VAL C 116 52.33 -3.50 33.75
N ASP C 117 53.01 -4.39 34.47
CA ASP C 117 52.77 -4.55 35.92
C ASP C 117 53.07 -3.32 36.76
N VAL C 118 54.18 -2.65 36.53
CA VAL C 118 54.50 -1.46 37.32
C VAL C 118 53.68 -0.24 36.91
N ASN C 119 53.63 0.07 35.63
CA ASN C 119 53.00 1.34 35.19
C ASN C 119 51.48 1.30 35.02
N MET C 120 50.96 0.23 34.44
CA MET C 120 49.51 0.08 34.25
C MET C 120 48.85 -0.46 35.52
N THR C 121 49.18 -1.67 35.95
CA THR C 121 48.57 -2.30 37.12
C THR C 121 48.88 -1.55 38.43
N GLY C 122 50.08 -1.02 38.55
CA GLY C 122 50.41 -0.22 39.73
C GLY C 122 49.56 1.03 39.87
N THR C 123 49.34 1.71 38.73
CA THR C 123 48.45 2.88 38.69
C THR C 123 47.00 2.49 39.01
N PHE C 124 46.53 1.37 38.44
CA PHE C 124 45.18 0.85 38.76
C PHE C 124 45.00 0.60 40.27
N LEU C 125 45.92 -0.17 40.88
CA LEU C 125 45.84 -0.53 42.30
C LEU C 125 45.89 0.71 43.21
N THR C 126 46.78 1.64 42.89
CA THR C 126 46.86 2.90 43.63
C THR C 126 45.56 3.71 43.52
N CYS C 127 45.03 3.81 42.30
CA CYS C 127 43.82 4.63 42.07
C CYS C 127 42.55 4.03 42.65
N ARG C 128 42.44 2.68 42.60
CA ARG C 128 41.30 2.00 43.24
C ARG C 128 41.35 2.24 44.78
N ALA C 129 42.50 2.05 45.37
CA ALA C 129 42.67 2.31 46.81
C ALA C 129 42.33 3.75 47.14
N GLY C 130 42.84 4.67 46.33
CA GLY C 130 42.58 6.09 46.54
C GLY C 130 41.09 6.41 46.43
N ALA C 131 40.45 5.87 45.41
CA ALA C 131 39.07 6.21 45.15
C ALA C 131 38.19 5.74 46.31
N ARG C 132 38.42 4.51 46.76
CA ARG C 132 37.67 3.92 47.88
C ARG C 132 37.87 4.75 49.13
N ALA C 133 39.10 5.16 49.41
CA ALA C 133 39.34 6.03 50.57
C ALA C 133 38.62 7.37 50.44
N MET C 134 38.57 7.93 49.23
CA MET C 134 37.89 9.20 49.01
C MET C 134 36.40 9.07 49.31
N VAL C 135 35.79 7.98 48.84
CA VAL C 135 34.39 7.71 49.11
C VAL C 135 34.17 7.51 50.63
N ALA C 136 34.95 6.63 51.23
CA ALA C 136 34.90 6.42 52.69
C ALA C 136 35.01 7.75 53.44
N ALA C 137 35.82 8.68 52.94
CA ALA C 137 36.01 9.97 53.62
C ALA C 137 34.94 11.01 53.26
N GLY C 138 33.95 10.65 52.46
CA GLY C 138 32.81 11.53 52.18
C GLY C 138 32.92 12.44 50.96
N ALA C 139 33.65 12.00 49.94
CA ALA C 139 33.76 12.77 48.69
C ALA C 139 32.39 13.22 48.15
N GLY C 140 32.24 14.52 47.90
CA GLY C 140 31.02 15.07 47.34
C GLY C 140 30.12 15.75 48.36
N ARG C 144 31.55 19.74 46.77
CA ARG C 144 32.84 19.72 46.10
C ARG C 144 33.33 18.28 45.88
N SER C 145 34.19 18.10 44.90
CA SER C 145 34.58 16.75 44.48
C SER C 145 36.04 16.45 44.79
N ALA C 146 36.30 15.19 45.12
CA ALA C 146 37.69 14.70 45.22
C ALA C 146 38.31 14.65 43.81
N ARG C 147 39.62 14.44 43.73
CA ARG C 147 40.34 14.58 42.46
C ARG C 147 41.39 13.49 42.28
N ILE C 148 41.29 12.74 41.18
CA ILE C 148 42.34 11.81 40.81
C ILE C 148 43.06 12.32 39.54
N ILE C 149 44.38 12.40 39.61
CA ILE C 149 45.24 12.91 38.53
C ILE C 149 46.28 11.86 38.22
N THR C 150 46.24 11.33 36.98
CA THR C 150 47.22 10.37 36.51
C THR C 150 48.28 11.08 35.64
N ILE C 151 49.52 10.57 35.69
CA ILE C 151 50.60 11.10 34.84
C ILE C 151 50.83 10.11 33.71
N GLY C 152 50.39 10.45 32.51
CA GLY C 152 50.61 9.61 31.34
C GLY C 152 51.80 10.20 30.59
N SER C 153 51.62 10.46 29.30
CA SER C 153 52.71 10.88 28.42
C SER C 153 52.13 11.22 27.03
N VAL C 154 52.87 11.97 26.23
CA VAL C 154 52.55 12.04 24.80
C VAL C 154 52.55 10.63 24.19
N ASN C 155 53.32 9.72 24.79
CA ASN C 155 53.32 8.29 24.41
C ASN C 155 52.01 7.55 24.73
N SER C 156 51.09 8.19 25.44
CA SER C 156 49.71 7.68 25.54
C SER C 156 48.92 7.77 24.21
N PHE C 157 49.44 8.55 23.25
CA PHE C 157 48.78 8.83 21.97
C PHE C 157 49.64 8.59 20.73
N MET C 158 50.93 8.84 20.83
CA MET C 158 51.86 8.64 19.71
C MET C 158 53.11 7.94 20.17
N ALA C 159 53.64 7.03 19.34
CA ALA C 159 54.71 6.13 19.78
C ALA C 159 56.13 6.67 19.49
N GLU C 160 57.01 6.62 20.50
CA GLU C 160 58.46 6.72 20.28
C GLU C 160 58.95 5.39 19.78
N PRO C 161 60.13 5.39 19.14
CA PRO C 161 60.74 4.11 18.73
C PRO C 161 61.33 3.33 19.88
N GLU C 162 61.30 2.00 19.74
CA GLU C 162 62.02 1.09 20.65
C GLU C 162 61.59 1.16 22.12
N ALA C 163 60.29 1.31 22.35
CA ALA C 163 59.79 1.39 23.70
C ALA C 163 58.33 0.87 23.78
N ALA C 164 58.07 -0.22 23.08
CA ALA C 164 56.68 -0.69 22.88
C ALA C 164 55.97 -1.04 24.18
N ALA C 165 56.72 -1.52 25.16
CA ALA C 165 56.14 -1.92 26.44
C ALA C 165 55.72 -0.69 27.23
N TYR C 166 56.61 0.28 27.35
CA TYR C 166 56.28 1.58 27.94
C TYR C 166 55.11 2.31 27.22
N VAL C 167 55.11 2.29 25.87
CA VAL C 167 54.10 3.01 25.08
C VAL C 167 52.72 2.37 25.25
N ALA C 168 52.65 1.04 25.13
CA ALA C 168 51.41 0.29 25.40
C ALA C 168 50.85 0.59 26.81
N ALA C 169 51.68 0.49 27.83
CA ALA C 169 51.26 0.81 29.19
C ALA C 169 50.67 2.23 29.32
N LYS C 170 51.29 3.19 28.65
CA LYS C 170 50.75 4.58 28.63
C LYS C 170 49.37 4.74 27.93
N GLY C 171 49.11 3.97 26.87
CA GLY C 171 47.79 3.93 26.30
C GLY C 171 46.78 3.33 27.28
N GLY C 172 47.22 2.30 28.01
CA GLY C 172 46.43 1.67 29.02
C GLY C 172 46.05 2.64 30.11
N VAL C 173 47.03 3.40 30.58
CA VAL C 173 46.78 4.43 31.61
C VAL C 173 45.80 5.50 31.11
N ALA C 174 45.93 5.89 29.84
CA ALA C 174 45.01 6.91 29.27
C ALA C 174 43.56 6.44 29.28
N MET C 175 43.31 5.21 28.85
CA MET C 175 41.92 4.72 28.84
C MET C 175 41.42 4.35 30.25
N LEU C 176 42.30 3.86 31.11
CA LEU C 176 41.94 3.66 32.51
C LEU C 176 41.43 4.98 33.09
N THR C 177 42.12 6.06 32.74
CA THR C 177 41.74 7.37 33.27
C THR C 177 40.30 7.72 32.86
N ARG C 178 39.98 7.48 31.59
CA ARG C 178 38.65 7.81 31.10
C ARG C 178 37.58 6.94 31.71
N ALA C 179 37.87 5.66 31.88
CA ALA C 179 36.93 4.69 32.48
C ALA C 179 36.70 5.09 33.92
N MET C 180 37.75 5.50 34.62
CA MET C 180 37.64 6.00 36.00
C MET C 180 36.78 7.27 36.10
N ALA C 181 36.95 8.19 35.15
CA ALA C 181 36.14 9.41 35.12
C ALA C 181 34.65 9.08 35.00
N VAL C 182 34.32 8.20 34.06
CA VAL C 182 32.96 7.81 33.85
C VAL C 182 32.33 7.16 35.10
N ASP C 183 33.00 6.16 35.69
CA ASP C 183 32.43 5.37 36.79
C ASP C 183 32.41 6.12 38.12
N LEU C 184 33.34 7.06 38.30
CA LEU C 184 33.46 7.77 39.57
C LEU C 184 32.76 9.13 39.65
N ALA C 185 32.22 9.61 38.54
CA ALA C 185 31.47 10.85 38.52
C ALA C 185 30.30 10.80 39.51
N ARG C 186 29.58 9.68 39.57
CA ARG C 186 28.46 9.59 40.52
C ARG C 186 28.90 9.66 42.00
N HIS C 187 30.16 9.31 42.26
CA HIS C 187 30.74 9.29 43.61
C HIS C 187 31.47 10.54 43.99
N GLY C 188 31.27 11.60 43.20
CA GLY C 188 31.92 12.89 43.49
C GLY C 188 33.43 12.95 43.30
N ILE C 189 33.98 12.18 42.35
CA ILE C 189 35.41 12.22 42.06
C ILE C 189 35.69 12.57 40.59
N LEU C 190 36.54 13.57 40.36
CA LEU C 190 36.92 13.96 39.01
C LEU C 190 38.28 13.36 38.68
N VAL C 191 38.41 12.81 37.46
CA VAL C 191 39.59 12.11 37.08
C VAL C 191 40.14 12.62 35.76
N ASN C 192 41.41 13.04 35.76
CA ASN C 192 42.08 13.55 34.55
C ASN C 192 43.53 13.08 34.45
N MET C 193 44.08 13.15 33.24
CA MET C 193 45.48 12.82 32.97
C MET C 193 46.31 14.05 32.58
N ILE C 194 47.59 14.06 32.98
CA ILE C 194 48.55 15.03 32.49
C ILE C 194 49.47 14.26 31.54
N ALA C 195 49.63 14.78 30.31
CA ALA C 195 50.49 14.12 29.32
C ALA C 195 51.73 15.00 29.03
N PRO C 196 52.86 14.76 29.75
CA PRO C 196 54.11 15.51 29.45
C PRO C 196 54.81 15.05 28.21
N GLY C 197 55.41 15.98 27.49
CA GLY C 197 56.39 15.64 26.46
C GLY C 197 57.75 15.43 27.12
N PRO C 198 58.83 15.76 26.42
CA PRO C 198 60.13 15.64 27.04
C PRO C 198 60.29 16.57 28.28
N VAL C 199 60.75 16.02 29.38
CA VAL C 199 60.97 16.78 30.60
C VAL C 199 62.35 16.46 31.13
N ASP C 200 63.16 17.50 31.39
CA ASP C 200 64.52 17.30 31.88
C ASP C 200 64.44 17.16 33.38
N VAL C 201 64.85 16.00 33.87
CA VAL C 201 64.77 15.65 35.27
C VAL C 201 66.17 15.54 35.92
N THR C 202 67.19 16.04 35.22
CA THR C 202 68.56 15.96 35.71
C THR C 202 68.86 17.02 36.77
N GLY C 203 68.15 18.14 36.76
CA GLY C 203 68.52 19.30 37.57
C GLY C 203 69.78 19.98 37.03
N ASN C 204 70.25 19.48 35.89
CA ASN C 204 71.57 19.77 35.38
C ASN C 204 71.51 20.28 33.95
N ASN C 205 70.30 20.31 33.39
CA ASN C 205 70.07 20.63 31.99
C ASN C 205 70.87 19.71 31.08
N THR C 206 71.07 18.47 31.48
CA THR C 206 71.80 17.50 30.68
C THR C 206 70.94 16.30 30.24
N GLY C 207 69.65 16.30 30.55
CA GLY C 207 68.76 15.17 30.19
C GLY C 207 68.67 14.84 28.69
N TYR C 208 68.70 15.88 27.86
CA TYR C 208 68.54 15.70 26.40
C TYR C 208 69.75 16.28 25.64
N SER C 209 70.93 16.09 26.21
CA SER C 209 72.14 16.71 25.67
C SER C 209 72.88 15.85 24.64
N GLU C 210 72.59 14.57 24.56
CA GLU C 210 73.18 13.74 23.50
C GLU C 210 72.87 14.38 22.15
N PRO C 211 73.92 14.62 21.32
CA PRO C 211 73.76 15.52 20.17
C PRO C 211 72.63 15.17 19.19
N ARG C 212 72.46 13.90 18.82
CA ARG C 212 71.38 13.54 17.89
C ARG C 212 70.01 13.82 18.55
N LEU C 213 69.89 13.46 19.83
CA LEU C 213 68.68 13.74 20.60
C LEU C 213 68.36 15.22 20.74
N ALA C 214 69.37 16.04 20.98
CA ALA C 214 69.18 17.48 21.15
C ALA C 214 68.71 18.11 19.84
N GLU C 215 69.26 17.62 18.73
CA GLU C 215 68.85 18.05 17.37
C GLU C 215 67.35 17.71 17.13
N GLN C 216 66.93 16.52 17.53
CA GLN C 216 65.54 16.10 17.28
C GLN C 216 64.56 16.83 18.20
N VAL C 217 65.02 17.26 19.38
CA VAL C 217 64.19 18.08 20.25
C VAL C 217 63.93 19.40 19.60
N LEU C 218 64.99 19.99 19.02
CA LEU C 218 64.88 21.26 18.31
C LEU C 218 63.94 21.18 17.10
N ASP C 219 63.99 20.06 16.37
CA ASP C 219 63.09 19.84 15.27
C ASP C 219 61.63 19.61 15.71
N GLU C 220 61.43 18.73 16.70
CA GLU C 220 60.08 18.20 16.99
C GLU C 220 59.29 18.95 18.05
N VAL C 221 59.95 19.69 18.92
CA VAL C 221 59.29 20.50 19.95
C VAL C 221 59.25 21.97 19.52
N ALA C 222 58.06 22.56 19.43
CA ALA C 222 57.95 23.91 18.88
C ALA C 222 58.76 24.90 19.70
N LEU C 223 58.72 24.75 21.03
CA LEU C 223 59.50 25.62 21.91
C LEU C 223 61.00 25.25 21.93
N GLY C 224 61.39 24.17 21.28
CA GLY C 224 62.80 23.91 20.99
C GLY C 224 63.63 23.45 22.20
N ARG C 225 62.96 22.97 23.24
CA ARG C 225 63.65 22.53 24.44
C ARG C 225 62.78 21.52 25.20
N PRO C 226 63.40 20.77 26.14
CA PRO C 226 62.63 19.98 27.10
C PRO C 226 61.99 20.87 28.16
N GLY C 227 60.96 20.37 28.81
CA GLY C 227 60.29 21.05 29.90
C GLY C 227 60.99 20.79 31.23
N LEU C 228 60.61 21.58 32.23
CA LEU C 228 61.07 21.38 33.58
C LEU C 228 59.94 20.77 34.40
N PRO C 229 60.27 19.96 35.43
CA PRO C 229 59.26 19.35 36.30
C PRO C 229 58.23 20.32 36.91
N GLU C 230 58.67 21.54 37.20
CA GLU C 230 57.78 22.60 37.69
C GLU C 230 56.72 22.93 36.66
N GLU C 231 57.07 22.88 35.39
CA GLU C 231 56.13 23.20 34.31
C GLU C 231 55.00 22.17 34.17
N VAL C 232 55.19 20.99 34.72
CA VAL C 232 54.17 19.97 34.76
C VAL C 232 53.38 20.05 36.06
N ALA C 233 54.08 20.24 37.18
CA ALA C 233 53.41 20.37 38.51
C ALA C 233 52.31 21.42 38.54
N THR C 234 52.50 22.54 37.84
CA THR C 234 51.48 23.58 37.81
C THR C 234 50.09 23.09 37.36
N ALA C 235 50.06 22.12 36.44
CA ALA C 235 48.79 21.51 36.01
C ALA C 235 48.13 20.62 37.09
N ALA C 236 48.94 19.98 37.90
CA ALA C 236 48.45 19.16 39.01
C ALA C 236 47.73 20.03 40.06
N VAL C 237 48.21 21.26 40.25
CA VAL C 237 47.50 22.22 41.11
C VAL C 237 46.17 22.63 40.48
N PHE C 238 46.21 22.98 39.20
CA PHE C 238 44.99 23.39 38.47
C PHE C 238 43.91 22.32 38.55
N LEU C 239 44.30 21.06 38.31
CA LEU C 239 43.33 19.98 38.27
C LEU C 239 42.85 19.57 39.69
N ALA C 240 43.60 19.92 40.72
CA ALA C 240 43.19 19.62 42.11
C ALA C 240 42.30 20.72 42.74
N GLU C 241 42.32 21.94 42.20
CA GLU C 241 41.63 23.06 42.87
C GLU C 241 40.11 23.07 42.63
N ASP C 242 39.39 23.78 43.49
CA ASP C 242 37.93 23.80 43.51
C ASP C 242 37.34 24.28 42.18
N GLY C 243 38.02 25.23 41.55
CA GLY C 243 37.53 25.87 40.33
C GLY C 243 37.39 24.91 39.16
N SER C 244 38.13 23.80 39.16
CA SER C 244 38.15 22.83 38.02
C SER C 244 37.04 21.78 38.14
N SER C 245 35.88 22.21 38.60
CA SER C 245 34.80 21.30 39.00
C SER C 245 34.00 20.77 37.83
N PHE C 246 34.20 21.26 36.59
CA PHE C 246 33.52 20.67 35.41
C PHE C 246 34.49 19.91 34.47
N ILE C 247 35.71 19.66 34.95
CA ILE C 247 36.75 19.05 34.14
C ILE C 247 36.93 17.61 34.57
N THR C 248 36.52 16.68 33.71
CA THR C 248 36.74 15.27 34.00
C THR C 248 36.83 14.46 32.73
N GLY C 249 37.63 13.39 32.79
CA GLY C 249 37.86 12.50 31.67
C GLY C 249 38.80 13.11 30.62
N SER C 250 39.51 14.20 30.97
CA SER C 250 40.29 14.94 29.99
C SER C 250 41.81 14.80 30.17
N THR C 251 42.56 15.29 29.19
CA THR C 251 44.01 15.29 29.22
C THR C 251 44.52 16.72 29.09
N ILE C 252 45.46 17.10 29.94
CA ILE C 252 46.21 18.33 29.75
C ILE C 252 47.59 17.93 29.23
N THR C 253 47.90 18.36 28.01
CA THR C 253 49.15 18.01 27.37
C THR C 253 50.18 19.13 27.56
N ILE C 254 51.36 18.76 28.03
CA ILE C 254 52.43 19.70 28.42
C ILE C 254 53.70 19.29 27.71
N ASP C 255 53.82 19.71 26.43
CA ASP C 255 54.86 19.18 25.56
C ASP C 255 55.55 20.22 24.62
N GLY C 256 55.37 21.51 24.86
CA GLY C 256 56.00 22.53 24.02
C GLY C 256 55.64 22.44 22.56
N GLY C 257 54.47 21.87 22.28
CA GLY C 257 53.93 21.81 20.94
C GLY C 257 54.30 20.55 20.21
N LEU C 258 54.99 19.63 20.86
CA LEU C 258 55.39 18.38 20.20
C LEU C 258 54.21 17.73 19.44
N SER C 259 53.09 17.48 20.11
CA SER C 259 52.00 16.71 19.54
C SER C 259 51.11 17.51 18.63
N ALA C 260 51.30 18.82 18.57
CA ALA C 260 50.59 19.71 17.68
C ALA C 260 51.23 19.90 16.28
N MET C 261 52.49 19.51 16.12
CA MET C 261 53.28 19.90 14.94
C MET C 261 53.74 18.70 14.10
N ILE C 262 53.80 18.86 12.78
CA ILE C 262 54.53 17.91 11.93
C ILE C 262 55.55 18.69 11.09
N PHE C 263 56.64 18.03 10.68
CA PHE C 263 57.67 18.69 9.86
C PHE C 263 58.21 19.99 10.50
N GLY C 264 58.33 19.99 11.83
CA GLY C 264 58.93 21.07 12.56
C GLY C 264 60.40 21.33 12.20
N GLY C 265 61.12 20.32 11.73
CA GLY C 265 62.48 20.56 11.21
C GLY C 265 62.53 21.46 9.97
N MET C 266 61.39 21.65 9.30
CA MET C 266 61.30 22.56 8.15
C MET C 266 60.98 24.02 8.49
N ARG C 267 60.68 24.34 9.74
CA ARG C 267 60.26 25.72 10.08
C ARG C 267 61.39 26.70 10.02
N GLU C 268 61.01 27.97 9.80
CA GLU C 268 61.93 29.11 9.78
C GLU C 268 62.62 29.15 11.12
N GLY C 269 63.93 29.22 11.14
CA GLY C 269 64.67 29.24 12.40
C GLY C 269 65.35 27.91 12.62
N ARG C 270 64.86 26.86 11.97
CA ARG C 270 65.44 25.51 12.10
C ARG C 270 66.11 25.08 10.83
N ARG C 271 65.43 25.25 9.70
CA ARG C 271 66.02 24.86 8.41
C ARG C 271 67.16 25.82 8.04
N GLY D 11 2.21 16.59 -25.01
CA GLY D 11 2.69 15.74 -26.15
C GLY D 11 1.53 15.06 -26.87
N ARG D 12 1.73 14.79 -28.16
CA ARG D 12 0.68 14.27 -29.03
C ARG D 12 0.26 12.84 -28.71
N LEU D 13 1.08 12.11 -27.96
CA LEU D 13 0.76 10.75 -27.53
C LEU D 13 0.65 10.65 -25.99
N ALA D 14 0.28 11.76 -25.36
CA ALA D 14 0.27 11.89 -23.91
C ALA D 14 -0.62 10.82 -23.30
N GLY D 15 -0.03 9.95 -22.48
CA GLY D 15 -0.78 8.96 -21.75
C GLY D 15 -1.08 7.67 -22.48
N LYS D 16 -0.59 7.52 -23.70
CA LYS D 16 -0.82 6.30 -24.47
C LYS D 16 0.24 5.25 -24.18
N ALA D 17 -0.18 4.00 -24.18
CA ALA D 17 0.69 2.85 -23.97
C ALA D 17 1.08 2.23 -25.32
N ALA D 18 2.38 2.14 -25.59
CA ALA D 18 2.90 1.70 -26.89
C ALA D 18 3.92 0.58 -26.73
N ILE D 19 3.85 -0.42 -27.61
CA ILE D 19 4.94 -1.38 -27.82
C ILE D 19 5.59 -1.10 -29.19
N VAL D 20 6.91 -0.99 -29.22
CA VAL D 20 7.68 -0.91 -30.46
C VAL D 20 8.62 -2.12 -30.58
N THR D 21 8.43 -2.96 -31.61
CA THR D 21 9.34 -4.07 -31.85
C THR D 21 10.47 -3.63 -32.76
N GLY D 22 11.56 -4.40 -32.80
CA GLY D 22 12.81 -4.01 -33.46
C GLY D 22 13.37 -2.73 -32.87
N ALA D 23 13.18 -2.53 -31.57
CA ALA D 23 13.44 -1.22 -30.93
C ALA D 23 14.93 -0.87 -30.73
N ALA D 24 15.83 -1.83 -30.92
CA ALA D 24 17.26 -1.53 -30.92
C ALA D 24 17.69 -0.94 -32.29
N GLY D 25 17.16 -1.50 -33.39
CA GLY D 25 17.48 -1.01 -34.75
C GLY D 25 17.12 0.46 -35.05
N GLY D 26 17.73 1.02 -36.08
CA GLY D 26 17.53 2.40 -36.52
C GLY D 26 16.13 2.98 -36.45
N ILE D 27 15.23 2.51 -37.31
CA ILE D 27 13.84 2.98 -37.33
C ILE D 27 13.13 2.72 -35.99
N GLY D 28 13.25 1.51 -35.46
CA GLY D 28 12.62 1.19 -34.15
C GLY D 28 13.11 2.10 -33.05
N ARG D 29 14.42 2.33 -33.01
CA ARG D 29 15.02 3.21 -32.02
C ARG D 29 14.50 4.63 -32.17
N ALA D 30 14.53 5.17 -33.37
CA ALA D 30 14.03 6.53 -33.61
C ALA D 30 12.57 6.63 -33.18
N THR D 31 11.83 5.55 -33.35
CA THR D 31 10.41 5.57 -33.00
C THR D 31 10.18 5.58 -31.47
N VAL D 32 10.91 4.73 -30.75
CA VAL D 32 10.89 4.75 -29.29
C VAL D 32 11.16 6.17 -28.78
N GLU D 33 12.19 6.82 -29.31
CA GLU D 33 12.56 8.17 -28.87
C GLU D 33 11.46 9.21 -29.15
N ALA D 34 10.88 9.16 -30.35
CA ALA D 34 9.82 10.12 -30.73
C ALA D 34 8.57 9.88 -29.87
N TYR D 35 8.27 8.61 -29.58
CA TYR D 35 7.12 8.28 -28.77
C TYR D 35 7.31 8.78 -27.31
N LEU D 36 8.49 8.56 -26.73
CA LEU D 36 8.81 9.07 -25.39
C LEU D 36 8.72 10.60 -25.36
N ARG D 37 9.33 11.25 -26.35
CA ARG D 37 9.25 12.70 -26.49
C ARG D 37 7.81 13.25 -26.62
N GLU D 38 6.86 12.43 -27.10
CA GLU D 38 5.48 12.87 -27.27
C GLU D 38 4.55 12.36 -26.16
N GLY D 39 5.15 11.84 -25.09
CA GLY D 39 4.40 11.62 -23.85
C GLY D 39 3.84 10.23 -23.65
N ALA D 40 4.27 9.28 -24.47
CA ALA D 40 3.80 7.91 -24.35
C ALA D 40 4.62 7.13 -23.32
N SER D 41 4.06 6.06 -22.79
CA SER D 41 4.83 5.04 -22.12
C SER D 41 5.13 4.01 -23.17
N VAL D 42 6.40 3.58 -23.22
CA VAL D 42 6.91 2.76 -24.31
C VAL D 42 7.68 1.54 -23.82
N VAL D 43 7.26 0.37 -24.26
CA VAL D 43 8.08 -0.83 -24.17
C VAL D 43 8.96 -0.88 -25.44
N ALA D 44 10.26 -1.12 -25.25
CA ALA D 44 11.18 -1.35 -26.36
C ALA D 44 11.53 -2.83 -26.44
N MET D 45 11.03 -3.50 -27.48
CA MET D 45 11.21 -4.95 -27.64
C MET D 45 12.24 -5.23 -28.74
N ASP D 46 13.21 -6.09 -28.44
CA ASP D 46 14.18 -6.56 -29.41
C ASP D 46 14.96 -7.75 -28.80
N LEU D 47 15.91 -8.29 -29.54
CA LEU D 47 16.77 -9.35 -29.01
C LEU D 47 17.49 -8.86 -27.76
N ALA D 48 17.70 -9.77 -26.80
CA ALA D 48 18.34 -9.43 -25.52
C ALA D 48 19.71 -8.74 -25.68
N PRO D 49 20.60 -9.33 -26.49
CA PRO D 49 21.90 -8.70 -26.73
C PRO D 49 21.77 -7.26 -27.24
N ARG D 50 20.90 -7.07 -28.24
CA ARG D 50 20.75 -5.77 -28.89
C ARG D 50 20.24 -4.71 -27.92
N LEU D 51 19.21 -5.06 -27.14
CA LEU D 51 18.72 -4.17 -26.09
C LEU D 51 19.86 -3.81 -25.12
N ALA D 52 20.66 -4.81 -24.75
CA ALA D 52 21.80 -4.58 -23.85
C ALA D 52 22.75 -3.54 -24.43
N ALA D 53 22.97 -3.61 -25.74
CA ALA D 53 23.92 -2.74 -26.42
C ALA D 53 23.38 -1.37 -26.87
N THR D 54 22.14 -1.01 -26.53
CA THR D 54 21.60 0.27 -27.02
C THR D 54 21.35 1.29 -25.90
N ARG D 55 21.43 2.56 -26.25
CA ARG D 55 21.06 3.66 -25.37
C ARG D 55 20.08 4.55 -26.10
N TYR D 56 19.10 5.09 -25.39
CA TYR D 56 18.11 6.00 -25.99
C TYR D 56 18.42 7.41 -25.55
N GLU D 57 18.26 8.37 -26.45
CA GLU D 57 18.49 9.78 -26.13
C GLU D 57 17.33 10.38 -25.30
N GLU D 58 16.29 9.60 -25.04
CA GLU D 58 15.17 10.02 -24.18
C GLU D 58 14.96 8.97 -23.07
N PRO D 59 14.59 9.42 -21.86
CA PRO D 59 14.39 8.50 -20.74
C PRO D 59 12.98 7.93 -20.64
N GLY D 60 12.85 6.72 -20.09
CA GLY D 60 11.53 6.12 -19.84
C GLY D 60 11.27 4.77 -20.48
N ALA D 61 12.12 4.36 -21.42
CA ALA D 61 11.87 3.13 -22.16
C ALA D 61 11.88 1.88 -21.26
N ILE D 62 10.88 1.01 -21.41
CA ILE D 62 10.84 -0.23 -20.67
C ILE D 62 11.34 -1.35 -21.57
N PRO D 63 12.60 -1.77 -21.40
CA PRO D 63 13.12 -2.81 -22.27
C PRO D 63 12.53 -4.19 -21.96
N ILE D 64 12.19 -4.96 -22.99
CA ILE D 64 11.71 -6.32 -22.84
C ILE D 64 12.24 -7.18 -23.98
N ALA D 65 13.03 -8.18 -23.62
CA ALA D 65 13.67 -9.05 -24.56
C ALA D 65 12.64 -9.92 -25.28
N CYS D 66 12.85 -10.16 -26.57
CA CYS D 66 12.01 -11.06 -27.34
C CYS D 66 12.75 -11.69 -28.51
N ASP D 67 12.08 -12.63 -29.18
CA ASP D 67 12.69 -13.41 -30.25
C ASP D 67 11.72 -13.68 -31.41
N LEU D 68 11.61 -12.70 -32.31
CA LEU D 68 10.72 -12.77 -33.47
C LEU D 68 11.13 -13.92 -34.41
N ASP D 70 10.23 -17.34 -32.78
CA ASP D 70 9.95 -18.03 -31.51
C ASP D 70 8.58 -17.58 -31.04
N ARG D 71 7.57 -18.38 -31.38
CA ARG D 71 6.17 -18.03 -31.15
C ARG D 71 5.79 -17.99 -29.67
N ALA D 72 6.26 -18.97 -28.90
CA ALA D 72 6.16 -18.95 -27.44
C ALA D 72 6.80 -17.67 -26.92
N ALA D 73 7.98 -17.34 -27.42
CA ALA D 73 8.70 -16.15 -26.99
C ALA D 73 7.90 -14.87 -27.25
N ILE D 74 7.28 -14.79 -28.43
CA ILE D 74 6.50 -13.59 -28.79
C ILE D 74 5.35 -13.41 -27.83
N ASP D 75 4.56 -14.45 -27.60
CA ASP D 75 3.41 -14.35 -26.66
C ASP D 75 3.85 -13.94 -25.26
N ALA D 76 4.91 -14.58 -24.76
CA ALA D 76 5.43 -14.29 -23.42
C ALA D 76 5.87 -12.83 -23.32
N ALA D 77 6.62 -12.36 -24.32
CA ALA D 77 7.11 -10.97 -24.30
C ALA D 77 5.98 -9.94 -24.40
N MET D 78 4.96 -10.25 -25.21
CA MET D 78 3.80 -9.36 -25.35
C MET D 78 2.92 -9.34 -24.09
N ALA D 79 2.73 -10.49 -23.44
CA ALA D 79 1.94 -10.54 -22.19
C ALA D 79 2.64 -9.70 -21.11
N ASP D 80 3.95 -9.90 -20.97
CA ASP D 80 4.76 -9.16 -20.03
C ASP D 80 4.67 -7.65 -20.31
N ALA D 81 4.83 -7.28 -21.58
CA ALA D 81 4.76 -5.85 -21.98
C ALA D 81 3.44 -5.22 -21.60
N VAL D 82 2.33 -5.89 -21.89
CA VAL D 82 1.00 -5.35 -21.60
C VAL D 82 0.73 -5.25 -20.08
N ALA D 83 1.19 -6.27 -19.35
CA ALA D 83 1.15 -6.25 -17.90
C ALA D 83 1.84 -5.00 -17.36
N ARG D 84 3.06 -4.71 -17.83
CA ARG D 84 3.81 -3.57 -17.31
C ARG D 84 3.26 -2.23 -17.71
N LEU D 85 2.56 -2.18 -18.86
CA LEU D 85 1.98 -0.90 -19.34
C LEU D 85 0.60 -0.68 -18.77
N GLY D 86 -0.06 -1.78 -18.40
CA GLY D 86 -1.42 -1.70 -17.88
C GLY D 86 -2.45 -1.58 -18.99
N GLY D 87 -2.09 -2.08 -20.16
CA GLY D 87 -2.93 -1.95 -21.36
C GLY D 87 -2.09 -1.81 -22.63
N LEU D 88 -2.74 -1.41 -23.73
CA LEU D 88 -2.07 -1.26 -25.03
C LEU D 88 -2.92 -0.42 -25.99
N ASP D 89 -2.38 0.73 -26.38
CA ASP D 89 -3.01 1.62 -27.34
C ASP D 89 -2.36 1.58 -28.72
N ILE D 90 -1.05 1.33 -28.76
CA ILE D 90 -0.25 1.46 -29.98
C ILE D 90 0.77 0.32 -30.10
N LEU D 91 0.76 -0.36 -31.24
CA LEU D 91 1.80 -1.32 -31.62
C LEU D 91 2.50 -0.87 -32.91
N VAL D 92 3.84 -0.78 -32.88
CA VAL D 92 4.65 -0.59 -34.06
C VAL D 92 5.44 -1.87 -34.26
N ALA D 93 5.10 -2.64 -35.29
CA ALA D 93 5.76 -3.89 -35.59
C ALA D 93 6.93 -3.61 -36.52
N GLY D 94 8.08 -3.34 -35.93
CA GLY D 94 9.29 -2.97 -36.65
C GLY D 94 10.33 -4.06 -36.78
N GLY D 95 10.12 -5.20 -36.11
CA GLY D 95 11.07 -6.30 -36.20
C GLY D 95 11.19 -6.78 -37.66
N ALA D 96 12.43 -6.95 -38.14
CA ALA D 96 12.65 -7.38 -39.54
C ALA D 96 14.09 -7.80 -39.84
N LEU D 97 14.24 -8.94 -40.52
CA LEU D 97 15.50 -9.30 -41.18
C LEU D 97 15.59 -8.61 -42.52
N LYS D 98 16.70 -7.93 -42.77
CA LYS D 98 16.91 -7.24 -44.05
C LYS D 98 18.00 -7.97 -44.86
N GLY D 99 18.23 -7.52 -46.07
CA GLY D 99 19.32 -8.07 -46.88
C GLY D 99 18.86 -9.01 -47.99
N GLY D 100 19.72 -9.13 -49.00
CA GLY D 100 19.52 -10.03 -50.13
C GLY D 100 20.34 -11.30 -49.99
N THR D 101 20.15 -12.20 -50.95
CA THR D 101 20.78 -13.50 -50.91
C THR D 101 21.56 -13.83 -52.19
N GLY D 102 21.10 -13.34 -53.33
CA GLY D 102 21.62 -13.75 -54.62
C GLY D 102 20.45 -13.99 -55.54
N ASN D 103 20.74 -14.46 -56.74
CA ASN D 103 19.72 -14.64 -57.75
C ASN D 103 18.67 -15.67 -57.31
N PHE D 104 17.44 -15.45 -57.75
CA PHE D 104 16.33 -16.35 -57.46
C PHE D 104 16.65 -17.82 -57.82
N LEU D 105 17.36 -18.05 -58.91
CA LEU D 105 17.70 -19.39 -59.33
C LEU D 105 18.40 -20.21 -58.26
N ASP D 106 19.19 -19.53 -57.41
CA ASP D 106 20.02 -20.15 -56.35
C ASP D 106 19.49 -19.92 -54.96
N LEU D 107 18.26 -19.40 -54.85
CA LEU D 107 17.69 -19.11 -53.55
C LEU D 107 17.37 -20.41 -52.81
N SER D 108 17.93 -20.59 -51.64
CA SER D 108 17.80 -21.86 -50.88
C SER D 108 16.54 -21.87 -50.05
N ASP D 109 16.06 -23.07 -49.74
CA ASP D 109 14.94 -23.26 -48.80
C ASP D 109 15.17 -22.55 -47.48
N ALA D 110 16.40 -22.66 -46.94
CA ALA D 110 16.72 -22.09 -45.61
C ALA D 110 16.63 -20.55 -45.62
N ASP D 111 17.09 -19.90 -46.68
CA ASP D 111 16.97 -18.43 -46.78
C ASP D 111 15.49 -18.02 -46.96
N TRP D 112 14.78 -18.72 -47.87
CA TRP D 112 13.32 -18.51 -48.04
C TRP D 112 12.59 -18.57 -46.73
N ASP D 113 12.74 -19.69 -46.01
CA ASP D 113 12.04 -19.92 -44.71
C ASP D 113 12.42 -18.91 -43.68
N ARG D 114 13.67 -18.49 -43.65
CA ARG D 114 14.09 -17.50 -42.63
C ARG D 114 13.41 -16.13 -42.84
N TYR D 115 13.37 -15.66 -44.08
CA TYR D 115 12.73 -14.36 -44.36
C TYR D 115 11.21 -14.41 -44.16
N VAL D 116 10.58 -15.48 -44.64
CA VAL D 116 9.12 -15.62 -44.51
C VAL D 116 8.74 -15.84 -43.04
N ASP D 117 9.41 -16.77 -42.35
CA ASP D 117 9.16 -17.00 -40.91
C ASP D 117 9.43 -15.79 -40.03
N VAL D 118 10.57 -15.12 -40.19
CA VAL D 118 10.86 -13.97 -39.32
C VAL D 118 10.09 -12.73 -39.67
N ASN D 119 10.07 -12.33 -40.95
CA ASN D 119 9.40 -11.07 -41.33
C ASN D 119 7.88 -11.13 -41.50
N MET D 120 7.37 -12.16 -42.18
CA MET D 120 5.93 -12.28 -42.38
C MET D 120 5.25 -12.85 -41.13
N THR D 121 5.58 -14.10 -40.78
CA THR D 121 4.93 -14.80 -39.64
C THR D 121 5.21 -14.14 -38.31
N GLY D 122 6.42 -13.61 -38.14
CA GLY D 122 6.72 -12.87 -36.91
C GLY D 122 5.88 -11.63 -36.74
N THR D 123 5.67 -10.90 -37.84
CA THR D 123 4.74 -9.73 -37.85
C THR D 123 3.29 -10.16 -37.58
N PHE D 124 2.85 -11.26 -38.18
CA PHE D 124 1.51 -11.78 -37.93
C PHE D 124 1.29 -12.13 -36.45
N LEU D 125 2.22 -12.90 -35.88
CA LEU D 125 2.11 -13.33 -34.49
C LEU D 125 2.09 -12.15 -33.53
N THR D 126 2.97 -11.18 -33.77
CA THR D 126 3.08 -9.97 -32.93
C THR D 126 1.80 -9.14 -33.02
N CYS D 127 1.28 -8.99 -34.26
CA CYS D 127 0.08 -8.16 -34.46
C CYS D 127 -1.21 -8.84 -33.93
N ARG D 128 -1.30 -10.17 -34.05
CA ARG D 128 -2.44 -10.88 -33.48
C ARG D 128 -2.43 -10.76 -31.95
N ALA D 129 -1.27 -10.97 -31.34
CA ALA D 129 -1.14 -10.75 -29.88
C ALA D 129 -1.53 -9.36 -29.52
N GLY D 130 -0.99 -8.39 -30.24
CA GLY D 130 -1.27 -6.96 -29.95
C GLY D 130 -2.75 -6.64 -30.08
N ALA D 131 -3.38 -7.13 -31.14
CA ALA D 131 -4.76 -6.78 -31.39
C ALA D 131 -5.66 -7.33 -30.29
N ARG D 132 -5.44 -8.61 -29.91
CA ARG D 132 -6.18 -9.25 -28.81
C ARG D 132 -6.01 -8.51 -27.48
N ALA D 133 -4.80 -8.08 -27.17
CA ALA D 133 -4.58 -7.23 -25.99
C ALA D 133 -5.33 -5.93 -26.06
N MET D 134 -5.34 -5.29 -27.25
CA MET D 134 -6.04 -4.01 -27.40
C MET D 134 -7.53 -4.17 -27.13
N VAL D 135 -8.13 -5.23 -27.66
CA VAL D 135 -9.55 -5.50 -27.43
C VAL D 135 -9.81 -5.83 -25.95
N ALA D 136 -8.99 -6.71 -25.37
CA ALA D 136 -9.05 -6.99 -23.93
C ALA D 136 -8.95 -5.70 -23.09
N ALA D 137 -8.15 -4.71 -23.51
CA ALA D 137 -8.00 -3.47 -22.74
C ALA D 137 -9.06 -2.41 -23.08
N GLY D 138 -10.03 -2.76 -23.92
CA GLY D 138 -11.17 -1.87 -24.19
C GLY D 138 -11.05 -0.89 -25.36
N ALA D 139 -10.30 -1.27 -26.40
CA ALA D 139 -10.17 -0.44 -27.59
C ALA D 139 -11.52 0.04 -28.13
N GLY D 140 -11.68 1.36 -28.30
CA GLY D 140 -12.90 1.94 -28.88
C GLY D 140 -13.82 2.54 -27.82
N ARG D 144 -12.34 6.61 -29.17
CA ARG D 144 -11.04 6.65 -29.81
C ARG D 144 -10.53 5.24 -30.09
N SER D 145 -9.67 5.11 -31.10
CA SER D 145 -9.28 3.80 -31.56
C SER D 145 -7.82 3.47 -31.24
N ALA D 146 -7.56 2.19 -30.94
CA ALA D 146 -6.17 1.73 -30.85
C ALA D 146 -5.53 1.72 -32.30
N ARG D 147 -4.23 1.50 -32.39
CA ARG D 147 -3.48 1.73 -33.64
C ARG D 147 -2.40 0.68 -33.81
N ILE D 148 -2.48 -0.06 -34.91
CA ILE D 148 -1.41 -0.93 -35.34
C ILE D 148 -0.70 -0.33 -36.58
N ILE D 149 0.63 -0.27 -36.50
CA ILE D 149 1.50 0.32 -37.54
C ILE D 149 2.58 -0.68 -37.90
N THR D 150 2.55 -1.17 -39.14
CA THR D 150 3.54 -2.11 -39.63
C THR D 150 4.61 -1.37 -40.43
N ILE D 151 5.83 -1.85 -40.38
CA ILE D 151 6.92 -1.28 -41.18
C ILE D 151 7.16 -2.20 -42.36
N GLY D 152 6.76 -1.79 -43.55
CA GLY D 152 7.03 -2.56 -44.77
C GLY D 152 8.25 -1.94 -45.45
N SER D 153 8.08 -1.60 -46.74
CA SER D 153 9.19 -1.13 -47.57
C SER D 153 8.62 -0.79 -48.93
N VAL D 154 9.38 -0.01 -49.71
CA VAL D 154 9.06 0.16 -51.13
C VAL D 154 9.07 -1.24 -51.78
N ASN D 155 9.85 -2.16 -51.23
CA ASN D 155 9.86 -3.57 -51.69
C ASN D 155 8.54 -4.32 -51.48
N SER D 156 7.61 -3.71 -50.73
CA SER D 156 6.24 -4.21 -50.66
C SER D 156 5.48 -4.07 -52.00
N PHE D 157 5.99 -3.20 -52.88
CA PHE D 157 5.34 -2.89 -54.16
C PHE D 157 6.21 -3.12 -55.40
N MET D 158 7.51 -2.86 -55.31
CA MET D 158 8.45 -2.98 -56.42
C MET D 158 9.72 -3.69 -55.96
N ALA D 159 10.27 -4.56 -56.81
CA ALA D 159 11.33 -5.46 -56.41
C ALA D 159 12.75 -4.90 -56.66
N GLU D 160 13.61 -4.99 -55.64
CA GLU D 160 15.06 -4.88 -55.83
C GLU D 160 15.58 -6.18 -56.37
N PRO D 161 16.76 -6.14 -57.00
CA PRO D 161 17.38 -7.37 -57.47
C PRO D 161 17.95 -8.21 -56.33
N GLU D 162 17.92 -9.52 -56.54
CA GLU D 162 18.64 -10.49 -55.69
C GLU D 162 18.18 -10.50 -54.24
N ALA D 163 16.89 -10.38 -54.02
CA ALA D 163 16.34 -10.38 -52.66
C ALA D 163 14.91 -10.92 -52.61
N ALA D 164 14.65 -11.97 -53.39
CA ALA D 164 13.29 -12.42 -53.64
C ALA D 164 12.56 -12.83 -52.38
N ALA D 165 13.27 -13.41 -51.42
CA ALA D 165 12.65 -13.84 -50.17
C ALA D 165 12.22 -12.63 -49.34
N TYR D 166 13.12 -11.69 -49.17
CA TYR D 166 12.79 -10.42 -48.48
C TYR D 166 11.64 -9.66 -49.17
N VAL D 167 11.63 -9.62 -50.52
CA VAL D 167 10.62 -8.86 -51.30
C VAL D 167 9.24 -9.50 -51.18
N ALA D 168 9.18 -10.82 -51.38
CA ALA D 168 7.97 -11.60 -51.17
C ALA D 168 7.38 -11.39 -49.76
N ALA D 169 8.21 -11.51 -48.72
CA ALA D 169 7.74 -11.29 -47.35
C ALA D 169 7.15 -9.89 -47.14
N LYS D 170 7.78 -8.88 -47.71
CA LYS D 170 7.23 -7.49 -47.69
C LYS D 170 5.87 -7.29 -48.42
N GLY D 171 5.62 -8.02 -49.50
CA GLY D 171 4.32 -8.00 -50.14
C GLY D 171 3.32 -8.65 -49.20
N GLY D 172 3.76 -9.73 -48.54
CA GLY D 172 2.97 -10.43 -47.56
C GLY D 172 2.53 -9.54 -46.43
N VAL D 173 3.48 -8.80 -45.89
CA VAL D 173 3.17 -7.82 -44.80
C VAL D 173 2.23 -6.71 -45.26
N ALA D 174 2.39 -6.25 -46.50
CA ALA D 174 1.49 -5.21 -47.05
C ALA D 174 0.02 -5.68 -47.10
N MET D 175 -0.21 -6.89 -47.60
CA MET D 175 -1.60 -7.38 -47.68
C MET D 175 -2.12 -7.85 -46.31
N LEU D 176 -1.24 -8.37 -45.45
CA LEU D 176 -1.62 -8.60 -44.05
C LEU D 176 -2.15 -7.33 -43.41
N THR D 177 -1.47 -6.25 -43.68
CA THR D 177 -1.87 -4.96 -43.13
C THR D 177 -3.28 -4.55 -43.52
N ARG D 178 -3.62 -4.72 -44.79
CA ARG D 178 -4.96 -4.40 -45.29
C ARG D 178 -6.03 -5.35 -44.75
N ALA D 179 -5.72 -6.63 -44.67
CA ALA D 179 -6.65 -7.62 -44.12
C ALA D 179 -6.92 -7.30 -42.66
N MET D 180 -5.89 -6.90 -41.92
CA MET D 180 -6.05 -6.49 -40.53
C MET D 180 -6.90 -5.24 -40.39
N ALA D 181 -6.68 -4.27 -41.28
CA ALA D 181 -7.50 -3.05 -41.25
C ALA D 181 -8.98 -3.38 -41.42
N VAL D 182 -9.28 -4.23 -42.41
CA VAL D 182 -10.66 -4.59 -42.67
C VAL D 182 -11.32 -5.30 -41.44
N ASP D 183 -10.65 -6.36 -40.93
CA ASP D 183 -11.21 -7.19 -39.87
C ASP D 183 -11.28 -6.48 -38.53
N LEU D 184 -10.37 -5.55 -38.27
CA LEU D 184 -10.26 -4.93 -36.94
C LEU D 184 -10.95 -3.57 -36.83
N ALA D 185 -11.48 -3.05 -37.93
CA ALA D 185 -12.23 -1.79 -37.88
C ALA D 185 -13.41 -1.87 -36.89
N ARG D 186 -14.17 -2.98 -36.91
CA ARG D 186 -15.31 -3.15 -36.00
C ARG D 186 -14.87 -3.19 -34.54
N HIS D 187 -13.61 -3.55 -34.29
CA HIS D 187 -13.06 -3.62 -32.91
C HIS D 187 -12.35 -2.39 -32.47
N GLY D 188 -12.56 -1.28 -33.17
CA GLY D 188 -11.92 -0.01 -32.82
C GLY D 188 -10.39 0.08 -33.01
N ILE D 189 -9.83 -0.66 -33.96
CA ILE D 189 -8.37 -0.60 -34.21
C ILE D 189 -8.07 -0.16 -35.64
N LEU D 190 -7.24 0.87 -35.81
CA LEU D 190 -6.84 1.34 -37.15
C LEU D 190 -5.45 0.79 -37.48
N VAL D 191 -5.29 0.30 -38.71
CA VAL D 191 -4.11 -0.43 -39.09
C VAL D 191 -3.55 0.16 -40.39
N ASN D 192 -2.29 0.61 -40.34
CA ASN D 192 -1.58 1.17 -41.52
C ASN D 192 -0.14 0.72 -41.62
N MET D 193 0.43 0.86 -42.81
CA MET D 193 1.83 0.51 -43.09
C MET D 193 2.67 1.74 -43.37
N ILE D 194 3.93 1.73 -42.96
CA ILE D 194 4.89 2.76 -43.37
C ILE D 194 5.86 2.06 -44.31
N ALA D 195 6.07 2.66 -45.50
CA ALA D 195 6.93 2.06 -46.53
C ALA D 195 8.17 2.94 -46.76
N PRO D 196 9.28 2.64 -46.05
CA PRO D 196 10.54 3.39 -46.28
C PRO D 196 11.27 2.98 -47.51
N GLY D 197 11.86 3.96 -48.19
CA GLY D 197 12.85 3.68 -49.23
C GLY D 197 14.21 3.48 -48.56
N PRO D 198 15.30 3.80 -49.25
CA PRO D 198 16.60 3.67 -48.60
C PRO D 198 16.74 4.54 -47.34
N VAL D 199 17.18 3.93 -46.25
CA VAL D 199 17.36 4.63 -44.98
C VAL D 199 18.74 4.31 -44.42
N ASP D 200 19.55 5.34 -44.14
CA ASP D 200 20.90 5.13 -43.63
C ASP D 200 20.76 4.92 -42.13
N VAL D 201 21.15 3.73 -41.69
CA VAL D 201 21.06 3.30 -40.30
C VAL D 201 22.44 3.15 -39.63
N THR D 202 23.49 3.68 -40.28
CA THR D 202 24.86 3.58 -39.76
C THR D 202 25.15 4.59 -38.65
N GLY D 203 24.41 5.70 -38.61
CA GLY D 203 24.76 6.83 -37.74
C GLY D 203 26.02 7.55 -38.22
N ASN D 204 26.53 7.11 -39.37
CA ASN D 204 27.85 7.43 -39.83
C ASN D 204 27.84 8.01 -41.24
N ASN D 205 26.65 8.04 -41.83
CA ASN D 205 26.48 8.43 -43.21
C ASN D 205 27.30 7.57 -44.16
N THR D 206 27.46 6.31 -43.82
CA THR D 206 28.21 5.38 -44.66
C THR D 206 27.37 4.23 -45.21
N GLY D 207 26.05 4.20 -44.92
CA GLY D 207 25.17 3.09 -45.34
C GLY D 207 25.12 2.85 -46.86
N TYR D 208 25.14 3.93 -47.62
CA TYR D 208 25.01 3.85 -49.08
C TYR D 208 26.22 4.47 -49.77
N SER D 209 27.40 4.24 -49.18
CA SER D 209 28.62 4.88 -49.67
C SER D 209 29.39 4.08 -50.72
N GLU D 210 29.08 2.79 -50.88
CA GLU D 210 29.68 2.02 -51.98
C GLU D 210 29.43 2.76 -53.31
N PRO D 211 30.49 3.05 -54.08
CA PRO D 211 30.33 3.98 -55.21
C PRO D 211 29.20 3.66 -56.21
N ARG D 212 29.05 2.42 -56.65
CA ARG D 212 28.00 2.11 -57.61
C ARG D 212 26.61 2.35 -56.95
N LEU D 213 26.46 1.89 -55.72
CA LEU D 213 25.23 2.13 -54.96
C LEU D 213 24.92 3.61 -54.77
N ALA D 214 25.93 4.41 -54.48
CA ALA D 214 25.72 5.83 -54.23
C ALA D 214 25.23 6.52 -55.53
N GLU D 215 25.85 6.13 -56.65
CA GLU D 215 25.45 6.62 -57.98
C GLU D 215 23.97 6.30 -58.27
N GLN D 216 23.56 5.07 -57.98
CA GLN D 216 22.16 4.67 -58.24
C GLN D 216 21.18 5.36 -57.30
N VAL D 217 21.58 5.67 -56.07
CA VAL D 217 20.72 6.44 -55.18
C VAL D 217 20.48 7.85 -55.73
N LEU D 218 21.53 8.47 -56.27
CA LEU D 218 21.42 9.76 -56.93
C LEU D 218 20.50 9.71 -58.16
N ASP D 219 20.60 8.64 -58.95
CA ASP D 219 19.73 8.49 -60.10
C ASP D 219 18.26 8.24 -59.70
N GLU D 220 18.03 7.33 -58.74
CA GLU D 220 16.69 6.78 -58.51
C GLU D 220 15.85 7.42 -57.41
N VAL D 221 16.50 8.14 -56.48
CA VAL D 221 15.80 8.89 -55.42
C VAL D 221 15.78 10.35 -55.83
N ALA D 222 14.60 10.96 -55.88
CA ALA D 222 14.49 12.35 -56.36
C ALA D 222 15.29 13.29 -55.47
N LEU D 223 15.24 13.10 -54.15
CA LEU D 223 16.02 13.92 -53.23
C LEU D 223 17.52 13.57 -53.23
N GLY D 224 17.92 12.53 -53.94
CA GLY D 224 19.34 12.26 -54.16
C GLY D 224 20.14 11.75 -52.95
N ARG D 225 19.46 11.18 -51.97
CA ARG D 225 20.12 10.71 -50.77
C ARG D 225 19.24 9.66 -50.08
N PRO D 226 19.84 8.89 -49.16
CA PRO D 226 19.05 8.05 -48.27
C PRO D 226 18.38 8.87 -47.16
N GLY D 227 17.32 8.32 -46.62
CA GLY D 227 16.63 8.93 -45.48
C GLY D 227 17.35 8.61 -44.18
N LEU D 228 16.98 9.35 -43.13
CA LEU D 228 17.39 9.07 -41.77
C LEU D 228 16.24 8.43 -40.98
N PRO D 229 16.57 7.60 -39.97
CA PRO D 229 15.55 6.94 -39.16
C PRO D 229 14.50 7.88 -38.55
N GLU D 230 14.93 9.07 -38.17
CA GLU D 230 14.01 10.07 -37.64
C GLU D 230 12.97 10.49 -38.66
N GLU D 231 13.35 10.49 -39.93
CA GLU D 231 12.43 10.85 -41.02
C GLU D 231 11.32 9.81 -41.24
N VAL D 232 11.51 8.60 -40.73
CA VAL D 232 10.49 7.58 -40.77
C VAL D 232 9.64 7.62 -39.48
N ALA D 233 10.31 7.75 -38.34
CA ALA D 233 9.63 7.80 -37.03
C ALA D 233 8.53 8.85 -36.97
N THR D 234 8.74 9.98 -37.62
CA THR D 234 7.71 11.02 -37.60
C THR D 234 6.32 10.54 -38.07
N ALA D 235 6.28 9.64 -39.05
CA ALA D 235 5.03 9.07 -39.53
C ALA D 235 4.38 8.11 -38.52
N ALA D 236 5.20 7.44 -37.73
CA ALA D 236 4.70 6.56 -36.67
C ALA D 236 3.94 7.37 -35.62
N VAL D 237 4.41 8.58 -35.33
CA VAL D 237 3.70 9.48 -34.42
C VAL D 237 2.37 9.93 -35.06
N PHE D 238 2.42 10.33 -36.33
CA PHE D 238 1.24 10.78 -37.05
C PHE D 238 0.15 9.71 -37.04
N LEU D 239 0.53 8.48 -37.38
CA LEU D 239 -0.41 7.38 -37.47
C LEU D 239 -0.95 6.94 -36.09
N ALA D 240 -0.21 7.22 -35.01
CA ALA D 240 -0.63 6.83 -33.64
C ALA D 240 -1.53 7.85 -32.96
N GLU D 241 -1.53 9.09 -33.45
CA GLU D 241 -2.22 10.18 -32.71
C GLU D 241 -3.72 10.19 -32.99
N ASP D 242 -4.46 10.86 -32.10
CA ASP D 242 -5.93 10.89 -32.12
C ASP D 242 -6.50 11.45 -33.41
N GLY D 243 -5.80 12.42 -34.00
CA GLY D 243 -6.26 13.10 -35.21
C GLY D 243 -6.40 12.22 -36.44
N SER D 244 -5.65 11.12 -36.48
CA SER D 244 -5.63 10.21 -37.66
C SER D 244 -6.72 9.15 -37.63
N SER D 245 -7.88 9.57 -37.15
CA SER D 245 -8.99 8.67 -36.83
C SER D 245 -9.75 8.18 -38.03
N PHE D 246 -9.53 8.74 -39.24
CA PHE D 246 -10.17 8.19 -40.46
C PHE D 246 -9.17 7.51 -41.43
N ILE D 247 -7.97 7.20 -40.92
CA ILE D 247 -6.92 6.61 -41.71
C ILE D 247 -6.73 5.14 -41.36
N THR D 248 -7.09 4.26 -42.30
CA THR D 248 -6.88 2.85 -42.06
C THR D 248 -6.78 2.10 -43.39
N GLY D 249 -6.01 1.01 -43.37
CA GLY D 249 -5.73 0.20 -44.53
C GLY D 249 -4.80 0.87 -45.54
N SER D 250 -4.10 1.93 -45.13
CA SER D 250 -3.29 2.74 -46.05
C SER D 250 -1.79 2.61 -45.83
N THR D 251 -1.02 3.18 -46.74
CA THR D 251 0.43 3.17 -46.69
C THR D 251 0.92 4.61 -46.74
N ILE D 252 1.88 4.93 -45.89
CA ILE D 252 2.62 6.18 -45.98
C ILE D 252 4.02 5.83 -46.50
N THR D 253 4.34 6.33 -47.69
CA THR D 253 5.60 5.98 -48.33
C THR D 253 6.59 7.09 -48.06
N ILE D 254 7.78 6.70 -47.62
CA ILE D 254 8.83 7.65 -47.15
C ILE D 254 10.12 7.25 -47.85
N ASP D 255 10.28 7.75 -49.07
CA ASP D 255 11.31 7.28 -49.96
C ASP D 255 12.01 8.36 -50.86
N GLY D 256 11.84 9.63 -50.55
CA GLY D 256 12.49 10.69 -51.31
C GLY D 256 12.16 10.71 -52.80
N GLY D 257 11.01 10.09 -53.15
CA GLY D 257 10.48 10.08 -54.52
C GLY D 257 10.83 8.84 -55.30
N LEU D 258 11.49 7.90 -54.66
CA LEU D 258 11.95 6.74 -55.38
C LEU D 258 10.80 6.12 -56.20
N SER D 259 9.68 5.83 -55.56
CA SER D 259 8.60 5.07 -56.19
C SER D 259 7.72 5.94 -57.05
N ALA D 260 7.91 7.25 -57.04
CA ALA D 260 7.18 8.17 -57.90
C ALA D 260 7.82 8.41 -59.27
N MET D 261 9.08 8.01 -59.43
CA MET D 261 9.93 8.50 -60.55
C MET D 261 10.39 7.35 -61.43
N ILE D 262 10.48 7.58 -62.74
CA ILE D 262 11.23 6.71 -63.66
C ILE D 262 12.24 7.52 -64.48
N PHE D 263 13.32 6.89 -64.94
CA PHE D 263 14.41 7.61 -65.65
C PHE D 263 14.92 8.85 -64.90
N GLY D 264 15.04 8.73 -63.58
CA GLY D 264 15.62 9.78 -62.76
C GLY D 264 17.07 10.11 -63.12
N GLY D 265 17.80 9.15 -63.67
CA GLY D 265 19.16 9.42 -64.12
C GLY D 265 19.27 10.43 -65.29
N MET D 266 18.15 10.66 -65.99
CA MET D 266 18.05 11.63 -67.08
C MET D 266 17.72 13.05 -66.66
N ARG D 267 17.39 13.30 -65.39
CA ARG D 267 16.97 14.62 -64.99
C ARG D 267 18.11 15.63 -64.98
N GLU D 268 17.73 16.90 -65.17
CA GLU D 268 18.62 18.04 -65.09
C GLU D 268 19.26 18.08 -63.71
N GLY D 269 20.59 18.12 -63.67
CA GLY D 269 21.29 18.08 -62.39
C GLY D 269 21.95 16.75 -62.20
N ARG D 270 21.50 15.71 -62.93
CA ARG D 270 22.07 14.37 -62.87
C ARG D 270 22.78 14.01 -64.14
N ARG D 271 22.11 14.22 -65.27
CA ARG D 271 22.65 14.13 -66.64
CA ARG D 271 22.78 13.82 -66.51
C ARG D 271 24.05 14.69 -66.67
N GLY E 11 47.96 38.66 42.91
CA GLY E 11 47.16 37.92 41.89
C GLY E 11 48.03 37.25 40.84
N ARG E 12 47.51 36.16 40.25
CA ARG E 12 48.29 35.32 39.32
C ARG E 12 48.54 35.97 37.97
N LEU E 13 47.78 37.01 37.64
CA LEU E 13 47.98 37.77 36.41
C LEU E 13 48.39 39.25 36.71
N ALA E 14 49.02 39.45 37.87
CA ALA E 14 49.32 40.81 38.37
C ALA E 14 50.18 41.57 37.36
N GLY E 15 49.64 42.68 36.85
CA GLY E 15 50.38 43.55 35.95
C GLY E 15 50.31 43.20 34.47
N LYS E 16 49.55 42.16 34.12
CA LYS E 16 49.47 41.75 32.71
C LYS E 16 48.37 42.53 32.03
N ALA E 17 48.59 42.81 30.75
CA ALA E 17 47.63 43.48 29.88
C ALA E 17 46.89 42.44 29.04
N ALA E 18 45.55 42.42 29.14
CA ALA E 18 44.73 41.41 28.47
C ALA E 18 43.57 42.03 27.67
N ILE E 19 43.32 41.49 26.48
CA ILE E 19 42.09 41.75 25.73
C ILE E 19 41.24 40.46 25.75
N VAL E 20 39.96 40.60 26.11
CA VAL E 20 38.98 39.53 26.01
C VAL E 20 37.87 39.93 25.03
N THR E 21 37.70 39.19 23.95
CA THR E 21 36.62 39.41 23.00
C THR E 21 35.42 38.54 23.38
N GLY E 22 34.25 38.87 22.84
CA GLY E 22 32.97 38.33 23.29
C GLY E 22 32.73 38.59 24.76
N ALA E 23 33.18 39.75 25.25
CA ALA E 23 33.24 40.04 26.70
C ALA E 23 31.91 40.33 27.37
N ALA E 24 30.85 40.54 26.59
CA ALA E 24 29.52 40.67 27.16
C ALA E 24 28.91 39.28 27.45
N GLY E 25 29.13 38.33 26.54
CA GLY E 25 28.62 36.95 26.69
C GLY E 25 29.13 36.20 27.93
N GLY E 26 28.40 35.16 28.32
CA GLY E 26 28.72 34.31 29.47
C GLY E 26 30.19 34.02 29.74
N ILE E 27 30.82 33.22 28.87
CA ILE E 27 32.22 32.83 29.07
C ILE E 27 33.13 34.06 29.05
N GLY E 28 32.93 34.95 28.09
CA GLY E 28 33.76 36.14 28.01
C GLY E 28 33.65 37.04 29.23
N ARG E 29 32.42 37.19 29.73
CA ARG E 29 32.16 37.94 30.96
C ARG E 29 32.85 37.30 32.15
N ALA E 30 32.67 36.00 32.34
CA ALA E 30 33.30 35.30 33.46
C ALA E 30 34.83 35.39 33.39
N THR E 31 35.38 35.45 32.18
CA THR E 31 36.82 35.58 31.99
C THR E 31 37.34 37.01 32.33
N VAL E 32 36.65 38.04 31.85
CA VAL E 32 36.94 39.44 32.30
C VAL E 32 36.99 39.56 33.82
N GLU E 33 35.99 38.99 34.50
CA GLU E 33 35.93 39.05 35.98
C GLU E 33 37.09 38.29 36.64
N ALA E 34 37.39 37.09 36.14
CA ALA E 34 38.48 36.30 36.72
C ALA E 34 39.83 37.00 36.51
N TYR E 35 39.98 37.62 35.35
CA TYR E 35 41.21 38.32 35.01
C TYR E 35 41.41 39.57 35.90
N LEU E 36 40.35 40.35 36.09
CA LEU E 36 40.38 41.51 37.00
C LEU E 36 40.71 41.06 38.41
N ARG E 37 40.00 40.04 38.89
CA ARG E 37 40.28 39.46 40.21
C ARG E 37 41.72 38.97 40.40
N GLU E 38 42.41 38.62 39.32
CA GLU E 38 43.78 38.12 39.42
C GLU E 38 44.84 39.17 39.09
N GLY E 39 44.41 40.43 38.99
CA GLY E 39 45.35 41.55 38.95
C GLY E 39 45.71 42.05 37.55
N ALA E 40 44.97 41.64 36.54
CA ALA E 40 45.26 42.07 35.17
C ALA E 40 44.53 43.37 34.85
N SER E 41 45.05 44.11 33.87
CA SER E 41 44.30 45.17 33.22
C SER E 41 43.61 44.55 32.05
N VAL E 42 42.32 44.82 31.92
CA VAL E 42 41.49 44.12 30.96
C VAL E 42 40.67 45.04 30.08
N VAL E 43 40.81 44.90 28.76
CA VAL E 43 39.87 45.47 27.81
C VAL E 43 38.78 44.45 27.55
N ALA E 44 37.52 44.87 27.67
CA ALA E 44 36.35 44.04 27.36
C ALA E 44 35.81 44.47 25.99
N MET E 45 35.97 43.60 25.00
CA MET E 45 35.53 43.89 23.64
C MET E 45 34.28 43.10 23.28
N ASP E 46 33.28 43.79 22.73
CA ASP E 46 32.07 43.14 22.23
C ASP E 46 31.27 44.17 21.41
N LEU E 47 30.10 43.77 20.92
CA LEU E 47 29.23 44.72 20.23
C LEU E 47 28.82 45.88 21.16
N ALA E 48 28.67 47.08 20.60
CA ALA E 48 28.38 48.29 21.40
C ALA E 48 27.12 48.13 22.28
N PRO E 49 26.01 47.70 21.68
CA PRO E 49 24.80 47.47 22.47
C PRO E 49 25.04 46.54 23.66
N ARG E 50 25.70 45.42 23.41
CA ARG E 50 25.93 44.40 24.44
C ARG E 50 26.80 44.91 25.59
N LEU E 51 27.88 45.62 25.25
CA LEU E 51 28.69 46.26 26.29
C LEU E 51 27.84 47.23 27.11
N ALA E 52 26.99 48.01 26.43
CA ALA E 52 26.08 48.96 27.10
C ALA E 52 25.21 48.24 28.12
N ALA E 53 24.72 47.06 27.75
CA ALA E 53 23.80 46.30 28.58
C ALA E 53 24.43 45.39 29.63
N THR E 54 25.75 45.42 29.84
CA THR E 54 26.39 44.49 30.80
C THR E 54 27.03 45.20 32.00
N ARG E 55 27.04 44.50 33.13
CA ARG E 55 27.74 44.95 34.33
C ARG E 55 28.67 43.84 34.79
N TYR E 56 29.83 44.20 35.28
CA TYR E 56 30.79 43.23 35.78
C TYR E 56 30.77 43.30 37.30
N GLU E 57 30.88 42.14 37.95
CA GLU E 57 30.96 42.08 39.40
C GLU E 57 32.32 42.52 39.95
N GLU E 58 33.27 42.84 39.06
CA GLU E 58 34.60 43.33 39.45
C GLU E 58 34.87 44.66 38.74
N PRO E 59 35.56 45.60 39.40
CA PRO E 59 35.83 46.90 38.78
C PRO E 59 37.11 46.92 37.97
N GLY E 60 37.19 47.80 36.98
CA GLY E 60 38.43 48.03 36.22
C GLY E 60 38.38 47.76 34.72
N ALA E 61 37.30 47.14 34.25
CA ALA E 61 37.18 46.79 32.84
C ALA E 61 37.18 48.01 31.91
N ILE E 62 37.97 47.96 30.84
CA ILE E 62 37.98 49.03 29.87
C ILE E 62 37.16 48.57 28.69
N PRO E 63 35.92 49.07 28.56
CA PRO E 63 35.08 48.61 27.47
C PRO E 63 35.49 49.23 26.14
N ILE E 64 35.49 48.43 25.08
CA ILE E 64 35.80 48.91 23.73
C ILE E 64 34.93 48.18 22.72
N ALA E 65 34.10 48.93 22.01
CA ALA E 65 33.15 48.36 21.06
C ALA E 65 33.86 47.81 19.84
N CYS E 66 33.36 46.69 19.31
CA CYS E 66 33.91 46.11 18.10
C CYS E 66 32.86 45.29 17.35
N ASP E 67 33.24 44.85 16.16
CA ASP E 67 32.31 44.15 15.28
C ASP E 67 32.99 43.00 14.52
N LEU E 68 33.07 41.84 15.18
CA LEU E 68 33.69 40.63 14.64
C LEU E 68 32.92 40.16 13.40
N ARG E 71 36.31 43.79 9.30
CA ARG E 71 37.77 43.68 9.37
C ARG E 71 38.42 45.02 9.73
N ALA E 72 37.95 46.09 9.08
CA ALA E 72 38.34 47.46 9.46
C ALA E 72 38.05 47.70 10.94
N ALA E 73 36.85 47.30 11.38
CA ALA E 73 36.42 47.46 12.76
C ALA E 73 37.36 46.73 13.71
N ILE E 74 37.72 45.49 13.37
CA ILE E 74 38.59 44.67 14.25
C ILE E 74 39.94 45.34 14.46
N ASP E 75 40.57 45.77 13.36
CA ASP E 75 41.87 46.45 13.48
C ASP E 75 41.79 47.73 14.32
N ALA E 76 40.78 48.54 14.06
CA ALA E 76 40.58 49.80 14.81
C ALA E 76 40.42 49.52 16.29
N ALA E 77 39.57 48.56 16.63
CA ALA E 77 39.31 48.21 18.04
C ALA E 77 40.54 47.67 18.75
N MET E 78 41.30 46.83 18.05
CA MET E 78 42.53 46.25 18.63
C MET E 78 43.62 47.32 18.81
N ALA E 79 43.76 48.21 17.82
CA ALA E 79 44.78 49.30 17.95
C ALA E 79 44.44 50.21 19.14
N ASP E 80 43.16 50.57 19.25
CA ASP E 80 42.68 51.36 20.39
C ASP E 80 42.97 50.63 21.69
N ALA E 81 42.61 49.34 21.77
CA ALA E 81 42.79 48.56 23.01
C ALA E 81 44.24 48.51 23.45
N VAL E 82 45.14 48.26 22.50
CA VAL E 82 46.58 48.16 22.82
C VAL E 82 47.16 49.51 23.27
N ALA E 83 46.71 50.59 22.61
CA ALA E 83 47.05 51.96 23.00
C ALA E 83 46.68 52.20 24.45
N ARG E 84 45.45 51.85 24.83
CA ARG E 84 44.97 52.10 26.20
C ARG E 84 45.64 51.24 27.26
N LEU E 85 46.11 50.05 26.88
CA LEU E 85 46.75 49.15 27.83
C LEU E 85 48.22 49.44 27.91
N GLY E 86 48.78 50.02 26.86
CA GLY E 86 50.22 50.28 26.78
C GLY E 86 51.01 49.03 26.39
N GLY E 87 50.36 48.11 25.68
CA GLY E 87 50.95 46.81 25.34
C GLY E 87 49.92 45.70 25.27
N LEU E 88 50.38 44.45 25.25
CA LEU E 88 49.48 43.28 25.18
C LEU E 88 50.22 42.02 25.59
N ASP E 89 49.78 41.39 26.66
CA ASP E 89 50.37 40.13 27.11
C ASP E 89 49.45 38.93 26.82
N ILE E 90 48.13 39.14 26.83
CA ILE E 90 47.12 38.06 26.79
C ILE E 90 45.95 38.44 25.89
N LEU E 91 45.64 37.57 24.91
CA LEU E 91 44.41 37.67 24.12
C LEU E 91 43.51 36.43 24.38
N VAL E 92 42.25 36.66 24.70
CA VAL E 92 41.23 35.58 24.75
C VAL E 92 40.23 35.86 23.63
N ALA E 93 40.28 35.07 22.57
CA ALA E 93 39.37 35.25 21.45
C ALA E 93 38.10 34.46 21.70
N GLY E 94 37.13 35.12 22.33
CA GLY E 94 35.87 34.52 22.74
C GLY E 94 34.67 34.90 21.88
N GLY E 95 34.85 35.82 20.94
CA GLY E 95 33.76 36.21 20.07
C GLY E 95 33.30 35.02 19.24
N ALA E 96 31.98 34.78 19.19
CA ALA E 96 31.42 33.62 18.50
C ALA E 96 29.88 33.68 18.30
N LEU E 97 29.45 33.36 17.09
CA LEU E 97 28.05 33.04 16.82
C LEU E 97 27.80 31.57 17.18
N LYS E 98 26.76 31.30 17.96
CA LYS E 98 26.40 29.92 18.31
C LYS E 98 25.07 29.58 17.64
N GLY E 99 24.66 28.33 17.75
CA GLY E 99 23.35 27.90 17.25
C GLY E 99 23.44 27.06 15.99
N GLY E 100 22.39 26.26 15.80
CA GLY E 100 22.23 25.43 14.61
C GLY E 100 21.27 26.05 13.60
N THR E 101 21.12 25.38 12.46
CA THR E 101 20.32 25.89 11.37
C THR E 101 19.26 24.92 10.90
N GLY E 102 19.54 23.62 10.95
CA GLY E 102 18.71 22.61 10.33
C GLY E 102 19.61 21.61 9.64
N ASN E 103 19.03 20.68 8.92
CA ASN E 103 19.79 19.62 8.27
C ASN E 103 20.76 20.22 7.25
N PHE E 104 21.90 19.54 7.09
CA PHE E 104 22.90 19.93 6.09
C PHE E 104 22.29 20.06 4.69
N LEU E 105 21.37 19.18 4.30
CA LEU E 105 20.74 19.26 2.97
C LEU E 105 20.15 20.64 2.66
N ASP E 106 19.67 21.35 3.68
CA ASP E 106 18.98 22.64 3.52
C ASP E 106 19.83 23.82 3.94
N LEU E 107 21.11 23.58 4.24
CA LEU E 107 21.96 24.65 4.76
C LEU E 107 22.21 25.69 3.68
N SER E 108 21.86 26.93 3.95
CA SER E 108 21.98 27.97 2.90
C SER E 108 23.37 28.59 2.88
N ASP E 109 23.70 29.19 1.73
CA ASP E 109 24.95 29.93 1.55
C ASP E 109 25.10 31.03 2.61
N ALA E 110 24.02 31.73 2.89
CA ALA E 110 24.05 32.85 3.86
C ALA E 110 24.36 32.38 5.31
N ASP E 111 23.78 31.26 5.73
CA ASP E 111 24.12 30.69 7.04
C ASP E 111 25.58 30.20 7.09
N TRP E 112 26.00 29.45 6.07
CA TRP E 112 27.40 28.99 5.93
C TRP E 112 28.35 30.16 6.07
N ASP E 113 28.16 31.18 5.23
CA ASP E 113 29.07 32.36 5.22
C ASP E 113 29.09 33.12 6.55
N ARG E 114 27.96 33.21 7.23
CA ARG E 114 27.92 33.94 8.51
C ARG E 114 28.70 33.23 9.62
N TYR E 115 28.58 31.91 9.68
CA TYR E 115 29.31 31.13 10.69
C TYR E 115 30.83 31.10 10.41
N VAL E 116 31.20 30.85 9.16
CA VAL E 116 32.59 30.80 8.77
C VAL E 116 33.19 32.19 8.94
N ASP E 117 32.57 33.21 8.35
CA ASP E 117 33.08 34.60 8.45
C ASP E 117 33.19 35.12 9.88
N VAL E 118 32.17 34.90 10.70
CA VAL E 118 32.22 35.46 12.07
C VAL E 118 33.11 34.63 12.98
N ASN E 119 32.92 33.32 13.00
CA ASN E 119 33.67 32.47 13.95
C ASN E 119 35.13 32.09 13.55
N MET E 120 35.32 31.70 12.31
CA MET E 120 36.64 31.33 11.83
C MET E 120 37.46 32.57 11.42
N THR E 121 36.98 33.34 10.47
CA THR E 121 37.72 34.50 9.97
C THR E 121 37.88 35.58 11.03
N GLY E 122 36.82 35.82 11.80
CA GLY E 122 36.89 36.82 12.87
C GLY E 122 37.93 36.47 13.93
N THR E 123 38.02 35.19 14.29
CA THR E 123 39.07 34.71 15.19
C THR E 123 40.48 34.86 14.56
N PHE E 124 40.60 34.53 13.28
CA PHE E 124 41.87 34.75 12.56
C PHE E 124 42.35 36.22 12.59
N LEU E 125 41.46 37.12 12.20
CA LEU E 125 41.77 38.56 12.15
C LEU E 125 42.16 39.10 13.49
N THR E 126 41.39 38.72 14.52
CA THR E 126 41.63 39.16 15.89
C THR E 126 42.98 38.63 16.36
N CYS E 127 43.27 37.34 16.08
CA CYS E 127 44.51 36.74 16.59
C CYS E 127 45.74 37.25 15.84
N ARG E 128 45.59 37.50 14.53
CA ARG E 128 46.71 38.09 13.77
C ARG E 128 47.05 39.48 14.30
N ALA E 129 46.03 40.30 14.53
CA ALA E 129 46.23 41.64 15.12
C ALA E 129 46.89 41.51 16.48
N GLY E 130 46.36 40.62 17.32
CA GLY E 130 46.88 40.45 18.66
C GLY E 130 48.34 40.02 18.63
N ALA E 131 48.65 39.06 17.76
CA ALA E 131 49.99 38.51 17.74
C ALA E 131 51.02 39.58 17.31
N ARG E 132 50.65 40.37 16.30
CA ARG E 132 51.51 41.46 15.82
C ARG E 132 51.74 42.49 16.92
N ALA E 133 50.70 42.83 17.66
CA ALA E 133 50.84 43.75 18.79
C ALA E 133 51.77 43.17 19.82
N MET E 134 51.61 41.88 20.13
CA MET E 134 52.44 41.23 21.14
C MET E 134 53.92 41.29 20.76
N VAL E 135 54.21 41.06 19.48
CA VAL E 135 55.59 41.14 19.01
C VAL E 135 56.10 42.57 19.03
N ALA E 136 55.31 43.52 18.53
CA ALA E 136 55.61 44.96 18.68
C ALA E 136 55.89 45.34 20.15
N ALA E 137 55.17 44.77 21.11
CA ALA E 137 55.34 45.14 22.52
C ALA E 137 56.47 44.37 23.21
N GLY E 138 57.19 43.52 22.47
CA GLY E 138 58.38 42.86 23.00
C GLY E 138 58.17 41.49 23.64
N ALA E 139 57.17 40.75 23.17
CA ALA E 139 56.92 39.39 23.67
C ALA E 139 58.19 38.54 23.72
N GLY E 140 58.49 37.96 24.89
CA GLY E 140 59.64 37.09 25.04
C GLY E 140 60.88 37.74 25.67
N LYS E 141 61.07 39.05 25.47
CA LYS E 141 62.32 39.76 25.84
C LYS E 141 62.84 39.41 27.24
N ASP E 142 61.94 39.37 28.21
CA ASP E 142 62.27 38.98 29.58
C ASP E 142 62.28 37.45 29.82
N GLY E 143 62.15 36.66 28.75
CA GLY E 143 62.13 35.19 28.88
C GLY E 143 60.76 34.62 29.20
N ARG E 144 59.76 35.49 29.43
CA ARG E 144 58.37 35.08 29.58
C ARG E 144 57.62 35.31 28.27
N SER E 145 56.56 34.52 28.06
CA SER E 145 55.89 34.53 26.78
C SER E 145 54.51 35.16 26.86
N ALA E 146 54.11 35.84 25.79
CA ALA E 146 52.72 36.28 25.64
C ALA E 146 51.82 35.03 25.41
N ARG E 147 50.51 35.22 25.46
CA ARG E 147 49.56 34.08 25.47
C ARG E 147 48.32 34.36 24.64
N ILE E 148 48.06 33.53 23.64
CA ILE E 148 46.79 33.57 22.90
C ILE E 148 45.95 32.36 23.30
N ILE E 149 44.69 32.61 23.65
CA ILE E 149 43.74 31.59 24.06
C ILE E 149 42.49 31.71 23.22
N THR E 150 42.17 30.64 22.47
CA THR E 150 40.98 30.58 21.64
C THR E 150 39.89 29.74 22.34
N ILE E 151 38.64 30.12 22.13
CA ILE E 151 37.51 29.37 22.70
C ILE E 151 36.86 28.57 21.55
N GLY E 152 37.09 27.27 21.54
CA GLY E 152 36.49 26.40 20.55
C GLY E 152 35.29 25.74 21.21
N SER E 153 35.24 24.40 21.18
CA SER E 153 34.06 23.65 21.62
C SER E 153 34.37 22.18 21.45
N VAL E 154 33.62 21.33 22.15
CA VAL E 154 33.66 19.89 21.86
C VAL E 154 33.28 19.67 20.37
N ASN E 155 32.51 20.60 19.79
CA ASN E 155 32.22 20.59 18.35
C ASN E 155 33.43 20.86 17.43
N SER E 156 34.57 21.23 18.02
CA SER E 156 35.84 21.21 17.28
C SER E 156 36.29 19.77 16.90
N PHE E 157 35.74 18.76 17.60
CA PHE E 157 36.18 17.38 17.44
C PHE E 157 35.07 16.39 17.08
N MET E 158 33.88 16.59 17.61
CA MET E 158 32.71 15.73 17.37
C MET E 158 31.48 16.58 17.04
N ALA E 159 30.65 16.12 16.08
CA ALA E 159 29.58 16.94 15.57
C ALA E 159 28.25 16.73 16.33
N GLU E 160 27.61 17.84 16.72
CA GLU E 160 26.17 17.86 17.07
C GLU E 160 25.37 17.81 15.80
N PRO E 161 24.11 17.35 15.88
CA PRO E 161 23.22 17.39 14.71
C PRO E 161 22.77 18.81 14.33
N GLU E 162 22.55 18.99 13.03
CA GLU E 162 21.88 20.19 12.50
C GLU E 162 22.59 21.50 12.77
N ALA E 163 23.93 21.48 12.67
CA ALA E 163 24.71 22.67 12.94
C ALA E 163 26.04 22.64 12.15
N ALA E 164 26.00 22.18 10.91
CA ALA E 164 27.19 21.88 10.15
C ALA E 164 28.09 23.11 9.95
N ALA E 165 27.50 24.31 9.82
CA ALA E 165 28.28 25.50 9.63
C ALA E 165 29.06 25.85 10.87
N TYR E 166 28.39 25.83 12.01
CA TYR E 166 29.04 26.07 13.32
C TYR E 166 30.12 25.03 13.63
N VAL E 167 29.84 23.75 13.34
CA VAL E 167 30.76 22.66 13.62
C VAL E 167 32.01 22.76 12.75
N ALA E 168 31.83 22.99 11.45
CA ALA E 168 32.94 23.21 10.53
C ALA E 168 33.85 24.37 10.94
N ALA E 169 33.25 25.50 11.26
CA ALA E 169 34.00 26.66 11.77
C ALA E 169 34.82 26.31 13.00
N LYS E 170 34.26 25.59 13.95
CA LYS E 170 35.00 25.16 15.17
C LYS E 170 36.19 24.24 14.88
N GLY E 171 36.07 23.35 13.89
CA GLY E 171 37.24 22.55 13.45
C GLY E 171 38.30 23.47 12.86
N GLY E 172 37.85 24.52 12.17
CA GLY E 172 38.72 25.51 11.62
C GLY E 172 39.51 26.24 12.67
N VAL E 173 38.82 26.66 13.72
CA VAL E 173 39.44 27.34 14.83
C VAL E 173 40.42 26.45 15.57
N ALA E 174 40.09 25.16 15.70
CA ALA E 174 41.00 24.19 16.36
C ALA E 174 42.33 24.07 15.60
N MET E 175 42.29 23.94 14.27
CA MET E 175 43.54 23.80 13.51
C MET E 175 44.27 25.13 13.32
N LEU E 176 43.52 26.24 13.23
CA LEU E 176 44.13 27.57 13.29
C LEU E 176 44.96 27.69 14.58
N THR E 177 44.41 27.20 15.68
CA THR E 177 45.09 27.35 16.94
C THR E 177 46.44 26.67 16.91
N ARG E 178 46.48 25.44 16.39
CA ARG E 178 47.72 24.69 16.30
C ARG E 178 48.72 25.31 15.35
N ALA E 179 48.25 25.78 14.19
CA ALA E 179 49.12 26.45 13.20
C ALA E 179 49.72 27.69 13.84
N MET E 180 48.93 28.41 14.64
CA MET E 180 49.44 29.61 15.35
C MET E 180 50.46 29.23 16.39
N ALA E 181 50.24 28.11 17.08
CA ALA E 181 51.20 27.67 18.09
C ALA E 181 52.54 27.40 17.43
N VAL E 182 52.51 26.68 16.32
CA VAL E 182 53.73 26.32 15.63
C VAL E 182 54.51 27.56 15.12
N ASP E 183 53.81 28.49 14.46
CA ASP E 183 54.45 29.64 13.84
C ASP E 183 54.86 30.70 14.84
N LEU E 184 54.19 30.79 15.98
CA LEU E 184 54.46 31.86 16.92
C LEU E 184 55.34 31.49 18.08
N ALA E 185 55.71 30.23 18.19
CA ALA E 185 56.63 29.78 19.24
C ALA E 185 57.97 30.56 19.20
N ARG E 186 58.53 30.76 17.99
CA ARG E 186 59.79 31.48 17.85
C ARG E 186 59.68 32.93 18.30
N HIS E 187 58.47 33.48 18.28
CA HIS E 187 58.20 34.89 18.67
C HIS E 187 57.77 35.05 20.11
N GLY E 188 57.99 34.03 20.92
CA GLY E 188 57.64 34.06 22.35
C GLY E 188 56.14 34.07 22.70
N ILE E 189 55.28 33.53 21.84
CA ILE E 189 53.84 33.48 22.12
C ILE E 189 53.33 32.03 22.21
N LEU E 190 52.64 31.68 23.31
CA LEU E 190 52.03 30.34 23.47
C LEU E 190 50.56 30.42 23.12
N VAL E 191 50.08 29.43 22.37
CA VAL E 191 48.73 29.47 21.83
C VAL E 191 48.03 28.17 22.16
N ASN E 192 46.87 28.27 22.80
CA ASN E 192 46.06 27.10 23.21
C ASN E 192 44.58 27.34 23.07
N MET E 193 43.79 26.25 22.96
CA MET E 193 42.33 26.34 22.85
C MET E 193 41.63 25.80 24.11
N ILE E 194 40.50 26.39 24.45
CA ILE E 194 39.63 25.84 25.48
C ILE E 194 38.40 25.29 24.77
N ALA E 195 38.05 24.03 25.07
CA ALA E 195 36.92 23.37 24.43
C ALA E 195 35.79 23.07 25.46
N PRO E 196 34.82 24.01 25.59
CA PRO E 196 33.68 23.75 26.50
C PRO E 196 32.66 22.80 25.92
N GLY E 197 32.09 21.96 26.78
CA GLY E 197 30.88 21.22 26.44
C GLY E 197 29.68 22.12 26.67
N PRO E 198 28.54 21.52 27.08
CA PRO E 198 27.37 22.36 27.34
C PRO E 198 27.60 23.28 28.52
N VAL E 199 27.28 24.57 28.34
CA VAL E 199 27.48 25.61 29.37
C VAL E 199 26.22 26.43 29.48
N ASP E 200 25.65 26.54 30.69
CA ASP E 200 24.40 27.28 30.88
C ASP E 200 24.76 28.75 31.07
N VAL E 201 24.32 29.56 30.13
CA VAL E 201 24.65 30.99 30.08
C VAL E 201 23.41 31.85 30.39
N THR E 202 22.35 31.24 30.93
CA THR E 202 21.13 31.96 31.24
C THR E 202 21.23 32.76 32.55
N GLY E 203 22.12 32.34 33.45
CA GLY E 203 22.15 32.89 34.82
C GLY E 203 20.94 32.41 35.62
N ASN E 204 20.15 31.54 34.99
CA ASN E 204 18.81 31.22 35.44
C ASN E 204 18.61 29.72 35.68
N ASN E 205 19.67 28.93 35.49
CA ASN E 205 19.56 27.46 35.39
C ASN E 205 18.46 26.98 34.44
N THR E 206 18.24 27.70 33.33
CA THR E 206 17.20 27.33 32.36
C THR E 206 17.72 27.03 30.96
N GLY E 207 19.04 27.11 30.74
CA GLY E 207 19.61 26.91 29.39
C GLY E 207 19.28 25.56 28.76
N TYR E 208 19.32 24.50 29.57
CA TYR E 208 19.17 23.13 29.09
C TYR E 208 17.96 22.45 29.73
N SER E 209 16.88 23.22 29.87
CA SER E 209 15.72 22.76 30.62
C SER E 209 14.66 22.14 29.74
N GLU E 210 14.70 22.34 28.42
CA GLU E 210 13.77 21.64 27.54
C GLU E 210 13.87 20.11 27.89
N PRO E 211 12.73 19.43 28.07
CA PRO E 211 12.78 18.07 28.64
C PRO E 211 13.61 17.02 27.88
N ARG E 212 13.49 16.95 26.56
CA ARG E 212 14.30 16.01 25.79
C ARG E 212 15.81 16.35 25.96
N LEU E 213 16.15 17.63 25.87
CA LEU E 213 17.52 18.09 26.02
C LEU E 213 18.08 17.76 27.39
N ALA E 214 17.29 17.98 28.43
CA ALA E 214 17.76 17.74 29.80
C ALA E 214 18.07 16.25 29.98
N GLU E 215 17.22 15.41 29.40
CA GLU E 215 17.39 13.96 29.44
C GLU E 215 18.72 13.58 28.75
N GLN E 216 19.02 14.20 27.62
CA GLN E 216 20.24 13.85 26.86
C GLN E 216 21.50 14.38 27.57
N VAL E 217 21.37 15.50 28.28
CA VAL E 217 22.49 15.99 29.07
C VAL E 217 22.82 14.98 30.18
N LEU E 218 21.77 14.44 30.82
CA LEU E 218 21.94 13.42 31.87
C LEU E 218 22.60 12.16 31.31
N ASP E 219 22.21 11.75 30.12
CA ASP E 219 22.78 10.58 29.50
C ASP E 219 24.25 10.81 29.03
N GLU E 220 24.50 11.95 28.40
CA GLU E 220 25.79 12.15 27.67
C GLU E 220 26.90 12.86 28.43
N VAL E 221 26.55 13.60 29.48
CA VAL E 221 27.53 14.26 30.30
C VAL E 221 27.71 13.44 31.60
N ALA E 222 28.93 13.05 31.93
CA ALA E 222 29.17 12.18 33.07
C ALA E 222 28.73 12.84 34.36
N LEU E 223 29.01 14.14 34.51
CA LEU E 223 28.57 14.90 35.69
C LEU E 223 27.08 15.21 35.67
N GLY E 224 26.40 14.93 34.56
CA GLY E 224 24.94 15.02 34.53
C GLY E 224 24.34 16.42 34.56
N ARG E 225 25.11 17.42 34.18
CA ARG E 225 24.61 18.79 34.13
C ARG E 225 25.44 19.62 33.16
N PRO E 226 24.93 20.80 32.78
CA PRO E 226 25.74 21.78 32.05
C PRO E 226 26.72 22.44 32.96
N GLY E 227 27.78 22.98 32.37
CA GLY E 227 28.76 23.78 33.12
C GLY E 227 28.29 25.21 33.33
N LEU E 228 28.96 25.91 34.24
CA LEU E 228 28.78 27.35 34.40
C LEU E 228 29.96 28.08 33.74
N PRO E 229 29.73 29.32 33.26
CA PRO E 229 30.80 30.13 32.67
C PRO E 229 32.10 30.22 33.50
N GLU E 230 31.94 30.30 34.82
CA GLU E 230 33.06 30.41 35.75
C GLU E 230 33.92 29.16 35.67
N GLU E 231 33.30 28.02 35.42
CA GLU E 231 34.03 26.77 35.28
C GLU E 231 34.89 26.69 34.01
N VAL E 232 34.62 27.55 33.03
CA VAL E 232 35.46 27.69 31.87
C VAL E 232 36.56 28.77 32.08
N ALA E 233 36.16 29.92 32.63
CA ALA E 233 37.10 31.03 32.90
C ALA E 233 38.34 30.61 33.65
N THR E 234 38.19 29.71 34.62
CA THR E 234 39.31 29.27 35.40
C THR E 234 40.49 28.75 34.53
N ALA E 235 40.18 28.11 33.41
CA ALA E 235 41.22 27.61 32.48
C ALA E 235 41.90 28.76 31.71
N ALA E 236 41.15 29.83 31.45
CA ALA E 236 41.72 31.02 30.80
C ALA E 236 42.77 31.66 31.70
N VAL E 237 42.59 31.61 33.03
CA VAL E 237 43.61 32.08 33.95
C VAL E 237 44.84 31.13 33.95
N PHE E 238 44.58 29.84 34.07
CA PHE E 238 45.65 28.85 34.04
C PHE E 238 46.55 29.00 32.81
N LEU E 239 45.94 29.16 31.64
CA LEU E 239 46.67 29.26 30.37
C LEU E 239 47.38 30.63 30.18
N ALA E 240 46.95 31.65 30.90
CA ALA E 240 47.56 32.98 30.80
C ALA E 240 48.70 33.23 31.84
N GLU E 241 48.79 32.40 32.86
CA GLU E 241 49.77 32.63 33.93
C GLU E 241 51.17 32.12 33.58
N ASP E 242 52.17 32.64 34.29
CA ASP E 242 53.58 32.39 34.00
C ASP E 242 53.95 30.92 34.08
N GLY E 243 53.29 30.20 34.99
CA GLY E 243 53.60 28.79 35.23
C GLY E 243 53.36 27.87 34.04
N SER E 244 52.48 28.29 33.13
CA SER E 244 52.07 27.46 31.97
C SER E 244 52.98 27.62 30.76
N SER E 245 54.28 27.76 31.04
CA SER E 245 55.25 28.18 30.05
C SER E 245 55.69 27.07 29.11
N PHE E 246 55.30 25.81 29.37
CA PHE E 246 55.61 24.71 28.42
C PHE E 246 54.37 24.17 27.70
N ILE E 247 53.27 24.92 27.77
CA ILE E 247 51.99 24.47 27.24
C ILE E 247 51.66 25.29 26.03
N THR E 248 51.67 24.64 24.87
CA THR E 248 51.32 25.32 23.63
C THR E 248 50.86 24.31 22.61
N GLY E 249 49.96 24.72 21.75
CA GLY E 249 49.34 23.88 20.71
C GLY E 249 48.30 22.87 21.25
N SER E 250 47.86 23.06 22.49
CA SER E 250 47.00 22.05 23.16
C SER E 250 45.58 22.53 23.37
N THR E 251 44.74 21.62 23.84
CA THR E 251 43.36 21.91 24.14
C THR E 251 43.06 21.49 25.58
N ILE E 252 42.36 22.36 26.31
CA ILE E 252 41.83 22.02 27.62
C ILE E 252 40.32 21.84 27.43
N THR E 253 39.84 20.62 27.65
CA THR E 253 38.45 20.30 27.39
C THR E 253 37.72 20.38 28.73
N ILE E 254 36.60 21.09 28.73
CA ILE E 254 35.81 21.38 29.93
C ILE E 254 34.36 21.04 29.65
N ASP E 255 34.04 19.75 29.80
CA ASP E 255 32.77 19.23 29.33
C ASP E 255 32.04 18.19 30.24
N GLY E 256 32.48 18.07 31.49
CA GLY E 256 31.85 17.15 32.43
C GLY E 256 31.91 15.71 32.01
N GLY E 257 32.88 15.38 31.14
CA GLY E 257 33.09 14.02 30.64
C GLY E 257 32.37 13.67 29.37
N LEU E 258 31.70 14.61 28.76
CA LEU E 258 31.00 14.35 27.52
C LEU E 258 31.85 13.62 26.46
N SER E 259 33.02 14.16 26.16
CA SER E 259 33.82 13.62 25.07
C SER E 259 34.59 12.36 25.48
N ALA E 260 34.61 12.02 26.77
CA ALA E 260 35.30 10.84 27.27
C ALA E 260 34.46 9.58 27.28
N MET E 261 33.15 9.72 27.10
CA MET E 261 32.16 8.65 27.44
C MET E 261 31.37 8.24 26.22
N ILE E 262 31.06 6.95 26.11
CA ILE E 262 30.04 6.47 25.17
C ILE E 262 29.00 5.63 25.94
N PHE E 263 27.75 5.58 25.46
CA PHE E 263 26.66 4.84 26.11
C PHE E 263 26.47 5.21 27.57
N GLY E 264 26.60 6.50 27.85
CA GLY E 264 26.40 7.03 29.18
C GLY E 264 24.99 6.82 29.71
N GLY E 265 24.02 6.71 28.81
CA GLY E 265 22.64 6.42 29.24
C GLY E 265 22.49 5.05 29.90
N MET E 266 23.49 4.17 29.70
CA MET E 266 23.48 2.82 30.27
C MET E 266 24.04 2.75 31.67
N ARG E 267 24.69 3.80 32.15
CA ARG E 267 25.39 3.73 33.44
C ARG E 267 24.45 3.64 34.66
N GLU E 268 24.97 3.02 35.72
CA GLU E 268 24.26 2.88 36.99
C GLU E 268 23.95 4.23 37.52
N GLY E 269 22.68 4.48 37.85
CA GLY E 269 22.23 5.81 38.25
C GLY E 269 21.45 6.51 37.16
N ARG E 270 21.58 6.05 35.91
CA ARG E 270 20.84 6.60 34.78
C ARG E 270 19.82 5.62 34.26
N ARG E 271 20.28 4.40 34.03
CA ARG E 271 19.45 3.22 33.77
C ARG E 271 18.19 3.33 34.59
N GLY F 11 4.10 25.77 -31.77
CA GLY F 11 3.31 25.09 -32.84
C GLY F 11 4.19 24.48 -33.92
N ARG F 12 3.69 23.43 -34.56
CA ARG F 12 4.48 22.63 -35.54
C ARG F 12 4.76 23.36 -36.85
N LEU F 13 4.03 24.43 -37.15
CA LEU F 13 4.25 25.24 -38.33
C LEU F 13 4.65 26.69 -37.95
N ALA F 14 5.27 26.83 -36.77
CA ALA F 14 5.54 28.17 -36.19
C ALA F 14 6.38 29.00 -37.13
N GLY F 15 5.85 30.13 -37.55
CA GLY F 15 6.58 31.05 -38.41
C GLY F 15 6.55 30.76 -39.90
N LYS F 16 5.82 29.74 -40.33
CA LYS F 16 5.74 29.41 -41.76
C LYS F 16 4.64 30.21 -42.44
N ALA F 17 4.88 30.57 -43.70
CA ALA F 17 3.91 31.29 -44.55
C ALA F 17 3.18 30.31 -45.48
N ALA F 18 1.85 30.27 -45.38
CA ALA F 18 1.04 29.29 -46.10
C ALA F 18 -0.07 29.95 -46.90
N ILE F 19 -0.30 29.48 -48.13
CA ILE F 19 -1.53 29.74 -48.87
C ILE F 19 -2.38 28.46 -48.91
N VAL F 20 -3.66 28.58 -48.55
CA VAL F 20 -4.63 27.52 -48.72
C VAL F 20 -5.73 27.96 -49.71
N THR F 21 -5.87 27.27 -50.84
CA THR F 21 -6.97 27.55 -51.78
C THR F 21 -8.16 26.68 -51.45
N GLY F 22 -9.33 27.04 -52.00
CA GLY F 22 -10.61 26.47 -51.61
C GLY F 22 -10.89 26.65 -50.14
N ALA F 23 -10.44 27.77 -49.57
CA ALA F 23 -10.39 27.98 -48.10
C ALA F 23 -11.74 28.23 -47.43
N ALA F 24 -12.77 28.49 -48.22
CA ALA F 24 -14.13 28.58 -47.65
C ALA F 24 -14.73 27.16 -47.47
N GLY F 25 -14.50 26.26 -48.42
CA GLY F 25 -15.01 24.88 -48.35
C GLY F 25 -14.51 24.06 -47.16
N GLY F 26 -15.22 22.97 -46.86
CA GLY F 26 -14.92 22.06 -45.74
C GLY F 26 -13.45 21.79 -45.48
N ILE F 27 -12.81 21.02 -46.36
CA ILE F 27 -11.41 20.63 -46.16
C ILE F 27 -10.48 21.86 -46.08
N GLY F 28 -10.65 22.79 -47.02
CA GLY F 28 -9.83 24.03 -47.01
C GLY F 28 -9.98 24.86 -45.72
N ARG F 29 -11.23 24.97 -45.25
CA ARG F 29 -11.51 25.66 -44.00
C ARG F 29 -10.84 24.94 -42.81
N ALA F 30 -11.04 23.62 -42.70
CA ALA F 30 -10.42 22.89 -41.61
C ALA F 30 -8.90 23.02 -41.66
N THR F 31 -8.33 23.15 -42.86
CA THR F 31 -6.89 23.29 -43.03
C THR F 31 -6.36 24.67 -42.58
N VAL F 32 -7.04 25.73 -43.00
CA VAL F 32 -6.78 27.07 -42.49
C VAL F 32 -6.76 27.11 -40.94
N GLU F 33 -7.78 26.52 -40.32
CA GLU F 33 -7.85 26.51 -38.85
C GLU F 33 -6.70 25.73 -38.19
N ALA F 34 -6.37 24.55 -38.76
CA ALA F 34 -5.28 23.71 -38.21
C ALA F 34 -3.94 24.41 -38.38
N TYR F 35 -3.76 25.10 -39.50
CA TYR F 35 -2.53 25.84 -39.77
C TYR F 35 -2.33 27.05 -38.82
N LEU F 36 -3.39 27.84 -38.62
CA LEU F 36 -3.38 28.94 -37.65
C LEU F 36 -3.08 28.41 -36.25
N ARG F 37 -3.80 27.36 -35.84
CA ARG F 37 -3.55 26.71 -34.56
C ARG F 37 -2.11 26.22 -34.37
N GLU F 38 -1.41 25.91 -35.47
CA GLU F 38 -0.03 25.40 -35.37
C GLU F 38 1.03 26.47 -35.62
N GLY F 39 0.59 27.73 -35.65
CA GLY F 39 1.51 28.87 -35.62
C GLY F 39 1.91 29.44 -36.97
N ALA F 40 1.19 29.07 -38.02
CA ALA F 40 1.52 29.57 -39.36
C ALA F 40 0.77 30.88 -39.60
N SER F 41 1.28 31.67 -40.54
CA SER F 41 0.55 32.78 -41.13
C SER F 41 -0.11 32.28 -42.40
N VAL F 42 -1.40 32.54 -42.53
CA VAL F 42 -2.21 31.85 -43.51
C VAL F 42 -3.02 32.83 -44.35
N VAL F 43 -2.85 32.76 -45.66
CA VAL F 43 -3.80 33.36 -46.59
C VAL F 43 -4.89 32.34 -46.93
N ALA F 44 -6.14 32.76 -46.81
CA ALA F 44 -7.29 31.95 -47.18
C ALA F 44 -7.81 32.45 -48.51
N MET F 45 -7.67 31.64 -49.55
CA MET F 45 -8.10 32.00 -50.89
C MET F 45 -9.33 31.21 -51.31
N ASP F 46 -10.31 31.91 -51.87
CA ASP F 46 -11.52 31.28 -52.45
C ASP F 46 -12.30 32.33 -53.20
N LEU F 47 -13.44 31.97 -53.76
CA LEU F 47 -14.34 32.97 -54.40
C LEU F 47 -14.77 34.06 -53.42
N ALA F 48 -14.90 35.29 -53.93
CA ALA F 48 -15.21 36.46 -53.07
C ALA F 48 -16.46 36.24 -52.22
N PRO F 49 -17.58 35.86 -52.86
CA PRO F 49 -18.79 35.57 -52.10
C PRO F 49 -18.57 34.59 -50.96
N ARG F 50 -17.88 33.49 -51.25
CA ARG F 50 -17.67 32.41 -50.26
C ARG F 50 -16.84 32.87 -49.08
N LEU F 51 -15.77 33.59 -49.35
CA LEU F 51 -14.96 34.20 -48.29
C LEU F 51 -15.82 35.12 -47.43
N ALA F 52 -16.67 35.91 -48.08
CA ALA F 52 -17.59 36.83 -47.38
C ALA F 52 -18.50 36.06 -46.43
N ALA F 53 -18.96 34.89 -46.84
CA ALA F 53 -19.90 34.08 -46.06
C ALA F 53 -19.27 33.11 -45.03
N THR F 54 -17.96 33.14 -44.81
CA THR F 54 -17.33 32.16 -43.89
C THR F 54 -16.71 32.79 -42.64
N ARG F 55 -16.71 32.04 -41.55
CA ARG F 55 -16.03 32.44 -40.32
C ARG F 55 -15.10 31.32 -39.91
N TYR F 56 -13.95 31.68 -39.38
CA TYR F 56 -12.99 30.70 -38.90
C TYR F 56 -13.00 30.68 -37.39
N GLU F 57 -12.90 29.49 -36.81
CA GLU F 57 -12.85 29.37 -35.36
C GLU F 57 -11.48 29.78 -34.77
N GLU F 58 -10.52 30.10 -35.62
CA GLU F 58 -9.21 30.59 -35.18
C GLU F 58 -8.97 31.97 -35.83
N PRO F 59 -8.27 32.88 -35.12
CA PRO F 59 -8.00 34.20 -35.67
C PRO F 59 -6.69 34.28 -36.45
N GLY F 60 -6.61 35.21 -37.39
CA GLY F 60 -5.37 35.49 -38.12
C GLY F 60 -5.41 35.30 -39.63
N ALA F 61 -6.47 34.69 -40.15
CA ALA F 61 -6.58 34.38 -41.58
C ALA F 61 -6.57 35.64 -42.41
N ILE F 62 -5.75 35.68 -43.46
CA ILE F 62 -5.74 36.78 -44.41
C ILE F 62 -6.55 36.39 -45.65
N PRO F 63 -7.81 36.88 -45.76
CA PRO F 63 -8.63 36.49 -46.90
C PRO F 63 -8.19 37.19 -48.16
N ILE F 64 -8.16 36.45 -49.27
CA ILE F 64 -7.82 37.00 -50.59
C ILE F 64 -8.67 36.31 -51.62
N ALA F 65 -9.53 37.09 -52.29
CA ALA F 65 -10.46 36.56 -53.29
C ALA F 65 -9.70 36.09 -54.53
N CYS F 66 -10.18 35.00 -55.14
CA CYS F 66 -9.62 34.49 -56.38
C CYS F 66 -10.64 33.70 -57.19
N ASP F 67 -10.26 33.31 -58.40
CA ASP F 67 -11.17 32.65 -59.32
C ASP F 67 -10.48 31.53 -60.14
N LEU F 68 -10.42 30.34 -59.53
CA LEU F 68 -9.79 29.16 -60.15
C LEU F 68 -10.53 28.79 -61.43
N ARG F 71 -7.06 32.61 -65.26
CA ARG F 71 -5.61 32.51 -65.17
C ARG F 71 -4.97 33.83 -64.72
N ALA F 72 -5.45 34.93 -65.29
CA ALA F 72 -5.05 36.27 -64.83
C ALA F 72 -5.40 36.44 -63.37
N ALA F 73 -6.60 35.99 -63.00
CA ALA F 73 -7.06 36.08 -61.61
C ALA F 73 -6.13 35.31 -60.67
N ILE F 74 -5.74 34.10 -61.07
CA ILE F 74 -4.87 33.24 -60.23
C ILE F 74 -3.52 33.91 -59.95
N ASP F 75 -2.87 34.39 -61.01
CA ASP F 75 -1.59 35.09 -60.86
C ASP F 75 -1.68 36.32 -59.95
N ALA F 76 -2.71 37.13 -60.18
CA ALA F 76 -2.93 38.33 -59.36
C ALA F 76 -3.13 38.00 -57.87
N ALA F 77 -3.97 37.01 -57.61
CA ALA F 77 -4.24 36.60 -56.23
C ALA F 77 -3.01 35.99 -55.54
N MET F 78 -2.23 35.20 -56.29
CA MET F 78 -1.00 34.60 -55.73
C MET F 78 0.10 35.65 -55.48
N ALA F 79 0.26 36.60 -56.40
CA ALA F 79 1.24 37.69 -56.18
C ALA F 79 0.86 38.51 -54.94
N ASP F 80 -0.40 38.87 -54.82
CA ASP F 80 -0.92 39.62 -53.67
C ASP F 80 -0.68 38.83 -52.37
N ALA F 81 -0.99 37.53 -52.39
CA ALA F 81 -0.82 36.68 -51.22
C ALA F 81 0.64 36.65 -50.75
N VAL F 82 1.55 36.43 -51.69
CA VAL F 82 2.97 36.32 -51.35
C VAL F 82 3.52 37.66 -50.82
N ALA F 83 3.07 38.76 -51.44
CA ALA F 83 3.40 40.11 -50.97
C ALA F 83 3.02 40.27 -49.51
N ARG F 84 1.78 39.90 -49.17
CA ARG F 84 1.30 40.09 -47.80
C ARG F 84 1.96 39.17 -46.79
N LEU F 85 2.40 37.99 -47.24
CA LEU F 85 3.03 37.04 -46.31
C LEU F 85 4.51 37.32 -46.17
N GLY F 86 5.10 37.96 -47.20
CA GLY F 86 6.52 38.21 -47.23
C GLY F 86 7.33 37.00 -47.66
N GLY F 87 6.70 36.12 -48.45
CA GLY F 87 7.31 34.85 -48.88
C GLY F 87 6.27 33.73 -49.00
N LEU F 88 6.75 32.48 -49.08
CA LEU F 88 5.87 31.33 -49.22
C LEU F 88 6.59 30.03 -48.89
N ASP F 89 6.14 29.35 -47.84
CA ASP F 89 6.73 28.07 -47.45
C ASP F 89 5.82 26.88 -47.81
N ILE F 90 4.51 27.10 -47.80
CA ILE F 90 3.49 26.02 -47.91
C ILE F 90 2.35 26.44 -48.82
N LEU F 91 2.03 25.60 -49.80
CA LEU F 91 0.82 25.72 -50.63
C LEU F 91 -0.07 24.49 -50.47
N VAL F 92 -1.35 24.70 -50.16
CA VAL F 92 -2.36 23.63 -50.17
C VAL F 92 -3.35 23.98 -51.29
N ALA F 93 -3.29 23.25 -52.39
CA ALA F 93 -4.17 23.49 -53.54
C ALA F 93 -5.42 22.69 -53.39
N GLY F 94 -6.40 23.29 -52.72
CA GLY F 94 -7.67 22.65 -52.34
C GLY F 94 -8.85 23.05 -53.19
N GLY F 95 -8.68 24.04 -54.07
CA GLY F 95 -9.78 24.47 -54.92
C GLY F 95 -10.21 23.32 -55.82
N ALA F 96 -11.52 23.08 -55.90
CA ALA F 96 -12.05 21.97 -56.68
C ALA F 96 -13.58 22.02 -56.90
N LEU F 97 -14.00 21.78 -58.14
CA LEU F 97 -15.40 21.46 -58.43
C LEU F 97 -15.65 19.98 -58.16
N LYS F 98 -16.70 19.65 -57.42
CA LYS F 98 -17.06 18.26 -57.14
C LYS F 98 -18.36 17.95 -57.84
N GLY F 99 -18.77 16.68 -57.81
CA GLY F 99 -20.07 16.30 -58.36
C GLY F 99 -20.00 15.52 -59.67
N GLY F 100 -21.04 14.73 -59.91
CA GLY F 100 -21.19 13.95 -61.13
C GLY F 100 -22.12 14.62 -62.12
N THR F 101 -22.26 14.00 -63.28
CA THR F 101 -23.04 14.58 -64.36
C THR F 101 -24.09 13.61 -64.89
N GLY F 102 -23.78 12.31 -64.91
CA GLY F 102 -24.59 11.32 -65.59
C GLY F 102 -23.66 10.37 -66.33
N ASN F 103 -24.25 9.45 -67.09
CA ASN F 103 -23.47 8.46 -67.79
C ASN F 103 -22.50 9.09 -68.77
N PHE F 104 -21.36 8.43 -68.94
CA PHE F 104 -20.34 8.88 -69.91
C PHE F 104 -20.91 9.10 -71.33
N LEU F 105 -21.81 8.23 -71.78
CA LEU F 105 -22.44 8.40 -73.09
C LEU F 105 -23.04 9.78 -73.35
N ASP F 106 -23.57 10.42 -72.31
CA ASP F 106 -24.23 11.71 -72.41
C ASP F 106 -23.40 12.85 -71.89
N LEU F 107 -22.12 12.62 -71.58
CA LEU F 107 -21.29 13.67 -71.00
C LEU F 107 -21.03 14.74 -72.05
N SER F 108 -21.37 15.99 -71.72
CA SER F 108 -21.25 17.09 -72.68
C SER F 108 -19.85 17.72 -72.67
N ASP F 109 -19.50 18.37 -73.78
CA ASP F 109 -18.26 19.13 -73.88
C ASP F 109 -18.11 20.18 -72.77
N ALA F 110 -19.22 20.84 -72.45
CA ALA F 110 -19.20 21.90 -71.43
C ALA F 110 -18.87 21.34 -70.05
N ASP F 111 -19.46 20.21 -69.69
CA ASP F 111 -19.16 19.58 -68.40
C ASP F 111 -17.71 19.06 -68.36
N TRP F 112 -17.29 18.38 -69.41
CA TRP F 112 -15.87 17.96 -69.54
C TRP F 112 -14.94 19.12 -69.31
N ASP F 113 -15.14 20.20 -70.07
CA ASP F 113 -14.22 21.36 -70.03
C ASP F 113 -14.20 22.06 -68.67
N ARG F 114 -15.32 22.14 -67.96
N ARG F 114 -15.35 22.13 -68.00
CA ARG F 114 -15.30 22.87 -66.69
CA ARG F 114 -15.45 22.80 -66.71
C ARG F 114 -14.61 22.04 -65.59
C ARG F 114 -14.65 22.04 -65.61
N TYR F 115 -14.75 20.71 -65.61
CA TYR F 115 -14.03 19.87 -64.63
C TYR F 115 -12.51 19.84 -64.93
N VAL F 116 -12.14 19.68 -66.19
CA VAL F 116 -10.72 19.67 -66.53
C VAL F 116 -10.12 21.05 -66.26
N ASP F 117 -10.76 22.10 -66.80
CA ASP F 117 -10.26 23.48 -66.64
C ASP F 117 -10.16 23.91 -65.18
N VAL F 118 -11.20 23.67 -64.39
CA VAL F 118 -11.16 24.14 -63.01
C VAL F 118 -10.28 23.28 -62.13
N ASN F 119 -10.44 21.96 -62.21
CA ASN F 119 -9.73 21.07 -61.27
C ASN F 119 -8.29 20.70 -61.67
N MET F 120 -8.09 20.40 -62.93
CA MET F 120 -6.75 20.06 -63.39
C MET F 120 -5.93 21.30 -63.69
N THR F 121 -6.37 22.11 -64.65
CA THR F 121 -5.63 23.31 -65.06
C THR F 121 -5.53 24.35 -63.93
N GLY F 122 -6.60 24.53 -63.18
CA GLY F 122 -6.56 25.45 -62.04
C GLY F 122 -5.51 25.06 -61.01
N THR F 123 -5.41 23.74 -60.72
CA THR F 123 -4.37 23.22 -59.82
C THR F 123 -2.96 23.40 -60.40
N PHE F 124 -2.81 23.14 -61.69
CA PHE F 124 -1.53 23.42 -62.36
C PHE F 124 -1.09 24.87 -62.23
N LEU F 125 -1.97 25.81 -62.58
CA LEU F 125 -1.64 27.26 -62.57
C LEU F 125 -1.30 27.74 -61.17
N THR F 126 -2.08 27.30 -60.18
CA THR F 126 -1.84 27.68 -58.79
C THR F 126 -0.49 27.11 -58.33
N CYS F 127 -0.21 25.85 -58.68
CA CYS F 127 1.03 25.22 -58.19
C CYS F 127 2.28 25.74 -58.90
N ARG F 128 2.17 26.07 -60.20
CA ARG F 128 3.27 26.71 -60.91
C ARG F 128 3.61 28.07 -60.25
N ALA F 129 2.59 28.89 -60.00
CA ALA F 129 2.77 30.21 -59.35
C ALA F 129 3.40 30.05 -57.97
N GLY F 130 2.88 29.09 -57.21
CA GLY F 130 3.37 28.82 -55.89
C GLY F 130 4.82 28.42 -55.93
N ALA F 131 5.16 27.52 -56.84
CA ALA F 131 6.50 26.97 -56.87
C ALA F 131 7.51 28.06 -57.21
N ARG F 132 7.18 28.87 -58.21
CA ARG F 132 8.05 30.00 -58.59
C ARG F 132 8.23 30.98 -57.45
N ALA F 133 7.17 31.27 -56.71
CA ALA F 133 7.30 32.16 -55.54
C ALA F 133 8.19 31.52 -54.44
N MET F 134 8.06 30.21 -54.23
CA MET F 134 8.87 29.51 -53.23
C MET F 134 10.35 29.59 -53.58
N VAL F 135 10.68 29.42 -54.87
CA VAL F 135 12.05 29.53 -55.34
C VAL F 135 12.53 30.99 -55.16
N ALA F 136 11.76 31.94 -55.69
CA ALA F 136 12.07 33.37 -55.51
C ALA F 136 12.31 33.68 -54.04
N ALA F 137 11.57 33.07 -53.12
CA ALA F 137 11.74 33.36 -51.68
C ALA F 137 12.87 32.56 -51.01
N GLY F 138 13.61 31.78 -51.77
CA GLY F 138 14.77 31.07 -51.25
C GLY F 138 14.54 29.69 -50.67
N ALA F 139 13.57 28.94 -51.21
CA ALA F 139 13.32 27.54 -50.78
C ALA F 139 14.60 26.69 -50.79
N GLY F 140 14.89 26.05 -49.65
CA GLY F 140 16.05 25.17 -49.52
C GLY F 140 17.28 25.77 -48.84
N LYS F 141 17.51 27.07 -48.96
CA LYS F 141 18.77 27.70 -48.51
C LYS F 141 19.11 27.36 -47.07
N ASP F 142 18.10 27.29 -46.21
CA ASP F 142 18.26 26.82 -44.83
C ASP F 142 18.45 25.29 -44.73
N GLY F 143 18.49 24.59 -45.87
CA GLY F 143 18.46 23.12 -45.85
C GLY F 143 17.09 22.52 -45.56
N ARG F 144 16.11 23.36 -45.22
CA ARG F 144 14.71 22.93 -45.08
C ARG F 144 13.99 23.21 -46.40
N SER F 145 12.92 22.45 -46.69
CA SER F 145 12.27 22.52 -47.99
C SER F 145 10.89 23.15 -47.90
N ALA F 146 10.49 23.89 -48.94
CA ALA F 146 9.12 24.31 -49.10
C ALA F 146 8.21 23.08 -49.41
N ARG F 147 6.91 23.27 -49.39
CA ARG F 147 5.97 22.12 -49.43
C ARG F 147 4.73 22.46 -50.23
N ILE F 148 4.47 21.66 -51.27
CA ILE F 148 3.23 21.74 -52.04
C ILE F 148 2.38 20.48 -51.76
N ILE F 149 1.12 20.69 -51.43
CA ILE F 149 0.18 19.66 -51.03
C ILE F 149 -1.06 19.83 -51.87
N THR F 150 -1.36 18.80 -52.69
CA THR F 150 -2.55 18.79 -53.56
C THR F 150 -3.66 17.92 -52.95
N ILE F 151 -4.91 18.33 -53.16
CA ILE F 151 -6.04 17.55 -52.65
C ILE F 151 -6.66 16.80 -53.79
N GLY F 152 -6.44 15.50 -53.84
CA GLY F 152 -7.01 14.68 -54.91
C GLY F 152 -8.21 13.98 -54.33
N SER F 153 -8.25 12.64 -54.45
CA SER F 153 -9.42 11.86 -54.07
C SER F 153 -9.12 10.37 -54.25
N VAL F 154 -9.88 9.50 -53.61
CA VAL F 154 -9.84 8.07 -53.99
C VAL F 154 -10.19 7.91 -55.48
N ASN F 155 -10.93 8.87 -56.03
CA ASN F 155 -11.22 8.92 -57.49
C ASN F 155 -9.99 9.24 -58.36
N SER F 156 -8.86 9.57 -57.73
CA SER F 156 -7.58 9.63 -58.45
C SER F 156 -7.10 8.26 -58.90
N PHE F 157 -7.67 7.18 -58.31
CA PHE F 157 -7.22 5.79 -58.49
C PHE F 157 -8.34 4.80 -58.90
N MET F 158 -9.53 5.00 -58.37
CA MET F 158 -10.69 4.16 -58.69
C MET F 158 -11.91 5.01 -59.02
N ALA F 159 -12.72 4.58 -59.98
CA ALA F 159 -13.82 5.41 -60.46
C ALA F 159 -15.16 5.17 -59.74
N GLU F 160 -15.80 6.25 -59.31
CA GLU F 160 -17.25 6.26 -59.02
C GLU F 160 -18.05 6.27 -60.30
N PRO F 161 -19.30 5.83 -60.26
CA PRO F 161 -20.17 5.93 -61.41
C PRO F 161 -20.63 7.36 -61.72
N GLU F 162 -20.82 7.62 -62.99
CA GLU F 162 -21.48 8.82 -63.49
C GLU F 162 -20.77 10.15 -63.17
N ALA F 163 -19.44 10.12 -63.19
CA ALA F 163 -18.66 11.28 -62.86
C ALA F 163 -17.30 11.32 -63.63
N ALA F 164 -17.33 10.91 -64.90
CA ALA F 164 -16.12 10.65 -65.67
C ALA F 164 -15.21 11.88 -65.81
N ALA F 165 -15.80 13.07 -65.94
CA ALA F 165 -15.03 14.29 -66.03
C ALA F 165 -14.28 14.58 -64.74
N TYR F 166 -14.97 14.52 -63.61
CA TYR F 166 -14.35 14.68 -62.28
C TYR F 166 -13.25 13.61 -62.01
N VAL F 167 -13.53 12.37 -62.35
CA VAL F 167 -12.61 11.25 -62.10
C VAL F 167 -11.33 11.38 -62.97
N ALA F 168 -11.51 11.65 -64.27
CA ALA F 168 -10.38 11.95 -65.17
C ALA F 168 -9.48 13.12 -64.66
N ALA F 169 -10.09 14.24 -64.31
CA ALA F 169 -9.36 15.35 -63.72
C ALA F 169 -8.56 14.96 -62.45
N LYS F 170 -9.14 14.14 -61.60
CA LYS F 170 -8.41 13.65 -60.40
C LYS F 170 -7.19 12.76 -60.71
N GLY F 171 -7.26 11.94 -61.75
CA GLY F 171 -6.11 11.18 -62.22
C GLY F 171 -5.02 12.11 -62.75
N GLY F 172 -5.47 13.14 -63.48
CA GLY F 172 -4.62 14.18 -63.91
C GLY F 172 -3.88 14.85 -62.76
N VAL F 173 -4.60 15.21 -61.72
CA VAL F 173 -3.98 15.86 -60.54
C VAL F 173 -2.99 14.94 -59.85
N ALA F 174 -3.32 13.65 -59.75
CA ALA F 174 -2.41 12.69 -59.15
C ALA F 174 -1.07 12.59 -59.89
N MET F 175 -1.09 12.56 -61.22
CA MET F 175 0.17 12.46 -61.97
C MET F 175 0.89 13.81 -62.05
N LEU F 176 0.14 14.90 -62.15
CA LEU F 176 0.74 16.21 -62.01
C LEU F 176 1.55 16.30 -60.68
N THR F 177 0.99 15.76 -59.63
CA THR F 177 1.66 15.80 -58.34
C THR F 177 3.01 15.11 -58.41
N ARG F 178 3.04 13.92 -59.02
CA ARG F 178 4.27 13.17 -59.11
C ARG F 178 5.31 13.82 -60.00
N ALA F 179 4.87 14.39 -61.13
CA ALA F 179 5.77 15.11 -62.05
C ALA F 179 6.35 16.34 -61.32
N MET F 180 5.52 17.02 -60.53
CA MET F 180 5.99 18.18 -59.77
C MET F 180 7.02 17.74 -58.75
N ALA F 181 6.78 16.62 -58.08
CA ALA F 181 7.73 16.08 -57.10
C ALA F 181 9.09 15.85 -57.72
N VAL F 182 9.09 15.18 -58.85
CA VAL F 182 10.31 14.88 -59.55
C VAL F 182 11.10 16.14 -59.98
N ASP F 183 10.43 17.11 -60.60
CA ASP F 183 11.09 18.30 -61.17
C ASP F 183 11.47 19.31 -60.12
N LEU F 184 10.76 19.32 -58.98
CA LEU F 184 11.00 20.36 -57.98
C LEU F 184 11.89 19.95 -56.82
N ALA F 185 12.27 18.67 -56.77
CA ALA F 185 13.19 18.17 -55.75
C ALA F 185 14.53 18.94 -55.76
N ARG F 186 15.08 19.20 -56.95
CA ARG F 186 16.34 19.95 -57.02
C ARG F 186 16.21 21.38 -56.51
N HIS F 187 14.98 21.94 -56.49
CA HIS F 187 14.71 23.32 -56.01
C HIS F 187 14.26 23.39 -54.59
N GLY F 188 14.44 22.30 -53.84
CA GLY F 188 14.07 22.28 -52.43
C GLY F 188 12.59 22.31 -52.12
N ILE F 189 11.75 21.78 -53.01
CA ILE F 189 10.30 21.71 -52.73
C ILE F 189 9.82 20.25 -52.72
N LEU F 190 9.08 19.87 -51.67
CA LEU F 190 8.48 18.52 -51.59
C LEU F 190 6.99 18.62 -51.98
N VAL F 191 6.52 17.66 -52.75
CA VAL F 191 5.21 17.70 -53.31
C VAL F 191 4.49 16.38 -53.06
N ASN F 192 3.33 16.44 -52.41
CA ASN F 192 2.53 15.23 -52.08
C ASN F 192 1.04 15.47 -52.25
N MET F 193 0.26 14.40 -52.43
CA MET F 193 -1.20 14.48 -52.54
C MET F 193 -1.92 13.90 -51.30
N ILE F 194 -3.08 14.46 -50.95
CA ILE F 194 -3.93 13.84 -49.97
C ILE F 194 -5.14 13.31 -50.75
N ALA F 195 -5.48 12.04 -50.53
CA ALA F 195 -6.61 11.42 -51.22
C ALA F 195 -7.74 11.09 -50.21
N PRO F 196 -8.71 12.01 -50.03
CA PRO F 196 -9.88 11.68 -49.17
C PRO F 196 -10.88 10.75 -49.82
N GLY F 197 -11.47 9.90 -49.00
CA GLY F 197 -12.67 9.18 -49.39
C GLY F 197 -13.86 10.05 -49.09
N PRO F 198 -15.01 9.43 -48.76
CA PRO F 198 -16.19 10.26 -48.49
C PRO F 198 -15.99 11.14 -47.25
N VAL F 199 -16.30 12.42 -47.39
CA VAL F 199 -16.11 13.39 -46.31
C VAL F 199 -17.40 14.19 -46.17
N ASP F 200 -17.96 14.25 -44.96
CA ASP F 200 -19.21 14.98 -44.73
C ASP F 200 -18.85 16.45 -44.48
N VAL F 201 -19.30 17.30 -45.38
CA VAL F 201 -18.99 18.73 -45.36
C VAL F 201 -20.22 19.57 -45.01
N THR F 202 -21.29 18.94 -44.53
CA THR F 202 -22.54 19.63 -44.19
C THR F 202 -22.45 20.37 -42.86
N GLY F 203 -21.59 19.92 -41.95
CA GLY F 203 -21.60 20.39 -40.56
C GLY F 203 -22.82 19.87 -39.81
N ASN F 204 -23.57 19.02 -40.48
CA ASN F 204 -24.93 18.67 -40.07
C ASN F 204 -25.11 17.16 -39.93
N ASN F 205 -24.05 16.40 -40.18
CA ASN F 205 -24.14 14.96 -40.32
C ASN F 205 -25.27 14.54 -41.26
N THR F 206 -25.44 15.25 -42.37
CA THR F 206 -26.46 14.92 -43.39
C THR F 206 -25.93 14.72 -44.80
N GLY F 207 -24.60 14.79 -44.99
CA GLY F 207 -24.00 14.67 -46.32
C GLY F 207 -24.29 13.35 -47.04
N TYR F 208 -24.28 12.24 -46.28
CA TYR F 208 -24.42 10.90 -46.85
C TYR F 208 -25.66 10.20 -46.30
N SER F 209 -26.72 10.97 -46.09
CA SER F 209 -27.89 10.47 -45.39
C SER F 209 -28.96 9.88 -46.30
N GLU F 210 -28.89 10.12 -47.61
CA GLU F 210 -29.80 9.45 -48.53
C GLU F 210 -29.70 7.93 -48.27
N PRO F 211 -30.84 7.22 -48.15
CA PRO F 211 -30.80 5.85 -47.62
C PRO F 211 -29.97 4.82 -48.43
N ARG F 212 -30.06 4.83 -49.74
CA ARG F 212 -29.23 3.93 -50.57
C ARG F 212 -27.72 4.26 -50.37
N LEU F 213 -27.38 5.54 -50.39
CA LEU F 213 -26.02 6.00 -50.21
C LEU F 213 -25.48 5.60 -48.84
N ALA F 214 -26.29 5.76 -47.80
CA ALA F 214 -25.83 5.48 -46.44
C ALA F 214 -25.54 3.99 -46.32
N GLU F 215 -26.37 3.18 -46.94
CA GLU F 215 -26.20 1.72 -46.96
C GLU F 215 -24.86 1.37 -47.66
N GLN F 216 -24.53 2.06 -48.75
CA GLN F 216 -23.30 1.74 -49.49
C GLN F 216 -22.06 2.23 -48.75
N VAL F 217 -22.17 3.32 -47.99
CA VAL F 217 -21.07 3.79 -47.16
C VAL F 217 -20.77 2.75 -46.08
N LEU F 218 -21.82 2.18 -45.48
CA LEU F 218 -21.66 1.09 -44.49
C LEU F 218 -21.00 -0.17 -45.10
N ASP F 219 -21.37 -0.53 -46.31
CA ASP F 219 -20.77 -1.64 -47.01
C ASP F 219 -19.32 -1.39 -47.44
N GLU F 220 -19.04 -0.22 -48.02
CA GLU F 220 -17.75 0.01 -48.71
C GLU F 220 -16.66 0.68 -47.88
N VAL F 221 -17.04 1.37 -46.82
CA VAL F 221 -16.08 2.01 -45.91
C VAL F 221 -15.89 1.14 -44.65
N ALA F 222 -14.66 0.73 -44.35
CA ALA F 222 -14.43 -0.20 -43.24
C ALA F 222 -14.92 0.39 -41.93
N LEU F 223 -14.66 1.70 -41.73
CA LEU F 223 -15.10 2.38 -40.50
C LEU F 223 -16.61 2.71 -40.54
N GLY F 224 -17.27 2.46 -41.67
CA GLY F 224 -18.73 2.53 -41.71
C GLY F 224 -19.35 3.92 -41.69
N ARG F 225 -18.55 4.96 -41.97
CA ARG F 225 -19.04 6.33 -41.95
C ARG F 225 -18.21 7.21 -42.85
N PRO F 226 -18.74 8.41 -43.20
CA PRO F 226 -17.92 9.43 -43.85
C PRO F 226 -16.95 10.06 -42.89
N GLY F 227 -15.89 10.66 -43.42
CA GLY F 227 -14.93 11.40 -42.63
C GLY F 227 -15.40 12.82 -42.37
N LEU F 228 -14.74 13.46 -41.42
CA LEU F 228 -14.90 14.89 -41.17
C LEU F 228 -13.72 15.67 -41.75
N PRO F 229 -13.94 16.94 -42.13
CA PRO F 229 -12.88 17.76 -42.71
C PRO F 229 -11.61 17.84 -41.84
N GLU F 230 -11.80 17.87 -40.53
CA GLU F 230 -10.67 17.90 -39.59
C GLU F 230 -9.81 16.67 -39.73
N GLU F 231 -10.43 15.53 -40.04
CA GLU F 231 -9.67 14.28 -40.22
C GLU F 231 -8.79 14.30 -41.48
N VAL F 232 -9.05 15.20 -42.41
CA VAL F 232 -8.19 15.40 -43.59
C VAL F 232 -7.12 16.45 -43.34
N ALA F 233 -7.51 17.55 -42.69
CA ALA F 233 -6.60 18.64 -42.36
C ALA F 233 -5.37 18.21 -41.59
N THR F 234 -5.53 17.24 -40.70
CA THR F 234 -4.40 16.78 -39.91
C THR F 234 -3.22 16.34 -40.79
N ALA F 235 -3.51 15.72 -41.94
CA ALA F 235 -2.47 15.28 -42.88
C ALA F 235 -1.78 16.45 -43.57
N ALA F 236 -2.51 17.54 -43.76
CA ALA F 236 -1.94 18.75 -44.34
C ALA F 236 -0.89 19.37 -43.42
N VAL F 237 -1.09 19.26 -42.10
CA VAL F 237 -0.09 19.70 -41.11
C VAL F 237 1.12 18.77 -41.14
N PHE F 238 0.87 17.46 -41.14
CA PHE F 238 1.96 16.48 -41.21
C PHE F 238 2.87 16.72 -42.40
N LEU F 239 2.28 16.89 -43.58
CA LEU F 239 3.03 17.03 -44.81
C LEU F 239 3.74 18.42 -44.92
N ALA F 240 3.31 19.41 -44.14
CA ALA F 240 3.90 20.75 -44.18
C ALA F 240 5.04 20.91 -43.15
N GLU F 241 5.10 20.04 -42.13
CA GLU F 241 6.06 20.25 -41.04
C GLU F 241 7.46 19.79 -41.40
N ASP F 242 8.45 20.28 -40.64
CA ASP F 242 9.88 20.04 -40.92
C ASP F 242 10.24 18.56 -40.90
N GLY F 243 9.58 17.77 -40.05
CA GLY F 243 9.90 16.37 -39.89
C GLY F 243 9.67 15.50 -41.11
N SER F 244 8.80 15.94 -42.01
CA SER F 244 8.42 15.16 -43.20
C SER F 244 9.34 15.40 -44.40
N SER F 245 10.63 15.56 -44.10
CA SER F 245 11.60 16.03 -45.06
C SER F 245 12.08 14.98 -46.05
N PHE F 246 11.71 13.70 -45.89
CA PHE F 246 12.03 12.67 -46.89
C PHE F 246 10.79 12.16 -47.64
N ILE F 247 9.68 12.87 -47.50
CA ILE F 247 8.40 12.45 -48.08
C ILE F 247 8.09 13.33 -49.27
N THR F 248 8.15 12.72 -50.47
CA THR F 248 7.81 13.44 -51.69
C THR F 248 7.35 12.47 -52.78
N GLY F 249 6.42 12.96 -53.63
CA GLY F 249 5.84 12.16 -54.70
C GLY F 249 4.80 11.11 -54.24
N SER F 250 4.34 11.22 -52.99
CA SER F 250 3.49 10.19 -52.39
C SER F 250 2.07 10.68 -52.18
N THR F 251 1.22 9.73 -51.83
CA THR F 251 -0.18 10.01 -51.51
C THR F 251 -0.47 9.57 -50.07
N ILE F 252 -1.17 10.39 -49.29
CA ILE F 252 -1.74 9.97 -48.02
C ILE F 252 -3.25 9.80 -48.24
N THR F 253 -3.74 8.57 -48.13
CA THR F 253 -5.12 8.23 -48.39
C THR F 253 -5.90 8.24 -47.07
N ILE F 254 -7.02 8.95 -47.06
CA ILE F 254 -7.80 9.20 -45.83
C ILE F 254 -9.25 8.84 -46.12
N ASP F 255 -9.55 7.55 -46.07
CA ASP F 255 -10.81 7.06 -46.57
C ASP F 255 -11.54 5.97 -45.71
N GLY F 256 -11.14 5.81 -44.45
CA GLY F 256 -11.76 4.81 -43.55
C GLY F 256 -11.70 3.38 -44.09
N GLY F 257 -10.74 3.11 -44.98
CA GLY F 257 -10.50 1.78 -45.51
C GLY F 257 -11.20 1.48 -46.80
N LEU F 258 -11.86 2.47 -47.39
CA LEU F 258 -12.55 2.28 -48.66
C LEU F 258 -11.68 1.59 -49.71
N SER F 259 -10.51 2.17 -49.97
CA SER F 259 -9.68 1.68 -51.08
C SER F 259 -8.91 0.42 -50.73
N ALA F 260 -8.90 0.02 -49.46
CA ALA F 260 -8.22 -1.20 -49.02
C ALA F 260 -9.09 -2.48 -49.09
N MET F 261 -10.39 -2.33 -49.28
CA MET F 261 -11.36 -3.42 -49.01
C MET F 261 -12.15 -3.76 -50.26
N ILE F 262 -12.42 -5.05 -50.46
CA ILE F 262 -13.44 -5.49 -51.44
C ILE F 262 -14.51 -6.38 -50.72
N PHE F 263 -15.73 -6.40 -51.22
CA PHE F 263 -16.82 -7.21 -50.62
C PHE F 263 -17.02 -6.90 -49.13
N GLY F 264 -16.90 -5.64 -48.77
CA GLY F 264 -17.12 -5.17 -47.43
C GLY F 264 -18.54 -5.39 -46.95
N GLY F 265 -19.51 -5.44 -47.87
CA GLY F 265 -20.89 -5.78 -47.50
C GLY F 265 -21.05 -7.18 -46.90
N MET F 266 -20.07 -8.05 -47.16
CA MET F 266 -20.08 -9.43 -46.64
C MET F 266 -19.48 -9.58 -45.26
N ARG F 267 -18.88 -8.52 -44.69
CA ARG F 267 -18.19 -8.65 -43.41
C ARG F 267 -19.14 -8.83 -42.25
N GLU F 268 -18.65 -9.50 -41.19
CA GLU F 268 -19.38 -9.71 -39.94
C GLU F 268 -19.75 -8.35 -39.41
N GLY F 269 -21.00 -8.15 -39.07
CA GLY F 269 -21.46 -6.86 -38.57
C GLY F 269 -22.27 -6.14 -39.62
N ARG F 270 -22.09 -6.52 -40.89
CA ARG F 270 -22.82 -5.93 -42.00
C ARG F 270 -23.81 -6.92 -42.58
N ARG F 271 -23.36 -8.14 -42.87
CA ARG F 271 -24.26 -9.16 -43.45
C ARG F 271 -25.36 -9.57 -42.45
N GLY G 11 23.69 -29.43 8.12
CA GLY G 11 22.92 -30.23 7.14
C GLY G 11 23.84 -30.89 6.13
N ARG G 12 23.40 -32.02 5.61
CA ARG G 12 24.24 -32.87 4.76
C ARG G 12 24.53 -32.25 3.39
N LEU G 13 23.74 -31.26 2.99
CA LEU G 13 23.95 -30.55 1.73
C LEU G 13 24.29 -29.06 1.95
N ALA G 14 24.89 -28.77 3.10
CA ALA G 14 25.14 -27.41 3.55
C ALA G 14 25.99 -26.65 2.53
N GLY G 15 25.41 -25.60 1.97
CA GLY G 15 26.13 -24.71 1.06
C GLY G 15 26.16 -25.14 -0.40
N LYS G 16 25.46 -26.23 -0.72
CA LYS G 16 25.43 -26.69 -2.11
C LYS G 16 24.32 -25.99 -2.88
N ALA G 17 24.57 -25.74 -4.15
CA ALA G 17 23.62 -25.13 -5.06
C ALA G 17 22.94 -26.25 -5.87
N ALA G 18 21.61 -26.32 -5.83
CA ALA G 18 20.83 -27.39 -6.48
C ALA G 18 19.70 -26.85 -7.35
N ILE G 19 19.51 -27.45 -8.53
CA ILE G 19 18.29 -27.25 -9.32
C ILE G 19 17.49 -28.55 -9.25
N VAL G 20 16.20 -28.44 -8.93
CA VAL G 20 15.25 -29.56 -9.02
C VAL G 20 14.17 -29.25 -10.06
N THR G 21 14.09 -30.03 -11.16
CA THR G 21 13.01 -29.90 -12.13
C THR G 21 11.82 -30.76 -11.71
N GLY G 22 10.66 -30.47 -12.31
CA GLY G 22 9.37 -31.06 -11.87
C GLY G 22 9.07 -30.73 -10.43
N ALA G 23 9.45 -29.54 -9.98
CA ALA G 23 9.46 -29.22 -8.54
C ALA G 23 8.10 -28.95 -7.91
N ALA G 24 7.08 -28.78 -8.74
CA ALA G 24 5.71 -28.67 -8.20
C ALA G 24 5.12 -30.10 -7.92
N GLY G 25 5.43 -31.08 -8.78
CA GLY G 25 4.95 -32.46 -8.57
C GLY G 25 5.45 -33.15 -7.29
N GLY G 26 4.74 -34.20 -6.89
CA GLY G 26 5.06 -34.99 -5.69
C GLY G 26 6.53 -35.25 -5.36
N ILE G 27 7.20 -36.07 -6.16
CA ILE G 27 8.61 -36.38 -5.90
C ILE G 27 9.50 -35.13 -5.93
N GLY G 28 9.32 -34.30 -6.94
CA GLY G 28 10.10 -33.06 -7.07
C GLY G 28 9.90 -32.13 -5.89
N ARG G 29 8.65 -31.99 -5.46
CA ARG G 29 8.32 -31.19 -4.28
C ARG G 29 8.98 -31.74 -3.03
N ALA G 30 8.84 -33.04 -2.78
CA ALA G 30 9.47 -33.66 -1.62
C ALA G 30 10.98 -33.51 -1.64
N THR G 31 11.57 -33.47 -2.84
CA THR G 31 13.01 -33.32 -2.97
C THR G 31 13.46 -31.88 -2.67
N VAL G 32 12.77 -30.88 -3.20
CA VAL G 32 13.00 -29.48 -2.84
C VAL G 32 13.00 -29.30 -1.32
N GLU G 33 11.99 -29.85 -0.66
CA GLU G 33 11.87 -29.74 0.81
C GLU G 33 13.03 -30.40 1.56
N ALA G 34 13.39 -31.63 1.15
CA ALA G 34 14.49 -32.35 1.81
C ALA G 34 15.82 -31.62 1.58
N TYR G 35 16.00 -31.06 0.40
CA TYR G 35 17.22 -30.34 0.07
C TYR G 35 17.36 -29.02 0.90
N LEU G 36 16.28 -28.25 1.03
CA LEU G 36 16.23 -27.06 1.89
C LEU G 36 16.49 -27.43 3.34
N ARG G 37 15.82 -28.46 3.83
CA ARG G 37 16.06 -28.98 5.18
C ARG G 37 17.51 -29.40 5.44
N GLU G 38 18.27 -29.76 4.40
CA GLU G 38 19.65 -30.22 4.57
C GLU G 38 20.67 -29.14 4.23
N GLY G 39 20.19 -27.91 4.03
CA GLY G 39 21.09 -26.76 3.96
C GLY G 39 21.47 -26.29 2.57
N ALA G 40 20.78 -26.78 1.55
CA ALA G 40 21.10 -26.40 0.19
C ALA G 40 20.35 -25.12 -0.21
N SER G 41 20.88 -24.43 -1.19
CA SER G 41 20.13 -23.41 -1.90
C SER G 41 19.52 -24.11 -3.09
N VAL G 42 18.21 -23.89 -3.30
CA VAL G 42 17.45 -24.68 -4.24
C VAL G 42 16.61 -23.83 -5.16
N VAL G 43 16.82 -24.01 -6.47
CA VAL G 43 15.88 -23.52 -7.46
C VAL G 43 14.81 -24.61 -7.71
N ALA G 44 13.55 -24.21 -7.64
CA ALA G 44 12.42 -25.10 -7.94
C ALA G 44 11.91 -24.76 -9.33
N MET G 45 12.13 -25.66 -10.31
CA MET G 45 11.76 -25.43 -11.70
C MET G 45 10.54 -26.28 -12.06
N ASP G 46 9.53 -25.64 -12.68
CA ASP G 46 8.36 -26.37 -13.21
C ASP G 46 7.57 -25.39 -14.08
N LEU G 47 6.44 -25.84 -14.63
CA LEU G 47 5.54 -24.96 -15.37
C LEU G 47 5.09 -23.80 -14.49
N ALA G 48 4.90 -22.62 -15.10
CA ALA G 48 4.53 -21.38 -14.38
C ALA G 48 3.26 -21.54 -13.55
N PRO G 49 2.17 -22.04 -14.16
CA PRO G 49 0.95 -22.28 -13.40
C PRO G 49 1.18 -23.15 -12.17
N ARG G 50 1.88 -24.26 -12.35
CA ARG G 50 2.10 -25.22 -11.25
C ARG G 50 2.90 -24.61 -10.10
N LEU G 51 3.97 -23.88 -10.43
CA LEU G 51 4.74 -23.17 -9.41
C LEU G 51 3.83 -22.20 -8.67
N ALA G 52 2.97 -21.50 -9.40
CA ALA G 52 2.03 -20.56 -8.81
C ALA G 52 1.13 -21.25 -7.79
N ALA G 53 0.70 -22.47 -8.11
CA ALA G 53 -0.23 -23.22 -7.27
C ALA G 53 0.39 -24.04 -6.14
N THR G 54 1.70 -23.98 -5.92
CA THR G 54 2.33 -24.84 -4.89
C THR G 54 2.87 -24.05 -3.70
N ARG G 55 2.90 -24.70 -2.55
CA ARG G 55 3.54 -24.17 -1.36
C ARG G 55 4.50 -25.23 -0.82
N TYR G 56 5.64 -24.80 -0.30
CA TYR G 56 6.63 -25.71 0.28
C TYR G 56 6.58 -25.60 1.79
N GLU G 57 6.69 -26.74 2.48
CA GLU G 57 6.71 -26.74 3.94
C GLU G 57 8.05 -26.25 4.52
N GLU G 58 9.00 -25.93 3.65
CA GLU G 58 10.28 -25.34 4.08
C GLU G 58 10.53 -24.03 3.30
N PRO G 59 11.18 -23.04 3.96
CA PRO G 59 11.43 -21.76 3.29
C PRO G 59 12.75 -21.72 2.52
N GLY G 60 12.81 -20.91 1.47
CA GLY G 60 14.07 -20.66 0.74
C GLY G 60 14.04 -20.99 -0.75
N ALA G 61 13.02 -21.69 -1.22
CA ALA G 61 12.98 -22.11 -2.62
C ALA G 61 12.97 -20.92 -3.59
N ILE G 62 13.81 -20.98 -4.61
CA ILE G 62 13.80 -19.96 -5.65
C ILE G 62 13.03 -20.48 -6.85
N PRO G 63 11.77 -20.05 -7.02
CA PRO G 63 10.99 -20.56 -8.13
C PRO G 63 11.44 -19.98 -9.48
N ILE G 64 11.51 -20.83 -10.50
CA ILE G 64 11.84 -20.40 -11.86
C ILE G 64 11.02 -21.21 -12.86
N ALA G 65 10.18 -20.51 -13.62
CA ALA G 65 9.30 -21.14 -14.58
C ALA G 65 10.10 -21.74 -15.73
N CYS G 66 9.64 -22.89 -16.22
CA CYS G 66 10.24 -23.52 -17.39
C CYS G 66 9.25 -24.41 -18.13
N ASP G 67 9.67 -24.88 -19.30
CA ASP G 67 8.81 -25.63 -20.19
C ASP G 67 9.56 -26.80 -20.87
N LEU G 68 9.64 -27.92 -20.14
CA LEU G 68 10.32 -29.14 -20.63
C LEU G 68 9.61 -29.69 -21.87
N ARG G 71 13.01 -26.18 -26.01
CA ARG G 71 14.48 -26.18 -25.88
C ARG G 71 15.06 -24.79 -25.55
N ALA G 72 14.60 -23.77 -26.26
CA ALA G 72 14.95 -22.40 -25.92
C ALA G 72 14.58 -22.12 -24.46
N ALA G 73 13.37 -22.53 -24.08
CA ALA G 73 12.89 -22.32 -22.71
C ALA G 73 13.79 -22.98 -21.66
N ILE G 74 14.23 -24.22 -21.95
CA ILE G 74 15.10 -24.95 -21.01
C ILE G 74 16.41 -24.22 -20.80
N ASP G 75 17.09 -23.85 -21.88
CA ASP G 75 18.37 -23.11 -21.76
C ASP G 75 18.21 -21.82 -20.98
N ALA G 76 17.18 -21.05 -21.30
CA ALA G 76 16.91 -19.77 -20.64
C ALA G 76 16.72 -19.97 -19.14
N ALA G 77 15.87 -20.93 -18.78
CA ALA G 77 15.57 -21.19 -17.38
C ALA G 77 16.80 -21.69 -16.62
N MET G 78 17.59 -22.54 -17.25
CA MET G 78 18.82 -23.07 -16.61
C MET G 78 19.88 -21.97 -16.43
N ALA G 79 20.02 -21.10 -17.44
CA ALA G 79 20.97 -19.97 -17.34
C ALA G 79 20.55 -19.04 -16.18
N ASP G 80 19.27 -18.72 -16.11
CA ASP G 80 18.73 -17.88 -15.05
C ASP G 80 18.97 -18.52 -13.68
N ALA G 81 18.69 -19.82 -13.58
CA ALA G 81 18.87 -20.56 -12.31
C ALA G 81 20.30 -20.51 -11.81
N VAL G 82 21.24 -20.76 -12.71
CA VAL G 82 22.66 -20.80 -12.34
C VAL G 82 23.18 -19.41 -11.94
N ALA G 83 22.72 -18.39 -12.69
CA ALA G 83 23.00 -16.99 -12.36
C ALA G 83 22.55 -16.71 -10.92
N ARG G 84 21.33 -17.09 -10.56
CA ARG G 84 20.80 -16.79 -9.22
C ARG G 84 21.45 -17.58 -8.10
N LEU G 85 21.96 -18.77 -8.41
CA LEU G 85 22.60 -19.60 -7.39
C LEU G 85 24.08 -19.26 -7.27
N GLY G 86 24.65 -18.73 -8.34
CA GLY G 86 26.08 -18.43 -8.38
C GLY G 86 26.92 -19.65 -8.69
N GLY G 87 26.32 -20.63 -9.36
CA GLY G 87 26.97 -21.90 -9.64
C GLY G 87 25.97 -23.06 -9.68
N LEU G 88 26.47 -24.28 -9.66
CA LEU G 88 25.63 -25.49 -9.70
C LEU G 88 26.41 -26.74 -9.23
N ASP G 89 25.96 -27.33 -8.13
CA ASP G 89 26.55 -28.55 -7.60
C ASP G 89 25.68 -29.79 -7.82
N ILE G 90 24.35 -29.59 -7.87
CA ILE G 90 23.38 -30.71 -7.92
C ILE G 90 22.23 -30.42 -8.87
N LEU G 91 21.97 -31.36 -9.80
CA LEU G 91 20.79 -31.34 -10.66
C LEU G 91 19.92 -32.60 -10.42
N VAL G 92 18.66 -32.40 -10.10
CA VAL G 92 17.69 -33.51 -10.05
C VAL G 92 16.71 -33.30 -11.20
N ALA G 93 16.80 -34.16 -12.22
CA ALA G 93 15.96 -34.02 -13.40
C ALA G 93 14.69 -34.83 -13.18
N GLY G 94 13.70 -34.17 -12.57
CA GLY G 94 12.45 -34.80 -12.19
C GLY G 94 11.25 -34.49 -13.07
N GLY G 95 11.43 -33.63 -14.07
CA GLY G 95 10.34 -33.34 -14.99
C GLY G 95 9.95 -34.59 -15.78
N ALA G 96 8.64 -34.87 -15.86
CA ALA G 96 8.14 -36.06 -16.55
C ALA G 96 6.61 -36.06 -16.78
N LEU G 97 6.21 -36.41 -17.98
CA LEU G 97 4.83 -36.79 -18.29
C LEU G 97 4.62 -38.24 -17.93
N LYS G 98 3.58 -38.54 -17.15
CA LYS G 98 3.26 -39.91 -16.74
C LYS G 98 1.98 -40.35 -17.45
N GLY G 99 1.61 -41.61 -17.28
CA GLY G 99 0.35 -42.10 -17.80
C GLY G 99 0.49 -42.99 -19.02
N GLY G 100 -0.52 -43.83 -19.23
CA GLY G 100 -0.61 -44.72 -20.38
C GLY G 100 -1.55 -44.18 -21.43
N THR G 101 -1.64 -44.90 -22.55
CA THR G 101 -2.41 -44.47 -23.69
C THR G 101 -3.41 -45.50 -24.17
N GLY G 102 -3.09 -46.77 -24.01
CA GLY G 102 -3.86 -47.85 -24.64
C GLY G 102 -2.89 -48.84 -25.27
N ASN G 103 -3.42 -49.81 -25.97
CA ASN G 103 -2.61 -50.87 -26.53
C ASN G 103 -1.63 -50.30 -27.59
N PHE G 104 -0.47 -50.92 -27.66
CA PHE G 104 0.54 -50.56 -28.64
C PHE G 104 -0.01 -50.50 -30.07
N LEU G 105 -0.92 -51.41 -30.43
CA LEU G 105 -1.48 -51.44 -31.77
C LEU G 105 -2.11 -50.12 -32.20
N ASP G 106 -2.65 -49.37 -31.23
CA ASP G 106 -3.37 -48.10 -31.46
C ASP G 106 -2.58 -46.89 -31.05
N LEU G 107 -1.30 -47.07 -30.70
CA LEU G 107 -0.50 -45.97 -30.19
C LEU G 107 -0.24 -44.98 -31.32
N SER G 108 -0.61 -43.71 -31.11
CA SER G 108 -0.54 -42.70 -32.18
C SER G 108 0.84 -42.06 -32.19
N ASP G 109 1.19 -41.51 -33.36
CA ASP G 109 2.41 -40.71 -33.53
C ASP G 109 2.48 -39.59 -32.51
N ALA G 110 1.37 -38.90 -32.28
CA ALA G 110 1.32 -37.73 -31.38
C ALA G 110 1.60 -38.09 -29.91
N ASP G 111 1.06 -39.23 -29.46
CA ASP G 111 1.36 -39.72 -28.10
C ASP G 111 2.83 -40.19 -27.99
N TRP G 112 3.31 -40.95 -28.97
CA TRP G 112 4.73 -41.37 -29.03
C TRP G 112 5.64 -40.18 -28.91
N ASP G 113 5.46 -39.20 -29.82
CA ASP G 113 6.33 -37.99 -29.86
C ASP G 113 6.26 -37.21 -28.59
N ARG G 114 5.08 -37.12 -27.99
CA ARG G 114 4.96 -36.34 -26.76
C ARG G 114 5.75 -36.96 -25.60
N TYR G 115 5.65 -38.26 -25.41
CA TYR G 115 6.40 -38.94 -24.31
C TYR G 115 7.92 -38.93 -24.57
N VAL G 116 8.31 -39.23 -25.81
CA VAL G 116 9.75 -39.23 -26.16
C VAL G 116 10.34 -37.81 -26.07
N ASP G 117 9.68 -36.84 -26.72
CA ASP G 117 10.13 -35.42 -26.64
C ASP G 117 10.15 -34.84 -25.23
N VAL G 118 9.10 -35.01 -24.44
CA VAL G 118 9.10 -34.44 -23.10
C VAL G 118 9.98 -35.19 -22.11
N ASN G 119 9.84 -36.50 -22.04
CA ASN G 119 10.57 -37.26 -21.01
C ASN G 119 12.03 -37.61 -21.34
N MET G 120 12.30 -38.05 -22.56
CA MET G 120 13.65 -38.42 -22.94
C MET G 120 14.43 -37.18 -23.35
N THR G 121 13.99 -36.50 -24.41
CA THR G 121 14.72 -35.32 -24.94
C THR G 121 14.76 -34.16 -23.96
N GLY G 122 13.70 -33.95 -23.20
CA GLY G 122 13.69 -32.92 -22.14
C GLY G 122 14.69 -33.16 -21.04
N THR G 123 14.80 -34.44 -20.62
CA THR G 123 15.85 -34.83 -19.66
C THR G 123 17.28 -34.64 -20.24
N PHE G 124 17.47 -35.02 -21.50
CA PHE G 124 18.76 -34.82 -22.18
C PHE G 124 19.16 -33.34 -22.19
N LEU G 125 18.25 -32.47 -22.63
CA LEU G 125 18.53 -31.02 -22.74
C LEU G 125 18.83 -30.39 -21.40
N THR G 126 18.03 -30.76 -20.40
CA THR G 126 18.23 -30.27 -19.04
C THR G 126 19.59 -30.73 -18.52
N CYS G 127 19.92 -32.02 -18.72
CA CYS G 127 21.17 -32.56 -18.13
C CYS G 127 22.43 -32.04 -18.87
N ARG G 128 22.32 -31.83 -20.18
CA ARG G 128 23.44 -31.26 -20.93
C ARG G 128 23.70 -29.83 -20.47
N ALA G 129 22.64 -29.03 -20.36
CA ALA G 129 22.77 -27.67 -19.78
C ALA G 129 23.39 -27.72 -18.40
N GLY G 130 22.85 -28.58 -17.55
CA GLY G 130 23.35 -28.67 -16.17
C GLY G 130 24.81 -29.05 -16.11
N ALA G 131 25.20 -30.03 -16.92
CA ALA G 131 26.56 -30.54 -16.86
C ALA G 131 27.55 -29.46 -17.32
N ARG G 132 27.21 -28.75 -18.41
CA ARG G 132 28.04 -27.63 -18.90
C ARG G 132 28.17 -26.54 -17.87
N ALA G 133 27.08 -26.22 -17.17
CA ALA G 133 27.16 -25.25 -16.07
C ALA G 133 28.07 -25.74 -14.97
N MET G 134 27.98 -27.02 -14.62
CA MET G 134 28.80 -27.58 -13.54
C MET G 134 30.29 -27.46 -13.87
N VAL G 135 30.65 -27.79 -15.10
CA VAL G 135 32.04 -27.70 -15.54
C VAL G 135 32.48 -26.22 -15.53
N ALA G 136 31.68 -25.35 -16.16
CA ALA G 136 31.92 -23.89 -16.08
C ALA G 136 32.13 -23.41 -14.64
N ALA G 137 31.39 -23.94 -13.66
CA ALA G 137 31.53 -23.49 -12.26
C ALA G 137 32.65 -24.19 -11.49
N GLY G 138 33.42 -25.03 -12.16
CA GLY G 138 34.60 -25.65 -11.56
C GLY G 138 34.43 -26.99 -10.87
N ALA G 139 33.46 -27.80 -11.33
CA ALA G 139 33.26 -29.16 -10.79
C ALA G 139 34.56 -29.96 -10.67
N GLY G 140 34.84 -30.49 -9.47
CA GLY G 140 36.03 -31.32 -9.23
C GLY G 140 37.22 -30.64 -8.55
N LYS G 141 37.41 -29.33 -8.72
CA LYS G 141 38.62 -28.63 -8.21
C LYS G 141 39.06 -28.99 -6.76
N ASP G 142 38.10 -29.12 -5.84
CA ASP G 142 38.39 -29.44 -4.42
C ASP G 142 37.13 -29.38 -3.57
N ARG G 144 36.02 -32.71 -4.71
CA ARG G 144 34.63 -33.17 -4.61
C ARG G 144 33.91 -33.02 -5.96
N SER G 145 32.89 -33.85 -6.17
CA SER G 145 32.26 -33.92 -7.48
C SER G 145 30.87 -33.31 -7.48
N ALA G 146 30.48 -32.69 -8.60
CA ALA G 146 29.09 -32.33 -8.84
C ALA G 146 28.24 -33.63 -9.05
N ARG G 147 26.93 -33.49 -9.06
CA ARG G 147 26.00 -34.66 -8.99
C ARG G 147 24.79 -34.46 -9.88
N ILE G 148 24.59 -35.36 -10.83
CA ILE G 148 23.35 -35.39 -11.62
C ILE G 148 22.53 -36.64 -11.19
N ILE G 149 21.25 -36.39 -10.94
CA ILE G 149 20.31 -37.41 -10.48
C ILE G 149 19.08 -37.36 -11.35
N THR G 150 18.84 -38.45 -12.10
CA THR G 150 17.69 -38.59 -12.95
C THR G 150 16.62 -39.42 -12.22
N ILE G 151 15.36 -39.10 -12.50
CA ILE G 151 14.24 -39.88 -11.97
C ILE G 151 13.69 -40.74 -13.08
N GLY G 152 13.94 -42.04 -13.02
CA GLY G 152 13.40 -42.97 -14.04
C GLY G 152 12.18 -43.64 -13.44
N SER G 153 12.20 -44.98 -13.38
CA SER G 153 11.05 -45.75 -12.96
C SER G 153 11.40 -47.23 -13.00
N VAL G 154 10.64 -48.05 -12.28
CA VAL G 154 10.76 -49.51 -12.50
C VAL G 154 10.47 -49.80 -13.98
N ASN G 155 9.67 -48.92 -14.63
CA ASN G 155 9.40 -49.04 -16.10
C ASN G 155 10.63 -48.79 -16.99
N SER G 156 11.75 -48.36 -16.38
CA SER G 156 13.04 -48.35 -17.08
C SER G 156 13.57 -49.77 -17.36
N PHE G 157 13.01 -50.78 -16.68
CA PHE G 157 13.51 -52.15 -16.73
C PHE G 157 12.43 -53.17 -17.10
N MET G 158 11.22 -52.99 -16.60
CA MET G 158 10.10 -53.91 -16.84
C MET G 158 8.87 -53.11 -17.24
N ALA G 159 8.06 -53.66 -18.16
CA ALA G 159 6.97 -52.92 -18.76
C ALA G 159 5.63 -53.13 -18.07
N GLU G 160 4.93 -52.03 -17.80
CA GLU G 160 3.49 -52.05 -17.48
C GLU G 160 2.74 -52.16 -18.75
N PRO G 161 1.48 -52.64 -18.68
CA PRO G 161 0.66 -52.71 -19.88
C PRO G 161 0.18 -51.33 -20.33
N GLU G 162 -0.01 -51.19 -21.64
CA GLU G 162 -0.70 -50.06 -22.24
C GLU G 162 -0.04 -48.71 -22.00
N ALA G 163 1.29 -48.70 -22.03
CA ALA G 163 2.03 -47.46 -21.80
C ALA G 163 3.39 -47.47 -22.53
N ALA G 164 3.40 -47.97 -23.76
CA ALA G 164 4.62 -48.27 -24.49
C ALA G 164 5.51 -47.02 -24.70
N ALA G 165 4.88 -45.88 -24.94
CA ALA G 165 5.62 -44.65 -25.19
C ALA G 165 6.32 -44.21 -23.91
N TYR G 166 5.59 -44.18 -22.79
CA TYR G 166 6.18 -43.90 -21.49
C TYR G 166 7.31 -44.89 -21.11
N VAL G 167 7.10 -46.20 -21.37
CA VAL G 167 8.04 -47.24 -20.99
C VAL G 167 9.34 -47.10 -21.78
N ALA G 168 9.20 -46.95 -23.10
CA ALA G 168 10.31 -46.75 -24.01
C ALA G 168 11.16 -45.55 -23.61
N ALA G 169 10.52 -44.43 -23.34
CA ALA G 169 11.22 -43.23 -22.87
C ALA G 169 12.00 -43.42 -21.58
N LYS G 170 11.43 -44.15 -20.62
CA LYS G 170 12.13 -44.51 -19.38
C LYS G 170 13.38 -45.41 -19.58
N GLY G 171 13.35 -46.34 -20.54
CA GLY G 171 14.54 -47.11 -20.90
C GLY G 171 15.59 -46.16 -21.46
N GLY G 172 15.12 -45.23 -22.30
CA GLY G 172 15.96 -44.20 -22.88
C GLY G 172 16.67 -43.41 -21.84
N VAL G 173 15.93 -42.94 -20.83
CA VAL G 173 16.50 -42.19 -19.68
C VAL G 173 17.50 -43.02 -18.91
N ALA G 174 17.19 -44.31 -18.68
CA ALA G 174 18.14 -45.19 -17.96
C ALA G 174 19.50 -45.28 -18.65
N MET G 175 19.52 -45.51 -19.97
CA MET G 175 20.80 -45.65 -20.69
C MET G 175 21.48 -44.29 -20.92
N LEU G 176 20.68 -43.23 -21.07
CA LEU G 176 21.24 -41.89 -21.04
C LEU G 176 22.01 -41.67 -19.77
N THR G 177 21.42 -42.09 -18.66
CA THR G 177 22.07 -41.90 -17.37
C THR G 177 23.44 -42.57 -17.32
N ARG G 178 23.55 -43.77 -17.86
CA ARG G 178 24.82 -44.51 -17.85
C ARG G 178 25.85 -43.89 -18.81
N ALA G 179 25.39 -43.48 -19.98
CA ALA G 179 26.26 -42.80 -20.96
C ALA G 179 26.81 -41.50 -20.34
N MET G 180 25.95 -40.78 -19.62
CA MET G 180 26.39 -39.58 -18.91
C MET G 180 27.39 -39.88 -17.82
N ALA G 181 27.18 -40.96 -17.06
CA ALA G 181 28.13 -41.31 -16.00
C ALA G 181 29.54 -41.59 -16.57
N VAL G 182 29.57 -42.35 -17.65
CA VAL G 182 30.82 -42.69 -18.31
C VAL G 182 31.57 -41.43 -18.84
N ASP G 183 30.87 -40.59 -19.59
CA ASP G 183 31.48 -39.42 -20.26
C ASP G 183 31.83 -38.30 -19.28
N LEU G 184 31.11 -38.20 -18.16
CA LEU G 184 31.29 -37.07 -17.25
C LEU G 184 32.14 -37.36 -16.02
N ALA G 185 32.56 -38.61 -15.86
CA ALA G 185 33.46 -38.96 -14.79
C ALA G 185 34.79 -38.13 -14.84
N ARG G 186 35.35 -37.97 -16.04
CA ARG G 186 36.61 -37.20 -16.14
C ARG G 186 36.40 -35.72 -15.76
N HIS G 187 35.16 -35.25 -15.86
CA HIS G 187 34.84 -33.85 -15.54
C HIS G 187 34.37 -33.64 -14.14
N GLY G 188 34.59 -34.63 -13.27
CA GLY G 188 34.20 -34.52 -11.84
C GLY G 188 32.68 -34.52 -11.56
N ILE G 189 31.88 -35.16 -12.41
CA ILE G 189 30.43 -35.24 -12.17
C ILE G 189 29.95 -36.69 -12.03
N LEU G 190 29.26 -37.01 -10.94
CA LEU G 190 28.68 -38.36 -10.74
C LEU G 190 27.20 -38.37 -11.15
N VAL G 191 26.80 -39.40 -11.87
CA VAL G 191 25.48 -39.46 -12.48
C VAL G 191 24.80 -40.80 -12.12
N ASN G 192 23.63 -40.71 -11.47
CA ASN G 192 22.85 -41.90 -11.07
C ASN G 192 21.36 -41.69 -11.29
N MET G 193 20.61 -42.81 -11.36
CA MET G 193 19.15 -42.79 -11.48
C MET G 193 18.44 -43.27 -10.23
N ILE G 194 17.27 -42.72 -9.98
CA ILE G 194 16.38 -43.25 -8.96
C ILE G 194 15.19 -43.89 -9.67
N ALA G 195 14.88 -45.14 -9.32
CA ALA G 195 13.79 -45.86 -9.97
C ALA G 195 12.66 -46.14 -8.97
N PRO G 196 11.65 -45.25 -8.92
CA PRO G 196 10.49 -45.51 -8.06
C PRO G 196 9.54 -46.51 -8.62
N GLY G 197 8.96 -47.34 -7.75
CA GLY G 197 7.79 -48.11 -8.09
C GLY G 197 6.56 -47.25 -7.89
N PRO G 198 5.41 -47.87 -7.55
CA PRO G 198 4.20 -47.05 -7.37
C PRO G 198 4.38 -46.05 -6.23
N VAL G 199 4.03 -44.78 -6.48
CA VAL G 199 4.14 -43.71 -5.48
C VAL G 199 2.84 -42.92 -5.43
N ASP G 200 2.24 -42.81 -4.25
CA ASP G 200 0.98 -42.09 -4.13
C ASP G 200 1.30 -40.61 -4.02
N VAL G 201 0.86 -39.86 -5.02
CA VAL G 201 1.11 -38.42 -5.12
C VAL G 201 -0.16 -37.59 -4.88
N THR G 202 -1.22 -38.21 -4.34
CA THR G 202 -2.48 -37.51 -4.10
C THR G 202 -2.47 -36.66 -2.83
N GLY G 203 -1.59 -36.99 -1.88
CA GLY G 203 -1.65 -36.38 -0.55
C GLY G 203 -2.88 -36.85 0.23
N ASN G 204 -3.61 -37.79 -0.36
CA ASN G 204 -4.95 -38.14 0.04
C ASN G 204 -5.09 -39.63 0.31
N ASN G 205 -4.01 -40.38 0.07
CA ASN G 205 -4.02 -41.85 0.06
C ASN G 205 -5.06 -42.44 -0.90
N THR G 206 -5.32 -41.74 -1.99
CA THR G 206 -6.31 -42.21 -2.97
C THR G 206 -5.70 -42.55 -4.35
N GLY G 207 -4.37 -42.44 -4.48
CA GLY G 207 -3.73 -42.67 -5.79
C GLY G 207 -3.93 -44.08 -6.38
N TYR G 208 -3.96 -45.09 -5.50
CA TYR G 208 -4.08 -46.49 -5.94
C TYR G 208 -5.29 -47.16 -5.32
N SER G 209 -6.39 -46.42 -5.22
CA SER G 209 -7.59 -46.88 -4.50
C SER G 209 -8.60 -47.57 -5.42
N GLU G 210 -8.50 -47.42 -6.73
CA GLU G 210 -9.35 -48.22 -7.61
C GLU G 210 -9.22 -49.72 -7.22
N PRO G 211 -10.34 -50.41 -6.96
CA PRO G 211 -10.26 -51.75 -6.35
C PRO G 211 -9.35 -52.79 -7.05
N ARG G 212 -9.43 -52.94 -8.38
CA ARG G 212 -8.59 -53.90 -9.08
C ARG G 212 -7.10 -53.48 -8.89
N LEU G 213 -6.83 -52.20 -9.06
CA LEU G 213 -5.46 -51.68 -8.89
C LEU G 213 -4.94 -51.90 -7.48
N ALA G 214 -5.78 -51.66 -6.48
CA ALA G 214 -5.37 -51.84 -5.07
C ALA G 214 -5.01 -53.33 -4.79
N GLU G 215 -5.82 -54.22 -5.36
CA GLU G 215 -5.58 -55.67 -5.26
C GLU G 215 -4.23 -56.07 -5.86
N GLN G 216 -3.92 -55.52 -7.04
CA GLN G 216 -2.65 -55.84 -7.71
C GLN G 216 -1.46 -55.24 -6.97
N VAL G 217 -1.64 -54.10 -6.31
CA VAL G 217 -0.54 -53.52 -5.48
C VAL G 217 -0.20 -54.46 -4.32
N LEU G 218 -1.25 -54.99 -3.69
CA LEU G 218 -1.08 -55.94 -2.61
C LEU G 218 -0.37 -57.23 -3.06
N ASP G 219 -0.72 -57.74 -4.24
CA ASP G 219 -0.06 -58.88 -4.80
C ASP G 219 1.41 -58.59 -5.19
N GLU G 220 1.65 -57.49 -5.92
CA GLU G 220 2.93 -57.29 -6.62
C GLU G 220 3.99 -56.49 -5.89
N VAL G 221 3.61 -55.74 -4.87
CA VAL G 221 4.55 -55.03 -4.02
C VAL G 221 4.68 -55.78 -2.71
N ALA G 222 5.90 -56.15 -2.34
CA ALA G 222 6.13 -56.91 -1.14
C ALA G 222 5.63 -56.18 0.12
N LEU G 223 5.85 -54.87 0.20
CA LEU G 223 5.35 -54.10 1.32
C LEU G 223 3.84 -53.83 1.25
N GLY G 224 3.19 -54.17 0.15
CA GLY G 224 1.73 -54.15 0.08
C GLY G 224 1.10 -52.77 0.01
N ARG G 225 1.84 -51.78 -0.42
CA ARG G 225 1.32 -50.42 -0.53
C ARG G 225 2.14 -49.62 -1.51
N PRO G 226 1.59 -48.47 -1.96
CA PRO G 226 2.41 -47.49 -2.69
C PRO G 226 3.34 -46.74 -1.78
N GLY G 227 4.39 -46.19 -2.36
CA GLY G 227 5.33 -45.34 -1.61
C GLY G 227 4.81 -43.91 -1.48
N LEU G 228 5.44 -43.16 -0.58
CA LEU G 228 5.20 -41.73 -0.48
C LEU G 228 6.35 -40.96 -1.11
N PRO G 229 6.08 -39.77 -1.66
CA PRO G 229 7.15 -38.93 -2.25
C PRO G 229 8.39 -38.72 -1.36
N GLU G 230 8.18 -38.59 -0.07
CA GLU G 230 9.29 -38.43 0.87
C GLU G 230 10.21 -39.64 0.86
N GLU G 231 9.63 -40.82 0.62
CA GLU G 231 10.40 -42.05 0.60
C GLU G 231 11.34 -42.14 -0.60
N VAL G 232 11.10 -41.34 -1.63
CA VAL G 232 11.96 -41.22 -2.79
C VAL G 232 12.98 -40.08 -2.63
N ALA G 233 12.50 -38.94 -2.13
CA ALA G 233 13.40 -37.80 -1.87
C ALA G 233 14.62 -38.15 -0.99
N THR G 234 14.46 -39.03 -0.04
CA THR G 234 15.60 -39.39 0.79
C THR G 234 16.82 -39.90 -0.02
N ALA G 235 16.57 -40.61 -1.14
CA ALA G 235 17.63 -41.11 -1.99
C ALA G 235 18.32 -39.99 -2.78
N ALA G 236 17.56 -38.97 -3.11
CA ALA G 236 18.10 -37.79 -3.77
C ALA G 236 19.12 -37.07 -2.86
N VAL G 237 18.87 -37.06 -1.56
CA VAL G 237 19.84 -36.49 -0.61
C VAL G 237 21.08 -37.38 -0.53
N PHE G 238 20.86 -38.69 -0.40
CA PHE G 238 21.97 -39.65 -0.34
C PHE G 238 22.90 -39.52 -1.54
N LEU G 239 22.32 -39.43 -2.73
CA LEU G 239 23.11 -39.37 -3.96
C LEU G 239 23.79 -38.01 -4.17
N ALA G 240 23.29 -36.95 -3.52
CA ALA G 240 23.87 -35.59 -3.67
C ALA G 240 24.98 -35.31 -2.67
N GLU G 241 25.05 -36.07 -1.58
CA GLU G 241 25.98 -35.72 -0.49
C GLU G 241 27.41 -36.17 -0.78
N ASP G 242 28.36 -35.60 -0.03
CA ASP G 242 29.80 -35.81 -0.26
C ASP G 242 30.21 -37.29 -0.11
N GLY G 243 29.55 -38.00 0.78
CA GLY G 243 29.92 -39.39 1.10
C GLY G 243 29.75 -40.38 -0.06
N SER G 244 28.88 -40.05 -1.01
CA SER G 244 28.55 -40.94 -2.13
C SER G 244 29.49 -40.79 -3.34
N SER G 245 30.77 -40.59 -3.01
CA SER G 245 31.77 -40.16 -3.97
C SER G 245 32.29 -41.29 -4.84
N PHE G 246 31.96 -42.56 -4.54
CA PHE G 246 32.29 -43.68 -5.44
C PHE G 246 31.08 -44.31 -6.14
N ILE G 247 29.94 -43.62 -6.12
CA ILE G 247 28.70 -44.10 -6.71
C ILE G 247 28.39 -43.35 -7.99
N THR G 248 28.52 -44.05 -9.13
CA THR G 248 28.16 -43.45 -10.38
C THR G 248 27.73 -44.52 -11.40
N GLY G 249 26.84 -44.14 -12.29
CA GLY G 249 26.29 -45.02 -13.33
C GLY G 249 25.30 -46.05 -12.77
N SER G 250 24.81 -45.84 -11.55
CA SER G 250 23.96 -46.84 -10.85
C SER G 250 22.51 -46.40 -10.67
N THR G 251 21.70 -47.33 -10.19
CA THR G 251 20.27 -47.10 -9.97
C THR G 251 19.96 -47.44 -8.54
N ILE G 252 19.18 -46.58 -7.88
CA ILE G 252 18.62 -46.87 -6.58
C ILE G 252 17.13 -47.10 -6.79
N THR G 253 16.70 -48.34 -6.58
CA THR G 253 15.34 -48.72 -6.85
C THR G 253 14.55 -48.61 -5.55
N ILE G 254 13.40 -47.95 -5.64
CA ILE G 254 12.55 -47.61 -4.45
C ILE G 254 11.13 -48.02 -4.75
N ASP G 255 10.83 -49.29 -4.53
CA ASP G 255 9.62 -49.89 -5.03
C ASP G 255 8.92 -50.94 -4.09
N GLY G 256 9.33 -50.99 -2.82
CA GLY G 256 8.71 -51.90 -1.86
C GLY G 256 8.79 -53.36 -2.27
N GLY G 257 9.78 -53.69 -3.12
CA GLY G 257 10.09 -55.04 -3.52
C GLY G 257 9.44 -55.47 -4.81
N LEU G 258 8.74 -54.57 -5.48
CA LEU G 258 8.07 -54.91 -6.72
C LEU G 258 8.98 -55.66 -7.72
N SER G 259 10.16 -55.10 -8.00
CA SER G 259 11.02 -55.64 -9.02
C SER G 259 11.82 -56.85 -8.54
N ALA G 260 11.84 -57.12 -7.24
CA ALA G 260 12.51 -58.26 -6.66
C ALA G 260 11.70 -59.55 -6.65
N MET G 261 10.39 -59.46 -6.89
CA MET G 261 9.42 -60.56 -6.52
C MET G 261 8.67 -61.03 -7.75
N ILE G 262 8.41 -62.34 -7.82
CA ILE G 262 7.42 -62.92 -8.75
C ILE G 262 6.41 -63.80 -7.97
N PHE G 263 5.20 -63.92 -8.50
CA PHE G 263 4.12 -64.67 -7.81
C PHE G 263 3.90 -64.21 -6.37
N GLY G 264 3.97 -62.90 -6.18
CA GLY G 264 3.66 -62.30 -4.87
C GLY G 264 2.23 -62.50 -4.41
N GLY G 265 1.31 -62.69 -5.33
CA GLY G 265 -0.07 -63.05 -4.94
C GLY G 265 -0.22 -64.43 -4.26
N MET G 266 0.81 -65.28 -4.36
CA MET G 266 0.84 -66.58 -3.71
C MET G 266 1.39 -66.57 -2.29
N ARG G 267 1.98 -65.46 -1.83
CA ARG G 267 2.61 -65.45 -0.52
C ARG G 267 1.63 -65.55 0.67
N GLU G 268 2.12 -66.08 1.78
CA GLU G 268 1.39 -66.21 3.02
C GLU G 268 1.00 -64.81 3.47
N GLY G 269 -0.29 -64.62 3.71
CA GLY G 269 -0.77 -63.29 4.09
C GLY G 269 -1.56 -62.70 2.97
N ARG G 270 -1.38 -63.19 1.75
CA ARG G 270 -2.10 -62.70 0.56
C ARG G 270 -3.05 -63.72 0.02
N ARG G 271 -2.59 -64.94 -0.15
CA ARG G 271 -3.49 -65.93 -0.70
C ARG G 271 -4.59 -66.32 0.34
N GLY H 11 -20.34 -42.38 -66.28
CA GLY H 11 -21.04 -43.13 -67.37
C GLY H 11 -20.11 -43.72 -68.40
N ARG H 12 -20.53 -44.82 -69.01
CA ARG H 12 -19.67 -45.62 -69.92
C ARG H 12 -19.35 -44.94 -71.24
N LEU H 13 -20.12 -43.91 -71.59
CA LEU H 13 -19.90 -43.14 -72.80
C LEU H 13 -19.58 -41.66 -72.45
N ALA H 14 -18.97 -41.45 -71.28
CA ALA H 14 -18.77 -40.10 -70.73
C ALA H 14 -17.93 -39.28 -71.68
N GLY H 15 -18.50 -38.20 -72.19
CA GLY H 15 -17.77 -37.26 -73.05
C GLY H 15 -17.72 -37.59 -74.52
N LYS H 16 -18.38 -38.67 -74.94
CA LYS H 16 -18.40 -39.05 -76.36
C LYS H 16 -19.53 -38.31 -77.10
N ALA H 17 -19.27 -37.98 -78.36
CA ALA H 17 -20.22 -37.34 -79.24
C ALA H 17 -20.87 -38.41 -80.13
N ALA H 18 -22.20 -38.50 -80.10
CA ALA H 18 -22.95 -39.52 -80.83
C ALA H 18 -24.06 -38.92 -81.71
N ILE H 19 -24.21 -39.45 -82.92
CA ILE H 19 -25.41 -39.25 -83.74
C ILE H 19 -26.23 -40.56 -83.79
N VAL H 20 -27.52 -40.49 -83.47
CA VAL H 20 -28.45 -41.59 -83.62
C VAL H 20 -29.52 -41.22 -84.64
N THR H 21 -29.57 -41.93 -85.79
CA THR H 21 -30.64 -41.73 -86.78
C THR H 21 -31.84 -42.64 -86.45
N GLY H 22 -32.99 -42.34 -87.05
CA GLY H 22 -34.26 -42.93 -86.69
C GLY H 22 -34.62 -42.71 -85.24
N ALA H 23 -34.23 -41.55 -84.69
CA ALA H 23 -34.22 -41.32 -83.23
C ALA H 23 -35.60 -41.07 -82.63
N ALA H 24 -36.61 -40.85 -83.46
CA ALA H 24 -38.00 -40.80 -82.96
C ALA H 24 -38.59 -42.24 -82.75
N GLY H 25 -38.27 -43.17 -83.65
CA GLY H 25 -38.73 -44.58 -83.54
C GLY H 25 -38.26 -45.31 -82.29
N GLY H 26 -38.95 -46.40 -81.97
CA GLY H 26 -38.65 -47.26 -80.82
C GLY H 26 -37.19 -47.49 -80.50
N ILE H 27 -36.49 -48.28 -81.31
CA ILE H 27 -35.08 -48.60 -81.04
C ILE H 27 -34.19 -47.33 -80.99
N GLY H 28 -34.37 -46.43 -81.96
CA GLY H 28 -33.60 -45.19 -82.00
C GLY H 28 -33.81 -44.34 -80.75
N ARG H 29 -35.07 -44.22 -80.33
CA ARG H 29 -35.42 -43.50 -79.12
C ARG H 29 -34.78 -44.15 -77.90
N ALA H 30 -34.93 -45.47 -77.74
CA ALA H 30 -34.32 -46.15 -76.58
C ALA H 30 -32.81 -45.96 -76.55
N THR H 31 -32.20 -45.85 -77.73
CA THR H 31 -30.75 -45.70 -77.84
C THR H 31 -30.31 -44.26 -77.42
N VAL H 32 -31.00 -43.24 -77.93
CA VAL H 32 -30.81 -41.86 -77.46
C VAL H 32 -30.84 -41.79 -75.92
N GLU H 33 -31.87 -42.38 -75.31
CA GLU H 33 -32.01 -42.34 -73.85
C GLU H 33 -30.88 -43.07 -73.11
N ALA H 34 -30.48 -44.25 -73.61
CA ALA H 34 -29.39 -45.02 -72.98
C ALA H 34 -28.07 -44.26 -73.14
N TYR H 35 -27.88 -43.61 -74.28
CA TYR H 35 -26.65 -42.85 -74.55
C TYR H 35 -26.54 -41.61 -73.62
N LEU H 36 -27.63 -40.85 -73.49
CA LEU H 36 -27.69 -39.71 -72.54
C LEU H 36 -27.44 -40.19 -71.11
N ARG H 37 -28.13 -41.24 -70.71
CA ARG H 37 -27.91 -41.84 -69.40
C ARG H 37 -26.45 -42.27 -69.14
N GLU H 38 -25.68 -42.57 -70.18
CA GLU H 38 -24.29 -43.03 -70.02
C GLU H 38 -23.28 -41.92 -70.27
N GLY H 39 -23.76 -40.70 -70.39
CA GLY H 39 -22.88 -39.53 -70.36
C GLY H 39 -22.47 -38.96 -71.68
N ALA H 40 -23.11 -39.39 -72.77
CA ALA H 40 -22.74 -38.93 -74.10
C ALA H 40 -23.52 -37.68 -74.43
N SER H 41 -23.02 -36.90 -75.38
CA SER H 41 -23.77 -35.83 -75.98
C SER H 41 -24.36 -36.44 -77.25
N VAL H 42 -25.65 -36.22 -77.47
CA VAL H 42 -26.39 -36.98 -78.49
C VAL H 42 -27.20 -36.07 -79.40
N VAL H 43 -26.95 -36.16 -80.70
CA VAL H 43 -27.91 -35.64 -81.66
C VAL H 43 -28.96 -36.73 -81.95
N ALA H 44 -30.23 -36.33 -81.93
CA ALA H 44 -31.32 -37.21 -82.32
C ALA H 44 -31.82 -36.77 -83.65
N MET H 45 -31.65 -37.61 -84.66
CA MET H 45 -31.99 -37.27 -86.02
C MET H 45 -33.16 -38.14 -86.52
N ASP H 46 -34.15 -37.49 -87.12
CA ASP H 46 -35.29 -38.17 -87.71
C ASP H 46 -36.09 -37.15 -88.53
N LEU H 47 -37.22 -37.58 -89.10
CA LEU H 47 -38.09 -36.67 -89.84
C LEU H 47 -38.59 -35.55 -88.91
N ALA H 48 -38.77 -34.35 -89.47
CA ALA H 48 -39.14 -33.16 -88.68
C ALA H 48 -40.41 -33.40 -87.87
N PRO H 49 -41.49 -33.86 -88.55
CA PRO H 49 -42.72 -34.14 -87.82
C PRO H 49 -42.50 -35.08 -86.63
N ARG H 50 -41.79 -36.17 -86.87
CA ARG H 50 -41.58 -37.20 -85.83
C ARG H 50 -40.83 -36.65 -84.63
N LEU H 51 -39.76 -35.91 -84.89
CA LEU H 51 -39.01 -35.25 -83.81
C LEU H 51 -39.93 -34.33 -83.03
N ALA H 52 -40.78 -33.59 -83.73
CA ALA H 52 -41.75 -32.69 -83.09
C ALA H 52 -42.64 -33.46 -82.14
N ALA H 53 -43.06 -34.65 -82.55
CA ALA H 53 -44.01 -35.47 -81.78
C ALA H 53 -43.41 -36.37 -80.68
N THR H 54 -42.10 -36.29 -80.43
CA THR H 54 -41.48 -37.21 -79.44
C THR H 54 -40.95 -36.49 -78.20
N ARG H 55 -40.94 -37.21 -77.09
CA ARG H 55 -40.33 -36.75 -75.85
C ARG H 55 -39.38 -37.83 -75.36
N TYR H 56 -38.25 -37.42 -74.79
CA TYR H 56 -37.27 -38.36 -74.25
C TYR H 56 -37.35 -38.33 -72.75
N GLU H 57 -37.22 -39.50 -72.13
CA GLU H 57 -37.23 -39.59 -70.66
C GLU H 57 -35.90 -39.13 -70.04
N GLU H 58 -34.93 -38.75 -70.87
CA GLU H 58 -33.67 -38.19 -70.39
C GLU H 58 -33.42 -36.84 -71.08
N PRO H 59 -32.84 -35.86 -70.36
CA PRO H 59 -32.59 -34.54 -70.94
C PRO H 59 -31.25 -34.46 -71.67
N GLY H 60 -31.17 -33.56 -72.66
CA GLY H 60 -29.89 -33.28 -73.34
C GLY H 60 -29.86 -33.51 -74.84
N ALA H 61 -30.86 -34.19 -75.37
CA ALA H 61 -30.88 -34.53 -76.79
C ALA H 61 -30.89 -33.30 -77.69
N ILE H 62 -30.05 -33.28 -78.71
CA ILE H 62 -30.04 -32.20 -79.69
C ILE H 62 -30.79 -32.66 -80.92
N PRO H 63 -32.05 -32.25 -81.08
CA PRO H 63 -32.80 -32.70 -82.25
C PRO H 63 -32.32 -32.04 -83.54
N ILE H 64 -32.20 -32.80 -84.62
CA ILE H 64 -31.87 -32.29 -85.93
C ILE H 64 -32.67 -33.03 -86.98
N ALA H 65 -33.51 -32.30 -87.72
CA ALA H 65 -34.38 -32.89 -88.74
C ALA H 65 -33.57 -33.37 -89.94
N CYS H 66 -33.99 -34.50 -90.52
CA CYS H 66 -33.37 -35.04 -91.70
C CYS H 66 -34.34 -35.89 -92.52
N ASP H 67 -33.88 -36.30 -93.70
CA ASP H 67 -34.73 -37.03 -94.65
C ASP H 67 -33.96 -38.16 -95.38
N LEU H 68 -33.87 -39.32 -94.73
CA LEU H 68 -33.20 -40.51 -95.28
C LEU H 68 -33.88 -40.96 -96.57
N ARG H 71 -30.40 -37.16 -100.41
CA ARG H 71 -28.95 -37.20 -100.25
C ARG H 71 -28.38 -35.83 -99.83
N ALA H 72 -28.84 -34.76 -100.49
CA ALA H 72 -28.50 -33.41 -100.08
C ALA H 72 -28.90 -33.20 -98.63
N ALA H 73 -30.11 -33.65 -98.27
CA ALA H 73 -30.63 -33.54 -96.92
C ALA H 73 -29.71 -34.24 -95.92
N ILE H 74 -29.28 -35.46 -96.24
CA ILE H 74 -28.43 -36.25 -95.33
C ILE H 74 -27.12 -35.53 -95.02
N ASP H 75 -26.43 -35.08 -96.07
CA ASP H 75 -25.17 -34.34 -95.87
C ASP H 75 -25.33 -33.09 -95.02
N ALA H 76 -26.38 -32.32 -95.30
CA ALA H 76 -26.67 -31.08 -94.58
C ALA H 76 -26.90 -31.37 -93.10
N ALA H 77 -27.74 -32.36 -92.83
CA ALA H 77 -28.06 -32.73 -91.44
C ALA H 77 -26.84 -33.25 -90.69
N MET H 78 -26.01 -34.03 -91.36
CA MET H 78 -24.80 -34.59 -90.72
C MET H 78 -23.76 -33.48 -90.44
N ALA H 79 -23.59 -32.56 -91.39
CA ALA H 79 -22.65 -31.44 -91.20
C ALA H 79 -23.10 -30.60 -90.01
N ASP H 80 -24.39 -30.30 -89.97
CA ASP H 80 -24.96 -29.51 -88.87
C ASP H 80 -24.74 -30.23 -87.53
N ALA H 81 -25.00 -31.55 -87.52
CA ALA H 81 -24.86 -32.36 -86.29
C ALA H 81 -23.42 -32.36 -85.77
N VAL H 82 -22.47 -32.54 -86.66
CA VAL H 82 -21.06 -32.57 -86.27
C VAL H 82 -20.57 -31.19 -85.77
N ALA H 83 -21.04 -30.14 -86.46
CA ALA H 83 -20.77 -28.77 -86.04
C ALA H 83 -21.23 -28.56 -84.60
N ARG H 84 -22.45 -28.97 -84.29
CA ARG H 84 -22.99 -28.75 -82.94
C ARG H 84 -22.36 -29.63 -81.86
N LEU H 85 -21.84 -30.80 -82.24
CA LEU H 85 -21.21 -31.69 -81.25
C LEU H 85 -19.75 -31.36 -81.08
N GLY H 86 -19.16 -30.73 -82.10
CA GLY H 86 -17.74 -30.40 -82.09
C GLY H 86 -16.89 -31.61 -82.45
N GLY H 87 -17.47 -32.53 -83.22
CA GLY H 87 -16.79 -33.80 -83.58
C GLY H 87 -17.78 -34.95 -83.70
N LEU H 88 -17.26 -36.18 -83.71
CA LEU H 88 -18.10 -37.39 -83.86
C LEU H 88 -17.34 -38.67 -83.45
N ASP H 89 -17.80 -39.31 -82.41
CA ASP H 89 -17.19 -40.56 -81.93
C ASP H 89 -18.03 -41.79 -82.26
N ILE H 90 -19.35 -41.62 -82.30
CA ILE H 90 -20.31 -42.73 -82.41
C ILE H 90 -21.43 -42.38 -83.40
N LEU H 91 -21.66 -43.26 -84.38
CA LEU H 91 -22.84 -43.21 -85.26
C LEU H 91 -23.70 -44.50 -85.09
N VAL H 92 -24.98 -44.34 -84.80
CA VAL H 92 -25.96 -45.43 -84.83
C VAL H 92 -26.90 -45.14 -85.97
N ALA H 93 -26.81 -45.92 -87.05
CA ALA H 93 -27.63 -45.74 -88.24
C ALA H 93 -28.89 -46.57 -88.11
N GLY H 94 -29.91 -45.96 -87.49
CA GLY H 94 -31.16 -46.64 -87.14
C GLY H 94 -32.36 -46.31 -88.01
N GLY H 95 -32.17 -45.38 -88.96
CA GLY H 95 -33.24 -45.03 -89.88
C GLY H 95 -33.60 -46.22 -90.76
N ALA H 96 -34.90 -46.50 -90.89
CA ALA H 96 -35.37 -47.66 -91.63
C ALA H 96 -36.89 -47.68 -91.91
N LEU H 97 -37.26 -47.95 -93.16
CA LEU H 97 -38.63 -48.33 -93.52
C LEU H 97 -38.84 -49.82 -93.24
N LYS H 98 -39.88 -50.14 -92.46
CA LYS H 98 -40.20 -51.54 -92.16
C LYS H 98 -41.47 -51.94 -92.93
N GLY H 99 -41.84 -53.21 -92.84
CA GLY H 99 -43.09 -53.68 -93.40
C GLY H 99 -42.92 -54.50 -94.66
N GLY H 100 -43.93 -55.34 -94.93
CA GLY H 100 -44.00 -56.15 -96.14
C GLY H 100 -44.92 -55.56 -97.20
N THR H 101 -44.98 -56.22 -98.35
CA THR H 101 -45.73 -55.72 -99.47
C THR H 101 -46.72 -56.74 -100.02
N GLY H 102 -46.39 -58.01 -99.96
CA GLY H 102 -47.14 -59.05 -100.65
C GLY H 102 -46.16 -60.00 -101.30
N ASN H 103 -46.68 -60.97 -102.04
CA ASN H 103 -45.84 -61.97 -102.69
C ASN H 103 -44.85 -61.36 -103.71
N PHE H 104 -43.68 -61.97 -103.81
CA PHE H 104 -42.65 -61.51 -104.72
C PHE H 104 -43.15 -61.38 -106.17
N LEU H 105 -44.02 -62.29 -106.58
CA LEU H 105 -44.62 -62.20 -107.93
C LEU H 105 -45.26 -60.84 -108.29
N ASP H 106 -45.82 -60.16 -107.28
CA ASP H 106 -46.54 -58.90 -107.45
C ASP H 106 -45.75 -57.71 -106.91
N LEU H 107 -44.46 -57.90 -106.59
CA LEU H 107 -43.69 -56.81 -106.01
C LEU H 107 -43.42 -55.74 -107.08
N SER H 108 -43.83 -54.50 -106.81
CA SER H 108 -43.72 -53.44 -107.81
C SER H 108 -42.34 -52.78 -107.76
N ASP H 109 -41.97 -52.15 -108.89
CA ASP H 109 -40.75 -51.33 -108.99
C ASP H 109 -40.71 -50.25 -107.93
N ALA H 110 -41.84 -49.59 -107.68
CA ALA H 110 -41.91 -48.51 -106.70
C ALA H 110 -41.62 -49.02 -105.27
N ASP H 111 -42.16 -50.18 -104.90
CA ASP H 111 -41.89 -50.74 -103.55
C ASP H 111 -40.42 -51.19 -103.41
N TRP H 112 -39.93 -51.90 -104.41
CA TRP H 112 -38.50 -52.29 -104.49
C TRP H 112 -37.62 -51.07 -104.29
N ASP H 113 -37.81 -50.05 -105.13
CA ASP H 113 -36.93 -48.84 -105.09
C ASP H 113 -37.03 -48.14 -103.76
N ARG H 114 -38.20 -48.16 -103.15
CA ARG H 114 -38.34 -47.41 -101.91
C ARG H 114 -37.55 -48.05 -100.77
N TYR H 115 -37.63 -49.38 -100.67
CA TYR H 115 -36.93 -50.11 -99.61
C TYR H 115 -35.40 -50.07 -99.83
N VAL H 116 -34.98 -50.29 -101.06
CA VAL H 116 -33.54 -50.25 -101.38
C VAL H 116 -32.99 -48.83 -101.22
N ASP H 117 -33.67 -47.83 -101.79
CA ASP H 117 -33.21 -46.42 -101.64
C ASP H 117 -33.22 -45.92 -100.21
N VAL H 118 -34.28 -46.17 -99.45
CA VAL H 118 -34.31 -45.65 -98.07
C VAL H 118 -33.41 -46.44 -97.13
N ASN H 119 -33.52 -47.77 -97.14
CA ASN H 119 -32.82 -48.60 -96.13
C ASN H 119 -31.36 -48.91 -96.45
N MET H 120 -31.09 -49.27 -97.70
CA MET H 120 -29.73 -49.60 -98.09
C MET H 120 -28.92 -48.32 -98.40
N THR H 121 -29.35 -47.56 -99.41
CA THR H 121 -28.63 -46.35 -99.85
C THR H 121 -28.63 -45.24 -98.78
N GLY H 122 -29.72 -45.12 -98.04
CA GLY H 122 -29.78 -44.18 -96.93
C GLY H 122 -28.77 -44.46 -95.84
N THR H 123 -28.64 -45.74 -95.48
CA THR H 123 -27.62 -46.19 -94.52
C THR H 123 -26.20 -46.00 -95.06
N PHE H 124 -25.96 -46.31 -96.31
CA PHE H 124 -24.66 -46.02 -96.95
C PHE H 124 -24.29 -44.52 -96.83
N LEU H 125 -25.18 -43.64 -97.31
CA LEU H 125 -24.92 -42.18 -97.33
C LEU H 125 -24.68 -41.63 -95.92
N THR H 126 -25.51 -42.05 -94.98
CA THR H 126 -25.31 -41.66 -93.59
C THR H 126 -23.96 -42.12 -93.04
N CYS H 127 -23.58 -43.37 -93.33
CA CYS H 127 -22.35 -43.96 -92.77
C CYS H 127 -21.08 -43.42 -93.45
N ARG H 128 -21.14 -43.15 -94.76
CA ARG H 128 -20.02 -42.50 -95.43
C ARG H 128 -19.80 -41.09 -94.83
N ALA H 129 -20.86 -40.31 -94.69
CA ALA H 129 -20.77 -38.98 -94.10
C ALA H 129 -20.19 -39.07 -92.68
N GLY H 130 -20.70 -40.02 -91.89
CA GLY H 130 -20.23 -40.20 -90.52
C GLY H 130 -18.76 -40.56 -90.48
N ALA H 131 -18.36 -41.48 -91.34
CA ALA H 131 -17.01 -42.01 -91.29
C ALA H 131 -16.03 -40.87 -91.62
N ARG H 132 -16.35 -40.09 -92.65
CA ARG H 132 -15.50 -38.96 -93.08
C ARG H 132 -15.40 -37.94 -91.97
N ALA H 133 -16.51 -37.65 -91.30
CA ALA H 133 -16.48 -36.74 -90.16
C ALA H 133 -15.60 -37.28 -89.00
N MET H 134 -15.68 -38.60 -88.76
CA MET H 134 -14.87 -39.23 -87.72
C MET H 134 -13.37 -39.10 -88.01
N VAL H 135 -12.99 -39.30 -89.27
CA VAL H 135 -11.60 -39.17 -89.66
C VAL H 135 -11.16 -37.70 -89.56
N ALA H 136 -11.94 -36.78 -90.13
CA ALA H 136 -11.69 -35.35 -90.00
C ALA H 136 -11.53 -34.96 -88.52
N ALA H 137 -12.29 -35.55 -87.61
CA ALA H 137 -12.19 -35.20 -86.18
C ALA H 137 -11.09 -35.94 -85.44
N GLY H 138 -10.29 -36.74 -86.14
CA GLY H 138 -9.11 -37.39 -85.54
C GLY H 138 -9.30 -38.77 -84.93
N ALA H 139 -10.24 -39.56 -85.45
CA ALA H 139 -10.44 -40.95 -84.99
C ALA H 139 -9.12 -41.75 -84.90
N GLY H 140 -8.87 -42.34 -83.73
CA GLY H 140 -7.67 -43.15 -83.53
C GLY H 140 -6.54 -42.44 -82.82
N GLY H 143 -5.24 -43.53 -79.57
CA GLY H 143 -5.29 -44.91 -79.08
C GLY H 143 -6.65 -45.58 -79.20
N ARG H 144 -7.73 -44.79 -79.11
CA ARG H 144 -9.11 -45.30 -79.09
C ARG H 144 -9.81 -45.09 -80.44
N SER H 145 -10.83 -45.89 -80.72
CA SER H 145 -11.43 -45.90 -82.05
C SER H 145 -12.84 -45.33 -82.04
N ALA H 146 -13.19 -44.61 -83.10
CA ALA H 146 -14.58 -44.26 -83.35
C ALA H 146 -15.42 -45.54 -83.64
N ARG H 147 -16.75 -45.41 -83.67
CA ARG H 147 -17.63 -46.58 -83.70
C ARG H 147 -18.83 -46.35 -84.59
N ILE H 148 -19.00 -47.21 -85.61
CA ILE H 148 -20.21 -47.20 -86.42
C ILE H 148 -21.06 -48.47 -86.11
N ILE H 149 -22.35 -48.25 -85.86
CA ILE H 149 -23.29 -49.31 -85.46
C ILE H 149 -24.49 -49.21 -86.37
N THR H 150 -24.71 -50.26 -87.14
CA THR H 150 -25.85 -50.34 -88.04
C THR H 150 -26.91 -51.24 -87.42
N ILE H 151 -28.18 -50.91 -87.69
CA ILE H 151 -29.32 -51.72 -87.20
C ILE H 151 -29.84 -52.52 -88.40
N GLY H 152 -29.60 -53.81 -88.38
CA GLY H 152 -30.11 -54.69 -89.45
C GLY H 152 -31.33 -55.41 -88.90
N SER H 153 -31.31 -56.74 -88.97
CA SER H 153 -32.46 -57.55 -88.60
C SER H 153 -32.10 -59.03 -88.71
N VAL H 154 -32.84 -59.91 -88.06
CA VAL H 154 -32.73 -61.35 -88.36
C VAL H 154 -33.00 -61.56 -89.86
N ASN H 155 -33.78 -60.67 -90.46
CA ASN H 155 -34.02 -60.67 -91.95
C ASN H 155 -32.75 -60.35 -92.80
N SER H 156 -31.67 -59.94 -92.15
CA SER H 156 -30.36 -59.88 -92.81
C SER H 156 -29.79 -61.27 -93.14
N PHE H 157 -30.39 -62.33 -92.57
CA PHE H 157 -29.87 -63.70 -92.70
C PHE H 157 -30.93 -64.73 -93.10
N MET H 158 -32.16 -64.57 -92.61
CA MET H 158 -33.27 -65.46 -92.93
C MET H 158 -34.53 -64.69 -93.31
N ALA H 159 -35.30 -65.19 -94.30
CA ALA H 159 -36.38 -64.40 -94.88
C ALA H 159 -37.74 -64.64 -94.22
N GLU H 160 -38.45 -63.55 -93.90
CA GLU H 160 -39.88 -63.60 -93.61
C GLU H 160 -40.62 -63.66 -94.90
N PRO H 161 -41.88 -64.16 -94.88
CA PRO H 161 -42.70 -64.14 -96.09
C PRO H 161 -43.19 -62.75 -96.47
N GLU H 162 -43.36 -62.55 -97.77
CA GLU H 162 -44.03 -61.39 -98.35
C GLU H 162 -43.36 -60.04 -98.04
N ALA H 163 -42.03 -60.02 -98.04
CA ALA H 163 -41.30 -58.79 -97.71
C ALA H 163 -39.92 -58.79 -98.43
N ALA H 164 -39.90 -59.20 -99.69
CA ALA H 164 -38.64 -59.44 -100.39
C ALA H 164 -37.79 -58.19 -100.54
N ALA H 165 -38.43 -57.01 -100.65
CA ALA H 165 -37.69 -55.76 -100.80
C ALA H 165 -37.01 -55.37 -99.51
N TYR H 166 -37.76 -55.41 -98.41
CA TYR H 166 -37.18 -55.20 -97.06
C TYR H 166 -36.06 -56.22 -96.74
N VAL H 167 -36.31 -57.51 -97.04
CA VAL H 167 -35.33 -58.58 -96.72
C VAL H 167 -34.01 -58.42 -97.52
N ALA H 168 -34.13 -58.19 -98.81
CA ALA H 168 -32.97 -57.89 -99.65
C ALA H 168 -32.16 -56.69 -99.15
N ALA H 169 -32.82 -55.59 -98.89
CA ALA H 169 -32.14 -54.42 -98.32
C ALA H 169 -31.36 -54.75 -97.05
N LYS H 170 -31.95 -55.53 -96.16
CA LYS H 170 -31.26 -55.96 -94.92
C LYS H 170 -30.02 -56.87 -95.14
N GLY H 171 -30.03 -57.70 -96.18
CA GLY H 171 -28.84 -58.43 -96.55
C GLY H 171 -27.77 -57.49 -97.08
N GLY H 172 -28.21 -56.45 -97.80
CA GLY H 172 -27.34 -55.41 -98.29
C GLY H 172 -26.67 -54.64 -97.16
N VAL H 173 -27.45 -54.29 -96.13
CA VAL H 173 -26.91 -53.59 -94.96
C VAL H 173 -25.90 -54.45 -94.21
N ALA H 174 -26.20 -55.75 -94.09
CA ALA H 174 -25.26 -56.66 -93.39
C ALA H 174 -23.89 -56.74 -94.11
N MET H 175 -23.87 -56.86 -95.42
CA MET H 175 -22.57 -56.91 -96.11
C MET H 175 -21.91 -55.53 -96.23
N LEU H 176 -22.68 -54.47 -96.34
CA LEU H 176 -22.13 -53.12 -96.26
C LEU H 176 -21.37 -52.96 -94.94
N THR H 177 -21.98 -53.48 -93.87
CA THR H 177 -21.36 -53.35 -92.56
C THR H 177 -19.98 -54.02 -92.54
N ARG H 178 -19.88 -55.20 -93.14
CA ARG H 178 -18.61 -55.92 -93.12
C ARG H 178 -17.57 -55.26 -94.01
N ALA H 179 -18.00 -54.77 -95.17
CA ALA H 179 -17.10 -54.04 -96.09
C ALA H 179 -16.61 -52.76 -95.40
N MET H 180 -17.49 -52.08 -94.68
CA MET H 180 -17.09 -50.90 -93.90
C MET H 180 -16.08 -51.26 -92.81
N ALA H 181 -16.28 -52.39 -92.13
CA ALA H 181 -15.35 -52.81 -91.07
C ALA H 181 -13.94 -53.03 -91.63
N VAL H 182 -13.89 -53.74 -92.75
CA VAL H 182 -12.63 -54.02 -93.41
C VAL H 182 -11.88 -52.72 -93.86
N ASP H 183 -12.57 -51.82 -94.55
CA ASP H 183 -11.94 -50.64 -95.12
C ASP H 183 -11.61 -49.57 -94.09
N LEU H 184 -12.37 -49.51 -92.99
CA LEU H 184 -12.20 -48.44 -92.01
C LEU H 184 -11.32 -48.81 -90.78
N ALA H 185 -10.92 -50.07 -90.68
CA ALA H 185 -10.04 -50.50 -89.62
C ALA H 185 -8.72 -49.67 -89.59
N ARG H 186 -8.15 -49.41 -90.76
CA ARG H 186 -6.91 -48.61 -90.80
C ARG H 186 -7.12 -47.15 -90.34
N HIS H 187 -8.37 -46.67 -90.42
CA HIS H 187 -8.72 -45.29 -90.02
C HIS H 187 -9.22 -45.17 -88.61
N GLY H 188 -9.00 -46.22 -87.80
CA GLY H 188 -9.43 -46.19 -86.41
C GLY H 188 -10.94 -46.17 -86.18
N ILE H 189 -11.73 -46.81 -87.07
CA ILE H 189 -13.17 -46.95 -86.85
C ILE H 189 -13.64 -48.41 -86.81
N LEU H 190 -14.36 -48.79 -85.75
CA LEU H 190 -14.92 -50.16 -85.64
C LEU H 190 -16.39 -50.14 -86.08
N VAL H 191 -16.77 -51.14 -86.87
CA VAL H 191 -18.08 -51.17 -87.46
C VAL H 191 -18.78 -52.52 -87.23
N ASN H 192 -19.95 -52.48 -86.59
CA ASN H 192 -20.73 -53.69 -86.26
C ASN H 192 -22.22 -53.48 -86.51
N MET H 193 -22.96 -54.59 -86.65
CA MET H 193 -24.41 -54.59 -86.79
C MET H 193 -25.13 -55.17 -85.59
N ILE H 194 -26.32 -54.64 -85.33
CA ILE H 194 -27.21 -55.24 -84.34
C ILE H 194 -28.36 -55.84 -85.12
N ALA H 195 -28.66 -57.10 -84.88
CA ALA H 195 -29.73 -57.79 -85.59
C ALA H 195 -30.86 -58.13 -84.61
N PRO H 196 -31.90 -57.26 -84.48
CA PRO H 196 -33.08 -57.58 -83.65
C PRO H 196 -33.99 -58.57 -84.32
N GLY H 197 -34.61 -59.43 -83.49
CA GLY H 197 -35.77 -60.20 -83.91
C GLY H 197 -37.02 -59.35 -83.69
N PRO H 198 -38.15 -60.00 -83.39
CA PRO H 198 -39.35 -59.20 -83.20
C PRO H 198 -39.23 -58.25 -82.00
N VAL H 199 -39.57 -56.99 -82.19
CA VAL H 199 -39.49 -55.97 -81.14
C VAL H 199 -40.79 -55.19 -81.07
N ASP H 200 -41.43 -55.15 -79.91
CA ASP H 200 -42.71 -54.46 -79.77
C ASP H 200 -42.39 -52.98 -79.58
N VAL H 201 -42.86 -52.16 -80.51
CA VAL H 201 -42.59 -50.74 -80.51
C VAL H 201 -43.88 -49.92 -80.27
N THR H 202 -44.92 -50.58 -79.78
CA THR H 202 -46.20 -49.90 -79.52
C THR H 202 -46.19 -49.12 -78.20
N GLY H 203 -45.36 -49.52 -77.24
CA GLY H 203 -45.44 -48.99 -75.88
C GLY H 203 -46.68 -49.51 -75.16
N ASN H 204 -47.38 -50.43 -75.82
CA ASN H 204 -48.72 -50.83 -75.46
C ASN H 204 -48.85 -52.35 -75.31
N ASN H 205 -47.78 -53.06 -75.65
CA ASN H 205 -47.78 -54.51 -75.65
C ASN H 205 -48.81 -55.05 -76.65
N THR H 206 -49.03 -54.31 -77.72
CA THR H 206 -50.00 -54.72 -78.74
C THR H 206 -49.37 -54.96 -80.11
N GLY H 207 -48.04 -54.84 -80.22
CA GLY H 207 -47.38 -55.00 -81.54
C GLY H 207 -47.54 -56.38 -82.21
N TYR H 208 -47.59 -57.42 -81.39
CA TYR H 208 -47.69 -58.80 -81.91
C TYR H 208 -48.92 -59.50 -81.35
N SER H 209 -50.00 -58.76 -81.21
CA SER H 209 -51.21 -59.29 -80.55
C SER H 209 -52.19 -59.95 -81.52
N GLU H 210 -52.07 -59.71 -82.81
CA GLU H 210 -52.92 -60.46 -83.77
C GLU H 210 -52.77 -61.97 -83.48
N PRO H 211 -53.91 -62.70 -83.31
CA PRO H 211 -53.82 -64.06 -82.73
C PRO H 211 -52.89 -65.02 -83.46
N ARG H 212 -52.94 -65.09 -84.80
CA ARG H 212 -52.08 -66.02 -85.54
C ARG H 212 -50.59 -65.62 -85.30
N LEU H 213 -50.32 -64.32 -85.37
CA LEU H 213 -48.96 -63.81 -85.15
C LEU H 213 -48.46 -64.10 -83.74
N ALA H 214 -49.32 -63.94 -82.75
CA ALA H 214 -48.92 -64.17 -81.36
C ALA H 214 -48.61 -65.67 -81.13
N GLU H 215 -49.39 -66.54 -81.76
CA GLU H 215 -49.14 -68.01 -81.74
C GLU H 215 -47.77 -68.36 -82.38
N GLN H 216 -47.43 -67.73 -83.51
CA GLN H 216 -46.16 -68.01 -84.18
C GLN H 216 -44.97 -67.42 -83.40
N VAL H 217 -45.18 -66.31 -82.69
CA VAL H 217 -44.14 -65.79 -81.80
C VAL H 217 -43.80 -66.78 -80.70
N LEU H 218 -44.85 -67.37 -80.11
CA LEU H 218 -44.69 -68.40 -79.07
C LEU H 218 -43.97 -69.66 -79.58
N ASP H 219 -44.27 -70.07 -80.81
CA ASP H 219 -43.59 -71.20 -81.43
C ASP H 219 -42.12 -70.89 -81.80
N GLU H 220 -41.88 -69.73 -82.42
CA GLU H 220 -40.58 -69.47 -83.09
C GLU H 220 -39.54 -68.75 -82.25
N VAL H 221 -39.96 -68.03 -81.23
CA VAL H 221 -39.04 -67.34 -80.32
C VAL H 221 -38.91 -68.15 -79.04
N ALA H 222 -37.68 -68.50 -78.67
CA ALA H 222 -37.48 -69.38 -77.52
C ALA H 222 -38.02 -68.76 -76.24
N LEU H 223 -37.79 -67.46 -76.07
CA LEU H 223 -38.32 -66.74 -74.91
C LEU H 223 -39.82 -66.46 -75.04
N GLY H 224 -40.45 -66.76 -76.17
CA GLY H 224 -41.92 -66.77 -76.24
C GLY H 224 -42.58 -65.41 -76.26
N ARG H 225 -41.83 -64.36 -76.58
CA ARG H 225 -42.37 -63.02 -76.64
C ARG H 225 -41.53 -62.14 -77.55
N PRO H 226 -42.07 -60.96 -77.93
CA PRO H 226 -41.26 -59.93 -78.59
C PRO H 226 -40.34 -59.22 -77.61
N GLY H 227 -39.29 -58.60 -78.14
CA GLY H 227 -38.37 -57.81 -77.34
C GLY H 227 -38.87 -56.38 -77.17
N LEU H 228 -38.26 -55.68 -76.24
CA LEU H 228 -38.54 -54.27 -76.02
C LEU H 228 -37.37 -53.47 -76.59
N PRO H 229 -37.64 -52.24 -77.03
CA PRO H 229 -36.57 -51.37 -77.57
C PRO H 229 -35.34 -51.21 -76.67
N GLU H 230 -35.57 -51.16 -75.37
CA GLU H 230 -34.49 -51.06 -74.38
C GLU H 230 -33.58 -52.28 -74.43
N GLU H 231 -34.14 -53.44 -74.73
CA GLU H 231 -33.36 -54.66 -74.84
C GLU H 231 -32.40 -54.68 -76.06
N VAL H 232 -32.64 -53.81 -77.03
CA VAL H 232 -31.76 -53.62 -78.15
C VAL H 232 -30.76 -52.50 -77.90
N ALA H 233 -31.24 -51.38 -77.35
CA ALA H 233 -30.37 -50.22 -77.02
C ALA H 233 -29.14 -50.61 -76.18
N THR H 234 -29.31 -51.55 -75.26
CA THR H 234 -28.19 -51.96 -74.41
C THR H 234 -26.95 -52.40 -75.23
N ALA H 235 -27.18 -53.07 -76.38
CA ALA H 235 -26.09 -53.49 -77.25
C ALA H 235 -25.40 -52.31 -77.94
N ALA H 236 -26.16 -51.26 -78.21
CA ALA H 236 -25.61 -50.05 -78.82
C ALA H 236 -24.64 -49.35 -77.88
N VAL H 237 -24.89 -49.44 -76.57
CA VAL H 237 -23.94 -48.95 -75.56
C VAL H 237 -22.69 -49.84 -75.53
N PHE H 238 -22.91 -51.14 -75.48
CA PHE H 238 -21.78 -52.09 -75.44
C PHE H 238 -20.83 -51.86 -76.62
N LEU H 239 -21.39 -51.74 -77.83
CA LEU H 239 -20.57 -51.61 -79.02
C LEU H 239 -19.92 -50.20 -79.14
N ALA H 240 -20.45 -49.20 -78.46
CA ALA H 240 -19.88 -47.84 -78.49
C ALA H 240 -18.78 -47.63 -77.43
N GLU H 241 -18.71 -48.47 -76.41
CA GLU H 241 -17.81 -48.17 -75.27
C GLU H 241 -16.36 -48.60 -75.55
N ASP H 242 -15.44 -48.05 -74.76
CA ASP H 242 -14.00 -48.23 -74.97
C ASP H 242 -13.58 -49.70 -74.92
N GLY H 243 -14.23 -50.47 -74.05
CA GLY H 243 -13.87 -51.86 -73.82
C GLY H 243 -14.02 -52.78 -75.02
N SER H 244 -14.89 -52.41 -75.96
CA SER H 244 -15.19 -53.23 -77.17
C SER H 244 -14.23 -52.97 -78.33
N SER H 245 -12.95 -52.78 -77.99
CA SER H 245 -11.96 -52.28 -78.93
C SER H 245 -11.39 -53.35 -79.85
N PHE H 246 -11.70 -54.65 -79.64
CA PHE H 246 -11.30 -55.69 -80.61
C PHE H 246 -12.49 -56.30 -81.39
N ILE H 247 -13.65 -55.62 -81.34
CA ILE H 247 -14.89 -56.12 -81.94
C ILE H 247 -15.18 -55.32 -83.19
N THR H 248 -15.03 -55.95 -84.36
CA THR H 248 -15.38 -55.29 -85.59
C THR H 248 -15.77 -56.30 -86.67
N GLY H 249 -16.68 -55.87 -87.54
CA GLY H 249 -17.19 -56.71 -88.61
C GLY H 249 -18.19 -57.76 -88.14
N SER H 250 -18.72 -57.61 -86.92
CA SER H 250 -19.56 -58.66 -86.32
C SER H 250 -21.03 -58.23 -86.17
N THR H 251 -21.86 -59.21 -85.81
CA THR H 251 -23.28 -58.99 -85.57
C THR H 251 -23.61 -59.44 -84.14
N ILE H 252 -24.35 -58.59 -83.41
CA ILE H 252 -24.95 -58.97 -82.14
C ILE H 252 -26.42 -59.19 -82.40
N THR H 253 -26.89 -60.43 -82.26
CA THR H 253 -28.25 -60.79 -82.58
C THR H 253 -29.05 -60.76 -81.29
N ILE H 254 -30.19 -60.11 -81.34
CA ILE H 254 -31.07 -59.87 -80.17
C ILE H 254 -32.48 -60.30 -80.53
N ASP H 255 -32.76 -61.60 -80.41
CA ASP H 255 -33.99 -62.15 -80.94
C ASP H 255 -34.71 -63.21 -80.06
N GLY H 256 -34.32 -63.33 -78.80
CA GLY H 256 -34.93 -64.33 -77.91
C GLY H 256 -34.82 -65.77 -78.41
N GLY H 257 -33.81 -66.03 -79.24
CA GLY H 257 -33.50 -67.38 -79.72
C GLY H 257 -34.12 -67.73 -81.04
N LEU H 258 -34.81 -66.79 -81.66
CA LEU H 258 -35.46 -67.05 -82.92
C LEU H 258 -34.51 -67.73 -83.94
N SER H 259 -33.36 -67.14 -84.18
CA SER H 259 -32.47 -67.64 -85.23
C SER H 259 -31.66 -68.86 -84.81
N ALA H 260 -31.69 -69.20 -83.53
CA ALA H 260 -31.01 -70.36 -83.01
C ALA H 260 -31.84 -71.68 -83.06
N MET H 261 -33.14 -71.58 -83.33
CA MET H 261 -34.08 -72.70 -83.06
C MET H 261 -34.81 -73.14 -84.31
N ILE H 262 -35.03 -74.44 -84.46
CA ILE H 262 -35.99 -74.95 -85.46
C ILE H 262 -37.01 -75.83 -84.73
N PHE H 263 -38.23 -75.91 -85.27
CA PHE H 263 -39.29 -76.74 -84.68
C PHE H 263 -39.56 -76.39 -83.22
N GLY H 264 -39.46 -75.11 -82.90
CA GLY H 264 -39.80 -74.61 -81.59
C GLY H 264 -41.26 -74.82 -81.20
N GLY H 265 -42.17 -74.97 -82.18
CA GLY H 265 -43.55 -75.35 -81.83
C GLY H 265 -43.69 -76.74 -81.19
N MET H 266 -42.66 -77.57 -81.32
CA MET H 266 -42.66 -78.93 -80.77
C MET H 266 -42.12 -79.02 -79.33
N ARG H 267 -41.58 -77.93 -78.80
CA ARG H 267 -40.94 -78.00 -77.49
C ARG H 267 -41.93 -78.17 -76.36
N GLU H 268 -41.45 -78.77 -75.26
CA GLU H 268 -42.20 -78.94 -74.02
C GLU H 268 -42.65 -77.59 -73.55
N GLY H 269 -43.94 -77.42 -73.28
CA GLY H 269 -44.46 -76.15 -72.86
C GLY H 269 -45.27 -75.52 -73.98
N ARG H 270 -45.01 -75.93 -75.22
CA ARG H 270 -45.73 -75.40 -76.40
C ARG H 270 -46.64 -76.46 -76.98
N ARG H 271 -46.08 -77.64 -77.20
CA ARG H 271 -46.76 -78.86 -77.62
C ARG H 271 -48.04 -79.06 -76.81
N PRO I 10 10.07 -50.79 22.81
CA PRO I 10 9.07 -49.73 22.67
C PRO I 10 8.73 -49.16 24.04
N GLY I 11 8.83 -47.84 24.21
CA GLY I 11 8.53 -47.24 25.52
C GLY I 11 9.58 -46.29 26.07
N ARG I 12 9.17 -45.41 26.96
CA ARG I 12 10.03 -44.35 27.51
C ARG I 12 11.13 -44.84 28.46
N LEU I 13 10.96 -46.06 28.99
CA LEU I 13 11.97 -46.66 29.85
C LEU I 13 12.55 -47.94 29.21
N ALA I 14 12.57 -47.98 27.87
CA ALA I 14 12.94 -49.19 27.10
C ALA I 14 14.34 -49.63 27.44
N GLY I 15 14.46 -50.84 27.99
CA GLY I 15 15.76 -51.43 28.31
C GLY I 15 16.40 -51.03 29.64
N LYS I 16 15.69 -50.25 30.46
CA LYS I 16 16.20 -49.86 31.78
C LYS I 16 15.86 -50.91 32.83
N ALA I 17 16.75 -51.06 33.77
CA ALA I 17 16.60 -51.98 34.91
C ALA I 17 16.15 -51.20 36.14
N ALA I 18 15.02 -51.60 36.72
CA ALA I 18 14.41 -50.87 37.83
C ALA I 18 14.10 -51.79 39.01
N ILE I 19 14.34 -51.29 40.23
CA ILE I 19 13.78 -51.87 41.46
C ILE I 19 12.72 -50.91 42.04
N VAL I 20 11.55 -51.44 42.34
CA VAL I 20 10.49 -50.71 43.02
C VAL I 20 10.20 -51.40 44.37
N THR I 21 10.42 -50.69 45.49
CA THR I 21 10.07 -51.22 46.82
C THR I 21 8.66 -50.82 47.18
N GLY I 22 8.10 -51.46 48.20
CA GLY I 22 6.69 -51.35 48.52
C GLY I 22 5.80 -51.74 47.35
N ALA I 23 6.23 -52.73 46.55
CA ALA I 23 5.61 -53.00 45.24
C ALA I 23 4.26 -53.71 45.29
N ALA I 24 3.87 -54.22 46.46
CA ALA I 24 2.52 -54.77 46.61
C ALA I 24 1.50 -53.63 46.85
N GLY I 25 1.88 -52.62 47.64
CA GLY I 25 1.00 -51.46 47.92
C GLY I 25 0.58 -50.64 46.72
N GLY I 26 -0.50 -49.87 46.88
CA GLY I 26 -1.07 -49.02 45.83
C GLY I 26 -0.10 -48.28 44.93
N ILE I 27 0.63 -47.30 45.47
CA ILE I 27 1.56 -46.52 44.64
C ILE I 27 2.65 -47.42 44.02
N GLY I 28 3.23 -48.29 44.84
CA GLY I 28 4.28 -49.20 44.36
C GLY I 28 3.81 -50.11 43.23
N ARG I 29 2.60 -50.66 43.40
CA ARG I 29 1.98 -51.49 42.39
C ARG I 29 1.76 -50.71 41.11
N ALA I 30 1.15 -49.53 41.21
CA ALA I 30 0.88 -48.74 40.01
C ALA I 30 2.20 -48.38 39.29
N THR I 31 3.27 -48.21 40.06
CA THR I 31 4.57 -47.86 39.48
C THR I 31 5.21 -49.06 38.72
N VAL I 32 5.18 -50.24 39.34
CA VAL I 32 5.58 -51.47 38.65
C VAL I 32 4.87 -51.61 37.29
N GLU I 33 3.55 -51.42 37.29
CA GLU I 33 2.77 -51.56 36.07
C GLU I 33 3.14 -50.52 35.01
N ALA I 34 3.31 -49.26 35.43
CA ALA I 34 3.66 -48.19 34.49
C ALA I 34 5.06 -48.43 33.91
N TYR I 35 5.96 -48.94 34.75
CA TYR I 35 7.34 -49.22 34.34
C TYR I 35 7.43 -50.39 33.31
N LEU I 36 6.71 -51.47 33.59
CA LEU I 36 6.56 -52.59 32.64
C LEU I 36 5.98 -52.10 31.31
N ARG I 37 4.87 -51.37 31.39
CA ARG I 37 4.25 -50.78 30.21
C ARG I 37 5.18 -49.86 29.39
N GLU I 38 6.18 -49.27 30.02
CA GLU I 38 7.11 -48.38 29.31
C GLU I 38 8.43 -49.05 28.91
N GLY I 39 8.49 -50.36 29.07
CA GLY I 39 9.59 -51.17 28.50
C GLY I 39 10.74 -51.49 29.43
N ALA I 40 10.56 -51.28 30.73
CA ALA I 40 11.62 -51.54 31.71
C ALA I 40 11.52 -52.99 32.15
N SER I 41 12.64 -53.52 32.65
CA SER I 41 12.63 -54.77 33.43
C SER I 41 12.58 -54.36 34.88
N VAL I 42 11.68 -54.99 35.63
CA VAL I 42 11.30 -54.52 36.94
C VAL I 42 11.34 -55.61 37.99
N VAL I 43 12.09 -55.38 39.06
CA VAL I 43 11.94 -56.18 40.28
C VAL I 43 10.90 -55.52 41.17
N ALA I 44 9.95 -56.31 41.65
CA ALA I 44 8.94 -55.86 42.59
C ALA I 44 9.33 -56.38 43.95
N MET I 45 9.67 -55.47 44.86
CA MET I 45 10.12 -55.83 46.21
CA MET I 45 10.13 -55.83 46.21
C MET I 45 9.13 -55.42 47.30
N ASP I 46 8.77 -56.36 48.17
CA ASP I 46 7.87 -56.10 49.29
C ASP I 46 7.91 -57.29 50.25
N LEU I 47 7.11 -57.27 51.31
CA LEU I 47 7.01 -58.43 52.21
C LEU I 47 6.52 -59.67 51.46
N ALA I 48 7.02 -60.84 51.88
CA ALA I 48 6.72 -62.12 51.19
C ALA I 48 5.22 -62.38 51.06
N PRO I 49 4.49 -62.31 52.19
CA PRO I 49 3.03 -62.47 52.13
C PRO I 49 2.35 -61.55 51.10
N ARG I 50 2.70 -60.27 51.14
CA ARG I 50 2.06 -59.27 50.27
C ARG I 50 2.31 -59.53 48.78
N LEU I 51 3.55 -59.88 48.44
CA LEU I 51 3.88 -60.29 47.07
C LEU I 51 3.05 -61.50 46.66
N ALA I 52 2.90 -62.46 47.58
CA ALA I 52 2.10 -63.67 47.34
C ALA I 52 0.67 -63.30 47.01
N ALA I 53 0.14 -62.29 47.70
CA ALA I 53 -1.25 -61.88 47.55
C ALA I 53 -1.54 -60.85 46.42
N THR I 54 -0.57 -60.50 45.59
CA THR I 54 -0.81 -59.46 44.56
C THR I 54 -0.71 -59.98 43.13
N ARG I 55 -1.47 -59.36 42.24
CA ARG I 55 -1.38 -59.63 40.80
C ARG I 55 -1.15 -58.29 40.12
N TYR I 56 -0.37 -58.31 39.06
CA TYR I 56 -0.12 -57.12 38.25
C TYR I 56 -0.89 -57.22 36.93
N GLU I 57 -1.47 -56.12 36.48
CA GLU I 57 -2.17 -56.08 35.20
C GLU I 57 -1.23 -56.08 33.99
N GLU I 58 0.09 -56.06 34.25
CA GLU I 58 1.10 -56.16 33.20
C GLU I 58 2.05 -57.33 33.53
N PRO I 59 2.54 -58.05 32.49
CA PRO I 59 3.44 -59.18 32.72
C PRO I 59 4.92 -58.78 32.75
N GLY I 60 5.74 -59.56 33.45
CA GLY I 60 7.19 -59.37 33.46
C GLY I 60 7.84 -59.09 34.81
N ALA I 61 7.04 -58.78 35.83
CA ALA I 61 7.57 -58.39 37.14
C ALA I 61 8.35 -59.53 37.77
N ILE I 62 9.55 -59.23 38.27
CA ILE I 62 10.36 -60.21 39.00
C ILE I 62 10.19 -59.98 40.51
N PRO I 63 9.38 -60.83 41.19
CA PRO I 63 9.12 -60.62 42.60
C PRO I 63 10.30 -61.03 43.46
N ILE I 64 10.63 -60.23 44.46
CA ILE I 64 11.72 -60.55 45.40
C ILE I 64 11.32 -60.08 46.78
N ALA I 65 11.21 -61.02 47.72
CA ALA I 65 10.77 -60.72 49.08
C ALA I 65 11.83 -59.92 49.81
N CYS I 66 11.38 -59.01 50.67
CA CYS I 66 12.28 -58.25 51.52
C CYS I 66 11.59 -57.78 52.79
N ASP I 67 12.38 -57.19 53.68
CA ASP I 67 11.87 -56.77 54.98
C ASP I 67 12.46 -55.43 55.44
N LEU I 68 11.86 -54.32 54.97
CA LEU I 68 12.32 -52.96 55.32
C LEU I 68 12.20 -52.74 56.83
N ASP I 70 14.85 -56.21 58.62
CA ASP I 70 16.27 -56.52 58.79
C ASP I 70 17.14 -55.80 57.75
N ARG I 71 18.14 -55.06 58.23
CA ARG I 71 19.20 -54.46 57.40
C ARG I 71 19.92 -55.54 56.58
N ALA I 72 20.17 -56.68 57.22
CA ALA I 72 20.68 -57.86 56.53
C ALA I 72 19.75 -58.25 55.39
N ALA I 73 18.44 -58.23 55.68
CA ALA I 73 17.44 -58.56 54.67
C ALA I 73 17.54 -57.62 53.48
N ILE I 74 17.65 -56.31 53.74
CA ILE I 74 17.65 -55.31 52.67
C ILE I 74 18.83 -55.54 51.72
N ASP I 75 20.01 -55.70 52.29
CA ASP I 75 21.21 -55.96 51.46
C ASP I 75 21.08 -57.24 50.62
N ALA I 76 20.60 -58.31 51.24
CA ALA I 76 20.40 -59.59 50.55
C ALA I 76 19.45 -59.43 49.36
N ALA I 77 18.29 -58.81 49.62
CA ALA I 77 17.27 -58.63 48.59
C ALA I 77 17.79 -57.75 47.45
N MET I 78 18.53 -56.69 47.79
CA MET I 78 19.05 -55.76 46.76
C MET I 78 20.15 -56.41 45.91
N ALA I 79 21.01 -57.21 46.55
CA ALA I 79 22.05 -57.96 45.81
C ALA I 79 21.39 -58.95 44.84
N ASP I 80 20.42 -59.71 45.35
CA ASP I 80 19.68 -60.65 44.51
C ASP I 80 19.00 -59.94 43.33
N ALA I 81 18.36 -58.80 43.60
CA ALA I 81 17.66 -58.03 42.57
C ALA I 81 18.61 -57.58 41.46
N VAL I 82 19.75 -57.02 41.85
CA VAL I 82 20.70 -56.49 40.88
C VAL I 82 21.30 -57.63 40.06
N ALA I 83 21.57 -58.76 40.73
CA ALA I 83 22.06 -59.97 40.05
C ALA I 83 21.08 -60.37 38.93
N ARG I 84 19.80 -60.46 39.26
CA ARG I 84 18.79 -60.88 38.28
C ARG I 84 18.55 -59.88 37.16
N LEU I 85 18.75 -58.59 37.41
CA LEU I 85 18.53 -57.57 36.38
C LEU I 85 19.77 -57.37 35.54
N GLY I 86 20.93 -57.71 36.10
CA GLY I 86 22.20 -57.52 35.41
C GLY I 86 22.68 -56.08 35.50
N GLY I 87 22.27 -55.39 36.58
CA GLY I 87 22.59 -53.97 36.76
C GLY I 87 21.47 -53.23 37.49
N LEU I 88 21.51 -51.89 37.43
CA LEU I 88 20.49 -51.03 38.05
C LEU I 88 20.54 -49.60 37.49
N ASP I 89 19.43 -49.19 36.86
CA ASP I 89 19.31 -47.83 36.35
C ASP I 89 18.38 -46.94 37.20
N ILE I 90 17.37 -47.57 37.82
CA ILE I 90 16.27 -46.86 38.49
C ILE I 90 15.91 -47.55 39.80
N LEU I 91 15.86 -46.77 40.88
CA LEU I 91 15.31 -47.21 42.17
C LEU I 91 14.11 -46.31 42.57
N VAL I 92 12.98 -46.92 42.88
CA VAL I 92 11.84 -46.22 43.49
C VAL I 92 11.69 -46.78 44.90
N ALA I 93 12.00 -45.98 45.90
CA ALA I 93 11.94 -46.39 47.29
C ALA I 93 10.58 -46.03 47.83
N GLY I 94 9.65 -46.97 47.65
CA GLY I 94 8.23 -46.80 48.00
C GLY I 94 7.79 -47.48 49.28
N GLY I 95 8.66 -48.28 49.90
CA GLY I 95 8.31 -48.95 51.16
C GLY I 95 8.06 -47.92 52.25
N ALA I 96 6.96 -48.09 52.98
CA ALA I 96 6.56 -47.14 54.01
C ALA I 96 5.45 -47.67 54.93
N LEU I 97 5.61 -47.46 56.23
CA LEU I 97 4.51 -47.56 57.20
C LEU I 97 3.71 -46.24 57.20
N LYS I 98 2.40 -46.31 57.07
CA LYS I 98 1.54 -45.13 57.14
C LYS I 98 0.72 -45.17 58.42
N GLY I 99 -0.04 -44.11 58.69
CA GLY I 99 -0.95 -44.11 59.82
C GLY I 99 -0.51 -43.24 60.99
N GLY I 100 -1.49 -42.81 61.77
CA GLY I 100 -1.25 -42.01 62.97
C GLY I 100 -1.31 -42.86 64.23
N THR I 101 -1.06 -42.22 65.36
CA THR I 101 -0.99 -42.91 66.63
C THR I 101 -1.91 -42.26 67.67
N GLY I 102 -2.03 -40.95 67.64
CA GLY I 102 -2.66 -40.21 68.73
C GLY I 102 -1.87 -38.94 68.97
N ASN I 103 -2.23 -38.22 70.01
CA ASN I 103 -1.58 -36.98 70.33
C ASN I 103 -0.11 -37.20 70.63
N PHE I 104 0.72 -36.21 70.23
CA PHE I 104 2.14 -36.22 70.58
C PHE I 104 2.42 -36.50 72.08
N LEU I 105 1.62 -35.95 72.98
CA LEU I 105 1.81 -36.15 74.44
C LEU I 105 1.87 -37.63 74.88
N ASP I 106 1.14 -38.50 74.17
CA ASP I 106 1.05 -39.92 74.46
C ASP I 106 1.82 -40.79 73.49
N LEU I 107 2.64 -40.20 72.63
CA LEU I 107 3.37 -40.97 71.64
C LEU I 107 4.44 -41.84 72.32
N SER I 108 4.37 -43.15 72.12
CA SER I 108 5.29 -44.08 72.79
C SER I 108 6.63 -44.22 72.04
N ASP I 109 7.64 -44.65 72.79
CA ASP I 109 8.96 -44.98 72.21
C ASP I 109 8.85 -46.01 71.09
N ALA I 110 8.01 -47.02 71.29
CA ALA I 110 7.85 -48.08 70.31
C ALA I 110 7.26 -47.56 69.00
N ASP I 111 6.25 -46.70 69.07
CA ASP I 111 5.69 -46.14 67.84
C ASP I 111 6.71 -45.21 67.16
N TRP I 112 7.34 -44.33 67.92
CA TRP I 112 8.41 -43.48 67.36
C TRP I 112 9.43 -44.31 66.60
N ASP I 113 10.00 -45.31 67.29
CA ASP I 113 11.09 -46.13 66.73
C ASP I 113 10.64 -46.87 65.47
N ARG I 114 9.40 -47.29 65.43
CA ARG I 114 8.90 -48.10 64.31
C ARG I 114 8.75 -47.24 63.03
N TYR I 115 8.26 -46.01 63.20
CA TYR I 115 8.14 -45.10 62.07
C TYR I 115 9.51 -44.59 61.58
N VAL I 116 10.36 -44.21 62.50
CA VAL I 116 11.69 -43.72 62.12
C VAL I 116 12.50 -44.86 61.51
N ASP I 117 12.56 -46.03 62.17
CA ASP I 117 13.31 -47.19 61.67
C ASP I 117 12.83 -47.68 60.30
N VAL I 118 11.52 -47.85 60.14
CA VAL I 118 11.03 -48.41 58.89
C VAL I 118 11.07 -47.38 57.77
N ASN I 119 10.54 -46.18 58.03
CA ASN I 119 10.38 -45.20 56.95
C ASN I 119 11.63 -44.37 56.63
N MET I 120 12.32 -43.89 57.65
CA MET I 120 13.55 -43.10 57.43
C MET I 120 14.76 -44.01 57.20
N THR I 121 15.11 -44.84 58.18
CA THR I 121 16.29 -45.71 58.07
C THR I 121 16.18 -46.76 56.96
N GLY I 122 14.99 -47.33 56.79
CA GLY I 122 14.77 -48.29 55.71
C GLY I 122 14.97 -47.69 54.34
N THR I 123 14.51 -46.45 54.16
CA THR I 123 14.75 -45.69 52.91
C THR I 123 16.24 -45.38 52.70
N PHE I 124 16.91 -44.97 53.77
CA PHE I 124 18.37 -44.79 53.72
C PHE I 124 19.14 -46.08 53.29
N LEU I 125 18.88 -47.19 53.97
CA LEU I 125 19.57 -48.45 53.67
C LEU I 125 19.35 -48.90 52.23
N THR I 126 18.10 -48.81 51.79
CA THR I 126 17.73 -49.20 50.43
C THR I 126 18.42 -48.29 49.41
N CYS I 127 18.39 -46.98 49.65
CA CYS I 127 18.98 -46.04 48.70
C CYS I 127 20.50 -46.12 48.67
N ARG I 128 21.15 -46.37 49.83
CA ARG I 128 22.61 -46.55 49.87
C ARG I 128 23.00 -47.80 49.05
N ALA I 129 22.30 -48.90 49.25
CA ALA I 129 22.53 -50.14 48.48
C ALA I 129 22.34 -49.84 46.98
N GLY I 130 21.25 -49.15 46.66
CA GLY I 130 20.92 -48.90 45.27
C GLY I 130 22.00 -48.06 44.63
N ALA I 131 22.44 -47.02 45.35
CA ALA I 131 23.37 -46.08 44.75
C ALA I 131 24.72 -46.78 44.48
N ARG I 132 25.18 -47.57 45.45
CA ARG I 132 26.42 -48.35 45.26
C ARG I 132 26.32 -49.29 44.08
N ALA I 133 25.18 -49.98 43.93
CA ALA I 133 24.98 -50.86 42.78
C ALA I 133 25.01 -50.06 41.45
N MET I 134 24.40 -48.89 41.45
CA MET I 134 24.36 -48.07 40.25
C MET I 134 25.78 -47.66 39.83
N VAL I 135 26.59 -47.31 40.81
CA VAL I 135 27.98 -46.93 40.54
C VAL I 135 28.75 -48.16 40.05
N ALA I 136 28.64 -49.26 40.77
CA ALA I 136 29.22 -50.53 40.35
C ALA I 136 28.84 -50.88 38.91
N ALA I 137 27.59 -50.62 38.51
CA ALA I 137 27.13 -50.97 37.15
C ALA I 137 27.48 -49.92 36.09
N GLY I 138 28.18 -48.87 36.48
CA GLY I 138 28.66 -47.88 35.51
C GLY I 138 27.77 -46.68 35.24
N ALA I 139 27.00 -46.24 36.23
CA ALA I 139 26.18 -45.02 36.11
C ALA I 139 26.98 -43.84 35.56
N GLY I 140 26.47 -43.23 34.49
CA GLY I 140 27.09 -42.06 33.89
C GLY I 140 27.92 -42.33 32.64
N LYS I 141 28.45 -43.55 32.51
CA LYS I 141 29.38 -43.90 31.40
C LYS I 141 28.76 -43.82 30.00
N ASP I 142 27.42 -43.85 29.91
CA ASP I 142 26.69 -43.61 28.66
C ASP I 142 26.39 -42.13 28.40
N GLY I 143 26.92 -41.22 29.22
CA GLY I 143 26.45 -39.81 29.20
C GLY I 143 25.06 -39.59 29.81
N ARG I 144 24.41 -40.68 30.20
CA ARG I 144 23.11 -40.70 30.84
C ARG I 144 23.26 -41.06 32.32
N SER I 145 22.31 -40.64 33.14
CA SER I 145 22.41 -40.82 34.59
C SER I 145 21.43 -41.86 35.14
N ALA I 146 21.85 -42.57 36.18
CA ALA I 146 20.93 -43.41 36.95
C ALA I 146 19.96 -42.50 37.75
N ARG I 147 18.92 -43.08 38.33
CA ARG I 147 17.83 -42.29 38.91
C ARG I 147 17.32 -42.92 40.21
N ILE I 148 17.36 -42.15 41.30
CA ILE I 148 16.75 -42.54 42.57
C ILE I 148 15.52 -41.63 42.83
N ILE I 149 14.40 -42.27 43.13
CA ILE I 149 13.11 -41.63 43.33
C ILE I 149 12.56 -42.09 44.67
N THR I 150 12.41 -41.15 45.61
CA THR I 150 11.83 -41.45 46.94
C THR I 150 10.35 -41.02 46.99
N ILE I 151 9.56 -41.75 47.78
CA ILE I 151 8.16 -41.40 47.97
C ILE I 151 8.00 -40.80 49.34
N GLY I 152 7.79 -39.49 49.38
CA GLY I 152 7.60 -38.78 50.63
C GLY I 152 6.11 -38.56 50.75
N SER I 153 5.70 -37.31 50.99
CA SER I 153 4.31 -36.97 51.29
C SER I 153 4.19 -35.44 51.45
N VAL I 154 3.00 -34.90 51.33
CA VAL I 154 2.77 -33.49 51.75
C VAL I 154 3.15 -33.34 53.24
N ASN I 155 3.09 -34.43 54.00
CA ASN I 155 3.59 -34.45 55.39
C ASN I 155 5.11 -34.30 55.54
N SER I 156 5.83 -34.32 54.42
CA SER I 156 7.25 -33.92 54.44
C SER I 156 7.44 -32.40 54.72
N PHE I 157 6.36 -31.64 54.53
CA PHE I 157 6.37 -30.16 54.61
C PHE I 157 5.35 -29.55 55.59
N MET I 158 4.17 -30.16 55.69
CA MET I 158 3.12 -29.69 56.59
C MET I 158 2.55 -30.85 57.41
N ALA I 159 2.24 -30.60 58.69
CA ALA I 159 1.84 -31.68 59.60
C ALA I 159 0.33 -31.94 59.65
N GLU I 160 -0.09 -33.20 59.49
CA GLU I 160 -1.44 -33.65 59.88
C GLU I 160 -1.47 -33.79 61.38
N PRO I 161 -2.65 -33.79 61.98
CA PRO I 161 -2.76 -34.05 63.40
C PRO I 161 -2.54 -35.53 63.78
N GLU I 162 -2.00 -35.73 64.97
CA GLU I 162 -1.93 -37.04 65.62
C GLU I 162 -1.08 -38.10 64.90
N ALA I 163 0.02 -37.66 64.29
CA ALA I 163 0.85 -38.55 63.49
C ALA I 163 2.32 -38.10 63.50
N ALA I 164 2.79 -37.64 64.66
CA ALA I 164 4.08 -36.95 64.78
C ALA I 164 5.27 -37.81 64.36
N ALA I 165 5.20 -39.12 64.62
CA ALA I 165 6.28 -40.01 64.25
C ALA I 165 6.36 -40.17 62.73
N TYR I 166 5.22 -40.41 62.10
CA TYR I 166 5.15 -40.49 60.62
C TYR I 166 5.61 -39.16 59.96
N VAL I 167 5.14 -38.03 60.49
CA VAL I 167 5.40 -36.68 59.91
C VAL I 167 6.90 -36.33 60.02
N ALA I 168 7.46 -36.52 61.22
CA ALA I 168 8.92 -36.44 61.43
C ALA I 168 9.75 -37.31 60.42
N ALA I 169 9.45 -38.58 60.31
CA ALA I 169 10.14 -39.45 59.36
C ALA I 169 10.06 -38.91 57.95
N LYS I 170 8.90 -38.43 57.53
CA LYS I 170 8.76 -37.82 56.19
C LYS I 170 9.61 -36.56 55.98
N GLY I 171 9.81 -35.74 57.00
CA GLY I 171 10.72 -34.62 56.86
C GLY I 171 12.15 -35.13 56.74
N GLY I 172 12.44 -36.23 57.46
CA GLY I 172 13.70 -36.91 57.33
C GLY I 172 14.01 -37.38 55.94
N VAL I 173 13.01 -37.99 55.30
CA VAL I 173 13.15 -38.51 53.96
C VAL I 173 13.33 -37.40 52.94
N ALA I 174 12.63 -36.29 53.15
CA ALA I 174 12.76 -35.14 52.24
C ALA I 174 14.20 -34.60 52.23
N MET I 175 14.80 -34.45 53.41
CA MET I 175 16.18 -33.91 53.47
C MET I 175 17.24 -34.95 53.11
N LEU I 176 16.99 -36.21 53.44
CA LEU I 176 17.82 -37.29 52.93
C LEU I 176 17.87 -37.25 51.40
N THR I 177 16.72 -36.99 50.78
CA THR I 177 16.66 -36.94 49.34
C THR I 177 17.58 -35.86 48.79
N ARG I 178 17.54 -34.67 49.41
CA ARG I 178 18.38 -33.55 48.94
C ARG I 178 19.85 -33.81 49.18
N ALA I 179 20.18 -34.37 50.33
CA ALA I 179 21.57 -34.71 50.64
C ALA I 179 22.09 -35.72 49.61
N MET I 180 21.26 -36.70 49.25
CA MET I 180 21.65 -37.70 48.25
C MET I 180 21.85 -37.07 46.89
N ALA I 181 20.99 -36.12 46.55
CA ALA I 181 21.11 -35.44 45.27
C ALA I 181 22.44 -34.73 45.18
N VAL I 182 22.80 -34.02 46.24
CA VAL I 182 24.04 -33.28 46.26
C VAL I 182 25.28 -34.20 46.15
N ASP I 183 25.34 -35.26 46.94
CA ASP I 183 26.52 -36.12 47.01
C ASP I 183 26.64 -37.04 45.81
N LEU I 184 25.52 -37.38 45.18
CA LEU I 184 25.55 -38.37 44.11
C LEU I 184 25.60 -37.79 42.71
N ALA I 185 25.49 -36.46 42.60
CA ALA I 185 25.58 -35.80 41.29
C ALA I 185 26.90 -36.14 40.56
N ARG I 186 28.02 -36.09 41.29
CA ARG I 186 29.32 -36.41 40.69
C ARG I 186 29.40 -37.88 40.19
N HIS I 187 28.57 -38.76 40.73
CA HIS I 187 28.55 -40.18 40.35
C HIS I 187 27.50 -40.52 39.33
N GLY I 188 26.97 -39.50 38.66
CA GLY I 188 25.97 -39.70 37.60
C GLY I 188 24.61 -40.21 38.05
N ILE I 189 24.18 -39.87 39.26
CA ILE I 189 22.84 -40.29 39.73
C ILE I 189 21.98 -39.06 40.10
N LEU I 190 20.76 -39.00 39.54
CA LEU I 190 19.82 -37.92 39.88
C LEU I 190 18.82 -38.45 40.93
N VAL I 191 18.50 -37.60 41.90
CA VAL I 191 17.71 -38.02 43.04
C VAL I 191 16.60 -37.00 43.30
N ASN I 192 15.35 -37.47 43.25
CA ASN I 192 14.16 -36.62 43.47
C ASN I 192 13.11 -37.31 44.32
N MET I 193 12.21 -36.53 44.94
CA MET I 193 11.11 -37.04 45.76
C MET I 193 9.73 -36.77 45.10
N ILE I 194 8.79 -37.68 45.30
CA ILE I 194 7.41 -37.48 44.89
C ILE I 194 6.63 -37.30 46.20
N ALA I 195 5.84 -36.21 46.29
CA ALA I 195 5.08 -35.90 47.49
C ALA I 195 3.54 -36.01 47.21
N PRO I 196 2.97 -37.19 47.46
CA PRO I 196 1.52 -37.32 47.28
C PRO I 196 0.72 -36.72 48.41
N GLY I 197 -0.42 -36.16 48.06
CA GLY I 197 -1.44 -35.79 49.03
C GLY I 197 -2.30 -37.02 49.28
N PRO I 198 -3.59 -36.81 49.57
CA PRO I 198 -4.43 -37.98 49.85
C PRO I 198 -4.60 -38.83 48.61
N VAL I 199 -4.36 -40.15 48.76
CA VAL I 199 -4.45 -41.11 47.67
C VAL I 199 -5.35 -42.27 48.11
N ASP I 200 -6.37 -42.59 47.31
CA ASP I 200 -7.27 -43.69 47.67
C ASP I 200 -6.64 -44.98 47.14
N VAL I 201 -6.31 -45.86 48.08
CA VAL I 201 -5.61 -47.12 47.79
C VAL I 201 -6.53 -48.34 48.00
N THR I 202 -7.84 -48.10 48.12
CA THR I 202 -8.80 -49.17 48.39
C THR I 202 -9.18 -49.94 47.13
N GLY I 203 -9.02 -49.32 45.96
CA GLY I 203 -9.55 -49.89 44.71
C GLY I 203 -11.07 -49.82 44.69
N ASN I 204 -11.64 -49.21 45.72
CA ASN I 204 -13.05 -49.32 46.05
C ASN I 204 -13.77 -47.98 46.12
N ASN I 205 -13.06 -46.90 45.80
CA ASN I 205 -13.46 -45.54 46.17
C ASN I 205 -14.01 -45.40 47.61
N THR I 206 -13.41 -46.10 48.59
CA THR I 206 -13.85 -46.02 49.99
C THR I 206 -12.79 -45.52 50.97
N GLY I 207 -11.60 -45.15 50.48
CA GLY I 207 -10.49 -44.74 51.37
C GLY I 207 -10.80 -43.53 52.24
N TYR I 208 -11.50 -42.55 51.65
CA TYR I 208 -11.77 -41.27 52.35
C TYR I 208 -13.26 -41.02 52.53
N SER I 209 -14.00 -42.10 52.81
CA SER I 209 -15.46 -42.05 52.81
C SER I 209 -16.06 -41.74 54.18
N GLU I 210 -15.29 -41.87 55.27
CA GLU I 210 -15.79 -41.44 56.56
C GLU I 210 -16.29 -39.96 56.42
N PRO I 211 -17.51 -39.67 56.93
CA PRO I 211 -18.16 -38.40 56.55
C PRO I 211 -17.40 -37.09 56.92
N ARG I 212 -16.84 -37.02 58.12
CA ARG I 212 -16.04 -35.85 58.51
C ARG I 212 -14.80 -35.70 57.59
N LEU I 213 -14.12 -36.81 57.34
CA LEU I 213 -12.97 -36.84 56.49
C LEU I 213 -13.31 -36.39 55.07
N ALA I 214 -14.43 -36.90 54.53
CA ALA I 214 -14.81 -36.60 53.15
C ALA I 214 -15.07 -35.11 53.02
N GLU I 215 -15.69 -34.54 54.04
CA GLU I 215 -15.98 -33.12 54.10
C GLU I 215 -14.67 -32.30 54.09
N GLN I 216 -13.66 -32.75 54.83
CA GLN I 216 -12.38 -32.03 54.88
C GLN I 216 -11.57 -32.17 53.58
N VAL I 217 -11.68 -33.30 52.91
CA VAL I 217 -11.06 -33.46 51.60
C VAL I 217 -11.68 -32.46 50.60
N LEU I 218 -12.99 -32.29 50.65
CA LEU I 218 -13.67 -31.30 49.81
C LEU I 218 -13.23 -29.86 50.11
N ASP I 219 -13.03 -29.55 51.38
CA ASP I 219 -12.58 -28.25 51.79
C ASP I 219 -11.10 -28.01 51.43
N GLU I 220 -10.24 -28.98 51.72
CA GLU I 220 -8.79 -28.76 51.68
C GLU I 220 -8.08 -29.12 50.37
N VAL I 221 -8.69 -29.98 49.55
CA VAL I 221 -8.12 -30.34 48.27
C VAL I 221 -8.86 -29.54 47.18
N ALA I 222 -8.14 -28.80 46.35
CA ALA I 222 -8.77 -27.95 45.35
C ALA I 222 -9.60 -28.79 44.34
N LEU I 223 -9.10 -29.96 43.94
CA LEU I 223 -9.83 -30.85 43.03
C LEU I 223 -10.93 -31.63 43.77
N GLY I 224 -11.00 -31.53 45.10
CA GLY I 224 -12.17 -32.02 45.81
C GLY I 224 -12.27 -33.53 45.95
N ARG I 225 -11.16 -34.23 45.75
CA ARG I 225 -11.16 -35.68 45.85
C ARG I 225 -9.75 -36.19 46.17
N PRO I 226 -9.65 -37.44 46.65
CA PRO I 226 -8.35 -38.11 46.71
C PRO I 226 -7.84 -38.50 45.35
N GLY I 227 -6.53 -38.69 45.26
CA GLY I 227 -5.91 -39.15 44.03
C GLY I 227 -5.98 -40.65 43.90
N LEU I 228 -5.68 -41.13 42.69
CA LEU I 228 -5.49 -42.56 42.44
C LEU I 228 -4.00 -42.90 42.31
N PRO I 229 -3.60 -44.12 42.69
CA PRO I 229 -2.20 -44.54 42.58
C PRO I 229 -1.58 -44.27 41.23
N GLU I 230 -2.35 -44.48 40.16
CA GLU I 230 -1.88 -44.25 38.80
C GLU I 230 -1.49 -42.79 38.58
N GLU I 231 -2.19 -41.88 39.27
CA GLU I 231 -1.88 -40.45 39.17
C GLU I 231 -0.52 -40.07 39.81
N VAL I 232 -0.02 -40.91 40.71
CA VAL I 232 1.33 -40.73 41.28
C VAL I 232 2.42 -41.44 40.44
N ALA I 233 2.11 -42.68 40.01
CA ALA I 233 3.05 -43.47 39.19
C ALA I 233 3.51 -42.72 37.95
N THR I 234 2.63 -41.95 37.31
CA THR I 234 3.03 -41.22 36.11
C THR I 234 4.31 -40.36 36.34
N ALA I 235 4.44 -39.77 37.54
CA ALA I 235 5.61 -38.96 37.89
C ALA I 235 6.88 -39.79 38.07
N ALA I 236 6.73 -41.04 38.49
CA ALA I 236 7.86 -41.95 38.63
C ALA I 236 8.46 -42.26 37.25
N VAL I 237 7.62 -42.35 36.22
CA VAL I 237 8.08 -42.53 34.84
C VAL I 237 8.81 -41.28 34.35
N PHE I 238 8.19 -40.12 34.57
CA PHE I 238 8.81 -38.84 34.19
C PHE I 238 10.21 -38.68 34.78
N LEU I 239 10.33 -38.98 36.08
CA LEU I 239 11.60 -38.77 36.78
C LEU I 239 12.67 -39.83 36.40
N ALA I 240 12.23 -40.98 35.87
CA ALA I 240 13.16 -42.06 35.47
C ALA I 240 13.64 -41.95 34.01
N GLU I 241 12.95 -41.18 33.17
CA GLU I 241 13.26 -41.15 31.74
C GLU I 241 14.43 -40.24 31.41
N ASP I 242 15.03 -40.47 30.24
CA ASP I 242 16.25 -39.77 29.81
C ASP I 242 16.08 -38.26 29.74
N GLY I 243 14.89 -37.81 29.39
CA GLY I 243 14.62 -36.39 29.20
C GLY I 243 14.75 -35.53 30.47
N SER I 244 14.61 -36.16 31.64
CA SER I 244 14.65 -35.43 32.93
C SER I 244 16.07 -35.29 33.50
N SER I 245 17.02 -35.03 32.63
CA SER I 245 18.43 -35.12 32.95
C SER I 245 18.98 -33.89 33.66
N PHE I 246 18.20 -32.80 33.79
CA PHE I 246 18.63 -31.64 34.62
C PHE I 246 17.82 -31.49 35.92
N ILE I 247 17.08 -32.53 36.27
CA ILE I 247 16.17 -32.46 37.41
C ILE I 247 16.75 -33.29 38.53
N THR I 248 17.22 -32.62 39.59
CA THR I 248 17.75 -33.32 40.76
C THR I 248 17.61 -32.47 42.02
N GLY I 249 17.42 -33.15 43.16
CA GLY I 249 17.20 -32.48 44.45
C GLY I 249 15.81 -31.84 44.62
N SER I 250 14.86 -32.20 43.77
CA SER I 250 13.56 -31.56 43.73
C SER I 250 12.42 -32.48 44.18
N THR I 251 11.25 -31.87 44.32
CA THR I 251 10.04 -32.57 44.73
C THR I 251 8.96 -32.34 43.68
N ILE I 252 8.25 -33.40 43.33
CA ILE I 252 7.05 -33.27 42.50
C ILE I 252 5.88 -33.56 43.42
N THR I 253 5.04 -32.54 43.63
CA THR I 253 3.94 -32.64 44.56
C THR I 253 2.67 -32.97 43.81
N ILE I 254 1.96 -34.00 44.28
CA ILE I 254 0.81 -34.56 43.57
C ILE I 254 -0.33 -34.64 44.58
N ASP I 255 -1.06 -33.56 44.73
CA ASP I 255 -1.99 -33.46 45.84
C ASP I 255 -3.32 -32.75 45.54
N GLY I 256 -3.63 -32.51 44.26
CA GLY I 256 -4.86 -31.84 43.86
C GLY I 256 -4.98 -30.41 44.40
N GLY I 257 -3.85 -29.79 44.73
CA GLY I 257 -3.83 -28.42 45.21
C GLY I 257 -3.85 -28.26 46.70
N LEU I 258 -3.84 -29.37 47.44
CA LEU I 258 -3.85 -29.28 48.89
C LEU I 258 -2.82 -28.28 49.43
N SER I 259 -1.56 -28.43 49.06
CA SER I 259 -0.50 -27.63 49.68
C SER I 259 -0.41 -26.23 49.10
N ALA I 260 -1.15 -25.96 48.03
CA ALA I 260 -1.20 -24.63 47.43
C ALA I 260 -2.26 -23.69 48.03
N MET I 261 -3.20 -24.21 48.80
CA MET I 261 -4.44 -23.48 49.11
C MET I 261 -4.61 -23.29 50.62
N ILE I 262 -5.13 -22.15 51.02
CA ILE I 262 -5.63 -21.97 52.41
C ILE I 262 -7.10 -21.51 52.37
N PHE I 263 -7.87 -21.81 53.43
CA PHE I 263 -9.31 -21.45 53.48
C PHE I 263 -10.11 -21.93 52.24
N GLY I 264 -9.78 -23.12 51.75
CA GLY I 264 -10.48 -23.76 50.66
C GLY I 264 -11.96 -24.03 50.97
N GLY I 265 -12.31 -24.19 52.23
CA GLY I 265 -13.72 -24.34 52.59
C GLY I 265 -14.58 -23.10 52.27
N MET I 266 -13.92 -21.95 52.08
CA MET I 266 -14.60 -20.69 51.76
C MET I 266 -14.80 -20.46 50.26
N ARG I 267 -14.28 -21.32 49.40
CA ARG I 267 -14.41 -21.09 47.97
C ARG I 267 -15.80 -21.34 47.41
N GLU I 268 -16.10 -20.62 46.31
CA GLU I 268 -17.36 -20.75 45.61
C GLU I 268 -17.50 -22.20 45.21
N GLY I 269 -18.63 -22.83 45.52
CA GLY I 269 -18.83 -24.24 45.20
C GLY I 269 -18.75 -25.08 46.46
N ARG I 270 -18.13 -24.54 47.51
CA ARG I 270 -18.00 -25.24 48.78
C ARG I 270 -18.80 -24.56 49.85
N ARG I 271 -18.64 -23.24 49.97
CA ARG I 271 -19.38 -22.47 50.96
C ARG I 271 -20.88 -22.48 50.65
N GLY J 11 -35.10 -61.62 -49.83
CA GLY J 11 -35.39 -61.08 -48.47
C GLY J 11 -34.31 -60.13 -47.98
N ARG J 12 -34.71 -59.17 -47.15
CA ARG J 12 -33.81 -58.07 -46.72
C ARG J 12 -32.71 -58.53 -45.77
N LEU J 13 -32.86 -59.70 -45.17
CA LEU J 13 -31.85 -60.27 -44.28
C LEU J 13 -31.28 -61.58 -44.86
N ALA J 14 -31.30 -61.69 -46.19
CA ALA J 14 -30.97 -62.96 -46.87
C ALA J 14 -29.54 -63.39 -46.53
N GLY J 15 -29.41 -64.55 -45.89
CA GLY J 15 -28.11 -65.13 -45.57
C GLY J 15 -27.47 -64.66 -44.27
N LYS J 16 -28.16 -63.83 -43.50
CA LYS J 16 -27.62 -63.36 -42.23
C LYS J 16 -27.93 -64.36 -41.11
N ALA J 17 -27.01 -64.47 -40.17
CA ALA J 17 -27.18 -65.31 -38.99
C ALA J 17 -27.61 -64.46 -37.81
N ALA J 18 -28.74 -64.81 -37.19
CA ALA J 18 -29.32 -64.01 -36.12
C ALA J 18 -29.62 -64.84 -34.87
N ILE J 19 -29.34 -64.26 -33.71
CA ILE J 19 -29.87 -64.78 -32.43
C ILE J 19 -30.92 -63.80 -31.89
N VAL J 20 -32.10 -64.30 -31.55
CA VAL J 20 -33.13 -63.54 -30.85
C VAL J 20 -33.38 -64.13 -29.44
N THR J 21 -33.12 -63.36 -28.38
CA THR J 21 -33.46 -63.81 -27.03
C THR J 21 -34.88 -63.39 -26.68
N GLY J 22 -35.43 -64.01 -25.64
CA GLY J 22 -36.84 -63.85 -25.28
C GLY J 22 -37.77 -64.26 -26.42
N ALA J 23 -37.35 -65.28 -27.17
CA ALA J 23 -37.97 -65.61 -28.45
C ALA J 23 -39.31 -66.34 -28.34
N ALA J 24 -39.68 -66.81 -27.14
CA ALA J 24 -41.04 -67.37 -26.94
C ALA J 24 -42.08 -66.21 -26.75
N GLY J 25 -41.69 -65.15 -26.00
CA GLY J 25 -42.55 -63.97 -25.76
C GLY J 25 -42.97 -63.19 -27.01
N GLY J 26 -44.05 -62.42 -26.87
CA GLY J 26 -44.64 -61.60 -27.95
C GLY J 26 -43.66 -60.94 -28.91
N ILE J 27 -42.92 -59.93 -28.45
CA ILE J 27 -42.01 -59.20 -29.34
C ILE J 27 -40.90 -60.12 -29.94
N GLY J 28 -40.33 -60.95 -29.08
CA GLY J 28 -39.29 -61.89 -29.50
C GLY J 28 -39.79 -62.84 -30.57
N ARG J 29 -40.98 -63.40 -30.34
CA ARG J 29 -41.63 -64.28 -31.28
C ARG J 29 -41.88 -63.57 -32.61
N ALA J 30 -42.48 -62.38 -32.58
CA ALA J 30 -42.76 -61.64 -33.82
C ALA J 30 -41.47 -61.35 -34.58
N THR J 31 -40.38 -61.16 -33.84
CA THR J 31 -39.09 -60.85 -34.46
C THR J 31 -38.49 -62.10 -35.17
N VAL J 32 -38.48 -63.24 -34.47
CA VAL J 32 -38.10 -64.53 -35.08
C VAL J 32 -38.85 -64.74 -36.42
N GLU J 33 -40.17 -64.53 -36.41
CA GLU J 33 -40.98 -64.72 -37.62
C GLU J 33 -40.63 -63.75 -38.74
N ALA J 34 -40.44 -62.48 -38.40
CA ALA J 34 -40.11 -61.46 -39.40
C ALA J 34 -38.72 -61.75 -39.99
N TYR J 35 -37.79 -62.19 -39.13
CA TYR J 35 -36.42 -62.49 -39.56
C TYR J 35 -36.41 -63.72 -40.52
N LEU J 36 -37.11 -64.79 -40.17
CA LEU J 36 -37.26 -65.97 -41.05
C LEU J 36 -37.88 -65.55 -42.38
N ARG J 37 -38.97 -64.83 -42.33
CA ARG J 37 -39.60 -64.29 -43.53
C ARG J 37 -38.65 -63.46 -44.42
N GLU J 38 -37.63 -62.84 -43.85
CA GLU J 38 -36.72 -61.98 -44.61
C GLU J 38 -35.41 -62.69 -44.97
N GLY J 39 -35.37 -64.00 -44.75
CA GLY J 39 -34.27 -64.83 -45.28
C GLY J 39 -33.10 -65.12 -44.35
N ALA J 40 -33.28 -64.83 -43.07
CA ALA J 40 -32.20 -65.02 -42.10
C ALA J 40 -32.29 -66.43 -41.53
N SER J 41 -31.16 -66.93 -41.05
CA SER J 41 -31.13 -68.13 -40.23
C SER J 41 -31.22 -67.64 -38.80
N VAL J 42 -32.11 -68.26 -38.01
CA VAL J 42 -32.45 -67.70 -36.72
C VAL J 42 -32.41 -68.73 -35.61
N VAL J 43 -31.63 -68.44 -34.57
CA VAL J 43 -31.77 -69.14 -33.31
C VAL J 43 -32.82 -68.42 -32.45
N ALA J 44 -33.76 -69.19 -31.91
CA ALA J 44 -34.72 -68.68 -30.97
C ALA J 44 -34.33 -69.13 -29.57
N MET J 45 -33.96 -68.18 -28.72
CA MET J 45 -33.51 -68.46 -27.37
C MET J 45 -34.52 -68.02 -26.34
N ASP J 46 -34.84 -68.91 -25.41
CA ASP J 46 -35.71 -68.59 -24.29
C ASP J 46 -35.65 -69.72 -23.27
N LEU J 47 -36.41 -69.61 -22.19
CA LEU J 47 -36.50 -70.70 -21.20
C LEU J 47 -37.00 -71.97 -21.88
N ALA J 48 -36.50 -73.12 -21.40
CA ALA J 48 -36.81 -74.43 -21.99
C ALA J 48 -38.31 -74.68 -22.09
N PRO J 49 -39.02 -74.51 -20.96
CA PRO J 49 -40.48 -74.70 -20.97
C PRO J 49 -41.17 -73.85 -22.04
N ARG J 50 -40.82 -72.56 -22.08
CA ARG J 50 -41.47 -71.61 -22.99
C ARG J 50 -41.25 -71.98 -24.45
N LEU J 51 -40.02 -72.33 -24.81
CA LEU J 51 -39.71 -72.82 -26.14
C LEU J 51 -40.55 -74.06 -26.48
N ALA J 52 -40.68 -74.97 -25.51
CA ALA J 52 -41.50 -76.17 -25.67
C ALA J 52 -42.93 -75.80 -26.01
N ALA J 53 -43.45 -74.77 -25.36
CA ALA J 53 -44.85 -74.35 -25.50
C ALA J 53 -45.14 -73.42 -26.68
N THR J 54 -44.18 -73.09 -27.54
CA THR J 54 -44.43 -72.11 -28.62
C THR J 54 -44.35 -72.71 -30.02
N ARG J 55 -45.11 -72.12 -30.94
CA ARG J 55 -45.07 -72.48 -32.35
C ARG J 55 -44.84 -71.20 -33.12
N TYR J 56 -44.07 -71.28 -34.20
CA TYR J 56 -43.84 -70.14 -35.07
C TYR J 56 -44.63 -70.31 -36.35
N GLU J 57 -45.19 -69.23 -36.87
CA GLU J 57 -45.94 -69.26 -38.13
C GLU J 57 -45.00 -69.33 -39.35
N GLU J 58 -43.68 -69.30 -39.13
CA GLU J 58 -42.70 -69.48 -40.19
C GLU J 58 -41.76 -70.63 -39.81
N PRO J 59 -41.30 -71.42 -40.81
CA PRO J 59 -40.40 -72.54 -40.54
C PRO J 59 -38.91 -72.16 -40.55
N GLY J 60 -38.10 -72.90 -39.81
CA GLY J 60 -36.64 -72.70 -39.85
C GLY J 60 -35.96 -72.31 -38.54
N ALA J 61 -36.74 -71.99 -37.52
CA ALA J 61 -36.18 -71.53 -36.24
C ALA J 61 -35.38 -72.61 -35.54
N ILE J 62 -34.18 -72.29 -35.06
CA ILE J 62 -33.37 -73.23 -34.31
C ILE J 62 -33.54 -72.94 -32.81
N PRO J 63 -34.35 -73.73 -32.12
CA PRO J 63 -34.57 -73.44 -30.70
C PRO J 63 -33.36 -73.81 -29.85
N ILE J 64 -32.98 -72.95 -28.90
CA ILE J 64 -31.92 -73.22 -27.95
C ILE J 64 -32.31 -72.68 -26.60
N ALA J 65 -32.42 -73.57 -25.63
CA ALA J 65 -32.80 -73.20 -24.27
C ALA J 65 -31.71 -72.36 -23.61
N CYS J 66 -32.13 -71.39 -22.79
CA CYS J 66 -31.22 -70.58 -22.00
C CYS J 66 -31.90 -70.01 -20.76
N ASP J 67 -31.10 -69.39 -19.90
CA ASP J 67 -31.57 -68.91 -18.61
C ASP J 67 -30.94 -67.55 -18.23
N LEU J 68 -31.54 -66.48 -18.76
CA LEU J 68 -31.08 -65.10 -18.51
C LEU J 68 -31.17 -64.77 -17.01
N ASP J 70 -28.28 -69.03 -15.54
CA ASP J 70 -27.16 -68.30 -14.95
C ASP J 70 -26.31 -67.63 -16.03
N ARG J 71 -25.22 -67.01 -15.58
CA ARG J 71 -24.17 -66.47 -16.46
C ARG J 71 -23.48 -67.61 -17.23
N ALA J 72 -23.20 -68.71 -16.52
CA ALA J 72 -22.70 -69.94 -17.15
C ALA J 72 -23.67 -70.38 -18.25
N ALA J 73 -24.96 -70.39 -17.93
CA ALA J 73 -26.01 -70.74 -18.89
C ALA J 73 -25.95 -69.86 -20.14
N ILE J 74 -25.83 -68.55 -19.95
CA ILE J 74 -25.83 -67.61 -21.10
C ILE J 74 -24.68 -67.92 -22.05
N ASP J 75 -23.47 -68.03 -21.52
CA ASP J 75 -22.29 -68.34 -22.34
C ASP J 75 -22.43 -69.66 -23.11
N ALA J 76 -22.90 -70.69 -22.41
CA ALA J 76 -23.11 -72.01 -23.02
C ALA J 76 -24.09 -71.93 -24.18
N ALA J 77 -25.23 -71.28 -23.94
CA ALA J 77 -26.27 -71.16 -24.97
C ALA J 77 -25.78 -70.35 -26.18
N MET J 78 -25.03 -69.28 -25.91
CA MET J 78 -24.53 -68.41 -27.00
C MET J 78 -23.47 -69.14 -27.83
N ALA J 79 -22.58 -69.88 -27.16
CA ALA J 79 -21.56 -70.66 -27.87
C ALA J 79 -22.24 -71.70 -28.76
N ASP J 80 -23.19 -72.42 -28.19
CA ASP J 80 -23.95 -73.41 -28.96
C ASP J 80 -24.64 -72.76 -30.19
N ALA J 81 -25.29 -71.62 -29.96
CA ALA J 81 -26.02 -70.91 -31.04
C ALA J 81 -25.08 -70.51 -32.17
N VAL J 82 -23.92 -69.96 -31.82
CA VAL J 82 -22.97 -69.51 -32.85
C VAL J 82 -22.36 -70.69 -33.63
N ALA J 83 -22.11 -71.77 -32.89
CA ALA J 83 -21.65 -73.02 -33.50
C ALA J 83 -22.67 -73.47 -34.56
N ARG J 84 -23.95 -73.52 -34.21
CA ARG J 84 -24.97 -74.01 -35.15
C ARG J 84 -25.25 -73.08 -36.33
N LEU J 85 -25.00 -71.77 -36.15
CA LEU J 85 -25.25 -70.81 -37.23
C LEU J 85 -24.03 -70.69 -38.12
N GLY J 86 -22.86 -71.01 -37.57
CA GLY J 86 -21.60 -70.87 -38.27
C GLY J 86 -21.12 -69.43 -38.27
N GLY J 87 -21.49 -68.67 -37.23
CA GLY J 87 -21.17 -67.24 -37.15
C GLY J 87 -22.28 -66.45 -36.46
N LEU J 88 -22.24 -65.12 -36.61
CA LEU J 88 -23.22 -64.22 -35.99
C LEU J 88 -23.17 -62.82 -36.59
N ASP J 89 -24.27 -62.42 -37.22
CA ASP J 89 -24.40 -61.10 -37.82
C ASP J 89 -25.32 -60.16 -37.01
N ILE J 90 -26.34 -60.74 -36.36
CA ILE J 90 -27.41 -59.98 -35.71
C ILE J 90 -27.75 -60.60 -34.36
N LEU J 91 -27.77 -59.77 -33.32
CA LEU J 91 -28.28 -60.12 -31.99
C LEU J 91 -29.44 -59.17 -31.62
N VAL J 92 -30.60 -59.74 -31.26
CA VAL J 92 -31.72 -59.01 -30.68
C VAL J 92 -31.84 -59.49 -29.25
N ALA J 93 -31.50 -58.62 -28.30
CA ALA J 93 -31.56 -58.96 -26.88
C ALA J 93 -32.92 -58.56 -26.36
N GLY J 94 -33.87 -59.50 -26.45
CA GLY J 94 -35.27 -59.30 -26.07
C GLY J 94 -35.70 -59.92 -24.75
N GLY J 95 -34.81 -60.68 -24.10
CA GLY J 95 -35.13 -61.26 -22.81
C GLY J 95 -35.40 -60.18 -21.78
N ALA J 96 -36.49 -60.31 -21.02
CA ALA J 96 -36.86 -59.30 -20.02
C ALA J 96 -37.97 -59.76 -19.06
N LEU J 97 -37.77 -59.51 -17.77
CA LEU J 97 -38.85 -59.56 -16.77
C LEU J 97 -39.63 -58.23 -16.78
N LYS J 98 -40.96 -58.31 -16.92
CA LYS J 98 -41.81 -57.12 -16.93
C LYS J 98 -42.62 -57.08 -15.64
N GLY J 99 -43.36 -55.99 -15.43
CA GLY J 99 -44.25 -55.90 -14.29
C GLY J 99 -43.76 -54.97 -13.20
N GLY J 100 -44.71 -54.48 -12.41
CA GLY J 100 -44.43 -53.63 -11.25
C GLY J 100 -44.48 -54.39 -9.95
N THR J 101 -44.21 -53.70 -8.85
CA THR J 101 -44.13 -54.32 -7.55
C THR J 101 -45.02 -53.62 -6.51
N GLY J 102 -45.16 -52.31 -6.62
CA GLY J 102 -45.77 -51.49 -5.58
C GLY J 102 -44.95 -50.22 -5.40
N ASN J 103 -45.33 -49.42 -4.42
CA ASN J 103 -44.63 -48.18 -4.17
C ASN J 103 -43.13 -48.39 -3.82
N PHE J 104 -42.31 -47.42 -4.24
CA PHE J 104 -40.90 -47.45 -3.97
C PHE J 104 -40.59 -47.65 -2.48
N LEU J 105 -41.38 -47.05 -1.60
CA LEU J 105 -41.18 -47.17 -0.16
C LEU J 105 -41.11 -48.63 0.35
N ASP J 106 -41.83 -49.52 -0.31
CA ASP J 106 -41.95 -50.92 0.08
C ASP J 106 -41.22 -51.84 -0.87
N LEU J 107 -40.36 -51.29 -1.75
CA LEU J 107 -39.64 -52.11 -2.72
C LEU J 107 -38.55 -52.95 -2.01
N SER J 108 -38.67 -54.26 -2.12
CA SER J 108 -37.76 -55.16 -1.42
C SER J 108 -36.46 -55.35 -2.18
N ASP J 109 -35.41 -55.73 -1.44
CA ASP J 109 -34.10 -56.11 -2.02
C ASP J 109 -34.26 -57.21 -3.06
N ALA J 110 -35.09 -58.21 -2.77
CA ALA J 110 -35.29 -59.34 -3.68
C ALA J 110 -35.87 -58.89 -5.02
N ASP J 111 -36.89 -58.03 -5.02
CA ASP J 111 -37.47 -57.51 -6.28
C ASP J 111 -36.48 -56.60 -7.03
N TRP J 112 -35.81 -55.71 -6.31
CA TRP J 112 -34.73 -54.89 -6.92
C TRP J 112 -33.73 -55.76 -7.64
N ASP J 113 -33.14 -56.71 -6.89
CA ASP J 113 -32.06 -57.59 -7.44
C ASP J 113 -32.56 -58.38 -8.61
N ARG J 114 -33.82 -58.78 -8.57
CA ARG J 114 -34.33 -59.62 -9.65
C ARG J 114 -34.43 -58.88 -10.97
N TYR J 115 -34.93 -57.65 -10.92
CA TYR J 115 -35.09 -56.83 -12.14
C TYR J 115 -33.72 -56.36 -12.68
N VAL J 116 -32.86 -55.92 -11.78
CA VAL J 116 -31.52 -55.48 -12.20
C VAL J 116 -30.71 -56.67 -12.74
N ASP J 117 -30.66 -57.79 -12.00
CA ASP J 117 -29.92 -58.99 -12.46
C ASP J 117 -30.44 -59.58 -13.75
N VAL J 118 -31.75 -59.76 -13.87
CA VAL J 118 -32.28 -60.36 -15.12
C VAL J 118 -32.27 -59.41 -16.30
N ASN J 119 -32.78 -58.19 -16.13
CA ASN J 119 -32.94 -57.26 -17.28
C ASN J 119 -31.68 -56.47 -17.66
N MET J 120 -30.97 -55.93 -16.68
CA MET J 120 -29.76 -55.15 -16.95
C MET J 120 -28.57 -56.09 -17.16
N THR J 121 -28.18 -56.84 -16.12
CA THR J 121 -27.00 -57.73 -16.20
C THR J 121 -27.17 -58.85 -17.23
N GLY J 122 -28.39 -59.37 -17.36
CA GLY J 122 -28.65 -60.41 -18.38
C GLY J 122 -28.44 -59.90 -19.77
N THR J 123 -28.89 -58.67 -20.05
CA THR J 123 -28.68 -58.02 -21.35
C THR J 123 -27.19 -57.75 -21.58
N PHE J 124 -26.48 -57.27 -20.57
CA PHE J 124 -25.01 -57.07 -20.66
C PHE J 124 -24.27 -58.38 -21.05
N LEU J 125 -24.51 -59.43 -20.27
CA LEU J 125 -23.84 -60.72 -20.50
C LEU J 125 -24.13 -61.27 -21.90
N THR J 126 -25.40 -61.21 -22.31
CA THR J 126 -25.79 -61.64 -23.66
C THR J 126 -25.09 -60.82 -24.75
N CYS J 127 -25.09 -59.50 -24.59
CA CYS J 127 -24.51 -58.61 -25.62
C CYS J 127 -22.96 -58.69 -25.67
N ARG J 128 -22.32 -58.87 -24.52
CA ARG J 128 -20.85 -59.05 -24.51
C ARG J 128 -20.49 -60.36 -25.25
N ALA J 129 -21.18 -61.44 -24.92
CA ALA J 129 -21.00 -62.73 -25.62
C ALA J 129 -21.23 -62.56 -27.12
N GLY J 130 -22.33 -61.88 -27.49
CA GLY J 130 -22.66 -61.68 -28.89
C GLY J 130 -21.60 -60.88 -29.62
N ALA J 131 -21.16 -59.78 -29.00
CA ALA J 131 -20.21 -58.89 -29.66
C ALA J 131 -18.88 -59.62 -29.90
N ARG J 132 -18.41 -60.36 -28.90
CA ARG J 132 -17.17 -61.14 -29.02
C ARG J 132 -17.27 -62.17 -30.12
N ALA J 133 -18.40 -62.86 -30.21
CA ALA J 133 -18.65 -63.79 -31.30
C ALA J 133 -18.66 -63.11 -32.65
N MET J 134 -19.24 -61.90 -32.74
CA MET J 134 -19.28 -61.16 -34.01
C MET J 134 -17.87 -60.80 -34.46
N VAL J 135 -17.04 -60.35 -33.52
CA VAL J 135 -15.67 -60.01 -33.85
C VAL J 135 -14.92 -61.29 -34.29
N ALA J 136 -15.01 -62.34 -33.48
CA ALA J 136 -14.41 -63.63 -33.85
C ALA J 136 -14.84 -64.06 -35.26
N ALA J 137 -16.10 -63.81 -35.64
CA ALA J 137 -16.59 -64.22 -36.96
C ALA J 137 -16.27 -63.26 -38.10
N GLY J 138 -15.54 -62.20 -37.80
CA GLY J 138 -15.06 -61.27 -38.84
C GLY J 138 -15.94 -60.07 -39.16
N ALA J 139 -16.70 -59.58 -38.18
CA ALA J 139 -17.51 -58.36 -38.34
C ALA J 139 -16.72 -57.21 -39.00
N GLY J 140 -17.26 -56.65 -40.09
CA GLY J 140 -16.64 -55.51 -40.76
C GLY J 140 -15.85 -55.84 -42.01
N LYS J 141 -15.34 -57.07 -42.09
CA LYS J 141 -14.55 -57.58 -43.25
C LYS J 141 -15.03 -57.12 -44.63
N ASP J 142 -16.33 -57.20 -44.89
CA ASP J 142 -16.89 -56.77 -46.20
C ASP J 142 -16.94 -55.25 -46.33
N GLY J 143 -16.84 -54.54 -45.22
CA GLY J 143 -17.31 -53.16 -45.15
C GLY J 143 -18.79 -53.11 -44.75
N ARG J 144 -19.37 -54.27 -44.44
CA ARG J 144 -20.67 -54.32 -43.79
C ARG J 144 -20.51 -54.63 -42.30
N SER J 145 -21.44 -54.16 -41.48
CA SER J 145 -21.30 -54.23 -40.03
C SER J 145 -22.29 -55.21 -39.40
N ALA J 146 -21.85 -55.91 -38.37
CA ALA J 146 -22.76 -56.67 -37.52
C ALA J 146 -23.72 -55.70 -36.76
N ARG J 147 -24.77 -56.23 -36.13
CA ARG J 147 -25.83 -55.41 -35.57
C ARG J 147 -26.30 -55.94 -34.23
N ILE J 148 -26.24 -55.08 -33.19
CA ILE J 148 -26.83 -55.39 -31.90
C ILE J 148 -28.06 -54.48 -31.66
N ILE J 149 -29.18 -55.12 -31.29
CA ILE J 149 -30.47 -54.45 -31.11
C ILE J 149 -31.00 -54.83 -29.73
N THR J 150 -31.12 -53.84 -28.84
CA THR J 150 -31.66 -54.05 -27.50
C THR J 150 -33.12 -53.60 -27.47
N ILE J 151 -33.92 -54.28 -26.65
CA ILE J 151 -35.32 -53.92 -26.45
C ILE J 151 -35.42 -53.25 -25.11
N GLY J 152 -35.60 -51.92 -25.11
CA GLY J 152 -35.80 -51.17 -23.87
C GLY J 152 -37.29 -50.95 -23.71
N SER J 153 -37.70 -49.69 -23.57
CA SER J 153 -39.10 -49.32 -23.27
C SER J 153 -39.17 -47.78 -23.22
N VAL J 154 -40.37 -47.22 -23.35
CA VAL J 154 -40.58 -45.80 -23.00
C VAL J 154 -40.15 -45.57 -21.56
N ASN J 155 -40.20 -46.63 -20.74
CA ASN J 155 -39.69 -46.58 -19.35
C ASN J 155 -38.17 -46.40 -19.25
N SER J 156 -37.47 -46.48 -20.37
CA SER J 156 -36.05 -46.08 -20.41
C SER J 156 -35.87 -44.56 -20.27
N PHE J 157 -36.95 -43.80 -20.45
CA PHE J 157 -36.92 -42.33 -20.42
C PHE J 157 -37.91 -41.67 -19.47
N MET J 158 -39.10 -42.26 -19.31
CA MET J 158 -40.13 -41.72 -18.43
C MET J 158 -40.75 -42.82 -17.57
N ALA J 159 -41.05 -42.52 -16.31
CA ALA J 159 -41.39 -43.55 -15.34
C ALA J 159 -42.90 -43.81 -15.23
N GLU J 160 -43.29 -45.08 -15.25
CA GLU J 160 -44.63 -45.49 -14.80
C GLU J 160 -44.64 -45.53 -13.31
N PRO J 161 -45.83 -45.50 -12.70
CA PRO J 161 -45.90 -45.67 -11.27
C PRO J 161 -45.68 -47.10 -10.83
N GLU J 162 -45.14 -47.24 -9.62
CA GLU J 162 -45.05 -48.52 -8.90
C GLU J 162 -44.24 -49.62 -9.61
N ALA J 163 -43.13 -49.22 -10.25
CA ALA J 163 -42.32 -50.16 -10.98
C ALA J 163 -40.83 -49.70 -11.03
N ALA J 164 -40.32 -49.18 -9.91
CA ALA J 164 -39.03 -48.52 -9.85
C ALA J 164 -37.87 -49.40 -10.25
N ALA J 165 -37.97 -50.69 -9.93
CA ALA J 165 -36.91 -51.63 -10.25
C ALA J 165 -36.85 -51.90 -11.74
N TYR J 166 -38.00 -52.15 -12.34
CA TYR J 166 -38.10 -52.30 -13.80
C TYR J 166 -37.68 -51.00 -14.57
N VAL J 167 -38.10 -49.84 -14.07
CA VAL J 167 -37.85 -48.54 -14.74
C VAL J 167 -36.34 -48.24 -14.69
N ALA J 168 -35.73 -48.39 -13.51
CA ALA J 168 -34.28 -48.25 -13.32
C ALA J 168 -33.48 -49.14 -14.25
N ALA J 169 -33.81 -50.43 -14.27
CA ALA J 169 -33.17 -51.36 -15.18
C ALA J 169 -33.24 -50.93 -16.64
N LYS J 170 -34.40 -50.45 -17.07
CA LYS J 170 -34.55 -49.91 -18.46
C LYS J 170 -33.72 -48.63 -18.78
N GLY J 171 -33.50 -47.75 -17.82
CA GLY J 171 -32.56 -46.67 -18.00
C GLY J 171 -31.13 -47.21 -18.13
N GLY J 172 -30.83 -48.28 -17.39
CA GLY J 172 -29.55 -48.95 -17.46
C GLY J 172 -29.27 -49.51 -18.84
N VAL J 173 -30.29 -50.17 -19.38
CA VAL J 173 -30.20 -50.76 -20.70
C VAL J 173 -30.04 -49.70 -21.77
N ALA J 174 -30.73 -48.58 -21.62
CA ALA J 174 -30.59 -47.47 -22.59
C ALA J 174 -29.16 -46.92 -22.66
N MET J 175 -28.53 -46.67 -21.51
CA MET J 175 -27.15 -46.15 -21.51
C MET J 175 -26.10 -47.23 -21.80
N LEU J 176 -26.35 -48.47 -21.41
CA LEU J 176 -25.53 -49.59 -21.88
C LEU J 176 -25.52 -49.62 -23.39
N THR J 177 -26.67 -49.41 -24.00
CA THR J 177 -26.76 -49.45 -25.46
C THR J 177 -25.86 -48.41 -26.11
N ARG J 178 -25.87 -47.19 -25.56
CA ARG J 178 -25.05 -46.11 -26.11
C ARG J 178 -23.57 -46.34 -25.88
N ALA J 179 -23.21 -46.85 -24.71
CA ALA J 179 -21.80 -47.17 -24.40
C ALA J 179 -21.29 -48.25 -25.34
N MET J 180 -22.13 -49.25 -25.63
CA MET J 180 -21.81 -50.30 -26.60
C MET J 180 -21.65 -49.76 -28.02
N ALA J 181 -22.47 -48.79 -28.39
CA ALA J 181 -22.37 -48.20 -29.71
C ALA J 181 -21.03 -47.48 -29.85
N VAL J 182 -20.66 -46.72 -28.83
CA VAL J 182 -19.40 -45.99 -28.87
C VAL J 182 -18.18 -46.96 -28.97
N ASP J 183 -18.11 -47.94 -28.09
CA ASP J 183 -16.94 -48.85 -28.01
C ASP J 183 -16.83 -49.82 -29.17
N LEU J 184 -17.99 -50.21 -29.74
CA LEU J 184 -17.99 -51.24 -30.78
C LEU J 184 -17.93 -50.75 -32.22
N ALA J 185 -18.02 -49.44 -32.39
CA ALA J 185 -17.96 -48.82 -33.70
C ALA J 185 -16.67 -49.22 -34.41
N ARG J 186 -15.56 -49.20 -33.70
CA ARG J 186 -14.27 -49.54 -34.32
C ARG J 186 -14.20 -51.01 -34.76
N HIS J 187 -15.00 -51.86 -34.14
CA HIS J 187 -15.05 -53.29 -34.44
C HIS J 187 -16.11 -53.67 -35.43
N GLY J 188 -16.64 -52.69 -36.15
CA GLY J 188 -17.68 -52.94 -37.16
C GLY J 188 -19.04 -53.45 -36.66
N ILE J 189 -19.45 -53.04 -35.46
CA ILE J 189 -20.78 -53.40 -34.94
C ILE J 189 -21.61 -52.16 -34.62
N LEU J 190 -22.85 -52.12 -35.14
CA LEU J 190 -23.80 -51.01 -34.86
C LEU J 190 -24.78 -51.45 -33.79
N VAL J 191 -25.05 -50.56 -32.85
CA VAL J 191 -25.83 -50.89 -31.68
C VAL J 191 -26.94 -49.86 -31.47
N ASN J 192 -28.19 -50.32 -31.48
CA ASN J 192 -29.37 -49.48 -31.29
C ASN J 192 -30.42 -50.11 -30.37
N MET J 193 -31.32 -49.26 -29.82
CA MET J 193 -32.41 -49.68 -28.95
C MET J 193 -33.77 -49.46 -29.60
N ILE J 194 -34.71 -50.37 -29.30
CA ILE J 194 -36.08 -50.18 -29.68
C ILE J 194 -36.83 -49.91 -28.39
N ALA J 195 -37.62 -48.82 -28.37
CA ALA J 195 -38.37 -48.43 -27.18
C ALA J 195 -39.88 -48.56 -27.44
N PRO J 196 -40.46 -49.73 -27.12
CA PRO J 196 -41.93 -49.86 -27.25
C PRO J 196 -42.69 -49.18 -26.16
N GLY J 197 -43.85 -48.63 -26.52
CA GLY J 197 -44.85 -48.21 -25.53
C GLY J 197 -45.71 -49.42 -25.17
N PRO J 198 -46.99 -49.20 -24.82
CA PRO J 198 -47.82 -50.34 -24.51
C PRO J 198 -47.98 -51.28 -25.71
N VAL J 199 -47.77 -52.58 -25.49
CA VAL J 199 -47.90 -53.60 -26.53
C VAL J 199 -48.75 -54.75 -26.02
N ASP J 200 -49.80 -55.10 -26.74
CA ASP J 200 -50.71 -56.17 -26.30
C ASP J 200 -50.08 -57.48 -26.78
N VAL J 201 -49.76 -58.32 -25.80
CA VAL J 201 -49.09 -59.59 -26.03
C VAL J 201 -49.99 -60.78 -25.65
N THR J 202 -51.30 -60.53 -25.55
CA THR J 202 -52.27 -61.58 -25.24
C THR J 202 -52.67 -62.43 -26.46
N GLY J 203 -52.55 -61.86 -27.67
CA GLY J 203 -53.12 -62.50 -28.86
C GLY J 203 -54.65 -62.44 -28.86
N ASN J 204 -55.19 -61.75 -27.85
CA ASN J 204 -56.59 -61.83 -27.48
C ASN J 204 -57.26 -60.45 -27.43
N ASN J 205 -56.44 -59.41 -27.66
CA ASN J 205 -56.81 -58.02 -27.44
C ASN J 205 -57.36 -57.75 -26.04
N THR J 206 -56.84 -58.47 -25.07
CA THR J 206 -57.28 -58.31 -23.69
C THR J 206 -56.18 -57.76 -22.77
N GLY J 207 -55.02 -57.44 -23.32
CA GLY J 207 -53.87 -56.97 -22.49
C GLY J 207 -54.14 -55.69 -21.69
N TYR J 208 -54.86 -54.76 -22.30
CA TYR J 208 -55.12 -53.44 -21.67
C TYR J 208 -56.62 -53.20 -21.52
N SER J 209 -57.34 -54.26 -21.16
CA SER J 209 -58.83 -54.18 -21.13
C SER J 209 -59.39 -53.79 -19.74
N GLU J 210 -58.59 -53.87 -18.68
CA GLU J 210 -59.06 -53.35 -17.39
C GLU J 210 -59.54 -51.90 -17.57
N PRO J 211 -60.77 -51.58 -17.11
CA PRO J 211 -61.41 -50.32 -17.56
C PRO J 211 -60.61 -49.04 -17.29
N ARG J 212 -60.03 -48.89 -16.09
CA ARG J 212 -59.25 -47.68 -15.79
C ARG J 212 -58.02 -47.61 -16.71
N LEU J 213 -57.37 -48.74 -16.92
CA LEU J 213 -56.21 -48.82 -17.82
C LEU J 213 -56.58 -48.48 -19.25
N ALA J 214 -57.71 -48.99 -19.71
CA ALA J 214 -58.13 -48.77 -21.10
C ALA J 214 -58.44 -47.30 -21.34
N GLU J 215 -59.04 -46.66 -20.35
CA GLU J 215 -59.29 -45.20 -20.36
C GLU J 215 -57.97 -44.41 -20.46
N GLN J 216 -56.96 -44.81 -19.68
CA GLN J 216 -55.68 -44.07 -19.67
C GLN J 216 -54.89 -44.30 -20.94
N VAL J 217 -55.05 -45.47 -21.58
CA VAL J 217 -54.44 -45.70 -22.90
C VAL J 217 -55.03 -44.74 -23.93
N LEU J 218 -56.36 -44.57 -23.89
CA LEU J 218 -57.05 -43.64 -24.80
C LEU J 218 -56.59 -42.19 -24.58
N ASP J 219 -56.36 -41.79 -23.34
CA ASP J 219 -55.89 -40.48 -23.03
C ASP J 219 -54.44 -40.27 -23.44
N GLU J 220 -53.56 -41.23 -23.07
CA GLU J 220 -52.10 -40.99 -23.14
C GLU J 220 -51.44 -41.43 -24.44
N VAL J 221 -52.05 -42.33 -25.20
CA VAL J 221 -51.51 -42.78 -26.50
C VAL J 221 -52.28 -42.07 -27.63
N ALA J 222 -51.58 -41.37 -28.52
CA ALA J 222 -52.24 -40.56 -29.52
C ALA J 222 -53.08 -41.44 -30.45
N LEU J 223 -52.58 -42.63 -30.79
CA LEU J 223 -53.34 -43.57 -31.62
C LEU J 223 -54.41 -44.30 -30.82
N GLY J 224 -54.46 -44.11 -29.50
CA GLY J 224 -55.62 -44.55 -28.74
C GLY J 224 -55.75 -46.04 -28.50
N ARG J 225 -54.64 -46.77 -28.66
CA ARG J 225 -54.64 -48.21 -28.48
C ARG J 225 -53.24 -48.73 -28.14
N PRO J 226 -53.13 -49.97 -27.65
CA PRO J 226 -51.83 -50.63 -27.56
C PRO J 226 -51.34 -51.10 -28.93
N GLY J 227 -50.03 -51.30 -29.03
CA GLY J 227 -49.42 -51.82 -30.25
C GLY J 227 -49.48 -53.34 -30.26
N LEU J 228 -49.23 -53.90 -31.44
CA LEU J 228 -49.06 -55.34 -31.60
C LEU J 228 -47.58 -55.69 -31.73
N PRO J 229 -47.18 -56.89 -31.29
CA PRO J 229 -45.78 -57.33 -31.40
C PRO J 229 -45.16 -57.16 -32.78
N GLU J 230 -45.96 -57.39 -33.83
CA GLU J 230 -45.52 -57.23 -35.22
C GLU J 230 -45.14 -55.80 -35.54
N GLU J 231 -45.82 -54.85 -34.90
CA GLU J 231 -45.50 -53.44 -35.09
C GLU J 231 -44.13 -53.03 -34.49
N VAL J 232 -43.61 -53.82 -33.57
CA VAL J 232 -42.26 -53.61 -33.02
C VAL J 232 -41.20 -54.39 -33.79
N ALA J 233 -41.53 -55.64 -34.16
CA ALA J 233 -40.62 -56.48 -34.98
C ALA J 233 -40.14 -55.82 -36.26
N THR J 234 -41.00 -55.04 -36.91
CA THR J 234 -40.62 -54.39 -38.17
C THR J 234 -39.37 -53.52 -38.01
N ALA J 235 -39.21 -52.87 -36.85
CA ALA J 235 -38.02 -52.06 -36.58
C ALA J 235 -36.76 -52.91 -36.37
N ALA J 236 -36.93 -54.12 -35.85
CA ALA J 236 -35.80 -55.04 -35.69
C ALA J 236 -35.22 -55.45 -37.03
N VAL J 237 -36.07 -55.58 -38.05
CA VAL J 237 -35.63 -55.83 -39.43
C VAL J 237 -34.89 -54.60 -39.98
N PHE J 238 -35.50 -53.43 -39.81
CA PHE J 238 -34.90 -52.18 -40.32
C PHE J 238 -33.49 -51.96 -39.78
N LEU J 239 -33.34 -52.16 -38.46
CA LEU J 239 -32.05 -51.94 -37.81
C LEU J 239 -31.01 -53.05 -38.10
N ALA J 240 -31.47 -54.22 -38.55
CA ALA J 240 -30.56 -55.33 -38.91
C ALA J 240 -30.10 -55.31 -40.38
N GLU J 241 -30.79 -54.57 -41.25
CA GLU J 241 -30.49 -54.64 -42.69
C GLU J 241 -29.31 -53.78 -43.10
N ASP J 242 -28.75 -54.07 -44.28
CA ASP J 242 -27.55 -53.42 -44.78
C ASP J 242 -27.70 -51.91 -44.91
N GLY J 243 -28.88 -51.45 -45.27
CA GLY J 243 -29.13 -50.03 -45.53
C GLY J 243 -28.96 -49.11 -44.32
N SER J 244 -29.09 -49.67 -43.12
CA SER J 244 -29.05 -48.88 -41.87
C SER J 244 -27.61 -48.68 -41.33
N SER J 245 -26.67 -48.48 -42.24
CA SER J 245 -25.25 -48.57 -41.96
C SER J 245 -24.68 -47.29 -41.35
N PHE J 246 -25.46 -46.20 -41.27
CA PHE J 246 -25.03 -45.00 -40.52
C PHE J 246 -25.83 -44.76 -39.21
N ILE J 247 -26.55 -45.78 -38.74
CA ILE J 247 -27.43 -45.66 -37.60
C ILE J 247 -26.82 -46.41 -36.43
N THR J 248 -26.34 -45.66 -35.43
CA THR J 248 -25.81 -46.30 -34.24
C THR J 248 -25.92 -45.37 -33.04
N GLY J 249 -26.11 -45.98 -31.87
CA GLY J 249 -26.30 -45.28 -30.62
C GLY J 249 -27.68 -44.64 -30.47
N SER J 250 -28.65 -45.03 -31.30
CA SER J 250 -29.94 -44.36 -31.36
C SER J 250 -31.09 -45.24 -30.81
N THR J 251 -32.23 -44.61 -30.66
CA THR J 251 -33.44 -45.26 -30.19
C THR J 251 -34.53 -45.08 -31.25
N ILE J 252 -35.23 -46.17 -31.59
CA ILE J 252 -36.45 -46.10 -32.37
C ILE J 252 -37.61 -46.35 -31.43
N THR J 253 -38.46 -45.32 -31.26
CA THR J 253 -39.52 -45.36 -30.27
C THR J 253 -40.81 -45.74 -30.98
N ILE J 254 -41.52 -46.74 -30.44
CA ILE J 254 -42.70 -47.33 -31.07
C ILE J 254 -43.81 -47.35 -30.04
N ASP J 255 -44.51 -46.22 -29.92
CA ASP J 255 -45.44 -46.03 -28.79
C ASP J 255 -46.78 -45.32 -29.13
N GLY J 256 -47.10 -45.18 -30.41
CA GLY J 256 -48.33 -44.53 -30.80
C GLY J 256 -48.46 -43.10 -30.31
N GLY J 257 -47.32 -42.45 -30.04
CA GLY J 257 -47.27 -41.04 -29.69
C GLY J 257 -47.27 -40.80 -28.20
N LEU J 258 -47.25 -41.85 -27.40
CA LEU J 258 -47.22 -41.70 -25.97
C LEU J 258 -46.16 -40.64 -25.52
N SER J 259 -44.91 -40.82 -25.91
CA SER J 259 -43.84 -40.01 -25.36
C SER J 259 -43.74 -38.63 -26.01
N ALA J 260 -44.50 -38.41 -27.08
CA ALA J 260 -44.59 -37.13 -27.76
C ALA J 260 -45.65 -36.16 -27.22
N MET J 261 -46.59 -36.64 -26.40
CA MET J 261 -47.80 -35.90 -26.08
C MET J 261 -47.92 -35.63 -24.59
N ILE J 262 -48.45 -34.46 -24.22
CA ILE J 262 -48.91 -34.19 -22.85
C ILE J 262 -50.38 -33.74 -22.91
N PHE J 263 -51.13 -33.99 -21.84
CA PHE J 263 -52.54 -33.61 -21.79
C PHE J 263 -53.38 -34.14 -22.97
N GLY J 264 -53.06 -35.36 -23.39
CA GLY J 264 -53.80 -36.05 -24.42
C GLY J 264 -55.27 -36.31 -24.06
N GLY J 265 -55.60 -36.39 -22.78
CA GLY J 265 -57.01 -36.50 -22.37
C GLY J 265 -57.85 -35.28 -22.76
N MET J 266 -57.20 -34.15 -23.04
CA MET J 266 -57.88 -32.92 -23.41
C MET J 266 -58.12 -32.77 -24.91
N ARG J 267 -57.60 -33.65 -25.73
CA ARG J 267 -57.75 -33.50 -27.19
C ARG J 267 -59.17 -33.73 -27.65
N GLU J 268 -59.49 -33.10 -28.81
CA GLU J 268 -60.75 -33.29 -29.51
C GLU J 268 -60.90 -34.76 -29.82
N GLY J 269 -62.04 -35.35 -29.45
CA GLY J 269 -62.26 -36.78 -29.68
C GLY J 269 -62.18 -37.53 -28.37
N ARG J 270 -61.52 -36.95 -27.38
CA ARG J 270 -61.36 -37.57 -26.05
C ARG J 270 -62.15 -36.82 -25.01
N ARG J 271 -61.99 -35.51 -24.97
CA ARG J 271 -62.71 -34.66 -24.02
C ARG J 271 -64.22 -34.67 -24.33
N GLY K 11 32.66 21.43 58.30
CA GLY K 11 32.26 21.98 59.64
C GLY K 11 33.26 22.97 60.18
N ARG K 12 32.78 23.89 61.03
CA ARG K 12 33.59 25.00 61.55
C ARG K 12 34.66 24.56 62.55
N LEU K 13 34.51 23.36 63.12
CA LEU K 13 35.49 22.82 64.04
C LEU K 13 36.12 21.54 63.46
N ALA K 14 36.20 21.47 62.13
CA ALA K 14 36.64 20.26 61.43
C ALA K 14 38.08 19.88 61.82
N GLY K 15 38.22 18.71 62.47
CA GLY K 15 39.52 18.17 62.84
C GLY K 15 40.06 18.62 64.18
N LYS K 16 39.28 19.39 64.94
CA LYS K 16 39.74 19.85 66.25
C LYS K 16 39.39 18.83 67.32
N ALA K 17 40.26 18.74 68.32
CA ALA K 17 40.10 17.87 69.48
C ALA K 17 39.59 18.69 70.66
N ALA K 18 38.47 18.27 71.23
CA ALA K 18 37.79 19.02 72.28
C ALA K 18 37.43 18.13 73.47
N ILE K 19 37.61 18.67 74.67
CA ILE K 19 37.04 18.10 75.89
C ILE K 19 35.92 19.06 76.37
N VAL K 20 34.75 18.49 76.62
CA VAL K 20 33.67 19.21 77.29
C VAL K 20 33.35 18.57 78.64
N THR K 21 33.52 19.31 79.75
CA THR K 21 33.14 18.82 81.07
C THR K 21 31.69 19.19 81.36
N GLY K 22 31.09 18.57 82.38
CA GLY K 22 29.66 18.66 82.64
C GLY K 22 28.82 18.21 81.45
N ALA K 23 29.32 17.23 80.71
CA ALA K 23 28.78 16.87 79.39
C ALA K 23 27.46 16.12 79.42
N ALA K 24 27.05 15.63 80.59
CA ALA K 24 25.72 15.03 80.72
C ALA K 24 24.65 16.15 80.86
N GLY K 25 24.96 17.19 81.65
CA GLY K 25 24.03 18.32 81.87
C GLY K 25 23.64 19.11 80.62
N GLY K 26 22.52 19.84 80.72
CA GLY K 26 21.96 20.63 79.63
C GLY K 26 22.92 21.36 78.72
N ILE K 27 23.59 22.37 79.25
CA ILE K 27 24.54 23.15 78.42
C ILE K 27 25.69 22.29 77.89
N GLY K 28 26.27 21.47 78.76
CA GLY K 28 27.36 20.59 78.33
C GLY K 28 26.96 19.63 77.22
N ARG K 29 25.77 19.05 77.37
CA ARG K 29 25.22 18.14 76.37
C ARG K 29 25.00 18.88 75.07
N ALA K 30 24.34 20.04 75.11
CA ALA K 30 24.12 20.79 73.86
C ALA K 30 25.44 21.17 73.17
N THR K 31 26.48 21.40 73.96
CA THR K 31 27.79 21.76 73.43
C THR K 31 28.49 20.54 72.75
N VAL K 32 28.47 19.39 73.41
CA VAL K 32 28.95 18.14 72.78
C VAL K 32 28.31 17.93 71.41
N GLU K 33 26.99 18.06 71.34
CA GLU K 33 26.24 17.85 70.10
C GLU K 33 26.61 18.87 69.02
N ALA K 34 26.72 20.14 69.39
CA ALA K 34 27.10 21.20 68.43
C ALA K 34 28.54 21.00 67.93
N TYR K 35 29.42 20.58 68.83
CA TYR K 35 30.82 20.31 68.46
C TYR K 35 30.96 19.10 67.49
N LEU K 36 30.24 18.01 67.77
CA LEU K 36 30.19 16.85 66.86
C LEU K 36 29.64 17.26 65.49
N ARG K 37 28.50 17.95 65.49
CA ARG K 37 27.92 18.49 64.28
C ARG K 37 28.84 19.42 63.45
N GLU K 38 29.82 20.05 64.09
CA GLU K 38 30.73 20.95 63.38
C GLU K 38 32.09 20.31 63.06
N GLY K 39 32.18 19.00 63.28
CA GLY K 39 33.33 18.21 62.78
C GLY K 39 34.47 17.99 63.78
N ALA K 40 34.21 18.21 65.06
CA ALA K 40 35.25 18.03 66.07
C ALA K 40 35.21 16.60 66.61
N SER K 41 36.34 16.14 67.13
CA SER K 41 36.41 14.93 67.94
CA SER K 41 36.40 14.93 67.95
C SER K 41 36.21 15.38 69.38
N VAL K 42 35.28 14.73 70.09
CA VAL K 42 34.84 15.22 71.39
C VAL K 42 34.87 14.16 72.46
N VAL K 43 35.55 14.46 73.57
CA VAL K 43 35.38 13.69 74.80
C VAL K 43 34.30 14.36 75.63
N ALA K 44 33.36 13.54 76.11
CA ALA K 44 32.30 14.00 77.02
C ALA K 44 32.65 13.53 78.43
N MET K 45 32.96 14.48 79.30
CA MET K 45 33.37 14.19 80.67
CA MET K 45 33.39 14.20 80.68
C MET K 45 32.30 14.60 81.67
N ASP K 46 31.95 13.69 82.57
CA ASP K 46 30.98 13.95 83.65
C ASP K 46 31.04 12.80 84.66
N LEU K 47 30.18 12.81 85.67
CA LEU K 47 30.08 11.70 86.61
C LEU K 47 29.67 10.40 85.89
N ALA K 48 30.19 9.27 86.37
CA ALA K 48 29.95 7.97 85.71
C ALA K 48 28.45 7.65 85.55
N PRO K 49 27.68 7.72 86.64
CA PRO K 49 26.23 7.51 86.54
C PRO K 49 25.56 8.37 85.46
N ARG K 50 25.89 9.68 85.45
CA ARG K 50 25.25 10.63 84.52
C ARG K 50 25.56 10.32 83.07
N LEU K 51 26.83 10.02 82.78
CA LEU K 51 27.22 9.58 81.45
C LEU K 51 26.44 8.31 81.05
N ALA K 52 26.31 7.37 81.99
CA ALA K 52 25.55 6.14 81.76
C ALA K 52 24.11 6.46 81.35
N ALA K 53 23.53 7.46 82.01
CA ALA K 53 22.13 7.82 81.79
C ALA K 53 21.86 8.80 80.64
N THR K 54 22.85 9.17 79.83
CA THR K 54 22.61 10.15 78.74
C THR K 54 22.80 9.58 77.34
N ARG K 55 22.06 10.15 76.39
CA ARG K 55 22.20 9.82 74.97
C ARG K 55 22.40 11.14 74.23
N TYR K 56 23.22 11.12 73.20
CA TYR K 56 23.46 12.29 72.38
C TYR K 56 22.74 12.12 71.05
N GLU K 57 22.17 13.20 70.53
CA GLU K 57 21.49 13.17 69.22
C GLU K 57 22.49 13.16 68.05
N GLU K 58 23.79 13.23 68.34
CA GLU K 58 24.83 13.11 67.32
C GLU K 58 25.81 12.00 67.73
N PRO K 59 26.37 11.27 66.73
CA PRO K 59 27.29 10.18 67.04
C PRO K 59 28.74 10.64 67.13
N GLY K 60 29.56 9.92 67.89
CA GLY K 60 31.01 10.14 67.94
C GLY K 60 31.59 10.51 69.30
N ALA K 61 30.75 10.80 70.28
CA ALA K 61 31.21 11.22 71.59
C ALA K 61 32.01 10.14 72.32
N ILE K 62 33.18 10.49 72.84
CA ILE K 62 33.99 9.58 73.63
C ILE K 62 33.73 9.85 75.11
N PRO K 63 32.93 9.01 75.77
CA PRO K 63 32.63 9.27 77.16
C PRO K 63 33.79 8.92 78.05
N ILE K 64 34.06 9.76 79.04
CA ILE K 64 35.10 9.52 80.05
C ILE K 64 34.61 10.02 81.41
N ALA K 65 34.51 9.10 82.37
CA ALA K 65 34.02 9.42 83.70
C ALA K 65 35.02 10.28 84.44
N CYS K 66 34.52 11.22 85.24
CA CYS K 66 35.37 12.05 86.10
C CYS K 66 34.61 12.53 87.32
N ASP K 67 35.34 13.18 88.23
CA ASP K 67 34.78 13.62 89.50
C ASP K 67 35.34 15.00 89.93
N LEU K 68 34.72 16.07 89.41
CA LEU K 68 35.10 17.46 89.70
C LEU K 68 34.91 17.76 91.19
N ASP K 70 38.00 13.49 92.97
CA ASP K 70 39.25 14.05 93.49
C ASP K 70 40.02 14.82 92.42
N ARG K 71 40.90 15.68 92.92
CA ARG K 71 41.96 16.27 92.10
C ARG K 71 42.74 15.19 91.37
N ALA K 72 43.00 14.08 92.06
CA ALA K 72 43.55 12.87 91.42
C ALA K 72 42.67 12.44 90.24
N ALA K 73 41.37 12.40 90.48
CA ALA K 73 40.41 12.02 89.46
C ALA K 73 40.50 12.92 88.24
N ILE K 74 40.56 14.24 88.47
CA ILE K 74 40.59 15.20 87.35
C ILE K 74 41.81 14.96 86.47
N ASP K 75 42.99 14.87 87.07
CA ASP K 75 44.22 14.62 86.30
C ASP K 75 44.18 13.31 85.50
N ALA K 76 43.70 12.26 86.15
CA ALA K 76 43.58 10.94 85.51
C ALA K 76 42.66 11.04 84.29
N ALA K 77 41.49 11.64 84.47
CA ALA K 77 40.50 11.75 83.41
C ALA K 77 41.01 12.58 82.24
N MET K 78 41.69 13.69 82.55
CA MET K 78 42.22 14.58 81.52
C MET K 78 43.37 13.91 80.73
N ALA K 79 44.25 13.21 81.44
CA ALA K 79 45.34 12.47 80.78
C ALA K 79 44.77 11.40 79.81
N ASP K 80 43.81 10.64 80.31
CA ASP K 80 43.11 9.64 79.48
C ASP K 80 42.46 10.30 78.24
N ALA K 81 41.75 11.41 78.46
CA ALA K 81 41.07 12.11 77.34
C ALA K 81 42.04 12.57 76.27
N VAL K 82 43.14 13.18 76.69
CA VAL K 82 44.13 13.70 75.73
C VAL K 82 44.83 12.56 74.96
N ALA K 83 45.10 11.47 75.69
CA ALA K 83 45.64 10.24 75.08
C ALA K 83 44.72 9.77 73.96
N ARG K 84 43.42 9.66 74.24
CA ARG K 84 42.46 9.17 73.24
C ARG K 84 42.22 10.12 72.07
N LEU K 85 42.40 11.42 72.29
CA LEU K 85 42.18 12.41 71.21
C LEU K 85 43.45 12.61 70.40
N GLY K 86 44.60 12.32 71.01
CA GLY K 86 45.90 12.53 70.36
C GLY K 86 46.31 13.99 70.42
N GLY K 87 45.84 14.70 71.44
CA GLY K 87 46.08 16.14 71.56
C GLY K 87 44.90 16.87 72.20
N LEU K 88 44.91 18.20 72.11
CA LEU K 88 43.84 19.05 72.68
C LEU K 88 43.88 20.45 72.06
N ASP K 89 42.79 20.81 71.39
CA ASP K 89 42.64 22.15 70.84
C ASP K 89 41.66 23.02 71.66
N ILE K 90 40.65 22.40 72.24
CA ILE K 90 39.50 23.09 72.85
C ILE K 90 39.09 22.44 74.16
N LEU K 91 39.01 23.23 75.24
CA LEU K 91 38.44 22.83 76.51
C LEU K 91 37.20 23.71 76.82
N VAL K 92 36.06 23.08 77.11
CA VAL K 92 34.86 23.75 77.66
C VAL K 92 34.70 23.26 79.11
N ALA K 93 34.97 24.12 80.07
CA ALA K 93 34.84 23.74 81.48
C ALA K 93 33.43 24.06 81.94
N GLY K 94 32.53 23.09 81.75
CA GLY K 94 31.11 23.23 82.06
C GLY K 94 30.65 22.55 83.35
N GLY K 95 31.54 21.84 84.03
CA GLY K 95 31.17 21.20 85.29
C GLY K 95 30.79 22.26 86.33
N ALA K 96 29.66 22.07 87.01
CA ALA K 96 29.19 23.04 87.99
C ALA K 96 28.06 22.51 88.88
N LEU K 97 28.18 22.76 90.19
CA LEU K 97 27.06 22.66 91.13
C LEU K 97 26.23 23.95 91.07
N LYS K 98 24.92 23.82 90.90
CA LYS K 98 24.02 24.98 90.86
C LYS K 98 23.15 24.93 92.11
N GLY K 99 22.35 25.97 92.32
CA GLY K 99 21.38 26.00 93.40
C GLY K 99 21.77 26.92 94.54
N GLY K 100 20.76 27.37 95.27
CA GLY K 100 20.93 28.22 96.45
C GLY K 100 20.84 27.41 97.72
N THR K 101 21.05 28.08 98.86
CA THR K 101 21.07 27.44 100.16
C THR K 101 20.11 28.09 101.17
N GLY K 102 19.92 29.39 101.10
CA GLY K 102 19.24 30.14 102.14
C GLY K 102 19.99 31.43 102.37
N ASN K 103 19.58 32.18 103.36
CA ASN K 103 20.16 33.49 103.66
C ASN K 103 21.62 33.33 104.03
N PHE K 104 22.42 34.34 103.66
CA PHE K 104 23.84 34.37 104.02
C PHE K 104 24.07 34.13 105.53
N LEU K 105 23.22 34.71 106.40
CA LEU K 105 23.35 34.55 107.85
C LEU K 105 23.45 33.09 108.32
N ASP K 106 22.78 32.18 107.62
CA ASP K 106 22.70 30.76 107.97
C ASP K 106 23.57 29.88 107.09
N LEU K 107 24.37 30.49 106.22
CA LEU K 107 25.17 29.70 105.26
C LEU K 107 26.24 28.90 106.02
N SER K 108 26.22 27.58 105.85
CA SER K 108 27.15 26.72 106.60
C SER K 108 28.51 26.60 105.91
N ASP K 109 29.51 26.25 106.71
CA ASP K 109 30.85 25.92 106.19
C ASP K 109 30.82 24.83 105.10
N ALA K 110 30.03 23.79 105.33
CA ALA K 110 29.91 22.68 104.37
C ALA K 110 29.36 23.13 102.99
N ASP K 111 28.30 23.94 102.98
CA ASP K 111 27.78 24.48 101.72
C ASP K 111 28.83 25.41 101.04
N TRP K 112 29.40 26.33 101.79
CA TRP K 112 30.47 27.21 101.27
C TRP K 112 31.56 26.39 100.58
N ASP K 113 32.15 25.45 101.33
CA ASP K 113 33.26 24.64 100.83
C ASP K 113 32.88 23.83 99.59
N ARG K 114 31.67 23.33 99.56
CA ARG K 114 31.26 22.50 98.44
C ARG K 114 31.13 23.32 97.15
N TYR K 115 30.57 24.53 97.25
CA TYR K 115 30.43 25.40 96.05
C TYR K 115 31.77 25.95 95.56
N VAL K 116 32.60 26.41 96.50
CA VAL K 116 33.92 26.91 96.17
C VAL K 116 34.79 25.79 95.63
N ASP K 117 34.86 24.65 96.35
CA ASP K 117 35.67 23.49 95.91
C ASP K 117 35.25 22.93 94.56
N VAL K 118 33.95 22.71 94.35
CA VAL K 118 33.52 22.10 93.10
C VAL K 118 33.55 23.07 91.93
N ASN K 119 32.97 24.25 92.11
CA ASN K 119 32.85 25.21 90.98
C ASN K 119 34.11 26.06 90.67
N MET K 120 34.74 26.59 91.70
CA MET K 120 35.95 27.41 91.52
C MET K 120 37.21 26.55 91.37
N THR K 121 37.53 25.78 92.41
CA THR K 121 38.76 24.93 92.36
C THR K 121 38.69 23.85 91.27
N GLY K 122 37.53 23.25 91.06
CA GLY K 122 37.39 22.21 90.04
C GLY K 122 37.59 22.76 88.63
N THR K 123 37.10 23.98 88.38
CA THR K 123 37.40 24.69 87.14
C THR K 123 38.91 25.05 87.00
N PHE K 124 39.51 25.48 88.09
CA PHE K 124 40.97 25.76 88.08
C PHE K 124 41.82 24.51 87.73
N LEU K 125 41.53 23.39 88.40
CA LEU K 125 42.27 22.15 88.18
C LEU K 125 42.10 21.63 86.76
N THR K 126 40.87 21.67 86.27
CA THR K 126 40.57 21.21 84.92
C THR K 126 41.27 22.11 83.91
N CYS K 127 41.19 23.44 84.09
CA CYS K 127 41.79 24.36 83.11
C CYS K 127 43.33 24.32 83.16
N ARG K 128 43.92 24.13 84.35
CA ARG K 128 45.39 23.99 84.43
C ARG K 128 45.86 22.75 83.68
N ALA K 129 45.17 21.63 83.89
CA ALA K 129 45.47 20.39 83.18
C ALA K 129 45.31 20.57 81.68
N GLY K 130 44.22 21.21 81.28
CA GLY K 130 43.95 21.43 79.87
C GLY K 130 45.02 22.28 79.22
N ALA K 131 45.38 23.37 79.90
CA ALA K 131 46.32 24.33 79.32
C ALA K 131 47.69 23.67 79.13
N ARG K 132 48.13 22.91 80.15
CA ARG K 132 49.40 22.17 80.03
C ARG K 132 49.38 21.18 78.89
N ALA K 133 48.29 20.47 78.72
CA ALA K 133 48.17 19.54 77.60
C ALA K 133 48.22 20.28 76.28
N MET K 134 47.57 21.45 76.20
CA MET K 134 47.55 22.22 74.95
C MET K 134 48.97 22.65 74.57
N VAL K 135 49.74 23.09 75.57
CA VAL K 135 51.12 23.50 75.33
C VAL K 135 51.96 22.28 74.92
N ALA K 136 51.85 21.18 75.68
CA ALA K 136 52.48 19.92 75.31
C ALA K 136 52.15 19.49 73.87
N ALA K 137 50.91 19.72 73.42
CA ALA K 137 50.50 19.31 72.07
C ALA K 137 50.83 20.34 70.99
N GLY K 138 51.49 21.43 71.35
CA GLY K 138 52.01 22.39 70.37
C GLY K 138 51.13 23.58 70.03
N ALA K 139 50.30 24.02 70.98
CA ALA K 139 49.43 25.18 70.78
C ALA K 139 50.18 26.39 70.20
N GLY K 140 49.68 26.92 69.09
CA GLY K 140 50.29 28.10 68.47
C GLY K 140 51.17 27.79 67.28
N LYS K 141 51.71 26.56 67.23
CA LYS K 141 52.72 26.14 66.24
C LYS K 141 52.30 26.41 64.80
N ASP K 142 51.04 26.13 64.48
CA ASP K 142 50.49 26.36 63.12
C ASP K 142 49.91 27.76 62.92
N GLY K 143 50.25 28.72 63.80
CA GLY K 143 49.77 30.12 63.70
C GLY K 143 48.36 30.33 64.25
N ARG K 144 47.72 29.23 64.63
CA ARG K 144 46.38 29.21 65.22
C ARG K 144 46.49 28.86 66.72
N SER K 145 45.49 29.29 67.49
CA SER K 145 45.56 29.20 68.94
C SER K 145 44.58 28.16 69.49
N ALA K 146 45.00 27.47 70.55
CA ALA K 146 44.07 26.63 71.33
C ALA K 146 43.07 27.54 72.10
N ARG K 147 42.02 26.94 72.66
CA ARG K 147 40.88 27.73 73.18
C ARG K 147 40.35 27.12 74.48
N ILE K 148 40.36 27.92 75.54
CA ILE K 148 39.68 27.55 76.78
C ILE K 148 38.42 28.42 76.93
N ILE K 149 37.29 27.76 77.20
CA ILE K 149 35.98 28.38 77.35
C ILE K 149 35.40 27.95 78.70
N THR K 150 35.20 28.90 79.61
CA THR K 150 34.58 28.63 80.91
C THR K 150 33.07 29.02 80.87
N ILE K 151 32.26 28.33 81.66
CA ILE K 151 30.84 28.63 81.76
C ILE K 151 30.63 29.27 83.13
N GLY K 152 30.38 30.57 83.12
CA GLY K 152 30.09 31.32 84.35
C GLY K 152 28.58 31.50 84.41
N SER K 153 28.13 32.75 84.57
CA SER K 153 26.74 33.05 84.81
C SER K 153 26.60 34.54 84.88
N VAL K 154 25.38 35.04 84.72
CA VAL K 154 25.09 36.43 85.11
C VAL K 154 25.44 36.65 86.59
N ASN K 155 25.37 35.58 87.40
CA ASN K 155 25.80 35.64 88.83
C ASN K 155 27.31 35.83 89.00
N SER K 156 28.06 35.80 87.91
CA SER K 156 29.46 36.26 87.97
C SER K 156 29.58 37.79 88.19
N PHE K 157 28.50 38.54 87.94
CA PHE K 157 28.49 40.00 87.98
C PHE K 157 27.42 40.61 88.89
N MET K 158 26.25 39.98 88.98
CA MET K 158 25.15 40.45 89.84
C MET K 158 24.57 39.30 90.66
N ALA K 159 24.21 39.56 91.92
CA ALA K 159 23.82 38.49 92.81
C ALA K 159 22.29 38.19 92.82
N GLU K 160 21.93 36.91 92.69
CA GLU K 160 20.58 36.42 93.04
C GLU K 160 20.52 36.34 94.55
N PRO K 161 19.32 36.35 95.11
CA PRO K 161 19.16 36.16 96.56
C PRO K 161 19.41 34.70 96.99
N GLU K 162 19.90 34.54 98.21
CA GLU K 162 19.99 33.24 98.89
C GLU K 162 20.87 32.18 98.22
N ALA K 163 21.98 32.63 97.65
CA ALA K 163 22.88 31.75 96.95
C ALA K 163 24.34 32.26 96.99
N ALA K 164 24.76 32.79 98.13
CA ALA K 164 25.99 33.49 98.29
C ALA K 164 27.24 32.67 97.95
N ALA K 165 27.20 31.37 98.24
CA ALA K 165 28.30 30.50 97.93
C ALA K 165 28.46 30.32 96.42
N TYR K 166 27.36 30.01 95.75
CA TYR K 166 27.34 29.85 94.29
C TYR K 166 27.76 31.18 93.59
N VAL K 167 27.26 32.32 94.07
CA VAL K 167 27.53 33.63 93.47
C VAL K 167 29.01 34.01 93.62
N ALA K 168 29.55 33.88 94.83
CA ALA K 168 30.97 34.06 95.09
C ALA K 168 31.88 33.21 94.20
N ALA K 169 31.60 31.90 94.11
CA ALA K 169 32.35 31.02 93.21
C ALA K 169 32.30 31.50 91.77
N LYS K 170 31.14 31.95 91.29
CA LYS K 170 31.03 32.47 89.90
C LYS K 170 31.87 33.74 89.67
N GLY K 171 31.97 34.61 90.66
CA GLY K 171 32.86 35.77 90.54
C GLY K 171 34.32 35.31 90.51
N GLY K 172 34.60 34.23 91.25
CA GLY K 172 35.90 33.59 91.20
C GLY K 172 36.28 33.08 89.85
N VAL K 173 35.34 32.40 89.20
CA VAL K 173 35.54 31.84 87.88
C VAL K 173 35.71 32.93 86.83
N ALA K 174 34.96 34.01 86.97
CA ALA K 174 35.08 35.16 86.04
C ALA K 174 36.50 35.75 86.10
N MET K 175 37.05 35.96 87.29
CA MET K 175 38.40 36.54 87.37
C MET K 175 39.51 35.55 87.04
N LEU K 176 39.30 34.26 87.38
CA LEU K 176 40.19 33.20 86.95
C LEU K 176 40.29 33.24 85.43
N THR K 177 39.14 33.42 84.78
CA THR K 177 39.13 33.40 83.33
C THR K 177 40.05 34.50 82.79
N ARG K 178 39.96 35.69 83.36
CA ARG K 178 40.78 36.81 82.89
C ARG K 178 42.26 36.60 83.16
N ALA K 179 42.58 36.10 84.35
CA ALA K 179 43.96 35.82 84.73
C ALA K 179 44.57 34.75 83.79
N MET K 180 43.77 33.75 83.42
CA MET K 180 44.22 32.74 82.46
C MET K 180 44.42 33.33 81.08
N ALA K 181 43.55 34.26 80.68
CA ALA K 181 43.72 34.91 79.40
C ALA K 181 45.03 35.66 79.36
N VAL K 182 45.32 36.41 80.41
CA VAL K 182 46.53 37.20 80.44
C VAL K 182 47.80 36.32 80.38
N ASP K 183 47.85 35.29 81.23
CA ASP K 183 49.05 34.46 81.37
C ASP K 183 49.24 33.49 80.20
N LEU K 184 48.16 33.07 79.55
CA LEU K 184 48.27 32.06 78.51
C LEU K 184 48.32 32.60 77.11
N ALA K 185 48.16 33.91 76.93
CA ALA K 185 48.28 34.52 75.61
C ALA K 185 49.65 34.20 74.94
N ARG K 186 50.75 34.30 75.71
CA ARG K 186 52.08 34.03 75.14
C ARG K 186 52.24 32.58 74.69
N HIS K 187 51.43 31.67 75.25
CA HIS K 187 51.46 30.24 74.92
C HIS K 187 50.44 29.84 73.87
N GLY K 188 49.92 30.81 73.13
CA GLY K 188 48.99 30.54 72.06
C GLY K 188 47.61 30.00 72.47
N ILE K 189 47.13 30.36 73.67
CA ILE K 189 45.78 29.92 74.10
C ILE K 189 44.86 31.12 74.38
N LEU K 190 43.67 31.12 73.78
CA LEU K 190 42.68 32.19 74.04
C LEU K 190 41.67 31.69 75.07
N VAL K 191 41.30 32.56 76.01
CA VAL K 191 40.47 32.14 77.14
C VAL K 191 39.33 33.11 77.29
N ASN K 192 38.11 32.60 77.23
CA ASN K 192 36.87 33.43 77.39
C ASN K 192 35.81 32.73 78.20
N MET K 193 34.87 33.50 78.76
CA MET K 193 33.76 32.99 79.56
C MET K 193 32.42 33.16 78.84
N ILE K 194 31.50 32.24 79.06
CA ILE K 194 30.11 32.40 78.60
C ILE K 194 29.27 32.59 79.87
N ALA K 195 28.44 33.64 79.88
CA ALA K 195 27.62 33.97 81.04
C ALA K 195 26.12 33.81 80.72
N PRO K 196 25.55 32.62 80.99
CA PRO K 196 24.11 32.43 80.74
C PRO K 196 23.22 33.04 81.80
N GLY K 197 22.09 33.55 81.36
CA GLY K 197 21.02 33.92 82.29
C GLY K 197 20.20 32.67 82.58
N PRO K 198 18.89 32.85 82.87
CA PRO K 198 18.08 31.66 83.13
C PRO K 198 18.00 30.74 81.92
N VAL K 199 18.25 29.45 82.13
CA VAL K 199 18.24 28.46 81.04
C VAL K 199 17.37 27.27 81.49
N ASP K 200 16.39 26.91 80.68
CA ASP K 200 15.51 25.79 81.04
C ASP K 200 16.18 24.50 80.59
N VAL K 201 16.53 23.67 81.56
CA VAL K 201 17.28 22.43 81.33
C VAL K 201 16.39 21.20 81.59
N THR K 202 15.07 21.41 81.63
CA THR K 202 14.14 20.29 81.89
C THR K 202 13.85 19.48 80.63
N GLY K 203 14.02 20.06 79.45
CA GLY K 203 13.56 19.43 78.20
C GLY K 203 12.04 19.44 78.13
N ASN K 204 11.42 20.05 79.12
CA ASN K 204 10.01 19.89 79.41
C ASN K 204 9.26 21.24 79.42
N ASN K 205 10.00 22.31 79.17
CA ASN K 205 9.49 23.65 79.38
C ASN K 205 8.88 23.87 80.77
N THR K 206 9.43 23.22 81.81
CA THR K 206 8.93 23.33 83.19
C THR K 206 9.95 23.89 84.20
N GLY K 207 11.15 24.27 83.74
CA GLY K 207 12.20 24.76 84.67
C GLY K 207 11.80 25.99 85.50
N TYR K 208 11.10 26.93 84.87
CA TYR K 208 10.78 28.21 85.46
C TYR K 208 9.27 28.40 85.51
N SER K 209 8.56 27.32 85.85
CA SER K 209 7.11 27.33 85.80
C SER K 209 6.46 27.64 87.13
N GLU K 210 7.19 27.58 88.25
CA GLU K 210 6.62 28.05 89.52
C GLU K 210 6.06 29.49 89.29
N PRO K 211 4.82 29.77 89.76
CA PRO K 211 4.16 31.02 89.32
C PRO K 211 4.85 32.35 89.68
N ARG K 212 5.35 32.49 90.90
CA ARG K 212 6.09 33.68 91.26
C ARG K 212 7.36 33.82 90.37
N LEU K 213 8.11 32.73 90.19
CA LEU K 213 9.29 32.74 89.37
C LEU K 213 8.96 33.14 87.93
N ALA K 214 7.91 32.55 87.39
CA ALA K 214 7.57 32.78 85.97
C ALA K 214 7.26 34.28 85.80
N GLU K 215 6.58 34.85 86.78
CA GLU K 215 6.26 36.27 86.79
C GLU K 215 7.54 37.15 86.77
N GLN K 216 8.54 36.74 87.54
CA GLN K 216 9.80 37.51 87.64
C GLN K 216 10.68 37.36 86.39
N VAL K 217 10.60 36.22 85.72
CA VAL K 217 11.28 36.02 84.45
C VAL K 217 10.67 36.96 83.41
N LEU K 218 9.33 37.08 83.41
CA LEU K 218 8.65 38.02 82.48
C LEU K 218 9.06 39.47 82.74
N ASP K 219 9.18 39.82 84.01
CA ASP K 219 9.59 41.16 84.40
C ASP K 219 11.08 41.44 84.08
N GLU K 220 11.96 40.50 84.43
CA GLU K 220 13.40 40.78 84.43
C GLU K 220 14.19 40.40 83.16
N VAL K 221 13.63 39.50 82.35
CA VAL K 221 14.25 39.13 81.10
C VAL K 221 13.53 39.85 79.96
N ALA K 222 14.25 40.61 79.15
CA ALA K 222 13.61 41.38 78.08
C ALA K 222 12.84 40.50 77.09
N LEU K 223 13.40 39.33 76.75
CA LEU K 223 12.73 38.39 75.85
C LEU K 223 11.62 37.60 76.57
N GLY K 224 11.50 37.74 77.88
CA GLY K 224 10.34 37.22 78.58
C GLY K 224 10.26 35.73 78.72
N ARG K 225 11.39 35.05 78.64
CA ARG K 225 11.44 33.60 78.80
C ARG K 225 12.84 33.15 79.17
N PRO K 226 12.99 31.92 79.70
CA PRO K 226 14.30 31.31 79.84
C PRO K 226 14.88 30.92 78.48
N GLY K 227 16.19 30.76 78.46
CA GLY K 227 16.89 30.28 77.27
C GLY K 227 16.86 28.75 77.20
N LEU K 228 17.20 28.24 76.04
CA LEU K 228 17.45 26.81 75.85
C LEU K 228 18.97 26.54 75.82
N PRO K 229 19.39 25.32 76.22
CA PRO K 229 20.82 24.93 76.17
C PRO K 229 21.50 25.20 74.82
N GLU K 230 20.78 24.95 73.74
CA GLU K 230 21.30 25.14 72.40
C GLU K 230 21.65 26.61 72.15
N GLU K 231 20.87 27.51 72.76
CA GLU K 231 21.13 28.94 72.63
C GLU K 231 22.44 29.37 73.32
N VAL K 232 22.93 28.57 74.25
CA VAL K 232 24.25 28.78 74.85
C VAL K 232 25.38 28.09 74.06
N ALA K 233 25.13 26.84 73.66
CA ALA K 233 26.14 26.06 72.89
C ALA K 233 26.64 26.83 71.68
N THR K 234 25.75 27.51 70.98
CA THR K 234 26.17 28.23 69.79
C THR K 234 27.39 29.14 70.02
N ALA K 235 27.48 29.75 71.21
CA ALA K 235 28.62 30.63 71.56
C ALA K 235 29.91 29.83 71.81
N ALA K 236 29.78 28.59 72.29
CA ALA K 236 30.91 27.71 72.51
C ALA K 236 31.57 27.36 71.17
N VAL K 237 30.78 27.24 70.11
CA VAL K 237 31.32 27.02 68.75
C VAL K 237 32.01 28.30 68.24
N PHE K 238 31.36 29.44 68.40
CA PHE K 238 31.92 30.71 67.98
C PHE K 238 33.29 30.95 68.63
N LEU K 239 33.40 30.69 69.93
CA LEU K 239 34.63 30.96 70.68
C LEU K 239 35.75 29.91 70.40
N ALA K 240 35.37 28.75 69.87
CA ALA K 240 36.33 27.69 69.53
C ALA K 240 36.86 27.76 68.08
N GLU K 241 36.18 28.48 67.20
CA GLU K 241 36.56 28.46 65.80
C GLU K 241 37.70 29.41 65.47
N ASP K 242 38.34 29.17 64.33
CA ASP K 242 39.56 29.86 63.92
C ASP K 242 39.37 31.36 63.79
N GLY K 243 38.17 31.78 63.38
CA GLY K 243 37.86 33.19 63.13
C GLY K 243 37.91 34.09 64.37
N SER K 244 37.76 33.51 65.56
CA SER K 244 37.72 34.25 66.84
C SER K 244 39.12 34.49 67.46
N SER K 245 40.10 34.74 66.59
CA SER K 245 41.50 34.73 66.96
C SER K 245 41.97 36.01 67.64
N PHE K 246 41.13 37.05 67.72
CA PHE K 246 41.49 38.25 68.49
C PHE K 246 40.62 38.43 69.74
N ILE K 247 39.93 37.37 70.14
CA ILE K 247 38.98 37.45 71.24
C ILE K 247 39.55 36.67 72.42
N THR K 248 39.95 37.39 73.47
CA THR K 248 40.43 36.76 74.69
C THR K 248 40.20 37.62 75.90
N GLY K 249 40.01 36.98 77.04
CA GLY K 249 39.73 37.68 78.30
C GLY K 249 38.32 38.26 78.42
N SER K 250 37.42 37.86 77.51
CA SER K 250 36.08 38.47 77.41
C SER K 250 34.97 37.55 77.90
N THR K 251 33.77 38.12 77.95
CA THR K 251 32.56 37.40 78.33
C THR K 251 31.49 37.55 77.22
N ILE K 252 30.84 36.45 76.87
CA ILE K 252 29.68 36.48 75.98
C ILE K 252 28.47 36.19 76.84
N THR K 253 27.61 37.21 76.99
CA THR K 253 26.50 37.10 77.92
C THR K 253 25.29 36.68 77.14
N ILE K 254 24.61 35.63 77.62
CA ILE K 254 23.48 35.02 76.89
C ILE K 254 22.33 34.91 77.88
N ASP K 255 21.58 36.02 78.00
CA ASP K 255 20.58 36.13 79.06
C ASP K 255 19.21 36.79 78.68
N GLY K 256 18.95 36.97 77.38
CA GLY K 256 17.70 37.56 76.92
C GLY K 256 17.49 38.99 77.37
N GLY K 257 18.59 39.67 77.69
CA GLY K 257 18.57 41.06 78.16
C GLY K 257 18.49 41.27 79.64
N LEU K 258 18.51 40.20 80.41
CA LEU K 258 18.43 40.35 81.86
C LEU K 258 19.40 41.41 82.43
N SER K 259 20.68 41.28 82.10
CA SER K 259 21.71 42.14 82.73
C SER K 259 21.75 43.53 82.10
N ALA K 260 21.05 43.75 81.00
CA ALA K 260 20.99 45.04 80.35
C ALA K 260 19.89 45.97 80.84
N MET K 261 18.93 45.44 81.59
CA MET K 261 17.66 46.12 81.84
C MET K 261 17.46 46.36 83.33
N ILE K 262 16.86 47.48 83.70
CA ILE K 262 16.29 47.67 85.05
C ILE K 262 14.81 48.08 84.95
N PHE K 263 14.01 47.81 85.98
CA PHE K 263 12.55 48.12 85.96
C PHE K 263 11.82 47.56 84.74
N GLY K 264 12.21 46.35 84.34
CA GLY K 264 11.57 45.66 83.23
C GLY K 264 10.09 45.39 83.46
N GLY K 265 9.70 45.26 84.71
CA GLY K 265 8.29 45.09 85.05
C GLY K 265 7.40 46.28 84.65
N MET K 266 8.03 47.45 84.43
CA MET K 266 7.31 48.67 84.05
C MET K 266 7.08 48.77 82.53
N ARG K 267 7.70 47.93 81.72
CA ARG K 267 7.64 48.11 80.28
C ARG K 267 6.27 47.81 79.66
N GLU K 268 5.99 48.49 78.54
CA GLU K 268 4.78 48.29 77.77
C GLU K 268 4.70 46.85 77.34
N GLY K 269 3.59 46.19 77.66
CA GLY K 269 3.45 44.77 77.40
C GLY K 269 3.56 43.95 78.66
N ARG K 270 4.11 44.53 79.72
CA ARG K 270 4.21 43.87 81.03
C ARG K 270 3.35 44.51 82.08
N ARG K 271 3.41 45.82 82.24
CA ARG K 271 2.58 46.52 83.22
CA ARG K 271 2.58 46.44 83.27
C ARG K 271 1.08 46.33 82.91
N GLY L 11 -11.35 7.45 -15.42
CA GLY L 11 -11.69 8.02 -14.09
C GLY L 11 -10.66 9.02 -13.60
N ARG L 12 -11.12 10.01 -12.83
CA ARG L 12 -10.27 11.15 -12.43
C ARG L 12 -9.19 10.78 -11.41
N LEU L 13 -9.32 9.63 -10.77
CA LEU L 13 -8.32 9.14 -9.83
C LEU L 13 -7.68 7.80 -10.32
N ALA L 14 -7.66 7.64 -11.65
CA ALA L 14 -7.25 6.37 -12.26
C ALA L 14 -5.82 6.01 -11.84
N GLY L 15 -5.69 4.88 -11.16
CA GLY L 15 -4.39 4.35 -10.78
C GLY L 15 -3.80 4.90 -9.49
N LYS L 16 -4.54 5.75 -8.77
CA LYS L 16 -4.06 6.29 -7.51
C LYS L 16 -4.42 5.37 -6.35
N ALA L 17 -3.51 5.32 -5.38
CA ALA L 17 -3.67 4.52 -4.19
C ALA L 17 -4.18 5.43 -3.06
N ALA L 18 -5.32 5.06 -2.46
CA ALA L 18 -5.95 5.88 -1.42
C ALA L 18 -6.27 5.06 -0.18
N ILE L 19 -6.07 5.68 0.99
CA ILE L 19 -6.61 5.20 2.25
C ILE L 19 -7.71 6.18 2.72
N VAL L 20 -8.88 5.64 3.05
CA VAL L 20 -9.96 6.40 3.67
C VAL L 20 -10.25 5.85 5.07
N THR L 21 -10.07 6.68 6.12
CA THR L 21 -10.43 6.28 7.47
C THR L 21 -11.88 6.69 7.74
N GLY L 22 -12.45 6.11 8.80
CA GLY L 22 -13.87 6.22 9.10
C GLY L 22 -14.73 5.69 7.94
N ALA L 23 -14.25 4.65 7.26
CA ALA L 23 -14.82 4.23 5.96
C ALA L 23 -16.15 3.48 6.06
N ALA L 24 -16.54 3.07 7.26
CA ALA L 24 -17.89 2.49 7.47
C ALA L 24 -18.95 3.63 7.59
N GLY L 25 -18.62 4.72 8.28
CA GLY L 25 -19.53 5.86 8.43
C GLY L 25 -19.96 6.59 7.14
N GLY L 26 -21.06 7.32 7.22
CA GLY L 26 -21.64 8.06 6.09
C GLY L 26 -20.69 8.72 5.10
N ILE L 27 -20.01 9.77 5.54
CA ILE L 27 -19.06 10.49 4.66
C ILE L 27 -17.90 9.59 4.17
N GLY L 28 -17.32 8.81 5.09
CA GLY L 28 -16.23 7.88 4.72
C GLY L 28 -16.67 6.87 3.69
N ARG L 29 -17.86 6.31 3.90
CA ARG L 29 -18.44 5.35 2.96
C ARG L 29 -18.67 5.98 1.61
N ALA L 30 -19.31 7.15 1.59
CA ALA L 30 -19.56 7.82 0.31
C ALA L 30 -18.26 8.14 -0.41
N THR L 31 -17.20 8.41 0.35
CA THR L 31 -15.89 8.73 -0.25
C THR L 31 -15.22 7.49 -0.86
N VAL L 32 -15.21 6.37 -0.13
CA VAL L 32 -14.77 5.09 -0.67
C VAL L 32 -15.42 4.80 -2.02
N GLU L 33 -16.75 4.92 -2.07
CA GLU L 33 -17.52 4.64 -3.30
C GLU L 33 -17.14 5.57 -4.45
N ALA L 34 -17.03 6.87 -4.17
CA ALA L 34 -16.69 7.85 -5.22
C ALA L 34 -15.26 7.62 -5.72
N TYR L 35 -14.37 7.22 -4.81
CA TYR L 35 -12.98 6.95 -5.19
C TYR L 35 -12.87 5.68 -6.10
N LEU L 36 -13.56 4.61 -5.72
CA LEU L 36 -13.63 3.39 -6.56
C LEU L 36 -14.22 3.71 -7.93
N ARG L 37 -15.34 4.43 -7.95
CA ARG L 37 -15.96 4.88 -9.18
C ARG L 37 -15.03 5.72 -10.08
N GLU L 38 -14.04 6.39 -9.51
CA GLU L 38 -13.13 7.24 -10.28
C GLU L 38 -11.79 6.57 -10.57
N GLY L 39 -11.70 5.27 -10.28
CA GLY L 39 -10.57 4.45 -10.75
C GLY L 39 -9.42 4.26 -9.75
N ALA L 40 -9.64 4.58 -8.49
CA ALA L 40 -8.60 4.46 -7.48
C ALA L 40 -8.63 3.05 -6.87
N SER L 41 -7.50 2.63 -6.31
CA SER L 41 -7.51 1.49 -5.42
C SER L 41 -7.63 2.05 -4.02
N VAL L 42 -8.53 1.46 -3.23
CA VAL L 42 -8.94 2.03 -1.99
C VAL L 42 -8.89 1.03 -0.85
N VAL L 43 -8.18 1.39 0.22
CA VAL L 43 -8.32 0.73 1.50
C VAL L 43 -9.42 1.45 2.29
N ALA L 44 -10.35 0.67 2.84
CA ALA L 44 -11.38 1.19 3.71
C ALA L 44 -11.03 0.83 5.14
N MET L 45 -10.71 1.84 5.95
CA MET L 45 -10.28 1.62 7.34
C MET L 45 -11.36 2.06 8.31
N ASP L 46 -11.69 1.19 9.27
CA ASP L 46 -12.60 1.55 10.35
C ASP L 46 -12.53 0.46 11.41
N LEU L 47 -13.33 0.59 12.47
CA LEU L 47 -13.42 -0.46 13.49
C LEU L 47 -13.84 -1.79 12.84
N ALA L 48 -13.33 -2.90 13.39
CA ALA L 48 -13.59 -4.25 12.84
C ALA L 48 -15.10 -4.57 12.72
N PRO L 49 -15.84 -4.39 13.82
CA PRO L 49 -17.29 -4.61 13.77
C PRO L 49 -17.96 -3.82 12.64
N ARG L 50 -17.65 -2.53 12.55
CA ARG L 50 -18.31 -1.64 11.57
C ARG L 50 -18.02 -2.05 10.14
N LEU L 51 -16.76 -2.38 9.85
CA LEU L 51 -16.38 -2.90 8.53
C LEU L 51 -17.17 -4.18 8.24
N ALA L 52 -17.29 -5.04 9.24
CA ALA L 52 -18.07 -6.29 9.09
C ALA L 52 -19.51 -5.99 8.69
N ALA L 53 -20.09 -4.95 9.29
CA ALA L 53 -21.49 -4.60 9.06
C ALA L 53 -21.78 -3.70 7.84
N THR L 54 -20.79 -3.39 7.01
CA THR L 54 -21.04 -2.48 5.88
C THR L 54 -20.91 -3.14 4.51
N ARG L 55 -21.65 -2.63 3.54
CA ARG L 55 -21.54 -3.03 2.14
C ARG L 55 -21.33 -1.77 1.32
N TYR L 56 -20.52 -1.88 0.27
CA TYR L 56 -20.30 -0.74 -0.63
C TYR L 56 -21.03 -1.00 -1.92
N GLU L 57 -21.61 0.06 -2.50
CA GLU L 57 -22.31 -0.06 -3.79
C GLU L 57 -21.33 -0.14 -4.97
N GLU L 58 -20.04 -0.08 -4.70
CA GLU L 58 -19.01 -0.27 -5.73
C GLU L 58 -18.02 -1.37 -5.28
N PRO L 59 -17.51 -2.17 -6.23
CA PRO L 59 -16.58 -3.25 -5.88
C PRO L 59 -15.11 -2.80 -5.85
N GLY L 60 -14.29 -3.47 -5.04
CA GLY L 60 -12.83 -3.22 -5.03
C GLY L 60 -12.23 -2.78 -3.71
N ALA L 61 -13.05 -2.44 -2.73
CA ALA L 61 -12.56 -1.94 -1.46
C ALA L 61 -11.71 -2.97 -0.70
N ILE L 62 -10.55 -2.56 -0.20
CA ILE L 62 -9.74 -3.43 0.62
C ILE L 62 -9.98 -3.07 2.09
N PRO L 63 -10.80 -3.87 2.79
CA PRO L 63 -11.05 -3.53 4.20
C PRO L 63 -9.86 -3.81 5.12
N ILE L 64 -9.57 -2.89 6.05
CA ILE L 64 -8.53 -3.08 7.04
C ILE L 64 -8.97 -2.49 8.35
N ALA L 65 -9.06 -3.36 9.36
CA ALA L 65 -9.53 -2.96 10.67
C ALA L 65 -8.51 -2.05 11.35
N CYS L 66 -9.00 -1.05 12.09
CA CYS L 66 -8.15 -0.18 12.88
C CYS L 66 -8.88 0.41 14.08
N ASP L 67 -8.12 1.10 14.93
CA ASP L 67 -8.66 1.62 16.18
C ASP L 67 -8.10 3.01 16.52
N LEU L 68 -8.73 4.03 15.94
CA LEU L 68 -8.32 5.44 16.12
C LEU L 68 -8.47 5.85 17.59
N ASP L 70 -5.88 3.96 19.57
CA ASP L 70 -4.78 3.01 19.76
C ASP L 70 -3.64 3.34 18.78
N ARG L 71 -2.56 3.91 19.30
CA ARG L 71 -1.44 4.38 18.45
C ARG L 71 -0.68 3.23 17.78
N ALA L 72 -0.40 2.17 18.54
CA ALA L 72 0.15 0.94 17.96
C ALA L 72 -0.75 0.43 16.86
N ALA L 73 -2.06 0.42 17.12
CA ALA L 73 -3.05 -0.02 16.14
C ALA L 73 -3.01 0.81 14.85
N ILE L 74 -2.90 2.13 14.99
CA ILE L 74 -2.89 3.01 13.83
C ILE L 74 -1.70 2.73 12.95
N ASP L 75 -0.50 2.67 13.54
CA ASP L 75 0.70 2.37 12.74
C ASP L 75 0.61 1.01 12.02
N ALA L 76 0.16 -0.01 12.77
CA ALA L 76 0.03 -1.36 12.22
C ALA L 76 -0.91 -1.35 11.02
N ALA L 77 -2.07 -0.72 11.19
CA ALA L 77 -3.07 -0.69 10.12
C ALA L 77 -2.58 0.09 8.89
N MET L 78 -1.90 1.20 9.13
CA MET L 78 -1.37 2.01 8.03
C MET L 78 -0.24 1.30 7.26
N ALA L 79 0.64 0.60 7.99
CA ALA L 79 1.73 -0.17 7.35
C ALA L 79 1.12 -1.27 6.47
N ASP L 80 0.15 -1.98 7.02
CA ASP L 80 -0.54 -3.06 6.28
C ASP L 80 -1.21 -2.49 5.03
N ALA L 81 -1.90 -1.36 5.18
CA ALA L 81 -2.59 -0.70 4.07
C ALA L 81 -1.65 -0.35 2.93
N VAL L 82 -0.53 0.27 3.28
CA VAL L 82 0.45 0.71 2.27
C VAL L 82 1.13 -0.48 1.59
N ALA L 83 1.42 -1.52 2.37
CA ALA L 83 1.91 -2.79 1.83
C ALA L 83 0.97 -3.32 0.74
N ARG L 84 -0.33 -3.38 1.05
CA ARG L 84 -1.30 -3.94 0.11
C ARG L 84 -1.55 -3.07 -1.12
N LEU L 85 -1.36 -1.75 -0.99
CA LEU L 85 -1.59 -0.84 -2.12
C LEU L 85 -0.35 -0.69 -2.95
N GLY L 86 0.80 -0.96 -2.34
CA GLY L 86 2.08 -0.80 -3.02
C GLY L 86 2.49 0.66 -3.08
N GLY L 87 2.06 1.44 -2.09
CA GLY L 87 2.32 2.87 -2.06
C GLY L 87 1.16 3.64 -1.45
N LEU L 88 1.16 4.97 -1.61
CA LEU L 88 0.13 5.86 -1.08
C LEU L 88 0.16 7.23 -1.76
N ASP L 89 -0.93 7.59 -2.44
CA ASP L 89 -1.09 8.88 -3.11
C ASP L 89 -2.08 9.81 -2.39
N ILE L 90 -3.09 9.22 -1.73
CA ILE L 90 -4.22 9.96 -1.15
C ILE L 90 -4.59 9.40 0.21
N LEU L 91 -4.68 10.27 1.23
CA LEU L 91 -5.22 9.94 2.55
C LEU L 91 -6.44 10.86 2.85
N VAL L 92 -7.58 10.26 3.18
CA VAL L 92 -8.72 10.97 3.69
C VAL L 92 -8.87 10.54 5.12
N ALA L 93 -8.61 11.46 6.06
CA ALA L 93 -8.71 11.19 7.49
C ALA L 93 -10.11 11.56 7.95
N GLY L 94 -11.01 10.58 7.87
CA GLY L 94 -12.42 10.75 8.18
C GLY L 94 -12.88 10.17 9.51
N GLY L 95 -11.98 9.47 10.22
CA GLY L 95 -12.32 8.93 11.54
C GLY L 95 -12.66 10.05 12.51
N ALA L 96 -13.77 9.92 13.24
CA ALA L 96 -14.23 10.96 14.17
C ALA L 96 -15.37 10.50 15.10
N LEU L 97 -15.23 10.80 16.39
CA LEU L 97 -16.33 10.76 17.35
C LEU L 97 -17.15 12.04 17.25
N LYS L 98 -18.46 11.91 17.09
CA LYS L 98 -19.36 13.08 17.00
C LYS L 98 -20.22 13.14 18.26
N GLY L 99 -21.01 14.21 18.39
CA GLY L 99 -21.94 14.32 19.49
C GLY L 99 -21.51 15.32 20.55
N GLY L 100 -22.50 15.81 21.29
CA GLY L 100 -22.29 16.72 22.41
C GLY L 100 -22.38 16.00 23.74
N THR L 101 -22.15 16.75 24.81
CA THR L 101 -22.09 16.18 26.15
C THR L 101 -23.03 16.89 27.13
N GLY L 102 -23.23 18.20 26.96
CA GLY L 102 -23.89 19.02 27.95
C GLY L 102 -23.10 20.31 28.11
N ASN L 103 -23.53 21.14 29.06
CA ASN L 103 -22.92 22.43 29.24
C ASN L 103 -21.43 22.27 29.62
N PHE L 104 -20.63 23.23 29.17
CA PHE L 104 -19.22 23.28 29.52
C PHE L 104 -18.96 23.17 31.04
N LEU L 105 -19.84 23.78 31.87
CA LEU L 105 -19.66 23.74 33.32
C LEU L 105 -19.54 22.33 33.90
N ASP L 106 -20.22 21.37 33.27
CA ASP L 106 -20.30 19.97 33.69
C ASP L 106 -19.50 19.05 32.82
N LEU L 107 -18.68 19.59 31.92
CA LEU L 107 -17.91 18.76 31.03
C LEU L 107 -16.83 17.98 31.83
N SER L 108 -16.86 16.66 31.73
CA SER L 108 -15.94 15.81 32.52
C SER L 108 -14.58 15.65 31.82
N ASP L 109 -13.55 15.37 32.62
CA ASP L 109 -12.21 15.00 32.12
C ASP L 109 -12.30 13.86 31.10
N ALA L 110 -13.11 12.84 31.41
CA ALA L 110 -13.22 11.65 30.54
C ALA L 110 -13.78 11.98 29.16
N ASP L 111 -14.82 12.84 29.09
CA ASP L 111 -15.38 13.27 27.80
C ASP L 111 -14.38 14.17 27.05
N TRP L 112 -13.77 15.12 27.75
CA TRP L 112 -12.72 15.97 27.14
C TRP L 112 -11.67 15.12 26.50
N ASP L 113 -11.06 14.21 27.28
CA ASP L 113 -9.94 13.35 26.81
C ASP L 113 -10.34 12.48 25.65
N ARG L 114 -11.55 11.96 25.65
CA ARG L 114 -12.00 11.09 24.55
C ARG L 114 -12.13 11.81 23.20
N TYR L 115 -12.69 13.02 23.23
CA TYR L 115 -12.83 13.80 22.00
C TYR L 115 -11.46 14.30 21.51
N VAL L 116 -10.64 14.77 22.43
CA VAL L 116 -9.30 15.27 22.02
C VAL L 116 -8.42 14.11 21.54
N ASP L 117 -8.35 13.03 22.32
CA ASP L 117 -7.57 11.84 21.93
C ASP L 117 -8.04 11.19 20.64
N VAL L 118 -9.34 10.94 20.50
CA VAL L 118 -9.80 10.27 19.27
C VAL L 118 -9.81 11.16 18.05
N ASN L 119 -10.36 12.36 18.16
CA ASN L 119 -10.49 13.24 16.97
C ASN L 119 -9.22 14.06 16.60
N MET L 120 -8.57 14.67 17.59
CA MET L 120 -7.38 15.48 17.30
C MET L 120 -6.16 14.57 17.15
N THR L 121 -5.78 13.90 18.24
CA THR L 121 -4.57 13.04 18.26
C THR L 121 -4.65 11.85 17.31
N GLY L 122 -5.84 11.28 17.14
CA GLY L 122 -6.01 10.20 16.14
C GLY L 122 -5.82 10.66 14.72
N THR L 123 -6.33 11.86 14.39
CA THR L 123 -6.08 12.46 13.05
C THR L 123 -4.58 12.77 12.86
N PHE L 124 -3.93 13.32 13.89
CA PHE L 124 -2.47 13.58 13.84
C PHE L 124 -1.67 12.28 13.52
N LEU L 125 -1.92 11.24 14.31
CA LEU L 125 -1.18 9.97 14.19
C LEU L 125 -1.37 9.36 12.81
N THR L 126 -2.60 9.38 12.32
CA THR L 126 -2.94 8.84 11.00
C THR L 126 -2.24 9.66 9.92
N CYS L 127 -2.29 10.99 10.04
CA CYS L 127 -1.71 11.87 8.98
C CYS L 127 -0.16 11.82 8.98
N ARG L 128 0.44 11.71 10.16
CA ARG L 128 1.92 11.58 10.22
C ARG L 128 2.35 10.26 9.58
N ALA L 129 1.66 9.17 9.91
CA ALA L 129 1.92 7.87 9.26
C ALA L 129 1.78 7.99 7.77
N GLY L 130 0.67 8.57 7.33
CA GLY L 130 0.39 8.70 5.91
C GLY L 130 1.41 9.53 5.19
N ALA L 131 1.81 10.65 5.80
CA ALA L 131 2.73 11.55 5.12
C ALA L 131 4.09 10.87 4.97
N ARG L 132 4.55 10.19 6.01
CA ARG L 132 5.83 9.45 5.95
C ARG L 132 5.79 8.35 4.90
N ALA L 133 4.68 7.64 4.77
CA ALA L 133 4.52 6.65 3.71
C ALA L 133 4.55 7.28 2.35
N MET L 134 3.93 8.46 2.21
CA MET L 134 3.90 9.14 0.90
C MET L 134 5.30 9.52 0.47
N VAL L 135 6.09 10.04 1.40
CA VAL L 135 7.48 10.42 1.10
C VAL L 135 8.29 9.17 0.75
N ALA L 136 8.20 8.15 1.60
CA ALA L 136 8.83 6.85 1.30
C ALA L 136 8.48 6.33 -0.10
N ALA L 137 7.23 6.51 -0.54
CA ALA L 137 6.81 6.03 -1.86
C ALA L 137 7.13 7.00 -3.00
N GLY L 138 7.82 8.10 -2.71
CA GLY L 138 8.30 9.00 -3.76
C GLY L 138 7.41 10.16 -4.17
N ALA L 139 6.58 10.66 -3.23
CA ALA L 139 5.72 11.83 -3.50
C ALA L 139 6.49 12.97 -4.17
N GLY L 140 5.97 13.45 -5.32
CA GLY L 140 6.57 14.59 -6.03
C GLY L 140 7.44 14.25 -7.23
N LYS L 141 8.09 13.08 -7.23
CA LYS L 141 9.07 12.71 -8.26
C LYS L 141 8.67 13.13 -9.69
N ASP L 142 7.40 12.92 -10.03
CA ASP L 142 6.82 13.47 -11.26
C ASP L 142 6.66 14.98 -11.05
N ARG L 144 3.95 15.55 -9.85
CA ARG L 144 2.62 15.53 -9.24
C ARG L 144 2.72 15.27 -7.73
N SER L 145 1.72 15.73 -6.98
CA SER L 145 1.82 15.73 -5.51
C SER L 145 0.86 14.72 -4.88
N ALA L 146 1.30 14.09 -3.81
CA ALA L 146 0.39 13.33 -2.95
C ALA L 146 -0.60 14.32 -2.23
N ARG L 147 -1.65 13.79 -1.63
CA ARG L 147 -2.78 14.59 -1.13
C ARG L 147 -3.28 14.08 0.21
N ILE L 148 -3.27 14.96 1.22
CA ILE L 148 -3.93 14.69 2.49
C ILE L 148 -5.18 15.59 2.63
N ILE L 149 -6.30 14.94 2.99
CA ILE L 149 -7.62 15.56 3.11
C ILE L 149 -8.18 15.22 4.48
N THR L 150 -8.38 16.24 5.32
CA THR L 150 -8.95 16.06 6.65
C THR L 150 -10.42 16.47 6.60
N ILE L 151 -11.23 15.81 7.43
CA ILE L 151 -12.63 16.11 7.54
C ILE L 151 -12.80 16.83 8.84
N GLY L 152 -13.03 18.15 8.78
CA GLY L 152 -13.31 18.96 9.98
C GLY L 152 -14.83 19.15 10.08
N SER L 153 -15.26 20.41 10.17
CA SER L 153 -16.66 20.73 10.41
C SER L 153 -16.81 22.25 10.38
N VAL L 154 -18.04 22.72 10.22
CA VAL L 154 -18.30 24.17 10.46
C VAL L 154 -17.91 24.46 11.92
N ASN L 155 -17.95 23.42 12.78
CA ASN L 155 -17.51 23.58 14.20
C ASN L 155 -16.01 23.83 14.37
N SER L 156 -15.26 23.74 13.27
CA SER L 156 -13.85 24.16 13.26
C SER L 156 -13.71 25.69 13.36
N PHE L 157 -14.81 26.40 13.08
CA PHE L 157 -14.83 27.88 13.02
C PHE L 157 -15.89 28.54 13.90
N MET L 158 -17.05 27.91 14.05
CA MET L 158 -18.13 28.45 14.88
C MET L 158 -18.71 27.35 15.75
N ALA L 159 -19.09 27.68 16.99
CA ALA L 159 -19.45 26.70 18.00
C ALA L 159 -20.96 26.39 18.11
N GLU L 160 -21.30 25.10 18.14
CA GLU L 160 -22.65 24.67 18.51
C GLU L 160 -22.70 24.67 19.98
N PRO L 161 -23.91 24.73 20.55
CA PRO L 161 -24.02 24.62 22.00
C PRO L 161 -23.75 23.21 22.53
N GLU L 162 -23.23 23.13 23.75
CA GLU L 162 -23.16 21.87 24.52
C GLU L 162 -22.31 20.79 23.86
N ALA L 163 -21.18 21.20 23.28
CA ALA L 163 -20.31 20.25 22.60
C ALA L 163 -18.87 20.75 22.59
N ALA L 164 -18.42 21.33 23.70
CA ALA L 164 -17.16 22.05 23.77
C ALA L 164 -15.96 21.16 23.41
N ALA L 165 -16.00 19.90 23.86
CA ALA L 165 -14.88 18.99 23.58
C ALA L 165 -14.76 18.71 22.09
N TYR L 166 -15.87 18.38 21.48
CA TYR L 166 -15.92 18.16 20.02
C TYR L 166 -15.54 19.44 19.21
N VAL L 167 -15.99 20.61 19.66
CA VAL L 167 -15.74 21.88 18.94
C VAL L 167 -14.25 22.22 19.01
N ALA L 168 -13.67 22.13 20.20
CA ALA L 168 -12.24 22.35 20.44
C ALA L 168 -11.38 21.44 19.60
N ALA L 169 -11.68 20.13 19.62
CA ALA L 169 -10.96 19.20 18.75
C ALA L 169 -11.02 19.57 17.30
N LYS L 170 -12.17 20.01 16.82
CA LYS L 170 -12.30 20.47 15.39
C LYS L 170 -11.48 21.72 15.03
N GLY L 171 -11.32 22.65 15.98
CA GLY L 171 -10.44 23.78 15.75
C GLY L 171 -8.99 23.28 15.67
N GLY L 172 -8.67 22.33 16.56
CA GLY L 172 -7.38 21.68 16.57
C GLY L 172 -7.04 21.04 15.25
N VAL L 173 -7.99 20.31 14.70
CA VAL L 173 -7.82 19.67 13.37
C VAL L 173 -7.65 20.69 12.26
N ALA L 174 -8.40 21.77 12.32
CA ALA L 174 -8.30 22.85 11.28
C ALA L 174 -6.86 23.46 11.26
N MET L 175 -6.30 23.80 12.42
CA MET L 175 -4.95 24.37 12.46
C MET L 175 -3.84 23.34 12.22
N LEU L 176 -4.07 22.09 12.65
CA LEU L 176 -3.21 20.97 12.24
C LEU L 176 -3.12 20.91 10.76
N THR L 177 -4.26 21.04 10.10
CA THR L 177 -4.30 20.94 8.62
C THR L 177 -3.41 21.99 7.98
N ARG L 178 -3.47 23.23 8.48
CA ARG L 178 -2.64 24.30 7.94
C ARG L 178 -1.15 24.10 8.24
N ALA L 179 -0.82 23.67 9.44
CA ALA L 179 0.58 23.40 9.80
C ALA L 179 1.13 22.29 8.90
N MET L 180 0.33 21.26 8.62
CA MET L 180 0.73 20.20 7.72
C MET L 180 0.95 20.70 6.32
N ALA L 181 0.08 21.59 5.85
CA ALA L 181 0.22 22.13 4.51
C ALA L 181 1.54 22.89 4.35
N VAL L 182 1.84 23.71 5.35
CA VAL L 182 3.08 24.49 5.33
C VAL L 182 4.33 23.57 5.32
N ASP L 183 4.40 22.63 6.27
CA ASP L 183 5.58 21.78 6.46
C ASP L 183 5.74 20.74 5.35
N LEU L 184 4.64 20.31 4.71
CA LEU L 184 4.73 19.22 3.72
C LEU L 184 4.75 19.67 2.26
N ALA L 185 4.62 20.97 2.02
CA ALA L 185 4.73 21.50 0.68
C ALA L 185 6.08 21.13 0.02
N ARG L 186 7.18 21.26 0.77
CA ARG L 186 8.51 20.93 0.21
C ARG L 186 8.63 19.44 -0.15
N HIS L 187 7.84 18.59 0.48
CA HIS L 187 7.85 17.15 0.25
C HIS L 187 6.86 16.67 -0.77
N GLY L 188 6.30 17.59 -1.57
CA GLY L 188 5.32 17.26 -2.58
C GLY L 188 3.93 16.78 -2.10
N ILE L 189 3.46 17.22 -0.93
CA ILE L 189 2.14 16.81 -0.43
C ILE L 189 1.23 18.01 -0.18
N LEU L 190 0.03 18.00 -0.75
CA LEU L 190 -0.95 19.09 -0.58
C LEU L 190 -1.97 18.67 0.46
N VAL L 191 -2.28 19.58 1.38
CA VAL L 191 -3.08 19.27 2.55
C VAL L 191 -4.22 20.27 2.68
N ASN L 192 -5.46 19.76 2.66
CA ASN L 192 -6.69 20.59 2.77
C ASN L 192 -7.74 19.96 3.66
N MET L 193 -8.67 20.79 4.17
CA MET L 193 -9.77 20.34 5.00
C MET L 193 -11.10 20.46 4.29
N ILE L 194 -12.03 19.56 4.61
CA ILE L 194 -13.40 19.69 4.15
C ILE L 194 -14.24 19.98 5.39
N ALA L 195 -15.08 21.02 5.30
CA ALA L 195 -15.86 21.45 6.46
C ALA L 195 -17.34 21.26 6.18
N PRO L 196 -17.90 20.08 6.55
CA PRO L 196 -19.36 19.90 6.38
C PRO L 196 -20.20 20.61 7.40
N GLY L 197 -21.35 21.12 6.96
CA GLY L 197 -22.40 21.52 7.90
C GLY L 197 -23.21 20.29 8.30
N PRO L 198 -24.52 20.46 8.58
CA PRO L 198 -25.34 19.30 8.93
C PRO L 198 -25.43 18.31 7.77
N VAL L 199 -25.17 17.03 8.05
CA VAL L 199 -25.22 15.97 7.03
C VAL L 199 -26.07 14.82 7.56
N ASP L 200 -27.09 14.42 6.80
CA ASP L 200 -27.97 13.34 7.26
C ASP L 200 -27.28 12.04 6.88
N VAL L 201 -26.93 11.26 7.90
CA VAL L 201 -26.23 9.98 7.76
C VAL L 201 -27.13 8.76 8.11
N THR L 202 -28.43 8.99 8.22
CA THR L 202 -29.37 7.91 8.55
C THR L 202 -29.68 7.00 7.34
N GLY L 203 -29.55 7.50 6.12
CA GLY L 203 -30.05 6.81 4.92
C GLY L 203 -31.57 6.81 4.87
N ASN L 204 -32.17 7.52 5.82
CA ASN L 204 -33.58 7.41 6.14
C ASN L 204 -34.30 8.75 6.10
N ASN L 205 -33.56 9.81 5.77
CA ASN L 205 -34.04 11.19 5.92
C ASN L 205 -34.55 11.51 7.34
N THR L 206 -34.03 10.86 8.37
CA THR L 206 -34.53 11.08 9.73
C THR L 206 -33.49 11.72 10.66
N GLY L 207 -32.30 12.03 10.16
CA GLY L 207 -31.21 12.57 11.02
C GLY L 207 -31.55 13.87 11.74
N TYR L 208 -32.29 14.75 11.08
CA TYR L 208 -32.63 16.07 11.63
C TYR L 208 -34.13 16.27 11.74
N SER L 209 -34.84 15.20 12.11
CA SER L 209 -36.31 15.22 12.08
C SER L 209 -36.93 15.62 13.42
N GLU L 210 -36.17 15.65 14.51
CA GLU L 210 -36.69 16.21 15.76
C GLU L 210 -37.24 17.64 15.51
N PRO L 211 -38.50 17.91 15.87
CA PRO L 211 -39.15 19.14 15.39
C PRO L 211 -38.40 20.46 15.65
N ARG L 212 -37.86 20.69 16.84
CA ARG L 212 -37.13 21.91 17.13
C ARG L 212 -35.88 22.00 16.24
N LEU L 213 -35.16 20.89 16.11
CA LEU L 213 -34.00 20.81 15.24
C LEU L 213 -34.32 21.05 13.79
N ALA L 214 -35.42 20.49 13.32
CA ALA L 214 -35.77 20.65 11.90
C ALA L 214 -36.12 22.14 11.60
N GLU L 215 -36.77 22.78 12.57
CA GLU L 215 -37.09 24.21 12.47
C GLU L 215 -35.79 25.04 12.39
N GLN L 216 -34.81 24.72 13.21
CA GLN L 216 -33.57 25.49 13.22
C GLN L 216 -32.73 25.25 11.97
N VAL L 217 -32.84 24.06 11.38
CA VAL L 217 -32.18 23.79 10.11
C VAL L 217 -32.75 24.67 9.01
N LEU L 218 -34.07 24.78 8.97
CA LEU L 218 -34.75 25.66 8.03
C LEU L 218 -34.35 27.13 8.21
N ASP L 219 -34.20 27.58 9.46
CA ASP L 219 -33.77 28.95 9.72
C ASP L 219 -32.31 29.19 9.33
N GLU L 220 -31.42 28.26 9.73
CA GLU L 220 -29.97 28.53 9.71
C GLU L 220 -29.23 28.08 8.50
N VAL L 221 -29.79 27.14 7.74
CA VAL L 221 -29.19 26.68 6.50
C VAL L 221 -29.94 27.32 5.34
N ALA L 222 -29.23 28.02 4.46
CA ALA L 222 -29.89 28.70 3.34
C ALA L 222 -30.69 27.75 2.47
N LEU L 223 -30.14 26.58 2.17
CA LEU L 223 -30.82 25.59 1.34
C LEU L 223 -31.93 24.88 2.11
N GLY L 224 -32.05 25.11 3.40
CA GLY L 224 -33.21 24.64 4.16
C GLY L 224 -33.26 23.14 4.46
N ARG L 225 -32.12 22.46 4.39
CA ARG L 225 -32.07 21.01 4.63
C ARG L 225 -30.65 20.59 5.01
N PRO L 226 -30.52 19.38 5.61
CA PRO L 226 -29.20 18.76 5.76
C PRO L 226 -28.65 18.25 4.44
N GLY L 227 -27.34 18.12 4.36
CA GLY L 227 -26.67 17.55 3.20
C GLY L 227 -26.69 16.02 3.23
N LEU L 228 -26.38 15.44 2.10
CA LEU L 228 -26.14 13.99 1.99
C LEU L 228 -24.66 13.68 1.91
N PRO L 229 -24.25 12.49 2.41
CA PRO L 229 -22.83 12.11 2.38
C PRO L 229 -22.16 12.22 1.01
N GLU L 230 -22.90 11.90 -0.04
CA GLU L 230 -22.41 12.03 -1.41
C GLU L 230 -22.06 13.47 -1.74
N GLU L 231 -22.78 14.42 -1.16
CA GLU L 231 -22.52 15.85 -1.40
C GLU L 231 -21.19 16.32 -0.81
N VAL L 232 -20.66 15.59 0.15
CA VAL L 232 -19.36 15.88 0.74
C VAL L 232 -18.24 15.12 0.01
N ALA L 233 -18.50 13.85 -0.31
CA ALA L 233 -17.54 13.00 -1.03
C ALA L 233 -17.06 13.62 -2.33
N THR L 234 -17.92 14.35 -3.03
CA THR L 234 -17.51 14.95 -4.29
C THR L 234 -16.29 15.88 -4.13
N ALA L 235 -16.18 16.57 -2.98
CA ALA L 235 -15.06 17.45 -2.70
C ALA L 235 -13.77 16.66 -2.44
N ALA L 236 -13.90 15.49 -1.85
CA ALA L 236 -12.76 14.59 -1.64
C ALA L 236 -12.14 14.16 -2.97
N VAL L 237 -12.97 13.97 -3.99
CA VAL L 237 -12.46 13.65 -5.34
C VAL L 237 -11.73 14.88 -5.92
N PHE L 238 -12.38 16.03 -5.86
CA PHE L 238 -11.81 17.28 -6.37
C PHE L 238 -10.43 17.55 -5.77
N LEU L 239 -10.32 17.43 -4.45
CA LEU L 239 -9.05 17.71 -3.76
C LEU L 239 -7.98 16.65 -4.00
N ALA L 240 -8.37 15.44 -4.41
CA ALA L 240 -7.41 14.34 -4.68
C ALA L 240 -6.90 14.31 -6.12
N GLU L 241 -7.59 14.97 -7.03
CA GLU L 241 -7.23 14.87 -8.45
C GLU L 241 -6.06 15.76 -8.84
N ASP L 242 -5.46 15.45 -10.00
CA ASP L 242 -4.23 16.11 -10.49
C ASP L 242 -4.43 17.60 -10.72
N GLY L 243 -5.63 18.00 -11.11
CA GLY L 243 -5.92 19.41 -11.44
C GLY L 243 -5.84 20.39 -10.28
N SER L 244 -5.97 19.87 -9.05
CA SER L 244 -6.00 20.72 -7.83
C SER L 244 -4.60 20.99 -7.24
N SER L 245 -3.63 21.16 -8.15
CA SER L 245 -2.22 21.17 -7.81
C SER L 245 -1.74 22.51 -7.22
N PHE L 246 -2.57 23.57 -7.22
CA PHE L 246 -2.22 24.81 -6.53
C PHE L 246 -3.06 25.08 -5.26
N ILE L 247 -3.74 24.05 -4.76
CA ILE L 247 -4.64 24.16 -3.66
C ILE L 247 -4.06 23.47 -2.45
N THR L 248 -3.65 24.27 -1.47
CA THR L 248 -3.13 23.72 -0.23
C THR L 248 -3.32 24.71 0.93
N GLY L 249 -3.50 24.14 2.12
CA GLY L 249 -3.77 24.87 3.35
C GLY L 249 -5.16 25.50 3.42
N SER L 250 -6.09 25.04 2.58
CA SER L 250 -7.43 25.63 2.45
C SER L 250 -8.55 24.74 2.98
N THR L 251 -9.73 25.33 3.03
CA THR L 251 -10.92 24.63 3.48
C THR L 251 -11.98 24.74 2.39
N ILE L 252 -12.66 23.62 2.12
CA ILE L 252 -13.84 23.63 1.29
C ILE L 252 -15.00 23.40 2.24
N THR L 253 -15.88 24.40 2.34
CA THR L 253 -16.99 24.35 3.25
C THR L 253 -18.22 23.88 2.51
N ILE L 254 -18.91 22.89 3.08
CA ILE L 254 -20.06 22.22 2.41
C ILE L 254 -21.23 22.19 3.39
N ASP L 255 -21.98 23.31 3.46
CA ASP L 255 -22.95 23.51 4.52
C ASP L 255 -24.30 24.20 4.14
N GLY L 256 -24.59 24.29 2.84
CA GLY L 256 -25.83 24.84 2.39
C GLY L 256 -26.03 26.29 2.80
N GLY L 257 -24.91 26.98 3.07
CA GLY L 257 -24.90 28.42 3.39
C GLY L 257 -24.95 28.70 4.87
N LEU L 258 -24.92 27.66 5.69
CA LEU L 258 -24.97 27.89 7.12
C LEU L 258 -23.98 29.02 7.57
N SER L 259 -22.71 28.87 7.22
CA SER L 259 -21.67 29.75 7.78
C SER L 259 -21.60 31.08 7.05
N ALA L 260 -22.32 31.23 5.95
CA ALA L 260 -22.43 32.48 5.21
C ALA L 260 -23.53 33.45 5.67
N MET L 261 -24.46 32.95 6.49
CA MET L 261 -25.74 33.66 6.73
C MET L 261 -25.91 33.99 8.21
N ILE L 262 -26.51 35.15 8.49
CA ILE L 262 -27.05 35.46 9.83
C ILE L 262 -28.53 35.88 9.72
N PHE L 263 -29.31 35.67 10.77
CA PHE L 263 -30.75 35.99 10.77
C PHE L 263 -31.48 35.37 9.57
N GLY L 264 -31.08 34.12 9.23
CA GLY L 264 -31.77 33.36 8.21
C GLY L 264 -33.24 33.11 8.53
N GLY L 265 -33.63 33.07 9.80
CA GLY L 265 -35.05 32.92 10.15
C GLY L 265 -35.94 34.08 9.73
N MET L 266 -35.30 35.22 9.41
CA MET L 266 -36.00 36.41 8.94
C MET L 266 -36.23 36.46 7.45
N ARG L 267 -35.62 35.56 6.66
CA ARG L 267 -35.73 35.64 5.21
C ARG L 267 -37.15 35.34 4.68
N GLU L 268 -37.42 35.90 3.51
CA GLU L 268 -38.66 35.66 2.77
C GLU L 268 -38.76 34.19 2.43
N GLY L 269 -39.86 33.55 2.81
CA GLY L 269 -40.01 32.11 2.63
C GLY L 269 -39.94 31.41 3.95
N ARG L 270 -39.34 32.05 4.96
CA ARG L 270 -39.21 31.47 6.30
C ARG L 270 -40.05 32.16 7.30
N ARG L 271 -39.96 33.48 7.35
CA ARG L 271 -40.75 34.17 8.34
C ARG L 271 -42.25 34.05 8.00
N GLY M 11 -19.04 14.29 -20.51
CA GLY M 11 -18.43 15.42 -19.74
C GLY M 11 -19.25 15.84 -18.53
N ARG M 12 -18.58 16.40 -17.53
CA ARG M 12 -19.21 16.77 -16.24
C ARG M 12 -20.20 17.94 -16.33
N LEU M 13 -20.10 18.73 -17.38
CA LEU M 13 -21.02 19.85 -17.63
C LEU M 13 -21.86 19.60 -18.91
N ALA M 14 -22.09 18.33 -19.24
CA ALA M 14 -22.70 17.96 -20.53
C ALA M 14 -24.09 18.58 -20.66
N GLY M 15 -24.27 19.45 -21.66
CA GLY M 15 -25.57 20.04 -21.96
C GLY M 15 -25.92 21.29 -21.16
N LYS M 16 -25.01 21.78 -20.35
CA LYS M 16 -25.25 23.01 -19.58
C LYS M 16 -24.88 24.24 -20.41
N ALA M 17 -25.63 25.32 -20.19
CA ALA M 17 -25.41 26.60 -20.84
C ALA M 17 -24.67 27.56 -19.90
N ALA M 18 -23.53 28.07 -20.35
CA ALA M 18 -22.66 28.87 -19.49
C ALA M 18 -22.26 30.18 -20.14
N ILE M 19 -22.24 31.26 -19.34
CA ILE M 19 -21.58 32.50 -19.73
C ILE M 19 -20.34 32.69 -18.85
N VAL M 20 -19.20 32.93 -19.48
CA VAL M 20 -17.97 33.30 -18.79
C VAL M 20 -17.55 34.74 -19.19
N THR M 21 -17.50 35.67 -18.23
CA THR M 21 -17.01 37.03 -18.51
C THR M 21 -15.53 37.11 -18.22
N GLY M 22 -14.89 38.16 -18.71
CA GLY M 22 -13.45 38.27 -18.76
C GLY M 22 -12.81 37.13 -19.52
N ALA M 23 -13.48 36.65 -20.57
CA ALA M 23 -13.13 35.37 -21.24
C ALA M 23 -11.89 35.41 -22.16
N ALA M 24 -11.38 36.61 -22.45
CA ALA M 24 -10.11 36.72 -23.15
C ALA M 24 -8.93 36.53 -22.16
N GLY M 25 -9.03 37.12 -20.96
CA GLY M 25 -7.97 37.02 -19.94
C GLY M 25 -7.64 35.59 -19.49
N GLY M 26 -6.47 35.42 -18.88
CA GLY M 26 -5.99 34.14 -18.36
C GLY M 26 -6.99 33.21 -17.70
N ILE M 27 -7.49 33.56 -16.53
CA ILE M 27 -8.43 32.69 -15.81
C ILE M 27 -9.75 32.47 -16.60
N GLY M 28 -10.29 33.53 -17.16
CA GLY M 28 -11.51 33.42 -17.99
C GLY M 28 -11.32 32.50 -19.20
N ARG M 29 -10.18 32.65 -19.88
CA ARG M 29 -9.84 31.82 -21.01
C ARG M 29 -9.73 30.35 -20.59
N ALA M 30 -8.95 30.08 -19.55
CA ALA M 30 -8.79 28.70 -19.10
C ALA M 30 -10.15 28.10 -18.71
N THR M 31 -11.07 28.95 -18.21
CA THR M 31 -12.39 28.47 -17.79
C THR M 31 -13.29 28.12 -18.99
N VAL M 32 -13.33 29.00 -19.99
CA VAL M 32 -13.97 28.68 -21.27
C VAL M 32 -13.50 27.32 -21.82
N GLU M 33 -12.18 27.10 -21.84
CA GLU M 33 -11.63 25.87 -22.40
C GLU M 33 -12.05 24.63 -21.59
N ALA M 34 -12.00 24.74 -20.25
CA ALA M 34 -12.37 23.62 -19.38
C ALA M 34 -13.86 23.32 -19.50
N TYR M 35 -14.65 24.37 -19.67
CA TYR M 35 -16.10 24.20 -19.80
C TYR M 35 -16.47 23.49 -21.15
N LEU M 36 -15.86 23.93 -22.25
CA LEU M 36 -16.02 23.29 -23.56
C LEU M 36 -15.58 21.83 -23.49
N ARG M 37 -14.40 21.59 -22.93
CA ARG M 37 -13.91 20.22 -22.72
C ARG M 37 -14.84 19.34 -21.90
N GLU M 38 -15.65 19.93 -21.01
CA GLU M 38 -16.57 19.13 -20.16
C GLU M 38 -18.00 19.06 -20.67
N GLY M 39 -18.21 19.55 -21.89
CA GLY M 39 -19.47 19.34 -22.61
C GLY M 39 -20.49 20.47 -22.52
N ALA M 40 -20.07 21.64 -22.05
CA ALA M 40 -20.97 22.78 -21.93
C ALA M 40 -20.99 23.59 -23.23
N SER M 41 -22.09 24.29 -23.46
CA SER M 41 -22.14 25.35 -24.47
C SER M 41 -21.77 26.65 -23.77
N VAL M 42 -20.87 27.40 -24.38
CA VAL M 42 -20.23 28.49 -23.69
C VAL M 42 -20.26 29.75 -24.50
N VAL M 43 -20.77 30.84 -23.90
CA VAL M 43 -20.51 32.19 -24.43
C VAL M 43 -19.26 32.74 -23.75
N ALA M 44 -18.35 33.28 -24.56
CA ALA M 44 -17.15 33.95 -24.08
C ALA M 44 -17.38 35.44 -24.23
N MET M 45 -17.44 36.14 -23.11
CA MET M 45 -17.74 37.56 -23.11
C MET M 45 -16.53 38.35 -22.62
N ASP M 46 -16.16 39.40 -23.37
CA ASP M 46 -15.05 40.30 -22.99
C ASP M 46 -15.08 41.53 -23.91
N LEU M 47 -14.14 42.45 -23.76
CA LEU M 47 -14.04 43.59 -24.69
C LEU M 47 -13.85 43.12 -26.14
N ALA M 48 -14.42 43.86 -27.09
CA ALA M 48 -14.38 43.47 -28.52
C ALA M 48 -12.97 43.24 -29.04
N PRO M 49 -12.07 44.23 -28.86
CA PRO M 49 -10.67 44.02 -29.25
C PRO M 49 -10.07 42.70 -28.72
N ARG M 50 -10.25 42.46 -27.41
CA ARG M 50 -9.63 41.32 -26.75
C ARG M 50 -10.13 39.99 -27.31
N LEU M 51 -11.44 39.89 -27.51
CA LEU M 51 -12.05 38.72 -28.14
C LEU M 51 -11.48 38.52 -29.56
N ALA M 52 -11.29 39.62 -30.29
CA ALA M 52 -10.70 39.58 -31.62
C ALA M 52 -9.30 38.99 -31.57
N ALA M 53 -8.53 39.35 -30.54
CA ALA M 53 -7.14 38.91 -30.40
C ALA M 53 -6.91 37.54 -29.74
N THR M 54 -7.95 36.79 -29.39
CA THR M 54 -7.74 35.53 -28.66
C THR M 54 -8.11 34.28 -29.46
N ARG M 55 -7.46 33.18 -29.13
CA ARG M 55 -7.80 31.88 -29.68
C ARG M 55 -8.00 30.92 -28.51
N TYR M 56 -8.92 29.98 -28.68
CA TYR M 56 -9.13 28.95 -27.69
C TYR M 56 -8.61 27.60 -28.20
N GLU M 57 -8.00 26.83 -27.31
CA GLU M 57 -7.51 25.51 -27.67
C GLU M 57 -8.63 24.46 -27.78
N GLU M 58 -9.88 24.87 -27.50
CA GLU M 58 -11.04 24.01 -27.70
C GLU M 58 -12.04 24.74 -28.59
N PRO M 59 -12.79 24.01 -29.45
CA PRO M 59 -13.77 24.62 -30.34
C PRO M 59 -15.15 24.74 -29.71
N GLY M 60 -15.94 25.68 -30.19
CA GLY M 60 -17.35 25.83 -29.78
C GLY M 60 -17.73 27.13 -29.09
N ALA M 61 -16.74 27.94 -28.70
CA ALA M 61 -16.99 29.18 -27.95
C ALA M 61 -17.81 30.17 -28.76
N ILE M 62 -18.87 30.73 -28.17
CA ILE M 62 -19.66 31.78 -28.83
C ILE M 62 -19.19 33.14 -28.30
N PRO M 63 -18.39 33.87 -29.07
CA PRO M 63 -17.91 35.16 -28.59
C PRO M 63 -18.98 36.23 -28.62
N ILE M 64 -19.06 37.04 -27.57
CA ILE M 64 -20.01 38.15 -27.50
C ILE M 64 -19.34 39.31 -26.80
N ALA M 65 -19.20 40.43 -27.52
CA ALA M 65 -18.53 41.61 -27.00
C ALA M 65 -19.34 42.26 -25.88
N CYS M 66 -18.65 42.80 -24.90
CA CYS M 66 -19.28 43.54 -23.83
C CYS M 66 -18.35 44.57 -23.20
N ASP M 67 -18.89 45.37 -22.31
CA ASP M 67 -18.14 46.47 -21.68
C ASP M 67 -18.49 46.66 -20.19
N LEU M 68 -17.85 45.86 -19.33
CA LEU M 68 -18.06 45.91 -17.87
C LEU M 68 -17.68 47.29 -17.34
N ASP M 70 -21.90 51.41 -20.24
CA ASP M 70 -21.45 50.18 -19.60
C ASP M 70 -22.63 49.33 -19.10
N ARG M 71 -23.50 49.90 -18.26
CA ARG M 71 -24.66 49.15 -17.74
C ARG M 71 -25.64 48.72 -18.85
N ALA M 72 -25.91 49.65 -19.77
CA ALA M 72 -26.67 49.33 -20.99
C ALA M 72 -26.00 48.21 -21.77
N ALA M 73 -24.66 48.31 -21.89
CA ALA M 73 -23.87 47.31 -22.55
C ALA M 73 -24.03 45.94 -21.90
N ILE M 74 -23.95 45.90 -20.58
CA ILE M 74 -24.01 44.62 -19.85
C ILE M 74 -25.34 43.90 -20.12
N ASP M 75 -26.44 44.62 -19.98
CA ASP M 75 -27.77 44.05 -20.23
C ASP M 75 -27.93 43.56 -21.68
N ALA M 76 -27.48 44.38 -22.62
CA ALA M 76 -27.54 44.01 -24.03
C ALA M 76 -26.78 42.70 -24.30
N ALA M 77 -25.54 42.65 -23.81
CA ALA M 77 -24.69 41.48 -24.02
C ALA M 77 -25.25 40.23 -23.34
N MET M 78 -25.81 40.38 -22.15
CA MET M 78 -26.38 39.23 -21.43
C MET M 78 -27.67 38.71 -22.09
N ALA M 79 -28.51 39.64 -22.57
CA ALA M 79 -29.75 39.24 -23.28
C ALA M 79 -29.38 38.46 -24.57
N ASP M 80 -28.44 39.01 -25.31
CA ASP M 80 -27.95 38.35 -26.53
C ASP M 80 -27.40 36.95 -26.22
N ALA M 81 -26.59 36.85 -25.15
CA ALA M 81 -25.98 35.58 -24.77
C ALA M 81 -27.03 34.51 -24.43
N VAL M 82 -28.02 34.91 -23.63
CA VAL M 82 -29.05 33.98 -23.19
C VAL M 82 -29.92 33.54 -24.36
N ALA M 83 -30.19 34.48 -25.25
CA ALA M 83 -30.92 34.21 -26.50
C ALA M 83 -30.18 33.11 -27.29
N ARG M 84 -28.89 33.28 -27.51
CA ARG M 84 -28.12 32.32 -28.30
C ARG M 84 -27.95 30.96 -27.63
N LEU M 85 -27.95 30.91 -26.29
CA LEU M 85 -27.76 29.65 -25.59
C LEU M 85 -29.09 28.93 -25.41
N GLY M 86 -30.18 29.70 -25.42
CA GLY M 86 -31.51 29.16 -25.18
C GLY M 86 -31.80 28.96 -23.69
N GLY M 87 -31.14 29.75 -22.84
CA GLY M 87 -31.23 29.61 -21.39
C GLY M 87 -29.93 29.99 -20.69
N LEU M 88 -29.81 29.58 -19.42
CA LEU M 88 -28.60 29.87 -18.63
C LEU M 88 -28.56 28.98 -17.39
N ASP M 89 -27.53 28.14 -17.28
CA ASP M 89 -27.32 27.30 -16.10
C ASP M 89 -26.15 27.80 -15.20
N ILE M 90 -25.15 28.43 -15.83
CA ILE M 90 -23.87 28.75 -15.18
C ILE M 90 -23.40 30.14 -15.60
N LEU M 91 -23.09 30.97 -14.60
CA LEU M 91 -22.39 32.25 -14.83
C LEU M 91 -21.06 32.26 -14.07
N VAL M 92 -19.97 32.56 -14.75
CA VAL M 92 -18.66 32.80 -14.12
C VAL M 92 -18.36 34.29 -14.36
N ALA M 93 -18.41 35.10 -13.30
CA ALA M 93 -18.16 36.53 -13.39
C ALA M 93 -16.70 36.77 -13.16
N GLY M 94 -15.92 36.74 -14.25
CA GLY M 94 -14.47 36.87 -14.22
C GLY M 94 -13.91 38.23 -14.66
N GLY M 95 -14.77 39.11 -15.17
CA GLY M 95 -14.32 40.43 -15.60
C GLY M 95 -13.75 41.17 -14.40
N ALA M 96 -12.58 41.79 -14.57
CA ALA M 96 -11.91 42.50 -13.50
C ALA M 96 -10.72 43.35 -13.96
N LEU M 97 -10.66 44.58 -13.45
CA LEU M 97 -9.43 45.39 -13.51
C LEU M 97 -8.50 44.96 -12.37
N LYS M 98 -7.24 44.70 -12.69
CA LYS M 98 -6.23 44.36 -11.67
C LYS M 98 -5.23 45.49 -11.57
N GLY M 99 -4.32 45.41 -10.60
CA GLY M 99 -3.24 46.38 -10.48
C GLY M 99 -3.39 47.33 -9.32
N GLY M 100 -2.25 47.86 -8.86
CA GLY M 100 -2.19 48.84 -7.78
C GLY M 100 -2.03 50.25 -8.33
N THR M 101 -2.00 51.21 -7.42
CA THR M 101 -1.96 52.63 -7.80
C THR M 101 -0.83 53.39 -7.09
N GLY M 102 -0.53 53.01 -5.86
CA GLY M 102 0.36 53.77 -5.00
C GLY M 102 -0.21 53.79 -3.59
N ASN M 103 0.41 54.57 -2.73
CA ASN M 103 -0.03 54.64 -1.35
C ASN M 103 -1.45 55.17 -1.25
N PHE M 104 -2.20 54.67 -0.24
CA PHE M 104 -3.55 55.18 0.03
C PHE M 104 -3.61 56.71 0.14
N LEU M 105 -2.61 57.35 0.76
CA LEU M 105 -2.58 58.81 0.89
C LEU M 105 -2.78 59.59 -0.42
N ASP M 106 -2.28 59.03 -1.53
CA ASP M 106 -2.31 59.65 -2.85
C ASP M 106 -3.33 59.03 -3.78
N LEU M 107 -4.21 58.17 -3.26
CA LEU M 107 -5.17 57.51 -4.10
C LEU M 107 -6.21 58.52 -4.60
N SER M 108 -6.36 58.63 -5.92
CA SER M 108 -7.26 59.64 -6.50
C SER M 108 -8.70 59.11 -6.61
N ASP M 109 -9.64 60.04 -6.66
CA ASP M 109 -11.06 59.75 -6.90
C ASP M 109 -11.26 58.93 -8.16
N ALA M 110 -10.52 59.27 -9.22
CA ALA M 110 -10.66 58.56 -10.51
C ALA M 110 -10.25 57.08 -10.42
N ASP M 111 -9.15 56.81 -9.71
CA ASP M 111 -8.71 55.42 -9.53
C ASP M 111 -9.68 54.65 -8.62
N TRP M 112 -10.09 55.26 -7.53
CA TRP M 112 -11.12 54.66 -6.66
C TRP M 112 -12.36 54.27 -7.46
N ASP M 113 -12.91 55.26 -8.18
CA ASP M 113 -14.16 55.04 -8.95
C ASP M 113 -14.00 53.97 -10.01
N ARG M 114 -12.83 53.86 -10.59
CA ARG M 114 -12.66 52.95 -11.69
C ARG M 114 -12.65 51.51 -11.19
N TYR M 115 -11.97 51.28 -10.07
CA TYR M 115 -11.90 49.93 -9.49
C TYR M 115 -13.26 49.50 -8.89
N VAL M 116 -13.90 50.39 -8.16
CA VAL M 116 -15.20 50.10 -7.55
C VAL M 116 -16.23 49.89 -8.67
N ASP M 117 -16.32 50.85 -9.61
CA ASP M 117 -17.28 50.73 -10.73
C ASP M 117 -17.09 49.47 -11.59
N VAL M 118 -15.86 49.19 -12.01
CA VAL M 118 -15.65 48.07 -12.90
C VAL M 118 -15.74 46.73 -12.16
N ASN M 119 -15.03 46.61 -11.04
CA ASN M 119 -14.92 45.31 -10.37
C ASN M 119 -16.09 44.95 -9.47
N MET M 120 -16.55 45.91 -8.65
CA MET M 120 -17.68 45.67 -7.75
C MET M 120 -19.02 45.83 -8.47
N THR M 121 -19.31 47.02 -9.01
CA THR M 121 -20.59 47.29 -9.66
C THR M 121 -20.79 46.47 -10.93
N GLY M 122 -19.72 46.26 -11.69
CA GLY M 122 -19.81 45.45 -12.89
C GLY M 122 -20.17 44.01 -12.59
N THR M 123 -19.56 43.45 -11.53
CA THR M 123 -19.91 42.10 -11.07
C THR M 123 -21.36 42.03 -10.59
N PHE M 124 -21.79 43.06 -9.84
CA PHE M 124 -23.21 43.15 -9.42
C PHE M 124 -24.20 43.15 -10.60
N LEU M 125 -23.97 44.04 -11.56
CA LEU M 125 -24.85 44.14 -12.74
C LEU M 125 -24.91 42.84 -13.55
N THR M 126 -23.75 42.23 -13.76
CA THR M 126 -23.65 41.00 -14.50
C THR M 126 -24.38 39.88 -13.76
N CYS M 127 -24.16 39.78 -12.44
CA CYS M 127 -24.78 38.70 -11.65
C CYS M 127 -26.28 38.90 -11.48
N ARG M 128 -26.74 40.14 -11.39
CA ARG M 128 -28.20 40.39 -11.31
C ARG M 128 -28.88 39.94 -12.63
N ALA M 129 -28.30 40.33 -13.75
CA ALA M 129 -28.79 39.93 -15.07
C ALA M 129 -28.81 38.41 -15.20
N GLY M 130 -27.71 37.79 -14.79
CA GLY M 130 -27.60 36.34 -14.88
C GLY M 130 -28.65 35.66 -14.03
N ALA M 131 -28.82 36.13 -12.80
CA ALA M 131 -29.71 35.46 -11.87
C ALA M 131 -31.17 35.53 -12.38
N ARG M 132 -31.55 36.71 -12.88
CA ARG M 132 -32.88 36.89 -13.46
C ARG M 132 -33.10 35.97 -14.65
N ALA M 133 -32.10 35.86 -15.53
CA ALA M 133 -32.19 34.94 -16.66
C ALA M 133 -32.33 33.47 -16.20
N MET M 134 -31.60 33.11 -15.15
CA MET M 134 -31.65 31.73 -14.64
C MET M 134 -33.05 31.40 -14.12
N VAL M 135 -33.65 32.36 -13.43
CA VAL M 135 -35.01 32.19 -12.91
C VAL M 135 -35.99 32.12 -14.09
N ALA M 136 -35.91 33.07 -15.01
CA ALA M 136 -36.72 33.05 -16.22
C ALA M 136 -36.59 31.71 -16.96
N ALA M 137 -35.39 31.10 -16.97
CA ALA M 137 -35.21 29.84 -17.69
C ALA M 137 -35.58 28.61 -16.87
N GLY M 138 -36.08 28.80 -15.65
CA GLY M 138 -36.62 27.71 -14.85
C GLY M 138 -35.64 27.03 -13.89
N ALA M 139 -34.66 27.77 -13.36
CA ALA M 139 -33.72 27.24 -12.38
C ALA M 139 -34.43 26.50 -11.24
N GLY M 140 -34.02 25.26 -10.98
CA GLY M 140 -34.58 24.48 -9.88
C GLY M 140 -35.67 23.49 -10.26
N LYS M 141 -36.48 23.82 -11.29
CA LYS M 141 -37.64 22.99 -11.70
C LYS M 141 -37.16 21.60 -12.08
N ASP M 142 -35.88 21.54 -12.43
CA ASP M 142 -35.12 20.33 -12.66
C ASP M 142 -34.95 19.43 -11.41
N GLY M 143 -34.98 20.02 -10.22
CA GLY M 143 -34.45 19.39 -9.00
C GLY M 143 -33.01 19.83 -8.77
N ARG M 144 -32.40 20.30 -9.84
CA ARG M 144 -31.02 20.76 -9.87
C ARG M 144 -30.99 22.28 -9.87
N SER M 145 -29.86 22.84 -9.44
CA SER M 145 -29.75 24.30 -9.25
C SER M 145 -28.83 24.96 -10.27
N ALA M 146 -29.15 26.17 -10.67
CA ALA M 146 -28.24 26.99 -11.45
C ALA M 146 -27.07 27.43 -10.55
N ARG M 147 -26.03 28.00 -11.13
CA ARG M 147 -24.77 28.24 -10.41
C ARG M 147 -24.15 29.57 -10.81
N ILE M 148 -23.92 30.44 -9.82
CA ILE M 148 -23.14 31.66 -10.02
C ILE M 148 -21.79 31.54 -9.29
N ILE M 149 -20.71 31.84 -10.02
CA ILE M 149 -19.34 31.70 -9.54
C ILE M 149 -18.64 33.05 -9.78
N THR M 150 -18.22 33.69 -8.68
CA THR M 150 -17.48 34.98 -8.76
C THR M 150 -15.96 34.73 -8.58
N ILE M 151 -15.16 35.56 -9.21
CA ILE M 151 -13.71 35.44 -9.09
C ILE M 151 -13.25 36.61 -8.23
N GLY M 152 -12.89 36.29 -7.00
CA GLY M 152 -12.40 37.31 -6.07
C GLY M 152 -10.89 37.19 -6.05
N SER M 153 -10.31 37.05 -4.85
CA SER M 153 -8.85 37.09 -4.68
C SER M 153 -8.52 36.85 -3.20
N VAL M 154 -7.30 36.48 -2.90
CA VAL M 154 -6.83 36.50 -1.49
C VAL M 154 -6.96 37.95 -0.94
N ASN M 155 -6.91 38.93 -1.83
CA ASN M 155 -7.16 40.32 -1.44
C ASN M 155 -8.64 40.62 -1.02
N SER M 156 -9.52 39.64 -1.16
CA SER M 156 -10.85 39.74 -0.57
C SER M 156 -10.81 39.65 0.97
N PHE M 157 -9.68 39.17 1.51
CA PHE M 157 -9.50 38.87 2.93
C PHE M 157 -8.26 39.50 3.58
N MET M 158 -7.17 39.62 2.83
CA MET M 158 -5.93 40.23 3.29
C MET M 158 -5.38 41.23 2.26
N ALA M 159 -4.83 42.35 2.73
CA ALA M 159 -4.45 43.43 1.83
C ALA M 159 -2.98 43.32 1.36
N GLU M 160 -2.77 43.44 0.07
CA GLU M 160 -1.44 43.78 -0.50
C GLU M 160 -1.19 45.25 -0.31
N PRO M 161 0.06 45.70 -0.33
CA PRO M 161 0.37 47.12 -0.29
C PRO M 161 0.05 47.85 -1.58
N GLU M 162 -0.33 49.11 -1.43
CA GLU M 162 -0.46 50.07 -2.54
C GLU M 162 -1.52 49.73 -3.57
N ALA M 163 -2.65 49.21 -3.10
CA ALA M 163 -3.71 48.76 -4.00
C ALA M 163 -5.09 48.85 -3.31
N ALA M 164 -5.31 49.90 -2.53
CA ALA M 164 -6.46 50.00 -1.66
C ALA M 164 -7.80 49.93 -2.40
N ALA M 165 -7.86 50.49 -3.62
CA ALA M 165 -9.08 50.50 -4.40
C ALA M 165 -9.43 49.10 -4.86
N TYR M 166 -8.45 48.42 -5.43
CA TYR M 166 -8.62 47.01 -5.84
C TYR M 166 -8.97 46.11 -4.64
N VAL M 167 -8.31 46.30 -3.52
CA VAL M 167 -8.50 45.45 -2.31
C VAL M 167 -9.92 45.68 -1.72
N ALA M 168 -10.31 46.93 -1.55
CA ALA M 168 -11.69 47.30 -1.14
C ALA M 168 -12.79 46.68 -2.05
N ALA M 169 -12.66 46.81 -3.35
CA ALA M 169 -13.60 46.19 -4.31
C ALA M 169 -13.67 44.66 -4.20
N LYS M 170 -12.54 44.01 -3.98
CA LYS M 170 -12.54 42.56 -3.72
C LYS M 170 -13.25 42.14 -2.41
N GLY M 171 -13.17 42.95 -1.36
CA GLY M 171 -13.98 42.65 -0.15
C GLY M 171 -15.47 42.84 -0.44
N GLY M 172 -15.77 43.87 -1.24
CA GLY M 172 -17.09 44.09 -1.72
C GLY M 172 -17.67 42.92 -2.48
N VAL M 173 -16.87 42.35 -3.37
CA VAL M 173 -17.28 41.17 -4.16
C VAL M 173 -17.46 39.94 -3.30
N ALA M 174 -16.59 39.79 -2.31
CA ALA M 174 -16.73 38.66 -1.38
C ALA M 174 -18.08 38.69 -0.61
N MET M 175 -18.46 39.85 -0.08
CA MET M 175 -19.73 39.96 0.65
C MET M 175 -20.97 40.01 -0.27
N LEU M 176 -20.83 40.60 -1.46
CA LEU M 176 -21.85 40.46 -2.47
C LEU M 176 -22.15 38.97 -2.75
N THR M 177 -21.10 38.18 -2.83
CA THR M 177 -21.25 36.75 -3.11
C THR M 177 -22.10 36.05 -2.06
N ARG M 178 -21.83 36.36 -0.80
CA ARG M 178 -22.58 35.75 0.30
C ARG M 178 -24.03 36.23 0.39
N ALA M 179 -24.24 37.51 0.12
CA ALA M 179 -25.61 38.08 0.10
C ALA M 179 -26.41 37.43 -1.03
N MET M 180 -25.77 37.22 -2.18
CA MET M 180 -26.42 36.54 -3.31
C MET M 180 -26.75 35.11 -2.97
N ALA M 181 -25.83 34.42 -2.27
CA ALA M 181 -26.09 33.03 -1.90
C ALA M 181 -27.32 32.95 -0.99
N VAL M 182 -27.40 33.83 -0.01
CA VAL M 182 -28.52 33.84 0.91
C VAL M 182 -29.86 34.12 0.18
N ASP M 183 -29.93 35.15 -0.66
CA ASP M 183 -31.17 35.58 -1.30
C ASP M 183 -31.61 34.69 -2.45
N LEU M 184 -30.66 34.02 -3.11
CA LEU M 184 -30.99 33.19 -4.27
C LEU M 184 -31.16 31.72 -4.02
N ALA M 185 -30.90 31.28 -2.80
CA ALA M 185 -31.12 29.86 -2.44
C ALA M 185 -32.59 29.43 -2.69
N ARG M 186 -33.55 30.28 -2.33
CA ARG M 186 -34.96 29.94 -2.56
C ARG M 186 -35.31 29.80 -4.04
N HIS M 187 -34.53 30.46 -4.90
CA HIS M 187 -34.75 30.45 -6.36
C HIS M 187 -33.95 29.41 -7.10
N GLY M 188 -33.42 28.43 -6.37
CA GLY M 188 -32.62 27.35 -6.96
C GLY M 188 -31.29 27.73 -7.56
N ILE M 189 -30.62 28.77 -7.05
CA ILE M 189 -29.28 29.16 -7.52
C ILE M 189 -28.25 29.08 -6.38
N LEU M 190 -27.12 28.41 -6.63
CA LEU M 190 -26.01 28.34 -5.69
C LEU M 190 -24.94 29.36 -6.09
N VAL M 191 -24.38 30.06 -5.11
CA VAL M 191 -23.45 31.13 -5.39
C VAL M 191 -22.19 30.97 -4.54
N ASN M 192 -21.04 30.91 -5.22
CA ASN M 192 -19.73 30.75 -4.51
C ASN M 192 -18.66 31.59 -5.17
N MET M 193 -17.57 31.86 -4.43
CA MET M 193 -16.42 32.63 -4.91
C MET M 193 -15.16 31.75 -5.04
N ILE M 194 -14.31 32.09 -6.01
CA ILE M 194 -13.00 31.47 -6.12
C ILE M 194 -12.02 32.57 -5.74
N ALA M 195 -11.09 32.27 -4.81
CA ALA M 195 -10.10 33.27 -4.38
C ALA M 195 -8.67 32.82 -4.80
N PRO M 196 -8.20 33.26 -5.99
CA PRO M 196 -6.81 32.94 -6.39
C PRO M 196 -5.77 33.78 -5.68
N GLY M 197 -4.65 33.16 -5.34
CA GLY M 197 -3.44 33.90 -4.96
C GLY M 197 -2.73 34.34 -6.23
N PRO M 198 -1.38 34.42 -6.19
CA PRO M 198 -0.67 34.85 -7.40
C PRO M 198 -0.80 33.86 -8.54
N VAL M 199 -1.17 34.37 -9.71
CA VAL M 199 -1.39 33.55 -10.90
C VAL M 199 -0.57 34.15 -12.05
N ASP M 200 0.26 33.34 -12.70
CA ASP M 200 1.06 33.82 -13.83
C ASP M 200 0.18 33.71 -15.08
N VAL M 201 -0.12 34.86 -15.67
CA VAL M 201 -0.99 34.98 -16.83
C VAL M 201 -0.19 35.40 -18.08
N THR M 202 1.14 35.30 -18.03
CA THR M 202 1.98 35.69 -19.17
C THR M 202 2.04 34.61 -20.25
N GLY M 203 1.79 33.35 -19.91
CA GLY M 203 2.03 32.21 -20.81
C GLY M 203 3.52 31.98 -21.02
N ASN M 204 4.32 32.75 -20.29
CA ASN M 204 5.74 32.92 -20.54
C ASN M 204 6.61 32.57 -19.33
N ASN M 205 5.99 32.12 -18.24
CA ASN M 205 6.64 32.04 -16.95
C ASN M 205 7.48 33.31 -16.66
N THR M 206 6.92 34.51 -16.91
CA THR M 206 7.59 35.79 -16.59
C THR M 206 6.76 36.75 -15.73
N GLY M 207 5.56 36.35 -15.30
CA GLY M 207 4.68 37.24 -14.52
C GLY M 207 5.28 37.75 -13.20
N TYR M 208 6.00 36.87 -12.51
CA TYR M 208 6.51 37.17 -11.16
C TYR M 208 8.04 37.07 -11.13
N SER M 209 8.65 37.50 -12.22
CA SER M 209 10.09 37.31 -12.40
C SER M 209 10.93 38.48 -11.91
N GLU M 210 10.34 39.65 -11.66
CA GLU M 210 11.10 40.73 -11.02
C GLU M 210 11.76 40.16 -9.73
N PRO M 211 13.06 40.41 -9.54
CA PRO M 211 13.80 39.68 -8.49
C PRO M 211 13.28 39.79 -7.03
N ARG M 212 12.95 40.99 -6.59
CA ARG M 212 12.37 41.18 -5.25
C ARG M 212 11.01 40.42 -5.13
N LEU M 213 10.17 40.53 -6.17
CA LEU M 213 8.89 39.87 -6.19
C LEU M 213 9.08 38.34 -6.13
N ALA M 214 10.03 37.82 -6.91
CA ALA M 214 10.20 36.38 -7.01
C ALA M 214 10.63 35.86 -5.63
N GLU M 215 11.47 36.63 -4.96
CA GLU M 215 11.92 36.30 -3.63
C GLU M 215 10.75 36.27 -2.60
N GLN M 216 9.81 37.21 -2.73
CA GLN M 216 8.67 37.25 -1.79
C GLN M 216 7.65 36.15 -2.09
N VAL M 217 7.53 35.75 -3.36
CA VAL M 217 6.68 34.60 -3.71
C VAL M 217 7.23 33.33 -3.09
N LEU M 218 8.57 33.17 -3.14
CA LEU M 218 9.22 32.02 -2.49
C LEU M 218 9.02 32.01 -0.96
N ASP M 219 9.09 33.17 -0.34
CA ASP M 219 8.85 33.30 1.08
C ASP M 219 7.38 33.08 1.47
N GLU M 220 6.44 33.72 0.75
CA GLU M 220 5.05 33.78 1.18
C GLU M 220 4.11 32.69 0.62
N VAL M 221 4.47 32.05 -0.48
CA VAL M 221 3.66 30.97 -1.02
C VAL M 221 4.29 29.63 -0.64
N ALA M 222 3.55 28.77 0.06
CA ALA M 222 4.11 27.52 0.53
C ALA M 222 4.68 26.67 -0.64
N LEU M 223 3.97 26.64 -1.77
CA LEU M 223 4.42 25.89 -2.95
C LEU M 223 5.53 26.63 -3.74
N GLY M 224 5.83 27.87 -3.37
CA GLY M 224 7.03 28.54 -3.84
C GLY M 224 6.97 29.06 -5.26
N ARG M 225 5.77 29.19 -5.80
CA ARG M 225 5.58 29.63 -7.17
C ARG M 225 4.20 30.25 -7.34
N PRO M 226 4.00 31.02 -8.42
CA PRO M 226 2.65 31.38 -8.86
C PRO M 226 1.88 30.21 -9.47
N GLY M 227 0.56 30.36 -9.48
CA GLY M 227 -0.32 29.38 -10.08
C GLY M 227 -0.45 29.63 -11.56
N LEU M 228 -0.98 28.63 -12.25
CA LEU M 228 -1.39 28.76 -13.63
C LEU M 228 -2.92 28.90 -13.73
N PRO M 229 -3.40 29.61 -14.77
CA PRO M 229 -4.84 29.79 -14.97
C PRO M 229 -5.64 28.48 -14.92
N GLU M 230 -5.09 27.41 -15.48
CA GLU M 230 -5.74 26.10 -15.48
C GLU M 230 -5.98 25.60 -14.07
N GLU M 231 -5.06 25.92 -13.17
CA GLU M 231 -5.19 25.53 -11.76
C GLU M 231 -6.35 26.23 -11.04
N VAL M 232 -6.83 27.34 -11.58
CA VAL M 232 -8.03 28.02 -11.07
C VAL M 232 -9.31 27.51 -11.75
N ALA M 233 -9.25 27.36 -13.08
CA ALA M 233 -10.39 26.90 -13.87
C ALA M 233 -10.95 25.57 -13.36
N THR M 234 -10.09 24.68 -12.89
CA THR M 234 -10.58 23.41 -12.39
C THR M 234 -11.69 23.57 -11.30
N ALA M 235 -11.56 24.59 -10.45
CA ALA M 235 -12.54 24.87 -9.40
C ALA M 235 -13.87 25.39 -9.97
N ALA M 236 -13.80 26.09 -11.11
CA ALA M 236 -15.00 26.59 -11.78
C ALA M 236 -15.84 25.43 -12.29
N VAL M 237 -15.20 24.35 -12.74
CA VAL M 237 -15.89 23.13 -13.15
C VAL M 237 -16.53 22.46 -11.92
N PHE M 238 -15.74 22.32 -10.86
CA PHE M 238 -16.25 21.70 -9.63
C PHE M 238 -17.52 22.39 -9.13
N LEU M 239 -17.47 23.72 -9.08
CA LEU M 239 -18.58 24.50 -8.53
C LEU M 239 -19.82 24.54 -9.50
N ALA M 240 -19.61 24.24 -10.78
CA ALA M 240 -20.71 24.25 -11.76
C ALA M 240 -21.39 22.86 -11.90
N GLU M 241 -20.75 21.79 -11.45
CA GLU M 241 -21.29 20.46 -11.69
C GLU M 241 -22.39 20.06 -10.70
N ASP M 242 -23.19 19.08 -11.09
CA ASP M 242 -24.37 18.64 -10.32
C ASP M 242 -24.03 18.17 -8.92
N GLY M 243 -22.83 17.61 -8.75
CA GLY M 243 -22.42 17.04 -7.47
C GLY M 243 -22.24 18.05 -6.35
N SER M 244 -22.00 19.31 -6.70
CA SER M 244 -21.75 20.38 -5.70
C SER M 244 -23.03 21.08 -5.19
N SER M 245 -24.08 20.27 -5.04
CA SER M 245 -25.41 20.77 -4.81
C SER M 245 -25.66 21.22 -3.34
N PHE M 246 -24.74 20.97 -2.41
CA PHE M 246 -24.88 21.53 -1.04
C PHE M 246 -23.86 22.65 -0.72
N ILE M 247 -23.22 23.17 -1.75
CA ILE M 247 -22.15 24.14 -1.60
C ILE M 247 -22.65 25.49 -2.08
N THR M 248 -22.85 26.41 -1.12
CA THR M 248 -23.26 27.77 -1.45
C THR M 248 -22.80 28.78 -0.37
N GLY M 249 -22.50 29.99 -0.80
CA GLY M 249 -22.01 31.04 0.12
C GLY M 249 -20.55 30.87 0.56
N SER M 250 -19.79 30.01 -0.11
CA SER M 250 -18.45 29.64 0.31
C SER M 250 -17.37 30.17 -0.64
N THR M 251 -16.14 30.02 -0.21
CA THR M 251 -14.98 30.42 -1.00
C THR M 251 -14.08 29.21 -1.20
N ILE M 252 -13.59 29.01 -2.41
CA ILE M 252 -12.53 28.06 -2.67
C ILE M 252 -11.26 28.87 -2.92
N THR M 253 -10.27 28.72 -2.04
CA THR M 253 -9.04 29.52 -2.12
C THR M 253 -7.95 28.72 -2.82
N ILE M 254 -7.33 29.33 -3.81
CA ILE M 254 -6.38 28.62 -4.71
C ILE M 254 -5.12 29.46 -4.75
N ASP M 255 -4.24 29.27 -3.77
CA ASP M 255 -3.13 30.23 -3.56
C ASP M 255 -1.78 29.59 -3.17
N GLY M 256 -1.65 28.27 -3.30
CA GLY M 256 -0.41 27.57 -2.94
C GLY M 256 -0.02 27.70 -1.46
N GLY M 257 -0.98 27.98 -0.59
CA GLY M 257 -0.75 28.11 0.84
C GLY M 257 -0.50 29.55 1.33
N LEU M 258 -0.53 30.52 0.44
CA LEU M 258 -0.28 31.89 0.82
C LEU M 258 -1.06 32.27 2.09
N SER M 259 -2.37 32.12 2.07
CA SER M 259 -3.22 32.65 3.15
C SER M 259 -3.22 31.77 4.38
N ALA M 260 -2.64 30.58 4.30
CA ALA M 260 -2.53 29.65 5.40
C ALA M 260 -1.27 29.83 6.27
N MET M 261 -0.31 30.60 5.80
CA MET M 261 1.06 30.56 6.38
C MET M 261 1.49 31.93 6.84
N ILE M 262 2.21 31.98 7.97
CA ILE M 262 2.94 33.21 8.37
C ILE M 262 4.45 32.88 8.57
N PHE M 263 5.33 33.88 8.42
CA PHE M 263 6.78 33.67 8.53
C PHE M 263 7.32 32.50 7.65
N GLY M 264 6.76 32.37 6.46
CA GLY M 264 7.19 31.37 5.49
C GLY M 264 8.65 31.55 5.08
N GLY M 265 9.16 32.77 5.16
CA GLY M 265 10.59 32.98 4.88
C GLY M 265 11.54 32.27 5.86
N MET M 266 11.01 31.87 7.02
CA MET M 266 11.79 31.17 8.03
C MET M 266 11.80 29.66 7.87
N ARG M 267 11.01 29.10 6.96
CA ARG M 267 10.92 27.64 6.82
C ARG M 267 12.15 27.00 6.23
N GLU M 268 12.35 25.72 6.57
CA GLU M 268 13.46 24.92 6.11
C GLU M 268 13.35 24.89 4.62
N GLY M 269 14.44 25.17 3.92
CA GLY M 269 14.41 25.19 2.46
C GLY M 269 14.43 26.62 1.96
N ARG M 270 14.06 27.57 2.81
CA ARG M 270 14.07 28.99 2.44
C ARG M 270 15.12 29.76 3.22
N ARG M 271 15.16 29.57 4.52
CA ARG M 271 16.15 30.24 5.38
C ARG M 271 17.57 29.80 5.03
N GLY N 11 -61.74 4.61 -98.04
CA GLY N 11 -61.16 5.72 -97.21
C GLY N 11 -61.99 6.11 -96.00
N ARG N 12 -61.33 6.59 -94.96
CA ARG N 12 -62.01 6.83 -93.66
C ARG N 12 -63.01 7.99 -93.69
N LEU N 13 -62.91 8.85 -94.70
CA LEU N 13 -63.81 9.97 -94.88
C LEU N 13 -64.60 9.81 -96.21
N ALA N 14 -64.82 8.56 -96.61
CA ALA N 14 -65.42 8.26 -97.93
C ALA N 14 -66.81 8.90 -98.03
N GLY N 15 -66.97 9.79 -99.00
CA GLY N 15 -68.29 10.40 -99.26
C GLY N 15 -68.65 11.62 -98.41
N LYS N 16 -67.74 12.08 -97.55
CA LYS N 16 -68.02 13.23 -96.70
C LYS N 16 -67.63 14.53 -97.43
N ALA N 17 -68.40 15.57 -97.19
CA ALA N 17 -68.15 16.89 -97.75
C ALA N 17 -67.43 17.77 -96.71
N ALA N 18 -66.27 18.30 -97.07
CA ALA N 18 -65.44 19.06 -96.14
C ALA N 18 -65.06 20.44 -96.70
N ILE N 19 -65.08 21.45 -95.83
CA ILE N 19 -64.42 22.74 -96.10
C ILE N 19 -63.17 22.87 -95.20
N VAL N 20 -62.02 23.18 -95.80
CA VAL N 20 -60.81 23.51 -95.08
C VAL N 20 -60.40 24.97 -95.36
N THR N 21 -60.40 25.81 -94.34
CA THR N 21 -59.91 27.19 -94.50
C THR N 21 -58.40 27.24 -94.23
N GLY N 22 -57.77 28.32 -94.65
CA GLY N 22 -56.32 28.46 -94.63
C GLY N 22 -55.65 27.37 -95.43
N ALA N 23 -56.30 26.95 -96.53
CA ALA N 23 -55.94 25.73 -97.25
C ALA N 23 -54.69 25.85 -98.12
N ALA N 24 -54.21 27.06 -98.34
CA ALA N 24 -52.91 27.26 -99.02
C ALA N 24 -51.73 27.01 -98.02
N GLY N 25 -51.86 27.48 -96.78
CA GLY N 25 -50.83 27.32 -95.74
C GLY N 25 -50.50 25.88 -95.34
N GLY N 26 -49.33 25.69 -94.73
CA GLY N 26 -48.84 24.37 -94.30
C GLY N 26 -49.84 23.38 -93.75
N ILE N 27 -50.38 23.64 -92.56
CA ILE N 27 -51.35 22.73 -91.94
C ILE N 27 -52.64 22.55 -92.79
N GLY N 28 -53.19 23.67 -93.26
CA GLY N 28 -54.39 23.62 -94.11
C GLY N 28 -54.17 22.79 -95.37
N ARG N 29 -53.03 23.00 -96.02
CA ARG N 29 -52.65 22.23 -97.19
C ARG N 29 -52.53 20.75 -96.87
N ALA N 30 -51.79 20.40 -95.81
CA ALA N 30 -51.62 18.99 -95.44
C ALA N 30 -52.98 18.35 -95.12
N THR N 31 -53.90 19.15 -94.61
CA THR N 31 -55.23 18.62 -94.27
C THR N 31 -56.09 18.35 -95.52
N VAL N 32 -56.12 19.31 -96.45
CA VAL N 32 -56.73 19.10 -97.78
C VAL N 32 -56.25 17.76 -98.42
N GLU N 33 -54.93 17.56 -98.43
CA GLU N 33 -54.34 16.34 -99.04
C GLU N 33 -54.73 15.05 -98.30
N ALA N 34 -54.72 15.09 -96.96
CA ALA N 34 -55.10 13.89 -96.17
C ALA N 34 -56.58 13.60 -96.36
N TYR N 35 -57.40 14.65 -96.44
CA TYR N 35 -58.86 14.49 -96.64
C TYR N 35 -59.17 13.90 -98.03
N LEU N 36 -58.54 14.41 -99.08
CA LEU N 36 -58.69 13.85 -100.44
C LEU N 36 -58.24 12.39 -100.47
N ARG N 37 -57.07 12.12 -99.92
CA ARG N 37 -56.59 10.74 -99.79
C ARG N 37 -57.55 9.80 -99.05
N GLU N 38 -58.40 10.32 -98.17
CA GLU N 38 -59.31 9.47 -97.38
C GLU N 38 -60.74 9.45 -97.93
N GLY N 39 -60.93 10.01 -99.12
CA GLY N 39 -62.17 9.85 -99.88
C GLY N 39 -63.18 10.98 -99.77
N ALA N 40 -62.77 12.11 -99.20
CA ALA N 40 -63.69 13.22 -98.98
C ALA N 40 -63.70 14.11 -100.21
N SER N 41 -64.80 14.84 -100.40
CA SER N 41 -64.84 15.94 -101.33
C SER N 41 -64.44 17.17 -100.54
N VAL N 42 -63.53 17.96 -101.09
CA VAL N 42 -62.91 19.02 -100.32
C VAL N 42 -62.90 20.37 -101.03
N VAL N 43 -63.48 21.38 -100.38
CA VAL N 43 -63.23 22.76 -100.79
C VAL N 43 -61.97 23.29 -100.07
N ALA N 44 -61.06 23.89 -100.83
CA ALA N 44 -59.89 24.53 -100.28
C ALA N 44 -60.08 26.02 -100.31
N MET N 45 -60.20 26.63 -99.14
CA MET N 45 -60.47 28.07 -99.03
C MET N 45 -59.25 28.80 -98.54
N ASP N 46 -58.89 29.88 -99.21
CA ASP N 46 -57.84 30.76 -98.77
C ASP N 46 -57.87 32.04 -99.61
N LEU N 47 -56.95 32.96 -99.37
CA LEU N 47 -56.85 34.16 -100.18
C LEU N 47 -56.64 33.79 -101.65
N ALA N 48 -57.18 34.60 -102.56
CA ALA N 48 -57.12 34.32 -104.01
C ALA N 48 -55.69 34.12 -104.50
N PRO N 49 -54.79 35.09 -104.20
CA PRO N 49 -53.39 34.94 -104.61
C PRO N 49 -52.79 33.60 -104.15
N ARG N 50 -52.99 33.26 -102.87
CA ARG N 50 -52.37 32.08 -102.28
C ARG N 50 -52.86 30.80 -102.96
N LEU N 51 -54.17 30.69 -103.16
CA LEU N 51 -54.75 29.56 -103.89
C LEU N 51 -54.12 29.46 -105.29
N ALA N 52 -53.95 30.61 -105.94
CA ALA N 52 -53.34 30.67 -107.28
C ALA N 52 -51.93 30.09 -107.24
N ALA N 53 -51.19 30.38 -106.16
CA ALA N 53 -49.79 29.96 -106.02
C ALA N 53 -49.56 28.55 -105.43
N THR N 54 -50.61 27.76 -105.19
CA THR N 54 -50.42 26.45 -104.53
C THR N 54 -50.76 25.26 -105.44
N ARG N 55 -50.11 24.14 -105.20
CA ARG N 55 -50.44 22.88 -105.85
C ARG N 55 -50.64 21.86 -104.77
N TYR N 56 -51.55 20.93 -104.97
CA TYR N 56 -51.77 19.83 -104.05
C TYR N 56 -51.23 18.55 -104.64
N GLU N 57 -50.65 17.70 -103.79
CA GLU N 57 -50.13 16.39 -104.22
C GLU N 57 -51.25 15.36 -104.43
N GLU N 58 -52.49 15.73 -104.16
CA GLU N 58 -53.65 14.87 -104.44
C GLU N 58 -54.65 15.65 -105.30
N PRO N 59 -55.35 14.97 -106.24
CA PRO N 59 -56.32 15.63 -107.11
C PRO N 59 -57.72 15.69 -106.50
N GLY N 60 -58.52 16.69 -106.92
CA GLY N 60 -59.93 16.80 -106.52
C GLY N 60 -60.33 18.05 -105.73
N ALA N 61 -59.37 18.82 -105.26
CA ALA N 61 -59.65 20.01 -104.46
C ALA N 61 -60.46 21.07 -105.23
N ILE N 62 -61.53 21.57 -104.62
CA ILE N 62 -62.30 22.63 -105.21
C ILE N 62 -61.88 23.96 -104.59
N PRO N 63 -61.04 24.74 -105.31
CA PRO N 63 -60.58 26.00 -104.73
C PRO N 63 -61.68 27.07 -104.71
N ILE N 64 -61.79 27.80 -103.60
CA ILE N 64 -62.73 28.91 -103.48
C ILE N 64 -62.08 30.03 -102.69
N ALA N 65 -61.92 31.18 -103.34
CA ALA N 65 -61.26 32.33 -102.72
C ALA N 65 -62.11 32.92 -101.60
N CYS N 66 -61.44 33.37 -100.53
CA CYS N 66 -62.12 34.04 -99.42
C CYS N 66 -61.21 35.03 -98.71
N ASP N 67 -61.78 35.77 -97.77
CA ASP N 67 -61.05 36.82 -97.07
C ASP N 67 -61.44 36.92 -95.58
N LEU N 68 -60.80 36.07 -94.77
CA LEU N 68 -61.04 36.00 -93.32
C LEU N 68 -60.67 37.33 -92.66
N ASP N 70 -64.34 40.71 -96.36
CA ASP N 70 -64.83 40.92 -95.00
C ASP N 70 -65.71 39.76 -94.52
N ARG N 71 -66.56 40.06 -93.54
CA ARG N 71 -67.65 39.19 -93.08
C ARG N 71 -68.60 38.83 -94.24
N ALA N 72 -68.88 39.82 -95.09
CA ALA N 72 -69.62 39.59 -96.33
C ALA N 72 -68.91 38.53 -97.15
N ALA N 73 -67.59 38.66 -97.26
CA ALA N 73 -66.76 37.71 -98.01
C ALA N 73 -66.91 36.27 -97.47
N ILE N 74 -66.82 36.12 -96.15
CA ILE N 74 -66.91 34.79 -95.50
C ILE N 74 -68.21 34.12 -95.83
N ASP N 75 -69.33 34.82 -95.61
CA ASP N 75 -70.65 34.24 -95.94
C ASP N 75 -70.76 33.83 -97.41
N ALA N 76 -70.32 34.72 -98.31
CA ALA N 76 -70.39 34.45 -99.76
C ALA N 76 -69.61 33.19 -100.13
N ALA N 77 -68.36 33.11 -99.64
CA ALA N 77 -67.50 31.97 -99.91
C ALA N 77 -68.05 30.66 -99.32
N MET N 78 -68.63 30.73 -98.12
CA MET N 78 -69.21 29.53 -97.49
C MET N 78 -70.48 29.04 -98.22
N ALA N 79 -71.33 29.99 -98.62
CA ALA N 79 -72.54 29.63 -99.38
C ALA N 79 -72.14 28.95 -100.70
N ASP N 80 -71.19 29.55 -101.40
CA ASP N 80 -70.70 28.99 -102.66
C ASP N 80 -70.12 27.58 -102.43
N ALA N 81 -69.31 27.42 -101.38
CA ALA N 81 -68.70 26.12 -101.05
C ALA N 81 -69.77 25.04 -100.80
N VAL N 82 -70.76 25.36 -99.99
CA VAL N 82 -71.80 24.38 -99.65
C VAL N 82 -72.67 24.01 -100.86
N ALA N 83 -72.95 25.01 -101.69
CA ALA N 83 -73.64 24.81 -102.97
C ALA N 83 -72.88 23.79 -103.82
N ARG N 84 -71.56 23.97 -103.96
CA ARG N 84 -70.77 23.08 -104.82
C ARG N 84 -70.60 21.68 -104.25
N LEU N 85 -70.63 21.55 -102.92
CA LEU N 85 -70.44 20.24 -102.30
C LEU N 85 -71.76 19.51 -102.20
N GLY N 86 -72.86 20.28 -102.18
CA GLY N 86 -74.19 19.72 -102.00
C GLY N 86 -74.50 19.42 -100.55
N GLY N 87 -73.86 20.16 -99.64
CA GLY N 87 -74.00 19.92 -98.20
C GLY N 87 -72.70 20.23 -97.46
N LEU N 88 -72.60 19.76 -96.21
CA LEU N 88 -71.43 20.00 -95.35
C LEU N 88 -71.41 19.05 -94.16
N ASP N 89 -70.38 18.22 -94.08
CA ASP N 89 -70.17 17.28 -92.97
C ASP N 89 -69.02 17.70 -92.05
N ILE N 90 -67.99 18.34 -92.60
CA ILE N 90 -66.76 18.65 -91.89
C ILE N 90 -66.29 20.09 -92.21
N LEU N 91 -66.01 20.86 -91.15
CA LEU N 91 -65.33 22.15 -91.26
C LEU N 91 -64.02 22.11 -90.47
N VAL N 92 -62.89 22.45 -91.12
CA VAL N 92 -61.63 22.68 -90.46
C VAL N 92 -61.33 24.16 -90.58
N ALA N 93 -61.40 24.89 -89.47
CA ALA N 93 -61.16 26.36 -89.48
C ALA N 93 -59.68 26.59 -89.19
N GLY N 94 -58.88 26.62 -90.27
CA GLY N 94 -57.43 26.74 -90.21
C GLY N 94 -56.87 28.11 -90.56
N GLY N 95 -57.73 29.04 -90.98
CA GLY N 95 -57.29 30.39 -91.30
C GLY N 95 -56.74 31.06 -90.05
N ALA N 96 -55.57 31.69 -90.16
CA ALA N 96 -54.91 32.34 -89.02
C ALA N 96 -53.72 33.24 -89.41
N LEU N 97 -53.69 34.44 -88.84
CA LEU N 97 -52.48 35.27 -88.82
C LEU N 97 -51.55 34.81 -87.70
N LYS N 98 -50.28 34.55 -88.01
CA LYS N 98 -49.31 34.13 -87.00
C LYS N 98 -48.31 35.27 -86.77
N GLY N 99 -47.42 35.10 -85.80
CA GLY N 99 -46.35 36.06 -85.57
C GLY N 99 -46.54 36.93 -84.34
N GLY N 100 -45.42 37.43 -83.83
CA GLY N 100 -45.41 38.36 -82.70
C GLY N 100 -45.24 39.79 -83.14
N THR N 101 -45.26 40.70 -82.18
CA THR N 101 -45.19 42.13 -82.45
C THR N 101 -44.07 42.82 -81.67
N GLY N 102 -43.78 42.36 -80.46
CA GLY N 102 -42.93 43.07 -79.54
C GLY N 102 -43.55 43.03 -78.16
N ASN N 103 -42.93 43.73 -77.22
CA ASN N 103 -43.42 43.73 -75.85
C ASN N 103 -44.85 44.30 -75.71
N PHE N 104 -45.60 43.73 -74.78
CA PHE N 104 -46.96 44.18 -74.51
C PHE N 104 -47.04 45.71 -74.28
N LEU N 105 -46.04 46.29 -73.64
CA LEU N 105 -46.03 47.75 -73.39
C LEU N 105 -46.19 48.62 -74.64
N ASP N 106 -45.69 48.13 -75.77
CA ASP N 106 -45.69 48.83 -77.05
C ASP N 106 -46.69 48.23 -78.04
N LEU N 107 -47.58 47.36 -77.58
CA LEU N 107 -48.53 46.73 -78.49
C LEU N 107 -49.58 47.77 -78.94
N SER N 108 -49.68 47.98 -80.25
CA SER N 108 -50.57 49.01 -80.79
C SER N 108 -51.99 48.50 -80.97
N ASP N 109 -52.94 49.44 -80.97
CA ASP N 109 -54.36 49.16 -81.28
C ASP N 109 -54.51 48.41 -82.61
N ALA N 110 -53.76 48.84 -83.63
CA ALA N 110 -53.85 48.22 -84.96
C ALA N 110 -53.44 46.75 -84.92
N ASP N 111 -52.36 46.42 -84.23
CA ASP N 111 -51.90 45.01 -84.12
C ASP N 111 -52.89 44.16 -83.32
N TRP N 112 -53.32 44.70 -82.17
CA TRP N 112 -54.38 44.06 -81.35
C TRP N 112 -55.60 43.73 -82.19
N ASP N 113 -56.15 44.74 -82.87
CA ASP N 113 -57.39 44.57 -83.66
C ASP N 113 -57.21 43.57 -84.78
N ARG N 114 -56.04 43.55 -85.39
CA ARG N 114 -55.85 42.67 -86.51
C ARG N 114 -55.84 41.19 -86.11
N TYR N 115 -55.15 40.89 -85.00
CA TYR N 115 -55.10 39.49 -84.52
C TYR N 115 -56.47 39.05 -83.98
N VAL N 116 -57.11 39.91 -83.20
CA VAL N 116 -58.44 39.55 -82.66
C VAL N 116 -59.47 39.43 -83.82
N ASP N 117 -59.53 40.43 -84.69
CA ASP N 117 -60.47 40.40 -85.84
C ASP N 117 -60.23 39.24 -86.80
N VAL N 118 -59.00 38.97 -87.19
CA VAL N 118 -58.75 37.88 -88.15
C VAL N 118 -58.83 36.50 -87.53
N ASN N 119 -58.16 36.30 -86.39
CA ASN N 119 -58.06 34.95 -85.80
C ASN N 119 -59.26 34.54 -84.94
N MET N 120 -59.73 35.43 -84.08
CA MET N 120 -60.88 35.11 -83.20
C MET N 120 -62.22 35.29 -83.96
N THR N 121 -62.51 36.51 -84.40
CA THR N 121 -63.78 36.82 -85.07
C THR N 121 -63.93 36.11 -86.41
N GLY N 122 -62.83 35.99 -87.15
CA GLY N 122 -62.83 35.24 -88.40
C GLY N 122 -63.20 33.78 -88.21
N THR N 123 -62.64 33.16 -87.18
CA THR N 123 -62.99 31.77 -86.83
C THR N 123 -64.46 31.67 -86.39
N PHE N 124 -64.93 32.62 -85.59
CA PHE N 124 -66.34 32.64 -85.17
C PHE N 124 -67.29 32.67 -86.41
N LEU N 125 -67.06 33.65 -87.28
CA LEU N 125 -67.90 33.86 -88.46
C LEU N 125 -67.93 32.62 -89.35
N THR N 126 -66.75 32.05 -89.59
CA THR N 126 -66.63 30.83 -90.38
C THR N 126 -67.36 29.66 -89.74
N CYS N 127 -67.20 29.49 -88.44
CA CYS N 127 -67.82 28.34 -87.72
C CYS N 127 -69.34 28.49 -87.57
N ARG N 128 -69.82 29.72 -87.37
CA ARG N 128 -71.28 29.96 -87.33
C ARG N 128 -71.90 29.62 -88.70
N ALA N 129 -71.30 30.13 -89.78
CA ALA N 129 -71.77 29.79 -91.15
C ALA N 129 -71.76 28.29 -91.37
N GLY N 130 -70.66 27.65 -90.97
CA GLY N 130 -70.53 26.21 -91.16
C GLY N 130 -71.59 25.45 -90.39
N ALA N 131 -71.80 25.83 -89.14
CA ALA N 131 -72.71 25.09 -88.27
C ALA N 131 -74.15 25.19 -88.84
N ARG N 132 -74.55 26.40 -89.24
CA ARG N 132 -75.87 26.62 -89.83
C ARG N 132 -76.06 25.83 -91.11
N ALA N 133 -75.05 25.78 -91.97
CA ALA N 133 -75.10 24.93 -93.14
C ALA N 133 -75.22 23.45 -92.78
N MET N 134 -74.51 23.01 -91.74
CA MET N 134 -74.57 21.60 -91.33
C MET N 134 -75.97 21.22 -90.88
N VAL N 135 -76.60 22.11 -90.11
CA VAL N 135 -77.95 21.88 -89.64
C VAL N 135 -78.92 21.86 -90.84
N ALA N 136 -78.85 22.90 -91.68
CA ALA N 136 -79.66 22.95 -92.89
C ALA N 136 -79.50 21.68 -93.72
N ALA N 137 -78.31 21.08 -93.76
CA ALA N 137 -78.07 19.87 -94.56
C ALA N 137 -78.43 18.58 -93.84
N GLY N 138 -78.98 18.68 -92.64
CA GLY N 138 -79.49 17.51 -91.93
C GLY N 138 -78.55 16.79 -90.98
N ALA N 139 -77.59 17.52 -90.40
CA ALA N 139 -76.67 16.94 -89.41
C ALA N 139 -77.42 16.10 -88.35
N GLY N 140 -76.98 14.86 -88.14
CA GLY N 140 -77.55 13.99 -87.10
C GLY N 140 -78.60 13.02 -87.59
N LYS N 141 -79.33 13.43 -88.63
CA LYS N 141 -80.52 12.71 -89.11
C LYS N 141 -80.34 11.19 -89.23
N ASP N 142 -79.17 10.75 -89.70
CA ASP N 142 -78.88 9.31 -89.80
C ASP N 142 -78.12 8.72 -88.58
N GLY N 143 -78.10 9.44 -87.46
CA GLY N 143 -77.40 8.99 -86.25
C GLY N 143 -75.93 9.41 -86.15
N ARG N 144 -75.35 9.83 -87.27
CA ARG N 144 -73.95 10.29 -87.29
C ARG N 144 -73.93 11.81 -87.19
N SER N 145 -72.82 12.36 -86.71
CA SER N 145 -72.74 13.78 -86.41
C SER N 145 -71.78 14.53 -87.35
N ALA N 146 -72.15 15.76 -87.71
CA ALA N 146 -71.21 16.64 -88.40
C ALA N 146 -70.04 16.98 -87.44
N ARG N 147 -68.97 17.59 -87.98
CA ARG N 147 -67.74 17.80 -87.22
C ARG N 147 -67.13 19.17 -87.48
N ILE N 148 -66.94 19.97 -86.42
CA ILE N 148 -66.17 21.20 -86.51
C ILE N 148 -64.82 21.03 -85.78
N ILE N 149 -63.74 21.41 -86.47
CA ILE N 149 -62.35 21.27 -85.99
C ILE N 149 -61.68 22.62 -86.13
N THR N 150 -61.27 23.20 -85.00
CA THR N 150 -60.58 24.46 -84.98
C THR N 150 -59.07 24.20 -84.77
N ILE N 151 -58.25 25.06 -85.34
CA ILE N 151 -56.81 24.98 -85.14
C ILE N 151 -56.42 26.08 -84.20
N GLY N 152 -56.07 25.72 -82.97
CA GLY N 152 -55.58 26.70 -81.99
C GLY N 152 -54.06 26.57 -81.94
N SER N 153 -53.51 26.33 -80.75
CA SER N 153 -52.06 26.38 -80.53
C SER N 153 -51.76 26.05 -79.05
N VAL N 154 -50.53 25.66 -78.76
CA VAL N 154 -50.10 25.58 -77.37
C VAL N 154 -50.25 26.95 -76.75
N ASN N 155 -50.18 28.01 -77.58
CA ASN N 155 -50.47 29.39 -77.12
C ASN N 155 -51.93 29.65 -76.68
N SER N 156 -52.82 28.67 -76.91
CA SER N 156 -54.16 28.71 -76.32
C SER N 156 -54.14 28.45 -74.81
N PHE N 157 -53.01 27.95 -74.29
CA PHE N 157 -52.87 27.60 -72.86
C PHE N 157 -51.64 28.22 -72.18
N MET N 158 -50.52 28.38 -72.90
CA MET N 158 -49.31 28.96 -72.34
C MET N 158 -48.70 30.02 -73.27
N ALA N 159 -48.18 31.11 -72.72
CA ALA N 159 -47.79 32.26 -73.54
C ALA N 159 -46.33 32.23 -73.98
N GLU N 160 -46.11 32.46 -75.28
CA GLU N 160 -44.77 32.84 -75.79
C GLU N 160 -44.56 34.27 -75.49
N PRO N 161 -43.29 34.72 -75.47
CA PRO N 161 -43.01 36.13 -75.30
C PRO N 161 -43.34 36.95 -76.54
N GLU N 162 -43.70 38.22 -76.31
CA GLU N 162 -43.81 39.25 -77.34
C GLU N 162 -44.84 38.93 -78.43
N ALA N 163 -45.98 38.37 -78.03
CA ALA N 163 -47.02 38.02 -78.99
C ALA N 163 -48.40 38.04 -78.31
N ALA N 164 -48.65 39.05 -77.49
CA ALA N 164 -49.83 39.07 -76.62
C ALA N 164 -51.14 39.04 -77.42
N ALA N 165 -51.14 39.71 -78.58
CA ALA N 165 -52.35 39.78 -79.38
C ALA N 165 -52.69 38.41 -79.95
N TYR N 166 -51.69 37.74 -80.52
CA TYR N 166 -51.86 36.36 -81.03
C TYR N 166 -52.21 35.35 -79.90
N VAL N 167 -51.58 35.48 -78.74
CA VAL N 167 -51.80 34.55 -77.62
C VAL N 167 -53.22 34.71 -77.07
N ALA N 168 -53.66 35.94 -76.82
CA ALA N 168 -55.03 36.25 -76.42
C ALA N 168 -56.07 35.68 -77.38
N ALA N 169 -55.91 35.96 -78.67
CA ALA N 169 -56.81 35.40 -79.69
C ALA N 169 -56.89 33.87 -79.63
N LYS N 170 -55.77 33.20 -79.43
CA LYS N 170 -55.77 31.71 -79.27
C LYS N 170 -56.49 31.17 -78.00
N GLY N 171 -56.44 31.90 -76.89
CA GLY N 171 -57.27 31.60 -75.74
C GLY N 171 -58.76 31.78 -76.05
N GLY N 172 -59.07 32.80 -76.84
CA GLY N 172 -60.42 33.05 -77.33
C GLY N 172 -60.96 31.93 -78.15
N VAL N 173 -60.13 31.45 -79.08
CA VAL N 173 -60.51 30.33 -79.94
C VAL N 173 -60.71 29.04 -79.16
N ALA N 174 -59.87 28.81 -78.17
CA ALA N 174 -60.03 27.60 -77.30
C ALA N 174 -61.38 27.59 -76.55
N MET N 175 -61.78 28.71 -75.97
CA MET N 175 -63.07 28.75 -75.25
C MET N 175 -64.27 28.84 -76.21
N LEU N 176 -64.11 29.51 -77.35
CA LEU N 176 -65.13 29.47 -78.39
C LEU N 176 -65.40 28.02 -78.77
N THR N 177 -64.34 27.25 -78.85
CA THR N 177 -64.48 25.83 -79.26
C THR N 177 -65.34 25.06 -78.26
N ARG N 178 -65.07 25.28 -76.97
CA ARG N 178 -65.84 24.59 -75.93
C ARG N 178 -67.29 25.05 -75.86
N ALA N 179 -67.53 26.35 -76.02
CA ALA N 179 -68.89 26.92 -76.05
C ALA N 179 -69.67 26.37 -77.24
N MET N 180 -69.02 26.29 -78.40
CA MET N 180 -69.60 25.63 -79.59
C MET N 180 -69.92 24.16 -79.34
N ALA N 181 -69.04 23.45 -78.66
CA ALA N 181 -69.31 22.04 -78.38
C ALA N 181 -70.58 21.85 -77.53
N VAL N 182 -70.67 22.65 -76.47
CA VAL N 182 -71.82 22.62 -75.58
C VAL N 182 -73.14 22.95 -76.30
N ASP N 183 -73.17 24.04 -77.05
CA ASP N 183 -74.41 24.50 -77.70
C ASP N 183 -74.82 23.67 -78.90
N LEU N 184 -73.86 23.06 -79.60
CA LEU N 184 -74.14 22.32 -80.84
C LEU N 184 -74.34 20.81 -80.68
N ALA N 185 -74.10 20.29 -79.48
CA ALA N 185 -74.32 18.87 -79.24
C ALA N 185 -75.75 18.46 -79.57
N ARG N 186 -76.73 19.28 -79.19
CA ARG N 186 -78.14 18.92 -79.45
C ARG N 186 -78.45 18.90 -80.96
N HIS N 187 -77.68 19.64 -81.75
CA HIS N 187 -77.85 19.71 -83.20
C HIS N 187 -77.05 18.71 -83.99
N GLY N 188 -76.52 17.68 -83.33
CA GLY N 188 -75.68 16.68 -83.98
C GLY N 188 -74.34 17.14 -84.53
N ILE N 189 -73.68 18.12 -83.89
CA ILE N 189 -72.34 18.53 -84.33
C ILE N 189 -71.32 18.42 -83.20
N LEU N 190 -70.18 17.76 -83.48
CA LEU N 190 -69.08 17.61 -82.51
C LEU N 190 -68.01 18.64 -82.84
N VAL N 191 -67.48 19.28 -81.80
CA VAL N 191 -66.55 20.35 -81.98
C VAL N 191 -65.32 20.16 -81.09
N ASN N 192 -64.13 20.14 -81.73
CA ASN N 192 -62.85 19.98 -81.04
C ASN N 192 -61.76 20.89 -81.60
N MET N 193 -60.70 21.10 -80.81
CA MET N 193 -59.53 21.87 -81.22
C MET N 193 -58.28 21.02 -81.36
N ILE N 194 -57.43 21.39 -82.31
CA ILE N 194 -56.12 20.82 -82.42
C ILE N 194 -55.15 21.89 -81.98
N ALA N 195 -54.24 21.55 -81.06
CA ALA N 195 -53.27 22.51 -80.54
C ALA N 195 -51.87 22.08 -80.96
N PRO N 196 -51.35 22.64 -82.07
CA PRO N 196 -49.94 22.36 -82.46
C PRO N 196 -48.93 23.12 -81.64
N GLY N 197 -47.78 22.50 -81.38
CA GLY N 197 -46.61 23.23 -80.93
C GLY N 197 -45.88 23.80 -82.14
N PRO N 198 -44.54 23.90 -82.07
CA PRO N 198 -43.81 24.39 -83.24
C PRO N 198 -43.94 23.45 -84.44
N VAL N 199 -44.27 24.02 -85.59
CA VAL N 199 -44.45 23.26 -86.84
C VAL N 199 -43.66 23.93 -87.96
N ASP N 200 -42.78 23.19 -88.62
CA ASP N 200 -41.96 23.78 -89.70
C ASP N 200 -42.83 23.75 -90.96
N VAL N 201 -43.08 24.95 -91.48
CA VAL N 201 -43.93 25.14 -92.64
C VAL N 201 -43.13 25.65 -93.87
N THR N 202 -41.81 25.56 -93.79
CA THR N 202 -40.94 26.02 -94.88
C THR N 202 -40.87 25.02 -96.02
N GLY N 203 -41.07 23.74 -95.75
CA GLY N 203 -40.79 22.67 -96.73
C GLY N 203 -39.28 22.48 -96.93
N ASN N 204 -38.51 23.19 -96.11
CA ASN N 204 -37.09 23.39 -96.32
C ASN N 204 -36.27 23.03 -95.08
N ASN N 205 -36.95 22.63 -94.01
CA ASN N 205 -36.36 22.42 -92.69
C ASN N 205 -35.59 23.63 -92.18
N THR N 206 -36.05 24.81 -92.55
CA THR N 206 -35.38 26.03 -92.15
C THR N 206 -36.23 26.92 -91.23
N GLY N 207 -37.43 26.47 -90.88
CA GLY N 207 -38.36 27.28 -90.06
C GLY N 207 -37.84 27.68 -88.68
N TYR N 208 -37.08 26.79 -88.04
CA TYR N 208 -36.57 27.02 -86.68
C TYR N 208 -35.06 26.94 -86.61
N SER N 209 -34.41 27.44 -87.66
CA SER N 209 -32.96 27.24 -87.83
C SER N 209 -32.13 28.39 -87.23
N GLU N 210 -32.74 29.52 -86.93
CA GLU N 210 -32.02 30.58 -86.20
C GLU N 210 -31.40 29.98 -84.93
N PRO N 211 -30.08 30.20 -84.71
CA PRO N 211 -29.37 29.36 -83.71
C PRO N 211 -29.95 29.40 -82.29
N ARG N 212 -30.32 30.58 -81.78
CA ARG N 212 -30.89 30.66 -80.42
C ARG N 212 -32.24 29.91 -80.37
N LEU N 213 -33.06 30.09 -81.40
CA LEU N 213 -34.33 29.38 -81.52
C LEU N 213 -34.16 27.87 -81.61
N ALA N 214 -33.20 27.40 -82.37
CA ALA N 214 -32.98 25.96 -82.54
C ALA N 214 -32.52 25.31 -81.23
N GLU N 215 -31.70 26.04 -80.48
CA GLU N 215 -31.27 25.63 -79.13
C GLU N 215 -32.49 25.49 -78.19
N GLN N 216 -33.41 26.47 -78.23
CA GLN N 216 -34.57 26.46 -77.31
C GLN N 216 -35.58 25.39 -77.69
N VAL N 217 -35.64 25.02 -78.97
CA VAL N 217 -36.46 23.92 -79.42
C VAL N 217 -35.94 22.62 -78.86
N LEU N 218 -34.63 22.47 -78.88
CA LEU N 218 -33.98 21.28 -78.31
C LEU N 218 -34.21 21.17 -76.81
N ASP N 219 -34.16 22.29 -76.09
CA ASP N 219 -34.44 22.30 -74.67
C ASP N 219 -35.92 22.02 -74.34
N GLU N 220 -36.83 22.69 -75.06
CA GLU N 220 -38.24 22.76 -74.62
C GLU N 220 -39.15 21.70 -75.23
N VAL N 221 -38.80 21.15 -76.38
CA VAL N 221 -39.59 20.09 -77.02
C VAL N 221 -38.93 18.75 -76.74
N ALA N 222 -39.66 17.82 -76.14
CA ALA N 222 -39.08 16.56 -75.71
C ALA N 222 -38.51 15.79 -76.89
N LEU N 223 -39.19 15.80 -78.02
CA LEU N 223 -38.70 15.14 -79.26
C LEU N 223 -37.60 15.94 -79.94
N GLY N 224 -37.31 17.16 -79.46
CA GLY N 224 -36.12 17.89 -79.89
C GLY N 224 -36.15 18.49 -81.28
N ARG N 225 -37.35 18.64 -81.85
CA ARG N 225 -37.51 19.19 -83.20
C ARG N 225 -38.89 19.81 -83.38
N PRO N 226 -39.06 20.62 -84.44
CA PRO N 226 -40.41 21.04 -84.84
C PRO N 226 -41.18 19.92 -85.52
N GLY N 227 -42.50 20.04 -85.54
CA GLY N 227 -43.35 19.10 -86.24
C GLY N 227 -43.45 19.44 -87.72
N LEU N 228 -43.97 18.49 -88.48
CA LEU N 228 -44.32 18.70 -89.88
C LEU N 228 -45.85 18.85 -90.03
N PRO N 229 -46.30 19.64 -91.01
CA PRO N 229 -47.74 19.82 -91.22
C PRO N 229 -48.56 18.53 -91.30
N GLU N 230 -47.98 17.49 -91.89
CA GLU N 230 -48.62 16.17 -92.01
C GLU N 230 -48.88 15.55 -90.64
N GLU N 231 -48.00 15.84 -89.67
CA GLU N 231 -48.15 15.33 -88.31
C GLU N 231 -49.37 15.95 -87.57
N VAL N 232 -49.83 17.10 -88.04
CA VAL N 232 -51.02 17.75 -87.49
C VAL N 232 -52.28 17.33 -88.25
N ALA N 233 -52.18 17.28 -89.58
CA ALA N 233 -53.30 16.82 -90.44
C ALA N 233 -53.88 15.46 -90.05
N THR N 234 -53.03 14.55 -89.58
CA THR N 234 -53.54 13.23 -89.18
C THR N 234 -54.63 13.31 -88.09
N ALA N 235 -54.51 14.28 -87.18
CA ALA N 235 -55.54 14.49 -86.14
C ALA N 235 -56.85 15.04 -86.72
N ALA N 236 -56.76 15.83 -87.77
CA ALA N 236 -57.96 16.36 -88.45
C ALA N 236 -58.77 15.22 -89.07
N VAL N 237 -58.10 14.18 -89.58
CA VAL N 237 -58.79 12.98 -90.09
C VAL N 237 -59.45 12.23 -88.93
N PHE N 238 -58.69 12.01 -87.87
CA PHE N 238 -59.21 11.29 -86.69
C PHE N 238 -60.49 11.95 -86.14
N LEU N 239 -60.44 13.28 -85.99
CA LEU N 239 -61.58 14.01 -85.39
C LEU N 239 -62.78 14.12 -86.37
N ALA N 240 -62.54 13.93 -87.67
CA ALA N 240 -63.62 14.00 -88.67
C ALA N 240 -64.29 12.65 -88.94
N GLU N 241 -63.67 11.54 -88.54
CA GLU N 241 -64.18 10.19 -88.90
C GLU N 241 -65.31 9.73 -87.98
N ASP N 242 -66.07 8.74 -88.44
CA ASP N 242 -67.26 8.25 -87.74
C ASP N 242 -66.96 7.72 -86.35
N GLY N 243 -65.78 7.14 -86.18
CA GLY N 243 -65.40 6.46 -84.94
C GLY N 243 -65.28 7.39 -83.74
N SER N 244 -65.02 8.68 -84.01
CA SER N 244 -64.78 9.69 -82.96
C SER N 244 -66.10 10.34 -82.43
N SER N 245 -67.14 9.52 -82.32
CA SER N 245 -68.48 10.00 -82.09
C SER N 245 -68.77 10.35 -80.63
N PHE N 246 -67.86 10.05 -79.67
CA PHE N 246 -68.02 10.49 -78.28
C PHE N 246 -67.01 11.57 -77.86
N ILE N 247 -66.34 12.19 -78.84
CA ILE N 247 -65.32 13.15 -78.58
C ILE N 247 -65.84 14.53 -78.95
N THR N 248 -66.03 15.37 -77.92
CA THR N 248 -66.43 16.74 -78.15
C THR N 248 -66.00 17.65 -77.00
N GLY N 249 -65.71 18.91 -77.35
CA GLY N 249 -65.24 19.92 -76.43
C GLY N 249 -63.79 19.70 -75.98
N SER N 250 -63.05 18.86 -76.70
CA SER N 250 -61.70 18.48 -76.28
C SER N 250 -60.61 19.09 -77.17
N THR N 251 -59.37 18.97 -76.68
CA THR N 251 -58.19 19.42 -77.41
C THR N 251 -57.26 18.23 -77.66
N ILE N 252 -56.76 18.11 -78.89
CA ILE N 252 -55.67 17.18 -79.20
C ILE N 252 -54.44 18.03 -79.36
N THR N 253 -53.45 17.84 -78.49
CA THR N 253 -52.23 18.63 -78.47
C THR N 253 -51.14 17.88 -79.20
N ILE N 254 -50.48 18.57 -80.14
CA ILE N 254 -49.49 17.97 -81.07
C ILE N 254 -48.24 18.82 -81.03
N ASP N 255 -47.39 18.56 -80.03
CA ASP N 255 -46.28 19.47 -79.73
C ASP N 255 -44.95 18.81 -79.32
N GLY N 256 -44.79 17.52 -79.55
CA GLY N 256 -43.56 16.81 -79.22
C GLY N 256 -43.21 16.89 -77.73
N GLY N 257 -44.22 17.13 -76.90
CA GLY N 257 -44.06 17.11 -75.43
C GLY N 257 -43.79 18.46 -74.85
N LEU N 258 -43.81 19.50 -75.67
CA LEU N 258 -43.56 20.84 -75.20
C LEU N 258 -44.38 21.14 -73.91
N SER N 259 -45.70 20.99 -73.96
CA SER N 259 -46.57 21.43 -72.88
C SER N 259 -46.59 20.47 -71.70
N ALA N 260 -46.01 19.29 -71.87
CA ALA N 260 -45.89 18.29 -70.82
C ALA N 260 -44.64 18.41 -69.91
N MET N 261 -43.65 19.22 -70.33
CA MET N 261 -42.31 19.20 -69.72
C MET N 261 -41.91 20.54 -69.13
N ILE N 262 -41.18 20.51 -68.02
CA ILE N 262 -40.47 21.71 -67.53
C ILE N 262 -38.99 21.35 -67.34
N PHE N 263 -38.11 22.35 -67.41
CA PHE N 263 -36.67 22.15 -67.25
C PHE N 263 -36.10 21.06 -68.21
N GLY N 264 -36.64 21.00 -69.42
CA GLY N 264 -36.18 20.06 -70.44
C GLY N 264 -34.72 20.30 -70.84
N GLY N 265 -34.22 21.54 -70.70
CA GLY N 265 -32.78 21.78 -70.91
C GLY N 265 -31.85 21.00 -69.95
N MET N 266 -32.40 20.51 -68.84
CA MET N 266 -31.62 19.75 -67.85
C MET N 266 -31.59 18.25 -68.11
N ARG N 267 -32.35 17.75 -69.07
CA ARG N 267 -32.43 16.29 -69.29
C ARG N 267 -31.15 15.70 -69.88
N GLU N 268 -30.97 14.40 -69.60
CA GLU N 268 -29.87 13.62 -70.12
C GLU N 268 -29.93 13.68 -71.62
N GLY N 269 -28.84 14.05 -72.27
CA GLY N 269 -28.81 14.18 -73.71
C GLY N 269 -28.79 15.62 -74.12
N ARG N 270 -29.21 16.52 -73.23
CA ARG N 270 -29.21 17.96 -73.49
C ARG N 270 -28.16 18.64 -72.66
N ARG N 271 -28.16 18.36 -71.36
CA ARG N 271 -27.20 18.99 -70.45
C ARG N 271 -25.78 18.52 -70.74
N GLY O 11 1.25 -40.22 19.90
CA GLY O 11 1.89 -39.14 20.73
C GLY O 11 1.11 -38.77 21.97
N ARG O 12 1.81 -38.33 23.02
CA ARG O 12 1.21 -38.13 24.35
C ARG O 12 0.25 -36.94 24.40
N LEU O 13 0.33 -36.05 23.40
CA LEU O 13 -0.56 -34.89 23.32
C LEU O 13 -1.42 -34.95 22.03
N ALA O 14 -1.69 -36.18 21.57
CA ALA O 14 -2.34 -36.42 20.28
C ALA O 14 -3.72 -35.75 20.24
N GLY O 15 -3.88 -34.80 19.33
CA GLY O 15 -5.16 -34.12 19.12
C GLY O 15 -5.45 -32.94 20.03
N LYS O 16 -4.52 -32.55 20.90
CA LYS O 16 -4.73 -31.41 21.78
C LYS O 16 -4.32 -30.10 21.09
N ALA O 17 -5.05 -29.05 21.42
CA ALA O 17 -4.78 -27.72 20.91
C ALA O 17 -3.98 -26.91 21.94
N ALA O 18 -2.82 -26.39 21.55
CA ALA O 18 -1.91 -25.70 22.46
C ALA O 18 -1.49 -24.33 21.95
N ILE O 19 -1.43 -23.35 22.85
CA ILE O 19 -0.76 -22.09 22.57
C ILE O 19 0.52 -22.04 23.43
N VAL O 20 1.65 -21.73 22.81
CA VAL O 20 2.90 -21.45 23.49
C VAL O 20 3.34 -20.00 23.24
N THR O 21 3.41 -19.19 24.30
CA THR O 21 3.95 -17.83 24.17
C THR O 21 5.45 -17.84 24.39
N GLY O 22 6.12 -16.75 24.00
CA GLY O 22 7.59 -16.68 23.95
C GLY O 22 8.18 -17.76 23.04
N ALA O 23 7.46 -18.11 21.98
CA ALA O 23 7.76 -19.33 21.18
C ALA O 23 8.98 -19.23 20.27
N ALA O 24 9.50 -18.02 20.07
CA ALA O 24 10.78 -17.85 19.35
C ALA O 24 11.98 -18.15 20.29
N GLY O 25 11.90 -17.73 21.56
CA GLY O 25 12.96 -17.98 22.55
C GLY O 25 13.26 -19.45 22.87
N GLY O 26 14.45 -19.70 23.41
CA GLY O 26 14.91 -21.04 23.79
C GLY O 26 13.93 -22.02 24.36
N ILE O 27 13.44 -21.77 25.58
CA ILE O 27 12.47 -22.68 26.22
C ILE O 27 11.12 -22.76 25.43
N GLY O 28 10.62 -21.61 25.00
CA GLY O 28 9.37 -21.59 24.20
C GLY O 28 9.51 -22.40 22.91
N ARG O 29 10.65 -22.23 22.22
CA ARG O 29 10.94 -22.95 20.98
C ARG O 29 11.03 -24.45 21.23
N ALA O 30 11.78 -24.85 22.25
CA ALA O 30 11.91 -26.27 22.56
C ALA O 30 10.55 -26.87 22.90
N THR O 31 9.68 -26.06 23.49
CA THR O 31 8.34 -26.55 23.88
C THR O 31 7.41 -26.74 22.67
N VAL O 32 7.41 -25.77 21.76
CA VAL O 32 6.72 -25.91 20.48
C VAL O 32 7.13 -27.22 19.77
N GLU O 33 8.43 -27.48 19.70
CA GLU O 33 8.95 -28.68 19.02
C GLU O 33 8.51 -29.96 19.72
N ALA O 34 8.58 -29.99 21.05
CA ALA O 34 8.20 -31.20 21.81
C ALA O 34 6.69 -31.42 21.70
N TYR O 35 5.93 -30.34 21.66
CA TYR O 35 4.48 -30.46 21.52
C TYR O 35 4.08 -31.02 20.12
N LEU O 36 4.67 -30.46 19.06
CA LEU O 36 4.45 -30.97 17.69
C LEU O 36 4.83 -32.44 17.61
N ARG O 37 6.03 -32.78 18.09
CA ARG O 37 6.48 -34.17 18.14
C ARG O 37 5.52 -35.11 18.87
N GLU O 38 4.73 -34.61 19.82
CA GLU O 38 3.84 -35.45 20.62
C GLU O 38 2.38 -35.41 20.12
N GLY O 39 2.20 -34.79 18.95
CA GLY O 39 0.91 -34.88 18.24
C GLY O 39 -0.07 -33.74 18.47
N ALA O 40 0.40 -32.64 19.03
CA ALA O 40 -0.49 -31.50 19.31
C ALA O 40 -0.54 -30.56 18.10
N SER O 41 -1.61 -29.78 17.99
CA SER O 41 -1.60 -28.65 17.10
C SER O 41 -1.18 -27.47 17.96
N VAL O 42 -0.27 -26.65 17.43
CA VAL O 42 0.41 -25.67 18.20
C VAL O 42 0.45 -24.31 17.52
N VAL O 43 -0.04 -23.30 18.22
CA VAL O 43 0.23 -21.92 17.83
C VAL O 43 1.52 -21.47 18.52
N ALA O 44 2.42 -20.89 17.75
CA ALA O 44 3.64 -20.30 18.28
C ALA O 44 3.46 -18.79 18.31
N MET O 45 3.45 -18.21 19.52
CA MET O 45 3.22 -16.78 19.70
C MET O 45 4.48 -16.09 20.17
N ASP O 46 4.85 -15.00 19.51
CA ASP O 46 5.97 -14.16 19.94
C ASP O 46 5.94 -12.85 19.14
N LEU O 47 6.92 -11.98 19.36
CA LEU O 47 7.03 -10.76 18.59
C LEU O 47 7.17 -11.09 17.09
N ALA O 48 6.60 -10.23 16.23
CA ALA O 48 6.61 -10.45 14.78
C ALA O 48 8.01 -10.68 14.20
N PRO O 49 8.95 -9.75 14.50
CA PRO O 49 10.33 -9.95 14.04
C PRO O 49 10.91 -11.31 14.44
N ARG O 50 10.74 -11.68 15.71
CA ARG O 50 11.34 -12.92 16.24
C ARG O 50 10.78 -14.15 15.55
N LEU O 51 9.47 -14.21 15.40
CA LEU O 51 8.82 -15.29 14.65
C LEU O 51 9.39 -15.35 13.21
N ALA O 52 9.57 -14.18 12.60
CA ALA O 52 10.14 -14.11 11.25
C ALA O 52 11.53 -14.74 11.20
N ALA O 53 12.33 -14.51 12.25
CA ALA O 53 13.71 -15.00 12.31
C ALA O 53 13.89 -16.43 12.84
N THR O 54 12.83 -17.19 13.12
CA THR O 54 13.01 -18.53 13.71
C THR O 54 12.58 -19.66 12.77
N ARG O 55 13.21 -20.81 12.94
CA ARG O 55 12.81 -22.04 12.25
C ARG O 55 12.63 -23.10 13.31
N TYR O 56 11.65 -23.98 13.12
CA TYR O 56 11.43 -25.10 14.02
C TYR O 56 11.90 -26.39 13.36
N GLU O 57 12.48 -27.29 14.14
CA GLU O 57 12.96 -28.58 13.62
C GLU O 57 11.81 -29.57 13.42
N GLU O 58 10.58 -29.16 13.77
CA GLU O 58 9.39 -29.97 13.51
C GLU O 58 8.36 -29.14 12.72
N PRO O 59 7.60 -29.79 11.82
CA PRO O 59 6.61 -29.06 11.01
C PRO O 59 5.24 -28.96 11.69
N GLY O 60 4.49 -27.92 11.35
CA GLY O 60 3.09 -27.78 11.81
C GLY O 60 2.77 -26.55 12.65
N ALA O 61 3.78 -25.81 13.08
CA ALA O 61 3.55 -24.64 13.93
C ALA O 61 2.74 -23.57 13.24
N ILE O 62 1.74 -23.03 13.92
CA ILE O 62 0.97 -21.91 13.41
C ILE O 62 1.49 -20.64 14.06
N PRO O 63 2.31 -19.85 13.32
CA PRO O 63 2.83 -18.63 13.92
C PRO O 63 1.75 -17.53 14.05
N ILE O 64 1.75 -16.82 15.16
CA ILE O 64 0.86 -15.69 15.38
C ILE O 64 1.57 -14.61 16.18
N ALA O 65 1.74 -13.44 15.56
CA ALA O 65 2.44 -12.33 16.17
C ALA O 65 1.67 -11.77 17.36
N CYS O 66 2.41 -11.38 18.40
CA CYS O 66 1.80 -10.74 19.57
C CYS O 66 2.79 -9.83 20.29
N ASP O 67 2.27 -9.08 21.26
CA ASP O 67 3.06 -8.08 21.96
C ASP O 67 2.73 -8.03 23.46
N LEU O 68 3.38 -8.94 24.21
CA LEU O 68 3.19 -9.05 25.67
C LEU O 68 3.63 -7.76 26.37
N ASP O 70 1.17 -5.18 25.33
CA ASP O 70 0.02 -4.51 24.73
C ASP O 70 -1.25 -5.35 24.96
N ARG O 71 -2.14 -4.88 25.85
CA ARG O 71 -3.30 -5.65 26.30
C ARG O 71 -4.32 -5.93 25.18
N ALA O 72 -4.60 -4.91 24.37
CA ALA O 72 -5.37 -5.09 23.14
C ALA O 72 -4.71 -6.15 22.24
N ALA O 73 -3.39 -6.05 22.10
CA ALA O 73 -2.62 -6.98 21.30
C ALA O 73 -2.77 -8.43 21.78
N ILE O 74 -2.70 -8.62 23.10
CA ILE O 74 -2.80 -9.97 23.69
C ILE O 74 -4.14 -10.59 23.40
N ASP O 75 -5.22 -9.86 23.68
CA ASP O 75 -6.58 -10.38 23.40
C ASP O 75 -6.77 -10.73 21.91
N ALA O 76 -6.33 -9.83 21.04
CA ALA O 76 -6.46 -10.03 19.58
C ALA O 76 -5.72 -11.30 19.15
N ALA O 77 -4.47 -11.44 19.61
CA ALA O 77 -3.67 -12.61 19.25
C ALA O 77 -4.25 -13.91 19.80
N MET O 78 -4.75 -13.88 21.03
CA MET O 78 -5.34 -15.08 21.65
C MET O 78 -6.67 -15.48 20.97
N ALA O 79 -7.49 -14.50 20.62
CA ALA O 79 -8.76 -14.79 19.91
C ALA O 79 -8.46 -15.44 18.55
N ASP O 80 -7.51 -14.86 17.82
CA ASP O 80 -7.07 -15.38 16.53
C ASP O 80 -6.54 -16.82 16.66
N ALA O 81 -5.71 -17.05 17.69
CA ALA O 81 -5.13 -18.37 17.95
C ALA O 81 -6.20 -19.42 18.20
N VAL O 82 -7.15 -19.10 19.05
CA VAL O 82 -8.22 -20.05 19.40
C VAL O 82 -9.15 -20.34 18.21
N ALA O 83 -9.43 -19.29 17.44
CA ALA O 83 -10.17 -19.44 16.16
C ALA O 83 -9.47 -20.46 15.26
N ARG O 84 -8.15 -20.31 15.06
CA ARG O 84 -7.44 -21.21 14.15
C ARG O 84 -7.29 -22.62 14.67
N LEU O 85 -7.29 -22.79 15.99
CA LEU O 85 -7.13 -24.13 16.56
C LEU O 85 -8.47 -24.82 16.69
N GLY O 86 -9.54 -24.02 16.76
CA GLY O 86 -10.87 -24.56 16.97
C GLY O 86 -11.13 -24.92 18.43
N GLY O 87 -10.43 -24.23 19.34
CA GLY O 87 -10.50 -24.52 20.78
C GLY O 87 -9.18 -24.25 21.47
N LEU O 88 -9.04 -24.75 22.70
CA LEU O 88 -7.82 -24.59 23.51
C LEU O 88 -7.79 -25.58 24.66
N ASP O 89 -6.80 -26.46 24.65
CA ASP O 89 -6.57 -27.44 25.73
C ASP O 89 -5.37 -27.12 26.63
N ILE O 90 -4.34 -26.47 26.07
CA ILE O 90 -3.05 -26.24 26.72
C ILE O 90 -2.53 -24.83 26.44
N LEU O 91 -2.19 -24.08 27.50
CA LEU O 91 -1.49 -22.80 27.40
C LEU O 91 -0.15 -22.89 28.15
N VAL O 92 0.95 -22.54 27.46
CA VAL O 92 2.26 -22.39 28.10
C VAL O 92 2.60 -20.91 28.01
N ALA O 93 2.61 -20.23 29.16
CA ALA O 93 2.89 -18.80 29.20
C ALA O 93 4.38 -18.60 29.42
N GLY O 94 5.12 -18.55 28.30
CA GLY O 94 6.57 -18.50 28.30
C GLY O 94 7.15 -17.15 27.99
N GLY O 95 6.31 -16.19 27.62
CA GLY O 95 6.80 -14.84 27.34
C GLY O 95 7.42 -14.24 28.60
N ALA O 96 8.61 -13.64 28.45
CA ALA O 96 9.34 -13.05 29.60
C ALA O 96 10.56 -12.18 29.21
N LEU O 97 10.65 -11.01 29.82
CA LEU O 97 11.88 -10.22 29.80
C LEU O 97 12.83 -10.75 30.86
N LYS O 98 14.07 -11.03 30.49
CA LYS O 98 15.08 -11.52 31.44
C LYS O 98 16.13 -10.42 31.65
N GLY O 99 17.05 -10.67 32.58
CA GLY O 99 18.16 -9.75 32.79
C GLY O 99 18.05 -8.93 34.07
N GLY O 100 19.20 -8.48 34.56
CA GLY O 100 19.28 -7.61 35.72
C GLY O 100 19.50 -6.17 35.31
N THR O 101 19.55 -5.30 36.32
CA THR O 101 19.65 -3.86 36.09
C THR O 101 20.79 -3.21 36.86
N GLY O 102 21.13 -3.75 38.02
CA GLY O 102 22.05 -3.06 38.93
C GLY O 102 21.47 -3.12 40.33
N ASN O 103 22.13 -2.48 41.27
CA ASN O 103 21.73 -2.55 42.65
C ASN O 103 20.31 -1.97 42.83
N PHE O 104 19.58 -2.52 43.80
CA PHE O 104 18.25 -2.02 44.15
C PHE O 104 18.22 -0.51 44.44
N LEU O 105 19.29 0.02 45.04
CA LEU O 105 19.35 1.44 45.37
C LEU O 105 19.18 2.36 44.15
N ASP O 106 19.61 1.88 42.98
CA ASP O 106 19.59 2.65 41.72
C ASP O 106 18.53 2.16 40.77
N LEU O 107 17.63 1.29 41.22
CA LEU O 107 16.65 0.72 40.34
C LEU O 107 15.64 1.81 39.95
N SER O 108 15.48 2.06 38.65
CA SER O 108 14.59 3.15 38.17
C SER O 108 13.14 2.70 38.06
N ASP O 109 12.22 3.66 38.11
CA ASP O 109 10.79 3.43 37.88
C ASP O 109 10.56 2.72 36.53
N ALA O 110 11.29 3.16 35.50
CA ALA O 110 11.11 2.61 34.14
C ALA O 110 11.50 1.14 34.03
N ASP O 111 12.59 0.73 34.69
CA ASP O 111 12.98 -0.69 34.73
C ASP O 111 11.99 -1.50 35.57
N TRP O 112 11.61 -0.99 36.75
CA TRP O 112 10.58 -1.65 37.59
C TRP O 112 9.34 -1.93 36.78
N ASP O 113 8.77 -0.86 36.23
CA ASP O 113 7.49 -0.96 35.45
C ASP O 113 7.61 -1.88 34.28
N ARG O 114 8.75 -1.89 33.64
CA ARG O 114 8.90 -2.76 32.46
C ARG O 114 8.86 -4.25 32.84
N TYR O 115 9.58 -4.63 33.89
CA TYR O 115 9.60 -6.05 34.32
C TYR O 115 8.24 -6.49 34.91
N VAL O 116 7.63 -5.63 35.71
CA VAL O 116 6.33 -5.97 36.31
C VAL O 116 5.24 -6.03 35.22
N ASP O 117 5.15 -4.97 34.41
CA ASP O 117 4.20 -4.95 33.28
C ASP O 117 4.38 -6.09 32.28
N VAL O 118 5.59 -6.34 31.80
CA VAL O 118 5.75 -7.41 30.80
C VAL O 118 5.67 -8.80 31.39
N ASN O 119 6.39 -9.07 32.49
CA ASN O 119 6.43 -10.45 33.02
C ASN O 119 5.23 -10.84 33.91
N MET O 120 4.81 -9.97 34.81
CA MET O 120 3.71 -10.30 35.72
C MET O 120 2.35 -10.08 35.04
N THR O 121 2.10 -8.82 34.66
CA THR O 121 0.81 -8.43 34.05
C THR O 121 0.59 -9.06 32.70
N GLY O 122 1.64 -9.21 31.90
CA GLY O 122 1.53 -9.92 30.63
C GLY O 122 1.15 -11.38 30.78
N THR O 123 1.74 -12.05 31.77
CA THR O 123 1.36 -13.44 32.09
C THR O 123 -0.11 -13.52 32.59
N PHE O 124 -0.51 -12.58 33.44
CA PHE O 124 -1.90 -12.52 33.93
C PHE O 124 -2.89 -12.37 32.76
N LEU O 125 -2.65 -11.39 31.90
CA LEU O 125 -3.55 -11.12 30.75
C LEU O 125 -3.66 -12.32 29.83
N THR O 126 -2.52 -12.94 29.54
CA THR O 126 -2.48 -14.11 28.66
C THR O 126 -3.22 -15.29 29.30
N CYS O 127 -2.99 -15.50 30.61
CA CYS O 127 -3.63 -16.66 31.29
C CYS O 127 -5.14 -16.46 31.50
N ARG O 128 -5.56 -15.22 31.75
CA ARG O 128 -7.01 -14.94 31.87
C ARG O 128 -7.71 -15.17 30.53
N ALA O 129 -7.14 -14.65 29.45
CA ALA O 129 -7.65 -14.94 28.10
C ALA O 129 -7.72 -16.40 27.83
N GLY O 130 -6.64 -17.12 28.15
CA GLY O 130 -6.57 -18.55 27.90
C GLY O 130 -7.60 -19.32 28.67
N ALA O 131 -7.75 -19.00 29.95
CA ALA O 131 -8.64 -19.75 30.81
C ALA O 131 -10.10 -19.54 30.32
N ARG O 132 -10.45 -18.31 29.98
CA ARG O 132 -11.82 -18.01 29.46
C ARG O 132 -12.08 -18.77 28.17
N ALA O 133 -11.11 -18.83 27.27
CA ALA O 133 -11.23 -19.64 26.05
C ALA O 133 -11.40 -21.11 26.37
N MET O 134 -10.67 -21.61 27.35
CA MET O 134 -10.77 -23.04 27.72
C MET O 134 -12.17 -23.38 28.22
N VAL O 135 -12.72 -22.50 29.06
CA VAL O 135 -14.07 -22.72 29.57
C VAL O 135 -15.08 -22.61 28.42
N ALA O 136 -14.99 -21.55 27.63
CA ALA O 136 -15.83 -21.43 26.42
C ALA O 136 -15.77 -22.71 25.55
N ALA O 137 -14.60 -23.34 25.42
CA ALA O 137 -14.46 -24.54 24.58
C ALA O 137 -14.84 -25.83 25.29
N GLY O 138 -15.33 -25.74 26.53
CA GLY O 138 -15.88 -26.91 27.24
C GLY O 138 -14.90 -27.71 28.10
N ALA O 139 -13.90 -27.04 28.66
CA ALA O 139 -12.93 -27.70 29.56
C ALA O 139 -13.64 -28.52 30.65
N GLY O 140 -13.27 -29.80 30.77
CA GLY O 140 -13.82 -30.68 31.81
C GLY O 140 -14.94 -31.61 31.34
N LYS O 141 -15.64 -31.21 30.28
CA LYS O 141 -16.88 -31.85 29.83
C LYS O 141 -16.80 -33.37 29.73
N ASP O 142 -15.66 -33.89 29.27
CA ASP O 142 -15.46 -35.34 29.15
C ASP O 142 -14.64 -35.94 30.31
N GLY O 143 -14.50 -35.19 31.40
CA GLY O 143 -13.77 -35.66 32.58
C GLY O 143 -12.26 -35.44 32.53
N ARG O 144 -11.77 -34.92 31.41
CA ARG O 144 -10.37 -34.51 31.33
C ARG O 144 -10.27 -33.00 31.48
N SER O 145 -9.12 -32.51 31.96
CA SER O 145 -8.98 -31.11 32.27
C SER O 145 -8.05 -30.37 31.31
N ALA O 146 -8.36 -29.10 31.03
CA ALA O 146 -7.43 -28.23 30.35
C ALA O 146 -6.21 -27.93 31.29
N ARG O 147 -5.17 -27.31 30.73
CA ARG O 147 -3.87 -27.18 31.44
C ARG O 147 -3.23 -25.83 31.17
N ILE O 148 -2.98 -25.09 32.24
CA ILE O 148 -2.16 -23.88 32.15
C ILE O 148 -0.80 -24.13 32.81
N ILE O 149 0.26 -23.76 32.09
CA ILE O 149 1.65 -23.98 32.52
C ILE O 149 2.40 -22.67 32.43
N THR O 150 2.82 -22.13 33.59
CA THR O 150 3.57 -20.88 33.63
C THR O 150 5.07 -21.20 33.76
N ILE O 151 5.89 -20.34 33.18
CA ILE O 151 7.34 -20.49 33.28
C ILE O 151 7.81 -19.44 34.25
N GLY O 152 8.19 -19.88 35.44
CA GLY O 152 8.78 -18.96 36.45
C GLY O 152 10.28 -19.11 36.40
N SER O 153 10.88 -19.40 37.57
CA SER O 153 12.34 -19.42 37.72
C SER O 153 12.65 -19.84 39.14
N VAL O 154 13.88 -20.30 39.39
CA VAL O 154 14.37 -20.41 40.77
C VAL O 154 14.27 -19.04 41.46
N ASN O 155 14.32 -17.97 40.66
CA ASN O 155 14.14 -16.59 41.20
C ASN O 155 12.75 -16.31 41.73
N SER O 156 11.81 -17.24 41.51
CA SER O 156 10.49 -17.17 42.13
C SER O 156 10.55 -17.47 43.64
N PHE O 157 11.67 -18.04 44.10
CA PHE O 157 11.85 -18.44 45.48
C PHE O 157 13.13 -17.90 46.16
N MET O 158 14.21 -17.72 45.41
CA MET O 158 15.47 -17.21 45.94
C MET O 158 16.07 -16.16 44.99
N ALA O 159 16.65 -15.10 45.54
CA ALA O 159 17.03 -13.95 44.73
C ALA O 159 18.48 -14.02 44.23
N GLU O 160 18.66 -13.74 42.94
CA GLU O 160 20.00 -13.40 42.40
C GLU O 160 20.29 -11.97 42.74
N PRO O 161 21.57 -11.57 42.73
CA PRO O 161 21.91 -10.18 42.94
C PRO O 161 21.56 -9.31 41.73
N GLU O 162 21.26 -8.05 42.02
CA GLU O 162 21.14 -6.98 41.01
C GLU O 162 20.04 -7.21 39.98
N ALA O 163 18.91 -7.76 40.42
CA ALA O 163 17.80 -8.03 39.49
C ALA O 163 16.45 -7.98 40.20
N ALA O 164 16.26 -6.99 41.07
CA ALA O 164 15.13 -6.96 41.97
C ALA O 164 13.80 -6.92 41.23
N ALA O 165 13.77 -6.19 40.11
CA ALA O 165 12.52 -6.07 39.34
C ALA O 165 12.12 -7.42 38.77
N TYR O 166 13.08 -8.08 38.13
CA TYR O 166 12.86 -9.42 37.58
C TYR O 166 12.49 -10.46 38.69
N VAL O 167 13.17 -10.42 39.83
CA VAL O 167 12.97 -11.37 40.92
C VAL O 167 11.58 -11.20 41.54
N ALA O 168 11.19 -9.96 41.81
CA ALA O 168 9.85 -9.62 42.28
C ALA O 168 8.75 -10.11 41.37
N ALA O 169 8.86 -9.80 40.07
CA ALA O 169 7.89 -10.29 39.08
C ALA O 169 7.76 -11.80 39.07
N LYS O 170 8.87 -12.52 39.19
CA LYS O 170 8.83 -14.00 39.30
C LYS O 170 8.15 -14.54 40.59
N GLY O 171 8.24 -13.83 41.71
CA GLY O 171 7.45 -14.21 42.92
C GLY O 171 5.97 -14.00 42.64
N GLY O 172 5.69 -12.89 41.92
CA GLY O 172 4.35 -12.55 41.49
C GLY O 172 3.71 -13.62 40.66
N VAL O 173 4.45 -14.09 39.66
CA VAL O 173 4.00 -15.18 38.80
C VAL O 173 3.80 -16.49 39.56
N ALA O 174 4.68 -16.78 40.52
CA ALA O 174 4.54 -18.00 41.34
C ALA O 174 3.22 -18.02 42.15
N MET O 175 2.89 -16.91 42.78
CA MET O 175 1.64 -16.86 43.56
C MET O 175 0.41 -16.70 42.67
N LEU O 176 0.55 -15.99 41.55
CA LEU O 176 -0.51 -15.98 40.52
C LEU O 176 -0.83 -17.41 40.10
N THR O 177 0.20 -18.22 39.94
CA THR O 177 -0.02 -19.61 39.50
C THR O 177 -0.85 -20.39 40.53
N ARG O 178 -0.56 -20.19 41.81
CA ARG O 178 -1.33 -20.87 42.86
C ARG O 178 -2.78 -20.35 43.00
N ALA O 179 -2.97 -19.04 42.89
CA ALA O 179 -4.31 -18.46 42.92
C ALA O 179 -5.16 -18.98 41.74
N MET O 180 -4.53 -19.08 40.55
CA MET O 180 -5.19 -19.63 39.39
C MET O 180 -5.56 -21.09 39.60
N ALA O 181 -4.66 -21.87 40.19
CA ALA O 181 -4.97 -23.27 40.44
C ALA O 181 -6.20 -23.46 41.33
N VAL O 182 -6.24 -22.66 42.40
CA VAL O 182 -7.36 -22.71 43.34
C VAL O 182 -8.70 -22.34 42.67
N ASP O 183 -8.73 -21.18 41.99
CA ASP O 183 -9.97 -20.64 41.42
C ASP O 183 -10.44 -21.43 40.19
N LEU O 184 -9.50 -22.04 39.45
CA LEU O 184 -9.86 -22.70 38.19
C LEU O 184 -10.08 -24.19 38.29
N ALA O 185 -9.84 -24.76 39.48
CA ALA O 185 -10.07 -26.20 39.67
C ALA O 185 -11.55 -26.59 39.39
N ARG O 186 -12.50 -25.76 39.85
CA ARG O 186 -13.93 -26.06 39.63
C ARG O 186 -14.30 -26.00 38.12
N HIS O 187 -13.52 -25.28 37.33
CA HIS O 187 -13.75 -25.14 35.89
C HIS O 187 -12.99 -26.11 35.04
N GLY O 188 -12.48 -27.18 35.65
CA GLY O 188 -11.74 -28.22 34.94
C GLY O 188 -10.37 -27.82 34.37
N ILE O 189 -9.67 -26.86 34.99
CA ILE O 189 -8.34 -26.46 34.49
C ILE O 189 -7.27 -26.64 35.56
N LEU O 190 -6.18 -27.36 35.23
CA LEU O 190 -5.06 -27.56 36.16
C LEU O 190 -3.95 -26.56 35.83
N VAL O 191 -3.37 -25.96 36.85
CA VAL O 191 -2.42 -24.87 36.68
C VAL O 191 -1.16 -25.18 37.50
N ASN O 192 -0.01 -25.20 36.83
CA ASN O 192 1.31 -25.45 37.46
C ASN O 192 2.40 -24.58 36.88
N MET O 193 3.49 -24.42 37.64
CA MET O 193 4.64 -23.63 37.20
C MET O 193 5.84 -24.54 36.93
N ILE O 194 6.69 -24.12 35.99
CA ILE O 194 8.00 -24.74 35.82
C ILE O 194 9.03 -23.72 36.27
N ALA O 195 9.96 -24.13 37.13
CA ALA O 195 10.99 -23.25 37.65
C ALA O 195 12.37 -23.68 37.17
N PRO O 196 12.83 -23.14 36.02
CA PRO O 196 14.21 -23.44 35.57
C PRO O 196 15.29 -22.72 36.35
N GLY O 197 16.41 -23.39 36.55
CA GLY O 197 17.64 -22.72 37.00
C GLY O 197 18.36 -22.16 35.78
N PRO O 198 19.69 -22.08 35.83
CA PRO O 198 20.40 -21.58 34.65
C PRO O 198 20.16 -22.48 33.42
N VAL O 199 19.82 -21.85 32.30
CA VAL O 199 19.58 -22.57 31.03
C VAL O 199 20.33 -21.87 29.91
N ASP O 200 21.16 -22.61 29.18
CA ASP O 200 21.96 -22.01 28.11
C ASP O 200 21.05 -21.98 26.89
N VAL O 201 20.79 -20.75 26.44
CA VAL O 201 19.92 -20.49 25.29
C VAL O 201 20.69 -19.97 24.05
N THR O 202 22.02 -20.12 24.06
CA THR O 202 22.85 -19.63 22.96
C THR O 202 22.86 -20.59 21.77
N GLY O 203 22.58 -21.87 22.00
CA GLY O 203 22.80 -22.90 20.97
C GLY O 203 24.29 -23.14 20.70
N ASN O 204 25.12 -22.48 21.51
CA ASN O 204 26.53 -22.33 21.25
C ASN O 204 27.40 -22.78 22.42
N ASN O 205 26.75 -23.23 23.50
CA ASN O 205 27.39 -23.46 24.80
C ASN O 205 28.22 -22.30 25.30
N THR O 206 27.78 -21.08 25.03
CA THR O 206 28.51 -19.90 25.46
C THR O 206 27.72 -19.02 26.44
N GLY O 207 26.52 -19.44 26.82
CA GLY O 207 25.65 -18.62 27.70
C GLY O 207 26.26 -18.30 29.07
N TYR O 208 27.00 -19.26 29.64
CA TYR O 208 27.57 -19.09 30.98
C TYR O 208 29.10 -19.21 30.96
N SER O 209 29.72 -18.69 29.91
CA SER O 209 31.15 -18.90 29.68
C SER O 209 32.03 -17.80 30.27
N GLU O 210 31.46 -16.66 30.66
CA GLU O 210 32.26 -15.67 31.40
C GLU O 210 32.92 -16.36 32.61
N PRO O 211 34.24 -16.22 32.77
CA PRO O 211 34.96 -17.08 33.73
C PRO O 211 34.43 -17.07 35.17
N ARG O 212 34.12 -15.91 35.74
CA ARG O 212 33.62 -15.86 37.13
C ARG O 212 32.25 -16.57 37.21
N LEU O 213 31.39 -16.31 36.23
CA LEU O 213 30.09 -16.99 36.13
C LEU O 213 30.21 -18.50 35.97
N ALA O 214 31.13 -18.93 35.14
CA ALA O 214 31.31 -20.39 34.93
C ALA O 214 31.76 -21.09 36.24
N GLU O 215 32.64 -20.40 36.97
CA GLU O 215 33.10 -20.88 38.29
C GLU O 215 31.95 -20.99 39.30
N GLN O 216 31.06 -20.01 39.32
CA GLN O 216 29.93 -20.04 40.26
C GLN O 216 28.87 -21.07 39.85
N VAL O 217 28.72 -21.33 38.54
CA VAL O 217 27.84 -22.43 38.09
C VAL O 217 28.35 -23.75 38.62
N LEU O 218 29.65 -23.98 38.53
CA LEU O 218 30.27 -25.20 39.04
C LEU O 218 30.09 -25.35 40.57
N ASP O 219 30.20 -24.24 41.29
CA ASP O 219 30.00 -24.26 42.73
C ASP O 219 28.54 -24.51 43.12
N GLU O 220 27.62 -23.78 42.48
CA GLU O 220 26.23 -23.70 42.96
C GLU O 220 25.26 -24.69 42.35
N VAL O 221 25.57 -25.23 41.18
CA VAL O 221 24.70 -26.24 40.56
C VAL O 221 25.33 -27.58 40.79
N ALA O 222 24.57 -28.53 41.35
CA ALA O 222 25.14 -29.85 41.68
C ALA O 222 25.62 -30.58 40.42
N LEU O 223 24.90 -30.49 39.34
CA LEU O 223 25.32 -31.12 38.08
C LEU O 223 26.44 -30.32 37.38
N GLY O 224 26.78 -29.14 37.88
CA GLY O 224 27.98 -28.43 37.43
C GLY O 224 27.90 -27.80 36.04
N ARG O 225 26.68 -27.56 35.55
CA ARG O 225 26.51 -26.97 34.22
C ARG O 225 25.13 -26.34 34.13
N PRO O 226 24.93 -25.48 33.11
CA PRO O 226 23.60 -24.99 32.79
C PRO O 226 22.77 -26.05 32.11
N GLY O 227 21.46 -25.90 32.16
CA GLY O 227 20.55 -26.79 31.45
C GLY O 227 20.42 -26.37 29.98
N LEU O 228 19.85 -27.28 29.19
CA LEU O 228 19.44 -27.00 27.81
C LEU O 228 17.93 -26.82 27.74
N PRO O 229 17.44 -25.99 26.80
CA PRO O 229 16.00 -25.75 26.65
C PRO O 229 15.14 -27.01 26.57
N GLU O 230 15.64 -28.03 25.88
CA GLU O 230 14.95 -29.33 25.78
C GLU O 230 14.73 -29.96 27.15
N GLU O 231 15.66 -29.73 28.08
CA GLU O 231 15.54 -30.28 29.44
C GLU O 231 14.39 -29.64 30.24
N VAL O 232 13.94 -28.47 29.82
CA VAL O 232 12.79 -27.81 30.43
C VAL O 232 11.48 -28.19 29.71
N ALA O 233 11.54 -28.22 28.38
CA ALA O 233 10.37 -28.58 27.54
C ALA O 233 9.76 -29.92 27.95
N THR O 234 10.59 -30.87 28.33
CA THR O 234 10.06 -32.17 28.70
C THR O 234 9.00 -32.11 29.83
N ALA O 235 9.18 -31.17 30.77
CA ALA O 235 8.23 -30.98 31.86
C ALA O 235 6.91 -30.37 31.35
N ALA O 236 6.98 -29.55 30.31
CA ALA O 236 5.79 -28.95 29.71
C ALA O 236 4.90 -30.03 29.09
N VAL O 237 5.52 -31.08 28.55
CA VAL O 237 4.77 -32.22 28.03
C VAL O 237 4.12 -33.00 29.16
N PHE O 238 4.91 -33.28 30.20
CA PHE O 238 4.43 -34.02 31.38
C PHE O 238 3.21 -33.35 31.98
N LEU O 239 3.30 -32.03 32.17
CA LEU O 239 2.21 -31.28 32.82
C LEU O 239 0.97 -31.10 31.91
N ALA O 240 1.13 -31.24 30.60
CA ALA O 240 0.02 -31.13 29.62
C ALA O 240 -0.72 -32.44 29.38
N GLU O 241 -0.10 -33.57 29.69
CA GLU O 241 -0.67 -34.88 29.31
C GLU O 241 -1.77 -35.32 30.26
N ASP O 242 -2.60 -36.27 29.78
CA ASP O 242 -3.79 -36.74 30.53
C ASP O 242 -3.44 -37.36 31.88
N GLY O 243 -2.29 -37.98 31.99
CA GLY O 243 -1.88 -38.68 33.20
C GLY O 243 -1.64 -37.80 34.42
N SER O 244 -1.36 -36.53 34.19
CA SER O 244 -1.06 -35.57 35.27
C SER O 244 -2.31 -34.91 35.87
N SER O 245 -3.37 -35.69 36.00
CA SER O 245 -4.69 -35.17 36.30
C SER O 245 -4.90 -34.87 37.79
N PHE O 246 -3.97 -35.24 38.68
CA PHE O 246 -4.05 -34.84 40.10
C PHE O 246 -2.99 -33.80 40.52
N ILE O 247 -2.36 -33.19 39.53
CA ILE O 247 -1.28 -32.25 39.77
C ILE O 247 -1.75 -30.86 39.47
N THR O 248 -1.89 -30.06 40.53
CA THR O 248 -2.25 -28.66 40.36
C THR O 248 -1.73 -27.81 41.52
N GLY O 249 -1.43 -26.55 41.22
CA GLY O 249 -0.90 -25.59 42.16
C GLY O 249 0.55 -25.84 42.57
N SER O 250 1.26 -26.64 41.80
CA SER O 250 2.61 -27.09 42.14
C SER O 250 3.68 -26.48 41.24
N THR O 251 4.93 -26.74 41.59
CA THR O 251 6.08 -26.29 40.82
C THR O 251 6.96 -27.49 40.53
N ILE O 252 7.44 -27.55 39.29
CA ILE O 252 8.45 -28.51 38.90
C ILE O 252 9.73 -27.69 38.72
N THR O 253 10.73 -27.98 39.55
CA THR O 253 11.96 -27.23 39.53
C THR O 253 12.99 -27.97 38.70
N ILE O 254 13.65 -27.25 37.79
CA ILE O 254 14.55 -27.89 36.79
C ILE O 254 15.83 -27.07 36.81
N ASP O 255 16.73 -27.41 37.76
CA ASP O 255 17.88 -26.56 38.07
C ASP O 255 19.23 -27.25 38.40
N GLY O 256 19.33 -28.56 38.15
CA GLY O 256 20.53 -29.31 38.39
C GLY O 256 20.96 -29.29 39.84
N GLY O 257 19.99 -29.10 40.74
CA GLY O 257 20.22 -29.12 42.19
C GLY O 257 20.54 -27.78 42.81
N LEU O 258 20.53 -26.72 42.04
CA LEU O 258 20.84 -25.40 42.56
C LEU O 258 20.10 -25.09 43.89
N SER O 259 18.77 -25.25 43.88
CA SER O 259 17.95 -24.80 45.00
C SER O 259 17.94 -25.82 46.12
N ALA O 260 18.49 -27.01 45.88
CA ALA O 260 18.59 -28.04 46.92
C ALA O 260 19.85 -27.97 47.78
N MET O 261 20.85 -27.19 47.35
CA MET O 261 22.23 -27.29 47.87
C MET O 261 22.69 -25.98 48.51
N ILE O 262 23.48 -26.07 49.58
CA ILE O 262 24.25 -24.93 50.09
C ILE O 262 25.73 -25.35 50.24
N PHE O 263 26.63 -24.37 50.17
CA PHE O 263 28.10 -24.65 50.23
C PHE O 263 28.54 -25.74 49.20
N GLY O 264 27.96 -25.66 48.02
CA GLY O 264 28.35 -26.55 46.93
C GLY O 264 29.83 -26.40 46.52
N GLY O 265 30.39 -25.22 46.70
CA GLY O 265 31.82 -25.04 46.41
C GLY O 265 32.76 -25.86 47.29
N MET O 266 32.25 -26.36 48.43
CA MET O 266 33.01 -27.18 49.37
C MET O 266 33.00 -28.67 49.03
N ARG O 267 32.15 -29.12 48.10
CA ARG O 267 32.04 -30.54 47.81
C ARG O 267 33.28 -31.16 47.17
N GLU O 268 33.44 -32.46 47.40
CA GLU O 268 34.50 -33.27 46.80
C GLU O 268 34.37 -33.22 45.29
N GLY O 269 35.42 -32.85 44.60
CA GLY O 269 35.36 -32.68 43.16
C GLY O 269 35.42 -31.22 42.79
N ARG O 270 35.06 -30.33 43.72
CA ARG O 270 35.09 -28.89 43.49
C ARG O 270 36.16 -28.20 44.25
N ARG O 271 36.26 -28.48 45.53
CA ARG O 271 37.27 -27.75 46.28
C ARG O 271 38.66 -28.25 45.82
N GLY P 11 -42.72 -54.26 -54.38
CA GLY P 11 -42.03 -53.17 -53.59
C GLY P 11 -42.80 -52.77 -52.32
N ARG P 12 -42.07 -52.25 -51.34
CA ARG P 12 -42.65 -51.95 -50.02
C ARG P 12 -43.60 -50.76 -50.03
N LEU P 13 -43.53 -49.92 -51.05
CA LEU P 13 -44.41 -48.76 -51.22
C LEU P 13 -45.29 -48.91 -52.48
N ALA P 14 -45.56 -50.15 -52.86
CA ALA P 14 -46.25 -50.46 -54.13
C ALA P 14 -47.62 -49.79 -54.18
N GLY P 15 -47.80 -48.88 -55.13
CA GLY P 15 -49.08 -48.22 -55.34
C GLY P 15 -49.36 -47.01 -54.48
N LYS P 16 -48.39 -46.56 -53.69
CA LYS P 16 -48.58 -45.37 -52.85
C LYS P 16 -48.21 -44.14 -53.64
N ALA P 17 -48.92 -43.04 -53.37
CA ALA P 17 -48.66 -41.73 -53.96
C ALA P 17 -47.87 -40.87 -52.97
N ALA P 18 -46.73 -40.34 -53.40
CA ALA P 18 -45.80 -39.60 -52.54
C ALA P 18 -45.37 -38.27 -53.16
N ILE P 19 -45.27 -37.24 -52.33
CA ILE P 19 -44.60 -35.99 -52.68
C ILE P 19 -43.32 -35.89 -51.82
N VAL P 20 -42.18 -35.64 -52.49
CA VAL P 20 -40.91 -35.34 -51.84
C VAL P 20 -40.46 -33.91 -52.18
N THR P 21 -40.37 -33.03 -51.17
CA THR P 21 -39.84 -31.68 -51.38
C THR P 21 -38.33 -31.66 -51.16
N GLY P 22 -37.67 -30.62 -51.66
CA GLY P 22 -36.20 -30.59 -51.75
C GLY P 22 -35.64 -31.73 -52.58
N ALA P 23 -36.36 -32.11 -53.64
CA ALA P 23 -36.08 -33.36 -54.38
C ALA P 23 -34.89 -33.31 -55.32
N ALA P 24 -34.35 -32.11 -55.55
CA ALA P 24 -33.12 -31.99 -56.30
C ALA P 24 -31.90 -32.27 -55.38
N GLY P 25 -31.94 -31.73 -54.15
CA GLY P 25 -30.87 -31.94 -53.16
C GLY P 25 -30.59 -33.39 -52.78
N GLY P 26 -29.39 -33.63 -52.23
CA GLY P 26 -28.92 -34.95 -51.81
C GLY P 26 -29.91 -35.88 -51.17
N ILE P 27 -30.35 -35.56 -49.95
CA ILE P 27 -31.31 -36.44 -49.24
C ILE P 27 -32.64 -36.59 -50.02
N GLY P 28 -33.17 -35.48 -50.53
CA GLY P 28 -34.42 -35.52 -51.29
C GLY P 28 -34.32 -36.37 -52.53
N ARG P 29 -33.19 -36.22 -53.23
CA ARG P 29 -32.93 -37.00 -54.43
C ARG P 29 -32.85 -38.48 -54.08
N ALA P 30 -32.05 -38.83 -53.07
CA ALA P 30 -31.93 -40.24 -52.69
C ALA P 30 -33.29 -40.82 -52.25
N THR P 31 -34.15 -39.98 -51.68
CA THR P 31 -35.47 -40.44 -51.24
C THR P 31 -36.43 -40.69 -52.44
N VAL P 32 -36.46 -39.76 -53.40
CA VAL P 32 -37.18 -39.99 -54.66
C VAL P 32 -36.79 -41.35 -55.27
N GLU P 33 -35.49 -41.61 -55.40
CA GLU P 33 -34.98 -42.84 -56.02
C GLU P 33 -35.39 -44.09 -55.23
N ALA P 34 -35.27 -44.03 -53.89
CA ALA P 34 -35.66 -45.17 -53.07
C ALA P 34 -37.16 -45.44 -53.19
N TYR P 35 -37.94 -44.37 -53.26
CA TYR P 35 -39.41 -44.47 -53.34
C TYR P 35 -39.84 -45.09 -54.71
N LEU P 36 -39.25 -44.59 -55.80
CA LEU P 36 -39.48 -45.18 -57.13
C LEU P 36 -39.11 -46.67 -57.13
N ARG P 37 -37.93 -46.98 -56.63
CA ARG P 37 -37.47 -48.37 -56.51
C ARG P 37 -38.41 -49.28 -55.69
N GLU P 38 -39.19 -48.71 -54.78
CA GLU P 38 -40.09 -49.50 -53.93
C GLU P 38 -41.54 -49.47 -54.40
N GLY P 39 -41.77 -48.91 -55.57
CA GLY P 39 -43.05 -49.06 -56.27
C GLY P 39 -44.02 -47.90 -56.10
N ALA P 40 -43.55 -46.76 -55.61
CA ALA P 40 -44.43 -45.63 -55.38
C ALA P 40 -44.47 -44.76 -56.63
N SER P 41 -45.55 -43.98 -56.79
CA SER P 41 -45.55 -42.85 -57.72
C SER P 41 -45.12 -41.64 -56.95
N VAL P 42 -44.22 -40.88 -57.56
CA VAL P 42 -43.50 -39.84 -56.86
C VAL P 42 -43.50 -38.52 -57.59
N VAL P 43 -43.95 -37.47 -56.93
CA VAL P 43 -43.69 -36.12 -57.41
C VAL P 43 -42.42 -35.63 -56.78
N ALA P 44 -41.51 -35.09 -57.60
CA ALA P 44 -40.28 -34.48 -57.11
C ALA P 44 -40.44 -32.97 -57.18
N MET P 45 -40.47 -32.33 -56.01
CA MET P 45 -40.69 -30.89 -55.91
C MET P 45 -39.43 -30.17 -55.46
N ASP P 46 -39.06 -29.10 -56.18
CA ASP P 46 -37.92 -28.27 -55.81
C ASP P 46 -37.96 -26.99 -56.66
N LEU P 47 -36.96 -26.13 -56.53
CA LEU P 47 -36.86 -24.95 -57.40
C LEU P 47 -36.72 -25.37 -58.88
N ALA P 48 -37.30 -24.57 -59.79
CA ALA P 48 -37.32 -24.89 -61.22
C ALA P 48 -35.92 -25.13 -61.81
N PRO P 49 -34.99 -24.20 -61.57
CA PRO P 49 -33.62 -24.42 -62.05
C PRO P 49 -33.02 -25.75 -61.59
N ARG P 50 -33.17 -26.06 -60.31
CA ARG P 50 -32.58 -27.26 -59.72
C ARG P 50 -33.16 -28.53 -60.32
N LEU P 51 -34.48 -28.58 -60.46
CA LEU P 51 -35.14 -29.71 -61.13
C LEU P 51 -34.59 -29.85 -62.55
N ALA P 52 -34.43 -28.73 -63.24
CA ALA P 52 -33.87 -28.72 -64.60
C ALA P 52 -32.50 -29.38 -64.62
N ALA P 53 -31.68 -29.08 -63.61
CA ALA P 53 -30.31 -29.56 -63.54
C ALA P 53 -30.10 -30.94 -62.90
N THR P 54 -31.16 -31.70 -62.59
CA THR P 54 -30.97 -33.01 -61.94
C THR P 54 -31.41 -34.20 -62.81
N ARG P 55 -30.79 -35.35 -62.58
CA ARG P 55 -31.20 -36.60 -63.20
C ARG P 55 -31.37 -37.61 -62.08
N TYR P 56 -32.34 -38.51 -62.22
CA TYR P 56 -32.55 -39.56 -61.26
C TYR P 56 -32.09 -40.88 -61.86
N GLU P 57 -31.48 -41.73 -61.03
CA GLU P 57 -31.05 -43.05 -61.48
C GLU P 57 -32.22 -44.05 -61.61
N GLU P 58 -33.43 -43.62 -61.26
CA GLU P 58 -34.63 -44.44 -61.45
C GLU P 58 -35.66 -43.65 -62.26
N PRO P 59 -36.44 -44.34 -63.12
CA PRO P 59 -37.43 -43.65 -63.95
C PRO P 59 -38.78 -43.50 -63.24
N GLY P 60 -39.55 -42.49 -63.62
CA GLY P 60 -40.94 -42.33 -63.17
C GLY P 60 -41.24 -41.04 -62.42
N ALA P 61 -40.22 -40.28 -62.03
CA ALA P 61 -40.42 -39.08 -61.23
C ALA P 61 -41.20 -38.00 -61.96
N ILE P 62 -42.21 -37.44 -61.30
CA ILE P 62 -43.00 -36.35 -61.87
C ILE P 62 -42.48 -35.04 -61.29
N PRO P 63 -41.69 -34.30 -62.10
CA PRO P 63 -41.14 -33.05 -61.56
C PRO P 63 -42.18 -31.96 -61.49
N ILE P 64 -42.18 -31.20 -60.40
CA ILE P 64 -43.07 -30.05 -60.23
C ILE P 64 -42.33 -28.93 -59.52
N ALA P 65 -42.18 -27.79 -60.18
CA ALA P 65 -41.46 -26.66 -59.65
C ALA P 65 -42.21 -26.06 -58.50
N CYS P 66 -41.48 -25.60 -57.49
CA CYS P 66 -42.05 -24.88 -56.36
C CYS P 66 -41.06 -23.94 -55.70
N ASP P 67 -41.56 -23.13 -54.77
CA ASP P 67 -40.76 -22.09 -54.13
C ASP P 67 -41.06 -21.96 -52.62
N LEU P 68 -40.41 -22.82 -51.83
CA LEU P 68 -40.56 -22.84 -50.37
C LEU P 68 -40.09 -21.51 -49.76
N ASP P 70 -43.43 -18.06 -53.04
CA ASP P 70 -44.60 -17.69 -52.24
C ASP P 70 -45.24 -18.88 -51.47
N ARG P 71 -45.95 -18.53 -50.40
CA ARG P 71 -47.02 -19.37 -49.84
C ARG P 71 -48.06 -19.71 -50.92
N ALA P 72 -48.36 -18.74 -51.79
CA ALA P 72 -49.15 -18.98 -53.00
C ALA P 72 -48.53 -20.09 -53.85
N ALA P 73 -47.21 -20.02 -54.03
CA ALA P 73 -46.47 -21.01 -54.79
C ALA P 73 -46.65 -22.41 -54.21
N ILE P 74 -46.50 -22.54 -52.88
CA ILE P 74 -46.58 -23.84 -52.22
C ILE P 74 -47.95 -24.46 -52.46
N ASP P 75 -49.01 -23.71 -52.23
CA ASP P 75 -50.37 -24.24 -52.44
C ASP P 75 -50.61 -24.68 -53.89
N ALA P 76 -50.19 -23.83 -54.83
CA ALA P 76 -50.31 -24.12 -56.25
C ALA P 76 -49.61 -25.42 -56.59
N ALA P 77 -48.35 -25.54 -56.17
CA ALA P 77 -47.55 -26.73 -56.47
C ALA P 77 -48.14 -27.99 -55.87
N MET P 78 -48.61 -27.89 -54.62
CA MET P 78 -49.19 -29.05 -53.92
C MET P 78 -50.52 -29.49 -54.56
N ALA P 79 -51.35 -28.52 -54.95
CA ALA P 79 -52.64 -28.85 -55.62
C ALA P 79 -52.36 -29.57 -56.96
N ASP P 80 -51.43 -29.01 -57.73
CA ASP P 80 -51.01 -29.64 -58.99
C ASP P 80 -50.49 -31.07 -58.75
N ALA P 81 -49.64 -31.25 -57.72
CA ALA P 81 -49.05 -32.55 -57.43
C ALA P 81 -50.12 -33.60 -57.11
N VAL P 82 -51.07 -33.22 -56.25
CA VAL P 82 -52.12 -34.14 -55.82
C VAL P 82 -53.06 -34.49 -56.98
N ALA P 83 -53.34 -33.49 -57.81
CA ALA P 83 -54.10 -33.70 -59.05
C ALA P 83 -53.42 -34.78 -59.90
N ARG P 84 -52.12 -34.64 -60.13
CA ARG P 84 -51.42 -35.58 -61.00
C ARG P 84 -51.27 -36.97 -60.42
N LEU P 85 -51.23 -37.07 -59.09
CA LEU P 85 -51.08 -38.39 -58.44
C LEU P 85 -52.43 -39.06 -58.23
N GLY P 86 -53.48 -38.25 -58.18
CA GLY P 86 -54.83 -38.78 -57.92
C GLY P 86 -55.06 -39.04 -56.45
N GLY P 87 -54.35 -38.31 -55.59
CA GLY P 87 -54.38 -38.53 -54.14
C GLY P 87 -53.03 -38.22 -53.47
N LEU P 88 -52.89 -38.65 -52.23
CA LEU P 88 -51.64 -38.45 -51.46
C LEU P 88 -51.61 -39.38 -50.24
N ASP P 89 -50.62 -40.27 -50.23
CA ASP P 89 -50.40 -41.17 -49.10
C ASP P 89 -49.19 -40.76 -48.25
N ILE P 90 -48.17 -40.16 -48.88
CA ILE P 90 -46.86 -39.90 -48.25
C ILE P 90 -46.32 -38.51 -48.63
N LEU P 91 -45.98 -37.71 -47.62
CA LEU P 91 -45.26 -36.46 -47.80
C LEU P 91 -43.88 -36.55 -47.09
N VAL P 92 -42.81 -36.26 -47.81
CA VAL P 92 -41.47 -36.06 -47.21
C VAL P 92 -41.16 -34.56 -47.37
N ALA P 93 -41.13 -33.83 -46.26
CA ALA P 93 -40.84 -32.40 -46.31
C ALA P 93 -39.34 -32.22 -46.12
N GLY P 94 -38.62 -32.23 -47.24
CA GLY P 94 -37.16 -32.13 -47.26
C GLY P 94 -36.58 -30.79 -47.68
N GLY P 95 -37.44 -29.85 -48.08
CA GLY P 95 -36.95 -28.52 -48.45
C GLY P 95 -36.29 -27.85 -47.25
N ALA P 96 -35.10 -27.29 -47.45
CA ALA P 96 -34.35 -26.64 -46.36
C ALA P 96 -33.16 -25.79 -46.83
N LEU P 97 -33.04 -24.60 -46.24
CA LEU P 97 -31.81 -23.82 -46.32
C LEU P 97 -30.84 -24.32 -45.25
N LYS P 98 -29.60 -24.60 -45.64
CA LYS P 98 -28.58 -25.04 -44.66
C LYS P 98 -27.52 -23.95 -44.55
N GLY P 99 -26.60 -24.11 -43.61
CA GLY P 99 -25.48 -23.17 -43.49
C GLY P 99 -25.56 -22.28 -42.27
N GLY P 100 -24.39 -21.84 -41.81
CA GLY P 100 -24.26 -20.90 -40.71
C GLY P 100 -24.06 -19.48 -41.20
N THR P 101 -24.00 -18.54 -40.27
CA THR P 101 -23.91 -17.14 -40.58
C THR P 101 -22.73 -16.45 -39.88
N GLY P 102 -22.40 -16.87 -38.67
CA GLY P 102 -21.45 -16.18 -37.81
C GLY P 102 -21.99 -16.16 -36.40
N ASN P 103 -21.30 -15.45 -35.52
CA ASN P 103 -21.70 -15.43 -34.13
C ASN P 103 -23.11 -14.86 -33.96
N PHE P 104 -23.82 -15.39 -32.97
CA PHE P 104 -25.14 -14.85 -32.59
C PHE P 104 -25.13 -13.32 -32.40
N LEU P 105 -24.08 -12.76 -31.81
CA LEU P 105 -24.03 -11.30 -31.59
C LEU P 105 -24.21 -10.47 -32.85
N ASP P 106 -23.78 -11.01 -34.00
CA ASP P 106 -23.83 -10.32 -35.29
C ASP P 106 -24.91 -10.83 -36.21
N LEU P 107 -25.79 -11.70 -35.70
CA LEU P 107 -26.81 -12.32 -36.55
C LEU P 107 -27.82 -11.27 -36.98
N SER P 108 -28.02 -11.10 -38.29
CA SER P 108 -28.91 -10.02 -38.79
C SER P 108 -30.37 -10.50 -38.85
N ASP P 109 -31.28 -9.52 -38.84
CA ASP P 109 -32.71 -9.76 -39.06
C ASP P 109 -32.99 -10.53 -40.36
N ALA P 110 -32.29 -10.16 -41.42
CA ALA P 110 -32.48 -10.78 -42.73
C ALA P 110 -32.09 -12.27 -42.73
N ASP P 111 -30.97 -12.62 -42.12
CA ASP P 111 -30.59 -14.04 -41.98
C ASP P 111 -31.59 -14.79 -41.08
N TRP P 112 -31.92 -14.22 -39.93
CA TRP P 112 -32.95 -14.83 -39.04
C TRP P 112 -34.22 -15.14 -39.80
N ASP P 113 -34.78 -14.09 -40.44
CA ASP P 113 -36.05 -14.24 -41.18
C ASP P 113 -35.97 -15.27 -42.31
N ARG P 114 -34.84 -15.40 -43.00
CA ARG P 114 -34.80 -16.32 -44.13
C ARG P 114 -34.73 -17.78 -43.68
N TYR P 115 -34.03 -18.03 -42.56
CA TYR P 115 -33.98 -19.40 -42.02
C TYR P 115 -35.31 -19.82 -41.40
N VAL P 116 -35.90 -18.94 -40.60
CA VAL P 116 -37.21 -19.22 -39.97
C VAL P 116 -38.29 -19.35 -41.04
N ASP P 117 -38.38 -18.36 -41.95
CA ASP P 117 -39.39 -18.37 -43.04
C ASP P 117 -39.24 -19.58 -43.94
N VAL P 118 -38.03 -19.88 -44.41
CA VAL P 118 -37.89 -20.99 -45.36
C VAL P 118 -37.97 -22.36 -44.71
N ASN P 119 -37.24 -22.56 -43.62
CA ASN P 119 -37.19 -23.90 -43.00
C ASN P 119 -38.37 -24.24 -42.05
N MET P 120 -38.74 -23.32 -41.19
CA MET P 120 -39.85 -23.55 -40.25
C MET P 120 -41.22 -23.32 -40.92
N THR P 121 -41.47 -22.09 -41.38
CA THR P 121 -42.76 -21.75 -42.02
C THR P 121 -43.02 -22.52 -43.31
N GLY P 122 -41.97 -22.70 -44.11
CA GLY P 122 -42.12 -23.47 -45.36
C GLY P 122 -42.52 -24.90 -45.12
N THR P 123 -41.94 -25.52 -44.09
CA THR P 123 -42.33 -26.88 -43.66
C THR P 123 -43.79 -26.92 -43.13
N PHE P 124 -44.16 -25.92 -42.35
CA PHE P 124 -45.54 -25.81 -41.86
C PHE P 124 -46.57 -25.73 -42.99
N LEU P 125 -46.34 -24.82 -43.94
CA LEU P 125 -47.25 -24.61 -45.07
C LEU P 125 -47.37 -25.86 -45.92
N THR P 126 -46.23 -26.49 -46.20
CA THR P 126 -46.20 -27.70 -47.00
C THR P 126 -46.96 -28.81 -46.26
N CYS P 127 -46.69 -28.97 -44.94
CA CYS P 127 -47.31 -30.07 -44.22
C CYS P 127 -48.82 -29.86 -44.00
N ARG P 128 -49.24 -28.60 -43.79
CA ARG P 128 -50.68 -28.30 -43.69
C ARG P 128 -51.41 -28.65 -45.00
N ALA P 129 -50.86 -28.22 -46.12
CA ALA P 129 -51.41 -28.55 -47.44
C ALA P 129 -51.47 -30.06 -47.63
N GLY P 130 -50.37 -30.73 -47.30
CA GLY P 130 -50.30 -32.17 -47.45
C GLY P 130 -51.34 -32.89 -46.59
N ALA P 131 -51.46 -32.47 -45.33
CA ALA P 131 -52.34 -33.16 -44.42
C ALA P 131 -53.82 -32.98 -44.87
N ARG P 132 -54.16 -31.77 -45.32
CA ARG P 132 -55.51 -31.52 -45.84
C ARG P 132 -55.81 -32.38 -47.05
N ALA P 133 -54.85 -32.52 -47.95
CA ALA P 133 -55.03 -33.36 -49.12
C ALA P 133 -55.20 -34.82 -48.71
N MET P 134 -54.40 -35.28 -47.75
CA MET P 134 -54.51 -36.67 -47.30
C MET P 134 -55.91 -36.97 -46.72
N VAL P 135 -56.46 -36.03 -45.96
CA VAL P 135 -57.80 -36.19 -45.40
C VAL P 135 -58.83 -36.16 -46.55
N ALA P 136 -58.75 -35.17 -47.43
CA ALA P 136 -59.58 -35.11 -48.62
C ALA P 136 -59.53 -36.43 -49.40
N ALA P 137 -58.37 -37.06 -49.51
CA ALA P 137 -58.25 -38.31 -50.28
C ALA P 137 -58.62 -39.57 -49.50
N GLY P 138 -59.07 -39.41 -48.26
CA GLY P 138 -59.60 -40.54 -47.48
C GLY P 138 -58.65 -41.29 -46.56
N ALA P 139 -57.62 -40.59 -46.07
CA ALA P 139 -56.65 -41.19 -45.15
C ALA P 139 -57.33 -41.94 -44.01
N GLY P 140 -56.95 -43.21 -43.83
CA GLY P 140 -57.51 -44.04 -42.76
C GLY P 140 -58.61 -45.01 -43.17
N LYS P 141 -59.34 -44.70 -44.24
CA LYS P 141 -60.59 -45.39 -44.58
C LYS P 141 -60.46 -46.89 -44.93
N ASP P 142 -59.23 -47.37 -45.11
CA ASP P 142 -59.00 -48.82 -45.28
C ASP P 142 -58.29 -49.43 -44.06
N GLY P 143 -58.18 -48.68 -42.96
CA GLY P 143 -57.45 -49.13 -41.77
C GLY P 143 -55.96 -48.84 -41.81
N ARG P 144 -55.46 -48.32 -42.93
CA ARG P 144 -54.07 -47.91 -43.05
C ARG P 144 -53.99 -46.39 -42.99
N SER P 145 -52.84 -45.87 -42.55
CA SER P 145 -52.68 -44.45 -42.31
C SER P 145 -51.77 -43.79 -43.34
N ALA P 146 -52.07 -42.53 -43.70
CA ALA P 146 -51.15 -41.70 -44.49
C ALA P 146 -49.93 -41.33 -43.59
N ARG P 147 -48.90 -40.74 -44.18
CA ARG P 147 -47.59 -40.61 -43.51
C ARG P 147 -46.94 -39.27 -43.84
N ILE P 148 -46.65 -38.47 -42.82
CA ILE P 148 -45.86 -37.26 -42.99
C ILE P 148 -44.48 -37.46 -42.32
N ILE P 149 -43.43 -37.17 -43.09
CA ILE P 149 -42.04 -37.35 -42.67
C ILE P 149 -41.31 -36.01 -42.86
N THR P 150 -40.83 -35.44 -41.76
CA THR P 150 -40.05 -34.19 -41.81
C THR P 150 -38.53 -34.49 -41.66
N ILE P 151 -37.71 -33.67 -42.29
CA ILE P 151 -36.27 -33.83 -42.20
C ILE P 151 -35.76 -32.72 -41.28
N GLY P 152 -35.34 -33.09 -40.08
CA GLY P 152 -34.77 -32.14 -39.15
C GLY P 152 -33.28 -32.30 -39.21
N SER P 153 -32.65 -32.55 -38.06
CA SER P 153 -31.20 -32.54 -37.92
C SER P 153 -30.86 -32.87 -36.47
N VAL P 154 -29.62 -33.29 -36.22
CA VAL P 154 -29.12 -33.34 -34.86
C VAL P 154 -29.21 -31.92 -34.25
N ASN P 155 -29.16 -30.90 -35.10
CA ASN P 155 -29.33 -29.51 -34.65
C ASN P 155 -30.74 -29.20 -34.14
N SER P 156 -31.69 -30.13 -34.31
CA SER P 156 -32.99 -30.03 -33.64
C SER P 156 -32.89 -30.20 -32.11
N PHE P 157 -31.77 -30.75 -31.64
CA PHE P 157 -31.56 -31.09 -30.23
C PHE P 157 -30.29 -30.51 -29.60
N MET P 158 -29.21 -30.40 -30.37
CA MET P 158 -27.94 -29.85 -29.88
C MET P 158 -27.36 -28.86 -30.89
N ALA P 159 -26.78 -27.76 -30.40
CA ALA P 159 -26.40 -26.68 -31.29
C ALA P 159 -24.94 -26.81 -31.80
N GLU P 160 -24.77 -26.64 -33.12
CA GLU P 160 -23.46 -26.30 -33.72
C GLU P 160 -23.16 -24.85 -33.45
N PRO P 161 -21.89 -24.45 -33.52
CA PRO P 161 -21.52 -23.05 -33.39
C PRO P 161 -21.88 -22.25 -34.64
N GLU P 162 -22.18 -20.98 -34.42
CA GLU P 162 -22.31 -19.98 -35.50
C GLU P 162 -23.41 -20.26 -36.51
N ALA P 163 -24.56 -20.74 -36.03
CA ALA P 163 -25.66 -21.07 -36.89
C ALA P 163 -27.02 -20.99 -36.15
N ALA P 164 -27.18 -19.97 -35.32
CA ALA P 164 -28.30 -19.85 -34.42
C ALA P 164 -29.66 -19.82 -35.11
N ALA P 165 -29.74 -19.22 -36.31
CA ALA P 165 -30.99 -19.15 -37.04
C ALA P 165 -31.39 -20.54 -37.55
N TYR P 166 -30.44 -21.23 -38.17
CA TYR P 166 -30.67 -22.59 -38.64
C TYR P 166 -31.02 -23.57 -37.48
N VAL P 167 -30.32 -23.46 -36.36
CA VAL P 167 -30.51 -24.33 -35.20
C VAL P 167 -31.90 -24.09 -34.57
N ALA P 168 -32.25 -22.83 -34.33
CA ALA P 168 -33.59 -22.43 -33.87
C ALA P 168 -34.75 -22.97 -34.74
N ALA P 169 -34.65 -22.76 -36.06
CA ALA P 169 -35.63 -23.29 -37.00
C ALA P 169 -35.75 -24.83 -36.90
N LYS P 170 -34.63 -25.54 -36.79
CA LYS P 170 -34.67 -27.01 -36.59
C LYS P 170 -35.36 -27.48 -35.29
N GLY P 171 -35.21 -26.74 -34.21
CA GLY P 171 -35.98 -27.04 -32.97
C GLY P 171 -37.47 -26.80 -33.21
N GLY P 172 -37.77 -25.76 -33.99
CA GLY P 172 -39.10 -25.46 -34.41
C GLY P 172 -39.75 -26.60 -35.12
N VAL P 173 -39.03 -27.15 -36.09
CA VAL P 173 -39.52 -28.22 -36.92
C VAL P 173 -39.71 -29.47 -36.10
N ALA P 174 -38.81 -29.70 -35.14
CA ALA P 174 -38.92 -30.88 -34.28
C ALA P 174 -40.21 -30.82 -33.47
N MET P 175 -40.55 -29.66 -32.90
CA MET P 175 -41.79 -29.58 -32.10
C MET P 175 -43.04 -29.48 -32.94
N LEU P 176 -42.94 -28.83 -34.12
CA LEU P 176 -44.01 -28.88 -35.11
C LEU P 176 -44.35 -30.35 -35.40
N THR P 177 -43.31 -31.16 -35.56
CA THR P 177 -43.56 -32.56 -35.92
C THR P 177 -44.39 -33.25 -34.87
N ARG P 178 -44.06 -33.01 -33.60
CA ARG P 178 -44.81 -33.64 -32.50
C ARG P 178 -46.26 -33.14 -32.40
N ALA P 179 -46.45 -31.84 -32.57
CA ALA P 179 -47.77 -31.23 -32.52
C ALA P 179 -48.63 -31.78 -33.64
N MET P 180 -48.03 -31.97 -34.83
CA MET P 180 -48.73 -32.58 -35.96
C MET P 180 -49.10 -34.03 -35.68
N ALA P 181 -48.18 -34.77 -35.05
CA ALA P 181 -48.47 -36.14 -34.71
C ALA P 181 -49.69 -36.22 -33.79
N VAL P 182 -49.71 -35.38 -32.76
CA VAL P 182 -50.80 -35.39 -31.80
C VAL P 182 -52.16 -35.05 -32.46
N ASP P 183 -52.20 -33.99 -33.27
CA ASP P 183 -53.46 -33.48 -33.84
C ASP P 183 -53.96 -34.32 -35.01
N LEU P 184 -53.05 -35.00 -35.70
CA LEU P 184 -53.44 -35.72 -36.90
C LEU P 184 -53.65 -37.20 -36.70
N ALA P 185 -53.35 -37.70 -35.51
CA ALA P 185 -53.60 -39.11 -35.21
C ALA P 185 -55.10 -39.48 -35.47
N ARG P 186 -56.03 -38.63 -35.02
CA ARG P 186 -57.46 -38.95 -35.20
C ARG P 186 -57.88 -38.99 -36.68
N HIS P 187 -57.10 -38.31 -37.53
CA HIS P 187 -57.35 -38.25 -38.96
C HIS P 187 -56.59 -39.28 -39.77
N GLY P 188 -56.08 -40.32 -39.12
CA GLY P 188 -55.35 -41.40 -39.78
C GLY P 188 -54.00 -41.03 -40.39
N ILE P 189 -53.30 -40.05 -39.85
CA ILE P 189 -51.97 -39.66 -40.37
C ILE P 189 -50.87 -39.82 -39.30
N LEU P 190 -49.80 -40.53 -39.64
CA LEU P 190 -48.66 -40.67 -38.72
C LEU P 190 -47.57 -39.70 -39.12
N VAL P 191 -46.94 -39.06 -38.14
CA VAL P 191 -46.00 -37.97 -38.41
C VAL P 191 -44.75 -38.23 -37.62
N ASN P 192 -43.61 -38.31 -38.32
CA ASN P 192 -42.28 -38.54 -37.68
C ASN P 192 -41.21 -37.70 -38.31
N MET P 193 -40.09 -37.50 -37.59
CA MET P 193 -38.93 -36.74 -38.09
C MET P 193 -37.71 -37.64 -38.30
N ILE P 194 -36.89 -37.31 -39.29
CA ILE P 194 -35.58 -37.94 -39.46
C ILE P 194 -34.54 -36.90 -39.10
N ALA P 195 -33.60 -37.27 -38.21
CA ALA P 195 -32.58 -36.32 -37.77
C ALA P 195 -31.16 -36.77 -38.25
N PRO P 196 -30.72 -36.29 -39.42
CA PRO P 196 -29.38 -36.65 -39.88
C PRO P 196 -28.27 -35.89 -39.17
N GLY P 197 -27.17 -36.58 -38.94
CA GLY P 197 -25.92 -35.92 -38.58
C GLY P 197 -25.23 -35.44 -39.83
N PRO P 198 -23.88 -35.38 -39.81
CA PRO P 198 -23.21 -34.89 -41.02
C PRO P 198 -23.41 -35.82 -42.19
N VAL P 199 -23.79 -35.27 -43.34
CA VAL P 199 -24.07 -36.06 -44.55
C VAL P 199 -23.31 -35.43 -45.71
N ASP P 200 -22.54 -36.24 -46.43
CA ASP P 200 -21.75 -35.72 -47.56
C ASP P 200 -22.63 -35.74 -48.80
N VAL P 201 -22.91 -34.55 -49.30
CA VAL P 201 -23.83 -34.35 -50.42
C VAL P 201 -23.07 -33.92 -51.69
N THR P 202 -21.74 -34.08 -51.69
CA THR P 202 -20.94 -33.65 -52.83
C THR P 202 -20.94 -34.68 -53.96
N GLY P 203 -21.24 -35.94 -53.65
CA GLY P 203 -21.06 -37.03 -54.62
C GLY P 203 -19.58 -37.30 -54.87
N ASN P 204 -18.73 -36.58 -54.15
CA ASN P 204 -17.32 -36.45 -54.45
C ASN P 204 -16.42 -36.86 -53.28
N ASN P 205 -16.98 -37.31 -52.17
CA ASN P 205 -16.23 -37.46 -50.93
C ASN P 205 -15.41 -36.22 -50.59
N THR P 206 -15.96 -35.04 -50.81
CA THR P 206 -15.24 -33.81 -50.46
C THR P 206 -16.00 -32.87 -49.52
N GLY P 207 -17.19 -33.26 -49.08
CA GLY P 207 -18.02 -32.38 -48.22
C GLY P 207 -17.36 -31.95 -46.92
N TYR P 208 -16.66 -32.88 -46.28
CA TYR P 208 -16.09 -32.67 -44.94
C TYR P 208 -14.57 -32.83 -44.96
N SER P 209 -13.96 -32.36 -46.05
CA SER P 209 -12.54 -32.59 -46.29
C SER P 209 -11.64 -31.47 -45.77
N GLU P 210 -12.20 -30.29 -45.46
CA GLU P 210 -11.39 -29.27 -44.79
C GLU P 210 -10.68 -29.93 -43.55
N PRO P 211 -9.37 -29.72 -43.38
CA PRO P 211 -8.63 -30.53 -42.40
C PRO P 211 -9.09 -30.44 -40.92
N ARG P 212 -9.39 -29.25 -40.42
CA ARG P 212 -9.91 -29.12 -39.08
C ARG P 212 -11.26 -29.83 -38.94
N LEU P 213 -12.15 -29.65 -39.92
CA LEU P 213 -13.44 -30.29 -39.92
C LEU P 213 -13.30 -31.81 -39.93
N ALA P 214 -12.43 -32.32 -40.80
CA ALA P 214 -12.27 -33.77 -40.95
C ALA P 214 -11.82 -34.38 -39.60
N GLU P 215 -10.94 -33.65 -38.92
CA GLU P 215 -10.45 -34.06 -37.63
C GLU P 215 -11.60 -34.12 -36.59
N GLN P 216 -12.50 -33.15 -36.62
CA GLN P 216 -13.62 -33.11 -35.67
C GLN P 216 -14.70 -34.15 -36.00
N VAL P 217 -14.86 -34.49 -37.27
CA VAL P 217 -15.74 -35.57 -37.63
C VAL P 217 -15.22 -36.89 -37.06
N LEU P 218 -13.90 -37.13 -37.17
CA LEU P 218 -13.27 -38.31 -36.60
C LEU P 218 -13.46 -38.37 -35.08
N ASP P 219 -13.31 -37.22 -34.41
CA ASP P 219 -13.47 -37.16 -32.98
C ASP P 219 -14.94 -37.36 -32.54
N GLU P 220 -15.87 -36.65 -33.19
CA GLU P 220 -17.25 -36.58 -32.69
C GLU P 220 -18.24 -37.60 -33.24
N VAL P 221 -17.93 -38.21 -34.39
CA VAL P 221 -18.80 -39.24 -34.97
C VAL P 221 -18.19 -40.60 -34.66
N ALA P 222 -18.95 -41.49 -34.03
CA ALA P 222 -18.42 -42.79 -33.62
C ALA P 222 -17.91 -43.58 -34.82
N LEU P 223 -18.65 -43.56 -35.92
CA LEU P 223 -18.27 -44.26 -37.14
C LEU P 223 -17.14 -43.53 -37.91
N GLY P 224 -16.80 -42.31 -37.49
CA GLY P 224 -15.63 -41.64 -37.99
C GLY P 224 -15.71 -41.09 -39.40
N ARG P 225 -16.92 -40.87 -39.89
CA ARG P 225 -17.13 -40.34 -41.22
C ARG P 225 -18.50 -39.69 -41.33
N PRO P 226 -18.71 -38.90 -42.40
CA PRO P 226 -20.05 -38.43 -42.74
C PRO P 226 -20.89 -39.52 -43.34
N GLY P 227 -22.21 -39.35 -43.29
CA GLY P 227 -23.12 -40.27 -43.93
C GLY P 227 -23.28 -39.99 -45.43
N LEU P 228 -23.88 -40.95 -46.13
CA LEU P 228 -24.34 -40.73 -47.50
C LEU P 228 -25.86 -40.53 -47.55
N PRO P 229 -26.34 -39.71 -48.50
CA PRO P 229 -27.80 -39.48 -48.65
C PRO P 229 -28.66 -40.76 -48.63
N GLU P 230 -28.17 -41.82 -49.27
CA GLU P 230 -28.86 -43.11 -49.32
C GLU P 230 -29.06 -43.68 -47.92
N GLU P 231 -28.10 -43.42 -47.02
CA GLU P 231 -28.20 -43.90 -45.63
C GLU P 231 -29.30 -43.21 -44.84
N VAL P 232 -29.75 -42.04 -45.29
CA VAL P 232 -30.90 -41.35 -44.72
C VAL P 232 -32.23 -41.80 -45.40
N ALA P 233 -32.22 -41.87 -46.73
CA ALA P 233 -33.41 -42.26 -47.51
C ALA P 233 -34.01 -43.59 -47.05
N THR P 234 -33.16 -44.52 -46.67
CA THR P 234 -33.67 -45.82 -46.18
C THR P 234 -34.72 -45.68 -45.04
N ALA P 235 -34.54 -44.69 -44.17
CA ALA P 235 -35.48 -44.43 -43.05
C ALA P 235 -36.81 -43.83 -43.54
N ALA P 236 -36.77 -43.04 -44.62
CA ALA P 236 -37.96 -42.49 -45.25
C ALA P 236 -38.83 -43.60 -45.79
N VAL P 237 -38.22 -44.67 -46.32
CA VAL P 237 -39.00 -45.84 -46.74
C VAL P 237 -39.63 -46.57 -45.55
N PHE P 238 -38.81 -46.81 -44.51
CA PHE P 238 -39.28 -47.48 -43.31
C PHE P 238 -40.49 -46.74 -42.72
N LEU P 239 -40.42 -45.42 -42.64
CA LEU P 239 -41.48 -44.63 -41.98
C LEU P 239 -42.75 -44.50 -42.87
N ALA P 240 -42.61 -44.73 -44.17
CA ALA P 240 -43.74 -44.64 -45.11
C ALA P 240 -44.47 -45.99 -45.29
N GLU P 241 -43.85 -47.10 -44.93
CA GLU P 241 -44.44 -48.41 -45.22
C GLU P 241 -45.51 -48.82 -44.20
N ASP P 242 -46.35 -49.76 -44.60
CA ASP P 242 -47.52 -50.19 -43.83
C ASP P 242 -47.16 -50.73 -42.46
N GLY P 243 -46.00 -51.37 -42.36
CA GLY P 243 -45.55 -52.00 -41.12
C GLY P 243 -45.32 -51.04 -39.96
N SER P 244 -45.05 -49.77 -40.26
CA SER P 244 -44.71 -48.75 -39.25
C SER P 244 -45.94 -48.05 -38.65
N SER P 245 -47.00 -48.83 -38.45
CA SER P 245 -48.30 -48.30 -38.16
C SER P 245 -48.51 -47.92 -36.69
N PHE P 246 -47.56 -48.23 -35.81
CA PHE P 246 -47.62 -47.72 -34.41
C PHE P 246 -46.57 -46.65 -34.09
N ILE P 247 -45.94 -46.10 -35.12
CA ILE P 247 -44.83 -45.18 -34.95
C ILE P 247 -45.28 -43.81 -35.34
N THR P 248 -45.42 -42.92 -34.34
CA THR P 248 -45.79 -41.54 -34.59
C THR P 248 -45.26 -40.64 -33.50
N GLY P 249 -44.96 -39.40 -33.87
CA GLY P 249 -44.40 -38.39 -32.96
C GLY P 249 -42.93 -38.60 -32.57
N SER P 250 -42.22 -39.44 -33.31
CA SER P 250 -40.86 -39.87 -32.94
C SER P 250 -39.80 -39.34 -33.89
N THR P 251 -38.56 -39.58 -33.52
CA THR P 251 -37.44 -39.18 -34.33
C THR P 251 -36.55 -40.40 -34.59
N ILE P 252 -36.11 -40.56 -35.84
CA ILE P 252 -35.10 -41.55 -36.18
C ILE P 252 -33.81 -40.78 -36.45
N THR P 253 -32.81 -41.00 -35.62
CA THR P 253 -31.57 -40.21 -35.69
C THR P 253 -30.57 -41.03 -36.49
N ILE P 254 -29.97 -40.41 -37.50
CA ILE P 254 -29.04 -41.09 -38.43
C ILE P 254 -27.74 -40.25 -38.47
N ASP P 255 -26.84 -40.51 -37.52
CA ASP P 255 -25.70 -39.63 -37.31
C ASP P 255 -24.35 -40.32 -37.00
N GLY P 256 -24.29 -41.65 -37.18
CA GLY P 256 -23.07 -42.41 -36.91
C GLY P 256 -22.63 -42.37 -35.45
N GLY P 257 -23.57 -42.10 -34.55
CA GLY P 257 -23.29 -42.01 -33.09
C GLY P 257 -22.93 -40.65 -32.55
N LEU P 258 -22.96 -39.63 -33.39
CA LEU P 258 -22.63 -38.28 -32.92
C LEU P 258 -23.37 -37.90 -31.61
N SER P 259 -24.70 -38.02 -31.60
CA SER P 259 -25.50 -37.52 -30.48
C SER P 259 -25.48 -38.46 -29.28
N ALA P 260 -24.95 -39.66 -29.45
CA ALA P 260 -24.82 -40.63 -28.37
C ALA P 260 -23.54 -40.53 -27.55
N MET P 261 -22.56 -39.80 -28.04
CA MET P 261 -21.17 -39.90 -27.52
C MET P 261 -20.68 -38.57 -26.99
N ILE P 262 -19.91 -38.58 -25.91
CA ILE P 262 -19.13 -37.39 -25.48
C ILE P 262 -17.65 -37.78 -25.34
N PHE P 263 -16.74 -36.80 -25.47
CA PHE P 263 -15.27 -37.07 -25.42
C PHE P 263 -14.81 -38.17 -26.38
N GLY P 264 -15.39 -38.22 -27.57
CA GLY P 264 -15.03 -39.20 -28.59
C GLY P 264 -13.59 -39.10 -29.04
N GLY P 265 -13.03 -37.92 -28.97
CA GLY P 265 -11.61 -37.74 -29.28
C GLY P 265 -10.67 -38.52 -28.38
N MET P 266 -11.17 -38.97 -27.21
CA MET P 266 -10.38 -39.73 -26.24
C MET P 266 -10.39 -41.24 -26.52
N ARG P 267 -11.26 -41.72 -27.40
CA ARG P 267 -11.40 -43.17 -27.56
C ARG P 267 -10.18 -43.84 -28.19
N GLU P 268 -10.00 -45.11 -27.87
CA GLU P 268 -8.95 -45.97 -28.46
C GLU P 268 -9.13 -46.00 -29.95
N GLY P 269 -8.08 -45.68 -30.68
CA GLY P 269 -8.16 -45.58 -32.15
C GLY P 269 -8.15 -44.15 -32.62
N ARG P 270 -8.45 -43.20 -31.73
CA ARG P 270 -8.43 -41.78 -32.03
C ARG P 270 -7.35 -41.04 -31.35
N ARG P 271 -7.21 -41.23 -30.05
CA ARG P 271 -6.15 -40.50 -29.36
C ARG P 271 -4.82 -41.03 -29.90
#